data_6X91
#
_entry.id   6X91
#
_cell.length_a   177.715
_cell.length_b   179.209
_cell.length_c   210.505
_cell.angle_alpha   90.000
_cell.angle_beta   90.000
_cell.angle_gamma   90.000
#
_symmetry.space_group_name_H-M   'P 21 21 2'
#
loop_
_entity.id
_entity.type
_entity.pdbx_description
1 polymer 'Maltodextrin-binding protein, C->U-editing enzyme APOBEC-1 chimera'
2 branched alpha-D-glucopyranose-(1-4)-alpha-D-glucopyranose
3 non-polymer 'ZINC ION'
4 non-polymer 'CACODYLATE ION'
#
_entity_poly.entity_id   1
_entity_poly.type   'polypeptide(L)'
_entity_poly.pdbx_seq_one_letter_code
;MKIEEGKLVIWINGDKGYNGLAEVGKKFEKDTGIKVTVEHPDKLEEKFPQVAATGDGPDIIFWAHDRFGGYAQSGLLAEI
TPDKAFQDKLYPFTWDAVRYNGKLIAYPIAVEALSLIYNKDLLPNPPKTWEEIPALDKELKAKGKSALMFNLQEPYFTWP
LIAADGGYAFKYENGKYDIKDVGVDNAGAKAGLTFLVDLIKNKHMNADTDYSIAEAAFNKGETAMTINGPWAWSNIDTSK
VNYGVTVLPTFKGQPSKPFVGVLSAGINAASPNKELAKEFLENYLLTDEGLEAVNKDKPLGAVALKSYEEELVKDPRIAA
TMENAQKGEIMPNIPQMSAFWYAVRTAVINAASGRQTVDEALKDAQTNSSSRRRIEPWEFDVFYDPRELRKEACLLYEIK
WGASSKIWRSSGKNTTNHVAVNFIKKFTSERDFHPSTSCSITWFLSWSPCWECSQAIREFLSRHPGVTLVIYVARLFAHM
DQQNRQGLRDLVNSGVTIQIMRDSEYYHCWRNFVNYPPGDEAHWPQYPPAWMMLYALELHCIILSLPPCLKISRRAQNHL
TAFRLHLQNCHYQTIPPHILLATGLIHPSVAWR
;
_entity_poly.pdbx_strand_id   A,B,C,D,E,F,G,H
#
loop_
_chem_comp.id
_chem_comp.type
_chem_comp.name
_chem_comp.formula
CAC non-polymer 'CACODYLATE ION' 'C2 H6 As O2 -1'
GLC D-saccharide, alpha linking alpha-D-glucopyranose 'C6 H12 O6'
ZN non-polymer 'ZINC ION' 'Zn 2'
#
# COMPACT_ATOMS: atom_id res chain seq x y z
N LYS A 2 -21.66 -44.79 -23.28
CA LYS A 2 -22.41 -44.37 -22.09
C LYS A 2 -23.83 -44.88 -22.14
N ILE A 3 -24.60 -44.53 -21.10
CA ILE A 3 -26.02 -44.88 -21.03
C ILE A 3 -26.74 -44.29 -22.23
N GLU A 4 -27.49 -45.11 -22.95
CA GLU A 4 -28.18 -44.65 -24.14
C GLU A 4 -29.57 -44.08 -23.84
N GLU A 5 -30.01 -43.16 -24.70
CA GLU A 5 -31.30 -42.50 -24.58
C GLU A 5 -32.36 -43.28 -25.36
N GLY A 6 -33.56 -43.36 -24.79
CA GLY A 6 -34.65 -44.07 -25.42
C GLY A 6 -34.50 -45.58 -25.52
N LYS A 7 -33.76 -46.18 -24.59
CA LYS A 7 -33.54 -47.61 -24.58
C LYS A 7 -33.46 -48.09 -23.14
N LEU A 8 -33.86 -49.33 -22.91
CA LEU A 8 -33.82 -49.94 -21.59
C LEU A 8 -32.86 -51.10 -21.60
N VAL A 9 -31.86 -51.06 -20.71
CA VAL A 9 -30.87 -52.12 -20.58
C VAL A 9 -31.03 -52.68 -19.18
N ILE A 10 -31.23 -54.00 -19.10
CA ILE A 10 -31.46 -54.67 -17.83
C ILE A 10 -30.37 -55.71 -17.59
N TRP A 11 -29.95 -55.82 -16.33
CA TRP A 11 -28.96 -56.80 -15.90
C TRP A 11 -29.56 -57.67 -14.80
N ILE A 12 -29.62 -58.97 -15.05
CA ILE A 12 -30.16 -59.92 -14.10
C ILE A 12 -29.25 -61.15 -14.14
N ASN A 13 -29.09 -61.78 -12.97
CA ASN A 13 -28.23 -62.94 -12.86
C ASN A 13 -28.71 -64.04 -13.81
N GLY A 14 -27.76 -64.72 -14.44
CA GLY A 14 -28.06 -65.76 -15.41
C GLY A 14 -28.84 -66.93 -14.85
N ASP A 15 -28.95 -67.06 -13.53
CA ASP A 15 -29.69 -68.17 -12.94
C ASP A 15 -31.19 -67.92 -12.88
N LYS A 16 -31.64 -66.68 -13.13
CA LYS A 16 -33.06 -66.36 -13.09
C LYS A 16 -33.67 -66.47 -14.50
N GLY A 17 -34.96 -66.13 -14.60
CA GLY A 17 -35.65 -66.20 -15.88
C GLY A 17 -35.37 -65.02 -16.77
N TYR A 18 -34.14 -64.94 -17.29
CA TYR A 18 -33.80 -63.83 -18.17
C TYR A 18 -34.59 -63.88 -19.46
N ASN A 19 -34.92 -65.08 -19.95
CA ASN A 19 -35.69 -65.16 -21.18
C ASN A 19 -37.11 -64.64 -20.96
N GLY A 20 -37.71 -64.98 -19.82
CA GLY A 20 -39.04 -64.49 -19.53
C GLY A 20 -39.05 -62.98 -19.41
N LEU A 21 -38.04 -62.43 -18.72
CA LEU A 21 -37.93 -60.98 -18.61
C LEU A 21 -37.74 -60.36 -19.98
N ALA A 22 -36.99 -61.03 -20.85
CA ALA A 22 -36.78 -60.54 -22.21
C ALA A 22 -38.08 -60.52 -23.00
N GLU A 23 -38.94 -61.51 -22.80
CA GLU A 23 -40.22 -61.52 -23.51
C GLU A 23 -41.10 -60.39 -22.99
N VAL A 24 -41.06 -60.13 -21.69
CA VAL A 24 -41.82 -59.00 -21.15
C VAL A 24 -41.31 -57.71 -21.77
N GLY A 25 -39.99 -57.62 -21.94
CA GLY A 25 -39.42 -56.44 -22.57
C GLY A 25 -39.83 -56.33 -24.03
N LYS A 26 -39.99 -57.48 -24.71
CA LYS A 26 -40.44 -57.45 -26.09
C LYS A 26 -41.87 -56.93 -26.17
N LYS A 27 -42.71 -57.32 -25.20
CA LYS A 27 -44.07 -56.80 -25.19
C LYS A 27 -44.06 -55.30 -24.92
N PHE A 28 -43.17 -54.85 -24.01
CA PHE A 28 -43.04 -53.43 -23.74
C PHE A 28 -42.62 -52.69 -25.00
N GLU A 29 -41.78 -53.33 -25.82
CA GLU A 29 -41.33 -52.73 -27.07
C GLU A 29 -42.47 -52.67 -28.07
N LYS A 30 -43.25 -53.74 -28.17
CA LYS A 30 -44.37 -53.73 -29.10
C LYS A 30 -45.39 -52.66 -28.73
N ASP A 31 -45.50 -52.33 -27.44
CA ASP A 31 -46.45 -51.32 -27.00
C ASP A 31 -45.93 -49.88 -27.01
N THR A 32 -44.68 -49.63 -26.61
CA THR A 32 -44.15 -48.27 -26.58
C THR A 32 -43.03 -47.99 -27.57
N GLY A 33 -42.55 -48.99 -28.29
CA GLY A 33 -41.47 -48.81 -29.26
C GLY A 33 -40.14 -48.49 -28.64
N ILE A 34 -39.79 -49.17 -27.55
CA ILE A 34 -38.52 -48.97 -26.86
C ILE A 34 -37.91 -50.36 -26.65
N LYS A 35 -36.80 -50.62 -27.33
CA LYS A 35 -36.12 -51.91 -27.22
C LYS A 35 -35.62 -52.16 -25.81
N VAL A 36 -36.14 -53.20 -25.19
CA VAL A 36 -35.73 -53.61 -23.85
C VAL A 36 -34.84 -54.83 -24.03
N THR A 37 -33.55 -54.66 -23.75
CA THR A 37 -32.55 -55.72 -23.89
C THR A 37 -32.11 -56.19 -22.51
N VAL A 38 -32.24 -57.49 -22.27
CA VAL A 38 -31.85 -58.11 -21.01
C VAL A 38 -30.51 -58.80 -21.21
N GLU A 39 -29.61 -58.62 -20.25
CA GLU A 39 -28.28 -59.22 -20.30
C GLU A 39 -27.96 -59.82 -18.94
N HIS A 40 -27.07 -60.81 -18.95
CA HIS A 40 -26.67 -61.52 -17.73
C HIS A 40 -25.16 -61.67 -17.69
N PRO A 41 -24.44 -60.63 -17.29
CA PRO A 41 -22.99 -60.72 -17.20
C PRO A 41 -22.54 -61.50 -15.97
N ASP A 42 -21.37 -62.10 -16.08
CA ASP A 42 -20.83 -62.89 -14.97
C ASP A 42 -20.47 -61.98 -13.80
N LYS A 43 -20.95 -62.34 -12.62
CA LYS A 43 -20.71 -61.59 -11.37
C LYS A 43 -21.12 -60.13 -11.53
N LEU A 44 -22.40 -59.94 -11.87
CA LEU A 44 -22.88 -58.58 -12.06
C LEU A 44 -22.99 -57.82 -10.74
N GLU A 45 -23.13 -58.53 -9.61
CA GLU A 45 -23.21 -57.86 -8.32
C GLU A 45 -21.96 -57.08 -8.03
N GLU A 46 -20.85 -57.41 -8.70
CA GLU A 46 -19.58 -56.73 -8.54
C GLU A 46 -19.23 -55.89 -9.76
N LYS A 47 -19.73 -56.25 -10.94
CA LYS A 47 -19.45 -55.45 -12.12
C LYS A 47 -20.28 -54.18 -12.15
N PHE A 48 -21.54 -54.26 -11.70
CA PHE A 48 -22.43 -53.10 -11.68
C PHE A 48 -21.81 -51.85 -11.06
N PRO A 49 -21.24 -51.89 -9.85
CA PRO A 49 -20.66 -50.65 -9.31
C PRO A 49 -19.43 -50.18 -10.08
N GLN A 50 -18.63 -51.11 -10.61
CA GLN A 50 -17.44 -50.71 -11.35
C GLN A 50 -17.80 -49.88 -12.58
N VAL A 51 -18.87 -50.25 -13.27
CA VAL A 51 -19.28 -49.48 -14.44
C VAL A 51 -20.14 -48.29 -14.03
N ALA A 52 -20.94 -48.42 -12.97
CA ALA A 52 -21.79 -47.32 -12.52
C ALA A 52 -20.96 -46.15 -11.99
N ALA A 53 -19.76 -46.42 -11.46
CA ALA A 53 -18.92 -45.32 -11.00
C ALA A 53 -18.49 -44.47 -12.19
N THR A 54 -18.18 -45.11 -13.30
CA THR A 54 -17.83 -44.42 -14.53
C THR A 54 -19.09 -43.81 -15.14
N GLY A 55 -20.26 -44.35 -14.78
CA GLY A 55 -21.54 -43.90 -15.24
C GLY A 55 -22.18 -44.82 -16.26
N ASP A 56 -21.37 -45.56 -17.02
CA ASP A 56 -21.91 -46.47 -18.00
C ASP A 56 -22.52 -47.68 -17.29
N GLY A 57 -23.38 -48.41 -18.01
CA GLY A 57 -23.99 -49.58 -17.43
C GLY A 57 -25.46 -49.73 -17.76
N PRO A 58 -26.14 -50.61 -17.03
CA PRO A 58 -27.56 -50.86 -17.28
C PRO A 58 -28.47 -49.83 -16.65
N ASP A 59 -29.70 -49.76 -17.19
CA ASP A 59 -30.71 -48.85 -16.68
C ASP A 59 -31.37 -49.40 -15.42
N ILE A 60 -31.60 -50.71 -15.38
CA ILE A 60 -32.21 -51.41 -14.26
C ILE A 60 -31.34 -52.60 -13.90
N ILE A 61 -31.27 -52.92 -12.61
CA ILE A 61 -30.48 -54.05 -12.12
C ILE A 61 -31.32 -54.91 -11.19
N PHE A 62 -31.32 -56.23 -11.42
CA PHE A 62 -32.05 -57.17 -10.59
C PHE A 62 -31.07 -57.91 -9.69
N TRP A 63 -31.30 -57.86 -8.39
CA TRP A 63 -30.42 -58.55 -7.45
C TRP A 63 -31.03 -58.43 -6.06
N ALA A 64 -30.38 -59.04 -5.08
CA ALA A 64 -30.83 -58.96 -3.71
C ALA A 64 -30.64 -57.55 -3.18
N HIS A 65 -31.43 -57.24 -2.15
CA HIS A 65 -31.39 -55.90 -1.56
C HIS A 65 -30.18 -55.66 -0.67
N ASP A 66 -29.43 -56.71 -0.35
CA ASP A 66 -28.28 -56.53 0.51
C ASP A 66 -27.22 -55.62 -0.14
N ARG A 67 -27.03 -55.79 -1.45
CA ARG A 67 -26.04 -55.00 -2.17
C ARG A 67 -26.56 -53.63 -2.59
N PHE A 68 -27.87 -53.45 -2.52
CA PHE A 68 -28.50 -52.18 -2.90
C PHE A 68 -28.21 -51.11 -1.87
N GLY A 69 -28.04 -51.46 -0.60
CA GLY A 69 -27.70 -50.45 0.36
C GLY A 69 -26.39 -49.77 0.03
N GLY A 70 -25.35 -50.57 -0.19
CA GLY A 70 -24.05 -50.03 -0.57
C GLY A 70 -24.15 -49.23 -1.85
N TYR A 71 -24.85 -49.78 -2.84
CA TYR A 71 -25.03 -49.08 -4.11
C TYR A 71 -25.61 -47.69 -3.89
N ALA A 72 -26.67 -47.61 -3.08
CA ALA A 72 -27.31 -46.32 -2.79
C ALA A 72 -26.36 -45.36 -2.08
N GLN A 73 -25.55 -45.87 -1.16
CA GLN A 73 -24.62 -45.00 -0.46
C GLN A 73 -23.60 -44.39 -1.42
N SER A 74 -23.20 -45.17 -2.44
CA SER A 74 -22.25 -44.64 -3.42
C SER A 74 -22.89 -43.67 -4.41
N GLY A 75 -24.20 -43.45 -4.28
CA GLY A 75 -24.91 -42.56 -5.19
C GLY A 75 -25.15 -43.19 -6.53
N LEU A 76 -25.25 -44.51 -6.58
CA LEU A 76 -25.46 -45.22 -7.83
C LEU A 76 -26.92 -45.55 -8.10
N LEU A 77 -27.76 -45.63 -7.07
CA LEU A 77 -29.18 -45.92 -7.27
C LEU A 77 -30.02 -44.67 -7.11
N ALA A 78 -31.10 -44.59 -7.88
CA ALA A 78 -31.98 -43.44 -7.83
C ALA A 78 -33.23 -43.76 -7.00
N GLU A 79 -33.72 -42.74 -6.31
CA GLU A 79 -34.91 -42.91 -5.47
C GLU A 79 -36.14 -43.10 -6.35
N ILE A 80 -36.96 -44.07 -5.99
CA ILE A 80 -38.19 -44.36 -6.72
C ILE A 80 -39.31 -43.62 -6.02
N THR A 81 -40.34 -43.23 -6.77
CA THR A 81 -41.48 -42.50 -6.23
C THR A 81 -42.77 -43.19 -6.64
N PRO A 82 -43.04 -44.38 -6.11
CA PRO A 82 -44.29 -45.05 -6.48
C PRO A 82 -45.44 -44.51 -5.64
N ASP A 83 -46.59 -44.37 -6.28
CA ASP A 83 -47.76 -43.85 -5.58
C ASP A 83 -48.31 -44.90 -4.61
N LYS A 84 -49.19 -44.44 -3.72
CA LYS A 84 -49.76 -45.32 -2.72
C LYS A 84 -50.62 -46.41 -3.35
N ALA A 85 -51.32 -46.10 -4.44
CA ALA A 85 -52.15 -47.09 -5.11
C ALA A 85 -51.32 -48.31 -5.52
N PHE A 86 -50.15 -48.07 -6.11
CA PHE A 86 -49.28 -49.17 -6.52
C PHE A 86 -48.54 -49.77 -5.33
N GLN A 87 -48.11 -48.93 -4.39
CA GLN A 87 -47.38 -49.43 -3.23
C GLN A 87 -48.23 -50.40 -2.41
N ASP A 88 -49.55 -50.21 -2.41
CA ASP A 88 -50.45 -51.09 -1.68
C ASP A 88 -50.65 -52.43 -2.38
N LYS A 89 -50.06 -52.63 -3.55
CA LYS A 89 -50.19 -53.89 -4.28
C LYS A 89 -49.17 -54.91 -3.80
N LEU A 90 -48.09 -54.46 -3.18
CA LEU A 90 -47.02 -55.31 -2.69
C LEU A 90 -47.08 -55.38 -1.16
N TYR A 91 -46.47 -56.42 -0.60
CA TYR A 91 -46.43 -56.59 0.84
C TYR A 91 -45.59 -55.49 1.48
N PRO A 92 -46.03 -54.92 2.60
CA PRO A 92 -45.27 -53.83 3.23
C PRO A 92 -43.86 -54.20 3.68
N PHE A 93 -43.68 -55.39 4.25
CA PHE A 93 -42.33 -55.75 4.71
C PHE A 93 -41.36 -55.84 3.54
N THR A 94 -41.84 -56.11 2.33
CA THR A 94 -40.94 -56.12 1.18
C THR A 94 -40.39 -54.71 0.94
N TRP A 95 -41.27 -53.70 1.01
CA TRP A 95 -40.81 -52.33 0.87
C TRP A 95 -39.86 -52.00 2.02
N ASP A 96 -40.13 -52.56 3.20
CA ASP A 96 -39.24 -52.31 4.33
C ASP A 96 -37.85 -52.85 4.02
N ALA A 97 -37.79 -53.96 3.29
CA ALA A 97 -36.51 -54.55 2.93
C ALA A 97 -35.79 -53.73 1.87
N VAL A 98 -36.54 -53.01 1.03
CA VAL A 98 -35.93 -52.19 -0.03
C VAL A 98 -35.85 -50.71 0.38
N ARG A 99 -35.90 -50.41 1.68
CA ARG A 99 -35.83 -49.04 2.18
C ARG A 99 -34.47 -48.79 2.82
N TYR A 100 -33.81 -47.71 2.37
CA TYR A 100 -32.50 -47.31 2.87
C TYR A 100 -32.57 -45.84 3.27
N ASN A 101 -32.39 -45.58 4.56
CA ASN A 101 -32.42 -44.23 5.10
C ASN A 101 -33.75 -43.57 4.78
N GLY A 102 -34.83 -44.26 5.13
CA GLY A 102 -36.16 -43.74 4.88
C GLY A 102 -36.51 -43.48 3.43
N LYS A 103 -35.76 -44.04 2.47
CA LYS A 103 -36.04 -43.82 1.07
C LYS A 103 -36.09 -45.15 0.33
N LEU A 104 -37.10 -45.33 -0.51
CA LEU A 104 -37.21 -46.56 -1.29
C LEU A 104 -36.23 -46.48 -2.45
N ILE A 105 -35.32 -47.43 -2.54
CA ILE A 105 -34.31 -47.44 -3.59
C ILE A 105 -34.51 -48.50 -4.66
N ALA A 106 -35.46 -49.42 -4.48
CA ALA A 106 -35.67 -50.45 -5.49
C ALA A 106 -37.09 -51.00 -5.37
N TYR A 107 -37.56 -51.59 -6.47
CA TYR A 107 -38.89 -52.19 -6.52
C TYR A 107 -38.80 -53.67 -6.15
N PRO A 108 -39.42 -54.10 -5.05
CA PRO A 108 -39.37 -55.52 -4.68
C PRO A 108 -40.10 -56.37 -5.71
N ILE A 109 -39.44 -57.42 -6.19
CA ILE A 109 -40.02 -58.30 -7.21
C ILE A 109 -40.54 -59.58 -6.55
N ALA A 110 -39.65 -60.30 -5.87
CA ALA A 110 -40.03 -61.55 -5.23
C ALA A 110 -39.10 -61.84 -4.06
N VAL A 111 -39.46 -62.86 -3.27
CA VAL A 111 -38.67 -63.29 -2.13
C VAL A 111 -38.12 -64.67 -2.45
N GLU A 112 -36.93 -64.96 -1.94
CA GLU A 112 -36.27 -66.23 -2.19
C GLU A 112 -35.59 -66.72 -0.92
N ALA A 113 -35.82 -68.01 -0.61
CA ALA A 113 -35.25 -68.64 0.57
C ALA A 113 -34.83 -70.05 0.21
N LEU A 114 -33.71 -70.49 0.80
CA LEU A 114 -33.20 -71.82 0.53
C LEU A 114 -34.12 -72.90 1.08
N SER A 115 -34.23 -74.00 0.32
CA SER A 115 -35.06 -75.12 0.69
C SER A 115 -34.30 -76.41 0.42
N LEU A 116 -34.71 -77.46 1.13
CA LEU A 116 -34.11 -78.78 1.00
C LEU A 116 -34.83 -79.53 -0.11
N ILE A 117 -34.10 -79.82 -1.19
CA ILE A 117 -34.65 -80.53 -2.33
C ILE A 117 -34.13 -81.96 -2.26
N TYR A 118 -35.04 -82.93 -2.18
CA TYR A 118 -34.65 -84.33 -2.08
C TYR A 118 -35.28 -85.18 -3.17
N ASN A 119 -34.53 -86.19 -3.60
CA ASN A 119 -34.97 -87.14 -4.62
C ASN A 119 -35.95 -88.11 -3.96
N LYS A 120 -37.23 -87.99 -4.31
CA LYS A 120 -38.26 -88.83 -3.71
C LYS A 120 -38.06 -90.31 -4.02
N ASP A 121 -37.32 -90.65 -5.09
CA ASP A 121 -37.10 -92.06 -5.41
C ASP A 121 -35.99 -92.67 -4.56
N LEU A 122 -34.87 -91.97 -4.42
CA LEU A 122 -33.77 -92.49 -3.60
C LEU A 122 -33.97 -92.28 -2.12
N LEU A 123 -34.92 -91.44 -1.73
CA LEU A 123 -35.19 -91.15 -0.32
C LEU A 123 -36.66 -90.79 -0.16
N PRO A 124 -37.50 -91.72 0.30
CA PRO A 124 -38.92 -91.42 0.45
C PRO A 124 -39.20 -90.39 1.55
N ASN A 125 -38.56 -90.56 2.70
CA ASN A 125 -38.76 -89.65 3.82
C ASN A 125 -37.49 -88.82 4.01
N PRO A 126 -37.52 -87.51 3.78
CA PRO A 126 -36.32 -86.69 3.93
C PRO A 126 -35.92 -86.61 5.39
N PRO A 127 -34.64 -86.38 5.68
CA PRO A 127 -34.21 -86.27 7.08
C PRO A 127 -34.70 -84.98 7.72
N LYS A 128 -35.06 -85.07 8.98
CA LYS A 128 -35.56 -83.92 9.72
C LYS A 128 -34.47 -83.25 10.56
N THR A 129 -33.29 -83.85 10.67
CA THR A 129 -32.20 -83.30 11.46
C THR A 129 -30.88 -83.53 10.74
N TRP A 130 -29.94 -82.60 10.95
CA TRP A 130 -28.62 -82.69 10.34
C TRP A 130 -27.80 -83.83 10.92
N GLU A 131 -28.01 -84.15 12.21
CA GLU A 131 -27.23 -85.19 12.87
C GLU A 131 -27.37 -86.57 12.21
N GLU A 132 -28.49 -86.84 11.54
CA GLU A 132 -28.67 -88.14 10.89
C GLU A 132 -28.18 -88.16 9.44
N ILE A 133 -27.64 -87.03 8.97
CA ILE A 133 -27.14 -86.97 7.59
C ILE A 133 -25.98 -87.95 7.39
N PRO A 134 -24.99 -88.05 8.29
CA PRO A 134 -23.92 -89.03 8.06
C PRO A 134 -24.46 -90.44 7.92
N ALA A 135 -25.35 -90.86 8.84
CA ALA A 135 -25.94 -92.19 8.78
C ALA A 135 -26.49 -92.45 7.38
N LEU A 136 -27.43 -91.60 6.96
CA LEU A 136 -28.00 -91.72 5.62
C LEU A 136 -26.89 -91.88 4.60
N ASP A 137 -25.88 -91.01 4.69
CA ASP A 137 -24.75 -91.06 3.77
C ASP A 137 -24.17 -92.46 3.68
N LYS A 138 -23.82 -93.04 4.83
CA LYS A 138 -23.25 -94.39 4.84
C LYS A 138 -24.11 -95.35 4.04
N GLU A 139 -25.42 -95.36 4.32
CA GLU A 139 -26.32 -96.24 3.58
C GLU A 139 -26.21 -95.99 2.07
N LEU A 140 -26.38 -94.74 1.66
CA LEU A 140 -26.30 -94.46 0.23
C LEU A 140 -24.92 -94.78 -0.33
N LYS A 141 -23.87 -94.67 0.49
CA LYS A 141 -22.53 -95.02 0.00
C LYS A 141 -22.47 -96.49 -0.32
N ALA A 142 -23.25 -97.29 0.44
CA ALA A 142 -23.28 -98.72 0.16
C ALA A 142 -24.09 -98.98 -1.10
N LYS A 143 -24.85 -97.96 -1.53
CA LYS A 143 -25.66 -98.06 -2.74
C LYS A 143 -24.97 -97.42 -3.95
N GLY A 144 -23.92 -96.64 -3.72
CA GLY A 144 -23.21 -95.97 -4.80
C GLY A 144 -23.76 -94.59 -5.06
N LYS A 145 -24.34 -93.96 -4.05
CA LYS A 145 -24.94 -92.64 -4.13
C LYS A 145 -24.42 -91.75 -3.00
N SER A 146 -24.77 -90.47 -3.08
CA SER A 146 -24.41 -89.48 -2.08
C SER A 146 -25.66 -89.04 -1.32
N ALA A 147 -25.46 -88.56 -0.09
CA ALA A 147 -26.61 -88.15 0.70
C ALA A 147 -26.95 -86.68 0.54
N LEU A 148 -25.99 -85.79 0.77
CA LEU A 148 -26.22 -84.36 0.68
C LEU A 148 -25.04 -83.72 -0.05
N MET A 149 -25.31 -83.15 -1.22
CA MET A 149 -24.29 -82.49 -2.02
C MET A 149 -24.84 -81.12 -2.40
N PHE A 150 -24.28 -80.05 -1.84
CA PHE A 150 -24.74 -78.71 -2.13
C PHE A 150 -23.54 -77.78 -2.29
N ASN A 151 -23.81 -76.60 -2.86
CA ASN A 151 -22.77 -75.59 -3.08
C ASN A 151 -22.30 -75.04 -1.75
N LEU A 152 -21.04 -75.32 -1.39
CA LEU A 152 -20.46 -74.83 -0.15
C LEU A 152 -19.41 -73.76 -0.40
N GLN A 153 -19.33 -73.25 -1.62
CA GLN A 153 -18.36 -72.21 -1.94
C GLN A 153 -18.89 -70.82 -1.59
N GLU A 154 -20.22 -70.66 -1.60
CA GLU A 154 -20.87 -69.40 -1.25
C GLU A 154 -21.47 -69.51 0.13
N PRO A 155 -21.19 -68.55 1.01
CA PRO A 155 -21.72 -68.61 2.38
C PRO A 155 -23.24 -68.55 2.48
N TYR A 156 -23.94 -68.22 1.40
CA TYR A 156 -25.40 -68.16 1.48
C TYR A 156 -25.99 -69.54 1.75
N PHE A 157 -25.35 -70.60 1.26
CA PHE A 157 -25.84 -71.94 1.47
C PHE A 157 -25.41 -72.54 2.81
N THR A 158 -24.23 -72.18 3.30
CA THR A 158 -23.72 -72.70 4.56
C THR A 158 -24.18 -71.88 5.76
N TRP A 159 -24.78 -70.70 5.55
CA TRP A 159 -25.21 -69.92 6.70
C TRP A 159 -26.30 -70.58 7.54
N PRO A 160 -27.31 -71.26 6.99
CA PRO A 160 -28.34 -71.89 7.86
C PRO A 160 -27.77 -72.66 9.05
N LEU A 161 -26.69 -73.42 8.85
CA LEU A 161 -26.10 -74.16 9.96
C LEU A 161 -25.44 -73.20 10.95
N ILE A 162 -24.81 -72.14 10.44
CA ILE A 162 -24.13 -71.19 11.30
C ILE A 162 -25.13 -70.44 12.18
N ALA A 163 -26.26 -70.02 11.60
CA ALA A 163 -27.28 -69.30 12.36
C ALA A 163 -28.25 -70.22 13.09
N ALA A 164 -28.16 -71.54 12.87
CA ALA A 164 -29.07 -72.46 13.53
C ALA A 164 -29.02 -72.34 15.05
N ASP A 165 -27.84 -72.11 15.62
CA ASP A 165 -27.70 -72.02 17.07
C ASP A 165 -27.24 -70.63 17.52
N GLY A 166 -27.78 -69.58 16.92
CA GLY A 166 -27.41 -68.24 17.34
C GLY A 166 -26.32 -67.53 16.57
N GLY A 167 -26.41 -67.55 15.24
CA GLY A 167 -25.43 -66.87 14.42
C GLY A 167 -26.06 -65.65 13.80
N TYR A 168 -25.66 -64.46 14.23
CA TYR A 168 -26.22 -63.23 13.70
C TYR A 168 -25.16 -62.41 12.98
N ALA A 169 -25.56 -61.80 11.86
CA ALA A 169 -24.63 -60.97 11.09
C ALA A 169 -24.36 -59.65 11.81
N PHE A 170 -25.42 -58.94 12.17
CA PHE A 170 -25.31 -57.66 12.87
C PHE A 170 -26.35 -57.66 13.98
N LYS A 171 -26.09 -56.92 15.05
CA LYS A 171 -27.03 -56.94 16.17
C LYS A 171 -28.33 -56.23 15.82
N TYR A 172 -29.44 -56.79 16.32
CA TYR A 172 -30.78 -56.31 16.07
C TYR A 172 -31.36 -55.54 17.26
N GLU A 173 -31.70 -54.27 17.04
CA GLU A 173 -32.32 -53.40 18.04
C GLU A 173 -33.45 -52.63 17.35
N ASN A 174 -34.36 -52.10 18.15
CA ASN A 174 -35.50 -51.36 17.59
C ASN A 174 -34.99 -50.18 16.78
N GLY A 175 -35.06 -50.30 15.45
CA GLY A 175 -34.59 -49.27 14.56
C GLY A 175 -33.09 -49.07 14.56
N LYS A 176 -32.35 -49.83 15.35
CA LYS A 176 -30.89 -49.70 15.44
C LYS A 176 -30.24 -51.03 15.12
N TYR A 177 -29.58 -51.13 13.97
CA TYR A 177 -28.88 -52.33 13.59
C TYR A 177 -27.40 -52.06 13.87
N ASP A 178 -26.88 -52.71 14.90
CA ASP A 178 -25.50 -52.51 15.32
C ASP A 178 -24.54 -53.21 14.39
N ILE A 179 -23.59 -52.43 13.89
CA ILE A 179 -22.53 -52.88 12.99
C ILE A 179 -21.39 -53.53 13.76
N LYS A 180 -21.04 -52.96 14.92
CA LYS A 180 -19.94 -53.48 15.71
C LYS A 180 -20.23 -54.87 16.27
N ASP A 181 -21.41 -55.06 16.85
CA ASP A 181 -21.77 -56.34 17.43
C ASP A 181 -22.07 -57.35 16.33
N VAL A 182 -21.14 -58.28 16.12
CA VAL A 182 -21.27 -59.33 15.11
C VAL A 182 -21.29 -60.67 15.83
N GLY A 183 -22.05 -61.62 15.28
CA GLY A 183 -22.17 -62.92 15.89
C GLY A 183 -21.60 -64.07 15.09
N VAL A 184 -20.62 -63.79 14.23
CA VAL A 184 -19.99 -64.85 13.44
C VAL A 184 -19.03 -65.66 14.28
N ASP A 185 -18.75 -65.21 15.50
CA ASP A 185 -17.85 -65.87 16.42
C ASP A 185 -18.61 -66.52 17.58
N ASN A 186 -19.94 -66.53 17.52
CA ASN A 186 -20.77 -67.10 18.56
C ASN A 186 -20.56 -68.61 18.68
N ALA A 187 -20.85 -69.13 19.88
CA ALA A 187 -20.69 -70.56 20.13
C ALA A 187 -21.51 -71.39 19.14
N GLY A 188 -22.75 -70.98 18.89
CA GLY A 188 -23.56 -71.71 17.94
C GLY A 188 -22.98 -71.69 16.53
N ALA A 189 -22.40 -70.55 16.13
CA ALA A 189 -21.78 -70.45 14.82
C ALA A 189 -20.59 -71.40 14.73
N LYS A 190 -19.78 -71.44 15.79
CA LYS A 190 -18.64 -72.34 15.82
C LYS A 190 -19.11 -73.78 15.72
N ALA A 191 -20.15 -74.14 16.47
CA ALA A 191 -20.67 -75.52 16.44
C ALA A 191 -21.18 -75.88 15.05
N GLY A 192 -21.93 -74.99 14.42
CA GLY A 192 -22.46 -75.28 13.09
C GLY A 192 -21.36 -75.47 12.07
N LEU A 193 -20.41 -74.53 12.02
CA LEU A 193 -19.34 -74.70 11.05
C LEU A 193 -18.48 -75.92 11.39
N THR A 194 -18.34 -76.24 12.68
CA THR A 194 -17.57 -77.42 13.06
C THR A 194 -18.26 -78.67 12.56
N PHE A 195 -19.59 -78.69 12.60
CA PHE A 195 -20.32 -79.85 12.10
C PHE A 195 -20.14 -79.96 10.58
N LEU A 196 -20.15 -78.82 9.88
CA LEU A 196 -19.94 -78.86 8.44
C LEU A 196 -18.54 -79.36 8.12
N VAL A 197 -17.54 -78.85 8.83
CA VAL A 197 -16.15 -79.26 8.63
C VAL A 197 -16.01 -80.75 8.93
N ASP A 198 -16.74 -81.24 9.94
CA ASP A 198 -16.68 -82.65 10.26
C ASP A 198 -17.28 -83.47 9.13
N LEU A 199 -18.40 -82.99 8.56
CA LEU A 199 -18.99 -83.69 7.43
C LEU A 199 -18.01 -83.77 6.27
N ILE A 200 -17.19 -82.74 6.10
CA ILE A 200 -16.20 -82.74 5.03
C ILE A 200 -15.04 -83.69 5.34
N LYS A 201 -14.43 -83.53 6.52
CA LYS A 201 -13.31 -84.38 6.91
C LYS A 201 -13.68 -85.85 7.01
N ASN A 202 -14.91 -86.15 7.43
CA ASN A 202 -15.37 -87.52 7.60
C ASN A 202 -15.76 -88.18 6.27
N LYS A 203 -15.33 -87.59 5.14
CA LYS A 203 -15.57 -88.10 3.79
C LYS A 203 -17.04 -88.10 3.38
N HIS A 204 -17.89 -87.32 4.06
CA HIS A 204 -19.30 -87.26 3.69
C HIS A 204 -19.60 -86.23 2.62
N MET A 205 -18.72 -85.25 2.42
CA MET A 205 -18.94 -84.22 1.44
C MET A 205 -17.58 -83.72 0.97
N ASN A 206 -17.51 -83.26 -0.28
CA ASN A 206 -16.26 -82.77 -0.85
C ASN A 206 -16.21 -81.25 -0.70
N ALA A 207 -15.05 -80.75 -0.26
CA ALA A 207 -14.86 -79.32 -0.03
C ALA A 207 -14.82 -78.48 -1.30
N ASP A 208 -14.66 -79.09 -2.48
CA ASP A 208 -14.60 -78.34 -3.72
C ASP A 208 -15.95 -78.25 -4.43
N THR A 209 -16.99 -78.86 -3.86
CA THR A 209 -18.32 -78.85 -4.47
C THR A 209 -18.85 -77.42 -4.60
N ASP A 210 -19.29 -77.09 -5.82
CA ASP A 210 -19.85 -75.78 -6.12
C ASP A 210 -21.29 -75.95 -6.60
N TYR A 211 -21.90 -74.85 -7.05
CA TYR A 211 -23.28 -74.90 -7.51
C TYR A 211 -23.44 -75.79 -8.74
N SER A 212 -22.52 -75.67 -9.70
CA SER A 212 -22.59 -76.45 -10.92
C SER A 212 -22.57 -77.95 -10.62
N ILE A 213 -21.54 -78.40 -9.89
CA ILE A 213 -21.41 -79.81 -9.59
C ILE A 213 -22.59 -80.30 -8.76
N ALA A 214 -23.03 -79.51 -7.78
CA ALA A 214 -24.15 -79.91 -6.94
C ALA A 214 -25.43 -80.09 -7.75
N GLU A 215 -25.79 -79.08 -8.52
CA GLU A 215 -27.01 -79.16 -9.33
C GLU A 215 -26.94 -80.32 -10.32
N ALA A 216 -25.81 -80.46 -11.03
CA ALA A 216 -25.69 -81.53 -12.01
C ALA A 216 -25.76 -82.91 -11.36
N ALA A 217 -25.14 -83.08 -10.20
CA ALA A 217 -25.17 -84.37 -9.54
C ALA A 217 -26.57 -84.69 -9.03
N PHE A 218 -27.30 -83.70 -8.53
CA PHE A 218 -28.65 -83.99 -8.07
C PHE A 218 -29.57 -84.30 -9.24
N ASN A 219 -29.40 -83.59 -10.36
CA ASN A 219 -30.24 -83.83 -11.53
C ASN A 219 -29.92 -85.17 -12.18
N LYS A 220 -28.74 -85.73 -11.93
CA LYS A 220 -28.37 -87.02 -12.51
C LYS A 220 -28.58 -88.18 -11.55
N GLY A 221 -29.30 -87.97 -10.46
CA GLY A 221 -29.56 -89.03 -9.50
C GLY A 221 -28.34 -89.55 -8.76
N GLU A 222 -27.24 -88.79 -8.76
CA GLU A 222 -26.04 -89.22 -8.06
C GLU A 222 -26.12 -88.93 -6.57
N THR A 223 -26.88 -87.92 -6.17
CA THR A 223 -27.05 -87.57 -4.77
C THR A 223 -28.55 -87.49 -4.47
N ALA A 224 -28.90 -87.80 -3.23
CA ALA A 224 -30.29 -87.81 -2.80
C ALA A 224 -30.81 -86.46 -2.32
N MET A 225 -29.94 -85.52 -1.95
CA MET A 225 -30.42 -84.23 -1.46
C MET A 225 -29.53 -83.10 -1.97
N THR A 226 -30.04 -81.88 -1.77
CA THR A 226 -29.36 -80.65 -2.13
C THR A 226 -30.11 -79.50 -1.46
N ILE A 227 -29.49 -78.32 -1.49
CA ILE A 227 -30.05 -77.12 -0.89
C ILE A 227 -30.08 -76.06 -1.97
N ASN A 228 -31.27 -75.61 -2.35
CA ASN A 228 -31.39 -74.59 -3.39
C ASN A 228 -32.68 -73.81 -3.24
N GLY A 229 -32.75 -72.72 -4.00
CA GLY A 229 -33.90 -71.85 -4.02
C GLY A 229 -34.84 -72.26 -5.13
N PRO A 230 -35.82 -71.40 -5.43
CA PRO A 230 -36.77 -71.74 -6.49
C PRO A 230 -36.18 -71.77 -7.89
N TRP A 231 -35.19 -70.91 -8.20
CA TRP A 231 -34.60 -70.86 -9.54
C TRP A 231 -34.14 -72.22 -10.08
N ALA A 232 -33.66 -73.11 -9.22
CA ALA A 232 -33.20 -74.41 -9.69
C ALA A 232 -34.35 -75.35 -10.08
N TRP A 233 -35.54 -75.11 -9.54
CA TRP A 233 -36.70 -75.95 -9.81
C TRP A 233 -36.91 -76.23 -11.29
N SER A 234 -36.73 -75.23 -12.16
CA SER A 234 -36.92 -75.44 -13.59
C SER A 234 -35.98 -76.53 -14.14
N ASN A 235 -34.68 -76.33 -13.97
CA ASN A 235 -33.71 -77.31 -14.45
C ASN A 235 -33.93 -78.68 -13.80
N ILE A 236 -34.42 -78.69 -12.57
CA ILE A 236 -34.67 -79.97 -11.93
C ILE A 236 -35.89 -80.63 -12.56
N ASP A 237 -36.87 -79.82 -12.99
CA ASP A 237 -38.04 -80.37 -13.64
C ASP A 237 -37.64 -81.02 -14.95
N THR A 238 -36.82 -80.32 -15.74
CA THR A 238 -36.38 -80.89 -17.01
C THR A 238 -35.46 -82.08 -16.81
N SER A 239 -34.96 -82.29 -15.59
CA SER A 239 -34.07 -83.42 -15.32
C SER A 239 -34.79 -84.76 -15.19
N LYS A 240 -36.12 -84.79 -15.20
CA LYS A 240 -36.92 -86.01 -15.09
C LYS A 240 -36.73 -86.74 -13.76
N VAL A 241 -36.27 -86.05 -12.72
CA VAL A 241 -36.03 -86.64 -11.41
C VAL A 241 -37.20 -86.30 -10.50
N ASN A 242 -37.88 -87.32 -9.97
CA ASN A 242 -39.00 -87.12 -9.05
C ASN A 242 -38.42 -86.53 -7.78
N TYR A 243 -38.59 -85.23 -7.60
CA TYR A 243 -38.04 -84.53 -6.45
C TYR A 243 -39.14 -83.94 -5.58
N GLY A 244 -38.73 -83.45 -4.42
CA GLY A 244 -39.62 -82.84 -3.45
C GLY A 244 -38.92 -81.69 -2.74
N VAL A 245 -39.63 -80.59 -2.54
CA VAL A 245 -39.10 -79.41 -1.88
C VAL A 245 -39.69 -79.37 -0.48
N THR A 246 -38.83 -79.28 0.54
CA THR A 246 -39.30 -79.23 1.91
C THR A 246 -38.41 -78.30 2.73
N VAL A 247 -38.73 -78.21 4.02
CA VAL A 247 -37.96 -77.36 4.92
C VAL A 247 -36.59 -77.97 5.19
N LEU A 248 -35.68 -77.12 5.64
CA LEU A 248 -34.33 -77.54 5.95
C LEU A 248 -34.30 -78.28 7.29
N PRO A 249 -33.40 -79.25 7.44
CA PRO A 249 -33.32 -80.00 8.70
C PRO A 249 -32.94 -79.10 9.86
N THR A 250 -33.09 -79.64 11.07
CA THR A 250 -32.79 -78.92 12.29
C THR A 250 -31.45 -79.35 12.87
N PHE A 251 -30.66 -78.37 13.28
CA PHE A 251 -29.35 -78.60 13.88
C PHE A 251 -29.48 -78.42 15.39
N LYS A 252 -29.18 -79.46 16.14
CA LYS A 252 -29.29 -79.46 17.59
C LYS A 252 -30.69 -79.03 18.02
N GLY A 253 -31.68 -79.64 17.38
CA GLY A 253 -33.08 -79.35 17.67
C GLY A 253 -33.49 -77.93 17.39
N GLN A 254 -32.69 -77.18 16.62
CA GLN A 254 -33.08 -75.81 16.34
C GLN A 254 -33.26 -75.64 14.84
N PRO A 255 -34.24 -74.85 14.41
CA PRO A 255 -34.49 -74.67 12.97
C PRO A 255 -33.36 -73.98 12.24
N SER A 256 -33.12 -74.45 11.01
CA SER A 256 -32.09 -73.83 10.18
C SER A 256 -32.58 -72.44 9.79
N LYS A 257 -31.73 -71.43 9.95
CA LYS A 257 -32.10 -70.05 9.65
C LYS A 257 -31.34 -69.48 8.47
N PRO A 258 -31.85 -69.59 7.24
CA PRO A 258 -31.17 -69.01 6.08
C PRO A 258 -31.67 -67.60 5.83
N PHE A 259 -30.76 -66.73 5.40
CA PHE A 259 -31.17 -65.36 5.11
C PHE A 259 -32.14 -65.38 3.94
N VAL A 260 -33.15 -64.51 4.00
CA VAL A 260 -34.13 -64.43 2.91
C VAL A 260 -33.74 -63.28 2.00
N GLY A 261 -33.61 -63.58 0.71
CA GLY A 261 -33.24 -62.58 -0.27
C GLY A 261 -34.48 -62.03 -0.95
N VAL A 262 -34.51 -60.71 -1.12
CA VAL A 262 -35.64 -60.05 -1.76
C VAL A 262 -35.16 -59.57 -3.13
N LEU A 263 -35.35 -60.41 -4.15
CA LEU A 263 -34.95 -60.03 -5.50
C LEU A 263 -35.69 -58.76 -5.89
N SER A 264 -34.95 -57.67 -6.09
CA SER A 264 -35.56 -56.40 -6.42
C SER A 264 -34.86 -55.80 -7.64
N ALA A 265 -35.50 -54.78 -8.20
CA ALA A 265 -35.00 -54.08 -9.37
C ALA A 265 -34.73 -52.62 -9.02
N GLY A 266 -33.47 -52.22 -9.13
CA GLY A 266 -33.05 -50.86 -8.86
C GLY A 266 -32.83 -50.10 -10.16
N ILE A 267 -33.04 -48.78 -10.09
CA ILE A 267 -32.88 -47.90 -11.23
C ILE A 267 -31.57 -47.13 -11.07
N ASN A 268 -30.73 -47.20 -12.10
CA ASN A 268 -29.44 -46.53 -12.11
C ASN A 268 -29.63 -45.02 -11.94
N ALA A 269 -28.92 -44.44 -10.97
CA ALA A 269 -29.04 -43.01 -10.72
C ALA A 269 -28.56 -42.18 -11.89
N ALA A 270 -27.73 -42.74 -12.78
CA ALA A 270 -27.23 -41.99 -13.91
C ALA A 270 -28.11 -42.12 -15.16
N SER A 271 -28.74 -43.28 -15.35
CA SER A 271 -29.59 -43.54 -16.50
C SER A 271 -30.58 -42.38 -16.72
N PRO A 272 -30.67 -41.83 -17.93
CA PRO A 272 -31.61 -40.73 -18.18
C PRO A 272 -33.02 -41.22 -18.45
N ASN A 273 -33.25 -42.53 -18.39
CA ASN A 273 -34.55 -43.14 -18.66
C ASN A 273 -35.27 -43.55 -17.39
N LYS A 274 -35.20 -42.73 -16.33
CA LYS A 274 -35.88 -43.09 -15.09
C LYS A 274 -37.36 -43.30 -15.32
N GLU A 275 -37.98 -42.46 -16.15
CA GLU A 275 -39.41 -42.58 -16.42
C GLU A 275 -39.71 -43.89 -17.14
N LEU A 276 -38.92 -44.23 -18.16
CA LEU A 276 -39.15 -45.47 -18.90
C LEU A 276 -38.96 -46.68 -17.99
N ALA A 277 -37.94 -46.64 -17.14
CA ALA A 277 -37.69 -47.74 -16.22
C ALA A 277 -38.86 -47.89 -15.25
N LYS A 278 -39.34 -46.77 -14.71
CA LYS A 278 -40.47 -46.81 -13.78
C LYS A 278 -41.69 -47.41 -14.45
N GLU A 279 -41.95 -47.01 -15.70
CA GLU A 279 -43.10 -47.54 -16.42
C GLU A 279 -42.97 -49.03 -16.66
N PHE A 280 -41.80 -49.47 -17.11
CA PHE A 280 -41.62 -50.90 -17.38
C PHE A 280 -41.75 -51.74 -16.11
N LEU A 281 -41.28 -51.21 -14.98
CA LEU A 281 -41.34 -51.97 -13.73
C LEU A 281 -42.73 -51.97 -13.10
N GLU A 282 -43.45 -50.85 -13.18
CA GLU A 282 -44.75 -50.78 -12.52
C GLU A 282 -45.94 -51.17 -13.38
N ASN A 283 -45.92 -50.92 -14.68
CA ASN A 283 -47.09 -51.23 -15.51
C ASN A 283 -47.02 -52.57 -16.23
N TYR A 284 -45.84 -53.06 -16.56
CA TYR A 284 -45.78 -54.35 -17.26
C TYR A 284 -45.09 -55.45 -16.50
N LEU A 285 -44.05 -55.16 -15.71
CA LEU A 285 -43.36 -56.25 -15.01
C LEU A 285 -44.08 -56.65 -13.72
N LEU A 286 -44.37 -55.70 -12.83
CA LEU A 286 -45.03 -56.02 -11.56
C LEU A 286 -46.55 -56.20 -11.72
N THR A 287 -46.92 -57.09 -12.64
CA THR A 287 -48.30 -57.43 -12.91
C THR A 287 -48.40 -58.94 -13.00
N ASP A 288 -49.63 -59.45 -12.94
CA ASP A 288 -49.81 -60.90 -13.01
C ASP A 288 -49.24 -61.46 -14.32
N GLU A 289 -49.45 -60.74 -15.42
CA GLU A 289 -48.95 -61.19 -16.72
C GLU A 289 -47.42 -61.21 -16.76
N GLY A 290 -46.79 -60.11 -16.39
CA GLY A 290 -45.34 -60.05 -16.42
C GLY A 290 -44.69 -61.04 -15.47
N LEU A 291 -45.17 -61.08 -14.23
CA LEU A 291 -44.59 -62.00 -13.25
C LEU A 291 -44.79 -63.44 -13.70
N GLU A 292 -45.92 -63.75 -14.32
CA GLU A 292 -46.15 -65.12 -14.80
C GLU A 292 -45.21 -65.45 -15.95
N ALA A 293 -45.01 -64.50 -16.87
CA ALA A 293 -44.10 -64.72 -17.99
C ALA A 293 -42.67 -64.88 -17.52
N VAL A 294 -42.33 -64.27 -16.38
CA VAL A 294 -40.98 -64.45 -15.86
C VAL A 294 -40.88 -65.77 -15.12
N ASN A 295 -41.94 -66.12 -14.37
CA ASN A 295 -41.98 -67.36 -13.62
C ASN A 295 -41.90 -68.58 -14.53
N LYS A 296 -42.45 -68.49 -15.75
CA LYS A 296 -42.42 -69.65 -16.64
C LYS A 296 -40.98 -70.08 -16.97
N ASP A 297 -40.09 -69.12 -17.24
CA ASP A 297 -38.71 -69.45 -17.57
C ASP A 297 -38.00 -70.11 -16.39
N LYS A 298 -37.82 -69.34 -15.33
CA LYS A 298 -37.18 -69.82 -14.12
C LYS A 298 -38.04 -69.31 -12.96
N PRO A 299 -38.62 -70.21 -12.17
CA PRO A 299 -39.46 -69.75 -11.06
C PRO A 299 -38.72 -68.84 -10.11
N LEU A 300 -39.46 -67.87 -9.56
CA LEU A 300 -38.90 -66.90 -8.63
C LEU A 300 -39.39 -67.13 -7.21
N GLY A 301 -40.15 -68.18 -6.96
CA GLY A 301 -40.65 -68.41 -5.63
C GLY A 301 -41.85 -67.52 -5.33
N ALA A 302 -41.95 -67.12 -4.06
CA ALA A 302 -43.04 -66.25 -3.64
C ALA A 302 -42.75 -64.82 -4.09
N VAL A 303 -43.60 -64.29 -4.96
CA VAL A 303 -43.43 -62.94 -5.48
C VAL A 303 -43.95 -61.95 -4.44
N ALA A 304 -43.62 -60.67 -4.62
CA ALA A 304 -44.06 -59.63 -3.71
C ALA A 304 -45.44 -59.10 -4.04
N LEU A 305 -45.95 -59.38 -5.24
CA LEU A 305 -47.28 -58.93 -5.65
C LEU A 305 -48.35 -59.77 -4.98
N LYS A 306 -49.23 -59.12 -4.21
CA LYS A 306 -50.28 -59.84 -3.51
C LYS A 306 -51.24 -60.52 -4.47
N SER A 307 -51.55 -59.87 -5.61
CA SER A 307 -52.47 -60.46 -6.57
C SER A 307 -51.98 -61.80 -7.10
N TYR A 308 -50.70 -61.91 -7.40
CA TYR A 308 -50.14 -63.15 -7.94
C TYR A 308 -49.82 -64.14 -6.83
N GLU A 309 -49.14 -63.67 -5.77
CA GLU A 309 -48.78 -64.53 -4.66
C GLU A 309 -49.99 -65.17 -3.99
N GLU A 310 -51.10 -64.43 -3.89
CA GLU A 310 -52.31 -64.94 -3.25
C GLU A 310 -52.74 -66.29 -3.82
N GLU A 311 -52.56 -66.48 -5.12
CA GLU A 311 -52.90 -67.74 -5.78
C GLU A 311 -51.67 -68.52 -6.20
N LEU A 312 -50.49 -68.09 -5.79
CA LEU A 312 -49.25 -68.80 -6.09
C LEU A 312 -48.75 -69.65 -4.94
N VAL A 313 -49.11 -69.28 -3.70
CA VAL A 313 -48.72 -70.03 -2.52
C VAL A 313 -49.34 -71.42 -2.48
N LYS A 314 -50.36 -71.66 -3.32
CA LYS A 314 -51.01 -72.97 -3.36
C LYS A 314 -50.06 -74.07 -3.80
N ASP A 315 -48.94 -73.72 -4.42
CA ASP A 315 -47.95 -74.70 -4.83
C ASP A 315 -47.18 -75.18 -3.60
N PRO A 316 -47.17 -76.48 -3.30
CA PRO A 316 -46.44 -76.96 -2.12
C PRO A 316 -44.99 -76.51 -2.08
N ARG A 317 -44.33 -76.37 -3.22
CA ARG A 317 -42.95 -75.91 -3.24
C ARG A 317 -42.87 -74.49 -2.71
N ILE A 318 -43.78 -73.63 -3.17
CA ILE A 318 -43.80 -72.25 -2.71
C ILE A 318 -44.11 -72.21 -1.22
N ALA A 319 -44.97 -73.12 -0.76
CA ALA A 319 -45.30 -73.15 0.66
C ALA A 319 -44.08 -73.54 1.48
N ALA A 320 -43.30 -74.51 1.01
CA ALA A 320 -42.10 -74.92 1.72
C ALA A 320 -41.08 -73.79 1.75
N THR A 321 -40.92 -73.09 0.61
CA THR A 321 -39.99 -71.98 0.57
C THR A 321 -40.43 -70.88 1.53
N MET A 322 -41.73 -70.62 1.59
CA MET A 322 -42.25 -69.60 2.50
C MET A 322 -42.04 -70.01 3.95
N GLU A 323 -42.18 -71.30 4.26
CA GLU A 323 -41.94 -71.74 5.63
C GLU A 323 -40.47 -71.57 6.01
N ASN A 324 -39.57 -71.93 5.10
CA ASN A 324 -38.14 -71.74 5.37
C ASN A 324 -37.85 -70.26 5.58
N ALA A 325 -38.52 -69.40 4.81
CA ALA A 325 -38.31 -67.96 4.96
C ALA A 325 -38.83 -67.47 6.31
N GLN A 326 -40.02 -67.93 6.71
CA GLN A 326 -40.58 -67.53 7.99
C GLN A 326 -39.66 -67.94 9.13
N LYS A 327 -39.20 -69.19 9.12
CA LYS A 327 -38.30 -69.67 10.16
C LYS A 327 -36.91 -69.05 10.04
N GLY A 328 -36.61 -68.39 8.93
CA GLY A 328 -35.33 -67.75 8.71
C GLY A 328 -35.29 -66.33 9.26
N GLU A 329 -34.61 -65.43 8.53
CA GLU A 329 -34.51 -64.05 8.98
C GLU A 329 -34.21 -63.17 7.77
N ILE A 330 -34.76 -61.95 7.81
CA ILE A 330 -34.60 -61.00 6.72
C ILE A 330 -33.15 -60.58 6.57
N MET A 331 -32.69 -60.51 5.34
CA MET A 331 -31.32 -60.11 5.04
C MET A 331 -31.19 -58.60 5.17
N PRO A 332 -30.23 -58.09 5.94
CA PRO A 332 -30.08 -56.64 6.06
C PRO A 332 -29.55 -56.03 4.77
N ASN A 333 -29.88 -54.75 4.55
CA ASN A 333 -29.46 -54.04 3.35
C ASN A 333 -28.39 -52.98 3.64
N ILE A 334 -27.71 -53.06 4.78
CA ILE A 334 -26.67 -52.08 5.11
C ILE A 334 -25.50 -52.33 4.16
N PRO A 335 -24.65 -51.33 3.91
CA PRO A 335 -23.51 -51.57 3.00
C PRO A 335 -22.51 -52.58 3.50
N GLN A 336 -22.15 -52.51 4.78
CA GLN A 336 -21.18 -53.43 5.37
C GLN A 336 -21.49 -54.89 5.07
N MET A 337 -22.76 -55.22 4.79
CA MET A 337 -23.16 -56.58 4.46
C MET A 337 -22.16 -57.19 3.48
N SER A 338 -21.79 -56.42 2.46
CA SER A 338 -20.83 -56.89 1.47
C SER A 338 -19.63 -57.51 2.18
N ALA A 339 -18.88 -56.67 2.91
CA ALA A 339 -17.71 -57.13 3.66
C ALA A 339 -18.06 -58.37 4.48
N PHE A 340 -19.18 -58.31 5.21
CA PHE A 340 -19.65 -59.45 6.01
C PHE A 340 -19.53 -60.75 5.23
N TRP A 341 -20.23 -60.79 4.09
CA TRP A 341 -20.23 -61.99 3.25
C TRP A 341 -18.81 -62.30 2.78
N TYR A 342 -18.11 -61.31 2.23
CA TYR A 342 -16.74 -61.55 1.77
C TYR A 342 -15.88 -62.17 2.86
N ALA A 343 -16.22 -61.91 4.11
CA ALA A 343 -15.53 -62.46 5.27
C ALA A 343 -15.92 -63.92 5.48
N VAL A 344 -17.23 -64.16 5.65
CA VAL A 344 -17.72 -65.52 5.87
C VAL A 344 -17.27 -66.43 4.73
N ARG A 345 -17.42 -65.97 3.48
CA ARG A 345 -17.00 -66.73 2.31
C ARG A 345 -15.59 -67.30 2.48
N THR A 346 -14.69 -66.46 2.99
CA THR A 346 -13.31 -66.89 3.20
C THR A 346 -13.23 -67.86 4.36
N ALA A 347 -13.82 -67.49 5.50
CA ALA A 347 -13.79 -68.35 6.67
C ALA A 347 -14.20 -69.77 6.29
N VAL A 348 -15.42 -69.90 5.73
CA VAL A 348 -15.95 -71.19 5.31
C VAL A 348 -14.96 -71.93 4.42
N ILE A 349 -14.41 -71.26 3.41
CA ILE A 349 -13.45 -71.93 2.53
C ILE A 349 -12.24 -72.44 3.33
N ASN A 350 -11.66 -71.58 4.16
CA ASN A 350 -10.52 -71.98 4.98
C ASN A 350 -10.85 -73.14 5.91
N ALA A 351 -12.11 -73.27 6.29
CA ALA A 351 -12.51 -74.36 7.17
C ALA A 351 -12.76 -75.64 6.39
N ALA A 352 -13.13 -75.50 5.11
CA ALA A 352 -13.39 -76.68 4.29
C ALA A 352 -12.09 -77.29 3.80
N SER A 353 -11.10 -76.45 3.50
CA SER A 353 -9.81 -76.90 3.02
C SER A 353 -8.84 -77.23 4.15
N GLY A 354 -9.23 -77.00 5.40
CA GLY A 354 -8.34 -77.28 6.52
C GLY A 354 -7.19 -76.32 6.65
N ARG A 355 -7.07 -75.33 5.77
CA ARG A 355 -5.99 -74.36 5.84
C ARG A 355 -6.03 -73.58 7.14
N GLN A 356 -7.20 -73.47 7.76
CA GLN A 356 -7.37 -72.79 9.05
C GLN A 356 -8.41 -73.56 9.85
N THR A 357 -8.27 -73.49 11.18
CA THR A 357 -9.24 -74.17 12.01
C THR A 357 -10.54 -73.38 12.04
N VAL A 358 -11.59 -73.99 12.58
CA VAL A 358 -12.87 -73.31 12.65
C VAL A 358 -12.78 -72.07 13.53
N ASP A 359 -12.09 -72.17 14.67
CA ASP A 359 -11.96 -71.02 15.55
C ASP A 359 -11.18 -69.90 14.89
N GLU A 360 -10.08 -70.23 14.19
CA GLU A 360 -9.29 -69.21 13.53
C GLU A 360 -10.09 -68.50 12.44
N ALA A 361 -10.75 -69.28 11.58
CA ALA A 361 -11.54 -68.68 10.49
C ALA A 361 -12.67 -67.81 11.03
N LEU A 362 -13.39 -68.30 12.04
CA LEU A 362 -14.49 -67.51 12.60
C LEU A 362 -13.98 -66.27 13.31
N LYS A 363 -12.83 -66.36 13.98
CA LYS A 363 -12.28 -65.19 14.67
C LYS A 363 -11.89 -64.11 13.66
N ASP A 364 -11.21 -64.52 12.58
CA ASP A 364 -10.81 -63.56 11.55
C ASP A 364 -12.05 -62.94 10.91
N ALA A 365 -13.07 -63.75 10.63
CA ALA A 365 -14.29 -63.22 10.04
C ALA A 365 -14.97 -62.24 11.00
N GLN A 366 -14.92 -62.56 12.31
CA GLN A 366 -15.51 -61.68 13.31
C GLN A 366 -14.82 -60.34 13.34
N THR A 367 -13.49 -60.33 13.22
CA THR A 367 -12.77 -59.06 13.26
C THR A 367 -12.87 -58.27 11.97
N ASN A 368 -13.07 -58.91 10.83
CA ASN A 368 -13.14 -58.17 9.57
C ASN A 368 -14.52 -58.19 8.92
N SER A 369 -15.58 -58.29 9.74
CA SER A 369 -16.94 -58.28 9.20
C SER A 369 -17.58 -56.91 9.23
N SER A 370 -17.11 -56.01 10.12
CA SER A 370 -17.64 -54.66 10.22
C SER A 370 -16.88 -53.68 9.32
N SER A 371 -15.73 -54.08 8.80
CA SER A 371 -14.90 -53.25 7.93
C SER A 371 -14.37 -54.12 6.80
N ARG A 372 -13.54 -53.52 5.94
CA ARG A 372 -12.94 -54.26 4.84
C ARG A 372 -11.56 -53.68 4.59
N ARG A 373 -10.54 -54.53 4.73
CA ARG A 373 -9.14 -54.17 4.59
C ARG A 373 -8.68 -53.99 3.15
N ARG A 374 -9.53 -54.23 2.16
CA ARG A 374 -9.15 -54.09 0.75
C ARG A 374 -10.31 -53.45 -0.01
N ILE A 375 -10.24 -52.12 -0.15
CA ILE A 375 -11.25 -51.30 -0.82
C ILE A 375 -11.14 -51.44 -2.34
N GLU A 376 -12.29 -51.48 -3.00
CA GLU A 376 -12.34 -51.60 -4.46
C GLU A 376 -11.95 -50.27 -5.12
N PRO A 377 -11.39 -50.33 -6.34
CA PRO A 377 -11.01 -49.08 -7.01
C PRO A 377 -12.19 -48.19 -7.39
N TRP A 378 -13.35 -48.75 -7.73
CA TRP A 378 -14.47 -47.89 -8.09
C TRP A 378 -14.90 -47.04 -6.89
N GLU A 379 -15.02 -47.67 -5.72
CA GLU A 379 -15.38 -46.91 -4.53
C GLU A 379 -14.24 -46.03 -4.09
N PHE A 380 -13.00 -46.35 -4.48
CA PHE A 380 -11.90 -45.46 -4.16
C PHE A 380 -11.95 -44.23 -5.04
N ASP A 381 -12.51 -44.38 -6.24
CA ASP A 381 -12.65 -43.26 -7.16
C ASP A 381 -13.80 -42.36 -6.71
N VAL A 382 -14.79 -42.95 -6.01
CA VAL A 382 -15.89 -42.12 -5.52
C VAL A 382 -15.37 -41.21 -4.40
N PHE A 383 -14.20 -41.52 -3.86
CA PHE A 383 -13.50 -40.74 -2.82
C PHE A 383 -12.31 -39.99 -3.40
N TYR A 384 -12.48 -38.67 -3.59
CA TYR A 384 -11.38 -37.84 -4.08
C TYR A 384 -11.80 -36.38 -3.98
N ASP A 385 -10.85 -35.47 -4.29
CA ASP A 385 -11.15 -34.04 -4.18
C ASP A 385 -12.04 -33.40 -5.24
N PRO A 386 -12.10 -33.84 -6.51
CA PRO A 386 -12.98 -33.13 -7.44
C PRO A 386 -14.44 -33.36 -7.06
N ARG A 387 -14.74 -34.56 -6.58
CA ARG A 387 -16.10 -34.90 -6.19
C ARG A 387 -16.46 -34.19 -4.89
N GLU A 388 -17.45 -33.31 -4.96
CA GLU A 388 -17.89 -32.57 -3.79
C GLU A 388 -18.94 -33.34 -2.99
N LEU A 389 -19.33 -34.53 -3.45
CA LEU A 389 -20.33 -35.37 -2.79
C LEU A 389 -20.14 -35.39 -1.29
N ARG A 390 -21.22 -35.08 -0.57
CA ARG A 390 -21.25 -34.99 0.89
C ARG A 390 -21.33 -36.35 1.58
N LYS A 391 -21.98 -37.34 0.96
CA LYS A 391 -22.21 -38.65 1.55
C LYS A 391 -21.02 -39.51 1.95
N GLU A 392 -20.24 -39.98 0.98
CA GLU A 392 -19.14 -40.89 1.32
C GLU A 392 -18.07 -40.24 2.16
N ALA A 393 -17.59 -40.99 3.15
CA ALA A 393 -16.52 -40.58 4.04
C ALA A 393 -15.47 -41.69 3.98
N CYS A 394 -14.30 -41.35 3.46
CA CYS A 394 -13.19 -42.29 3.26
C CYS A 394 -12.92 -43.20 4.44
N LEU A 395 -12.48 -42.60 5.56
CA LEU A 395 -12.15 -43.30 6.81
C LEU A 395 -11.25 -44.51 6.58
N LEU A 396 -10.05 -44.25 6.06
CA LEU A 396 -9.06 -45.29 5.87
C LEU A 396 -8.10 -45.16 7.03
N TYR A 397 -7.99 -46.20 7.84
CA TYR A 397 -7.16 -46.08 9.03
C TYR A 397 -6.14 -47.20 9.13
N GLU A 398 -4.94 -46.79 9.53
CA GLU A 398 -3.77 -47.64 9.69
C GLU A 398 -3.20 -47.36 11.08
N ILE A 399 -3.27 -48.36 11.96
CA ILE A 399 -2.80 -48.22 13.33
C ILE A 399 -1.63 -49.16 13.58
N LYS A 400 -0.53 -48.61 14.12
CA LYS A 400 0.64 -49.42 14.44
C LYS A 400 0.80 -49.50 15.95
N TRP A 401 1.22 -50.67 16.43
CA TRP A 401 1.43 -50.93 17.84
C TRP A 401 2.94 -51.07 18.03
N GLY A 402 3.55 -50.01 18.54
CA GLY A 402 5.00 -49.96 18.75
C GLY A 402 5.61 -51.17 19.43
N ALA A 403 4.80 -51.90 20.21
CA ALA A 403 5.31 -53.08 20.90
C ALA A 403 5.62 -54.21 19.92
N SER A 404 4.87 -54.32 18.82
CA SER A 404 5.09 -55.37 17.83
C SER A 404 5.52 -54.87 16.46
N SER A 405 5.45 -53.56 16.20
CA SER A 405 5.83 -52.99 14.91
C SER A 405 5.03 -53.60 13.75
N LYS A 406 3.76 -53.90 14.02
CA LYS A 406 2.85 -54.46 13.04
C LYS A 406 1.80 -53.41 12.71
N ILE A 407 1.37 -53.36 11.45
CA ILE A 407 0.41 -52.37 11.00
C ILE A 407 -0.93 -53.05 10.78
N TRP A 408 -1.98 -52.45 11.34
CA TRP A 408 -3.36 -52.91 11.20
C TRP A 408 -4.03 -51.95 10.23
N ARG A 409 -4.47 -52.48 9.09
CA ARG A 409 -5.07 -51.68 8.03
C ARG A 409 -6.52 -52.06 7.77
N SER A 410 -7.38 -51.04 7.62
CA SER A 410 -8.78 -51.29 7.23
C SER A 410 -9.53 -49.98 7.04
N SER A 411 -10.82 -50.06 6.75
CA SER A 411 -11.63 -48.88 6.50
C SER A 411 -12.94 -48.82 7.28
N GLY A 412 -13.77 -47.85 6.93
CA GLY A 412 -15.06 -47.67 7.56
C GLY A 412 -15.84 -46.61 6.80
N LYS A 413 -17.15 -46.57 7.07
CA LYS A 413 -17.98 -45.60 6.36
C LYS A 413 -18.80 -44.72 7.29
N ASN A 414 -19.73 -43.95 6.71
CA ASN A 414 -20.55 -42.99 7.45
C ASN A 414 -21.56 -43.65 8.40
N THR A 415 -22.56 -44.34 7.86
CA THR A 415 -23.59 -45.04 8.64
C THR A 415 -24.26 -44.16 9.70
N THR A 416 -24.94 -43.12 9.22
CA THR A 416 -25.72 -42.16 10.02
C THR A 416 -24.91 -41.46 11.10
N ASN A 417 -23.59 -41.62 11.12
CA ASN A 417 -22.76 -40.96 12.12
C ASN A 417 -21.43 -40.60 11.49
N HIS A 418 -20.93 -39.42 11.82
CA HIS A 418 -19.65 -39.01 11.28
C HIS A 418 -18.60 -40.05 11.64
N VAL A 419 -17.82 -40.49 10.64
CA VAL A 419 -16.81 -41.53 10.82
C VAL A 419 -15.96 -41.37 12.09
N ALA A 420 -15.81 -40.13 12.54
CA ALA A 420 -15.03 -39.87 13.74
C ALA A 420 -15.57 -40.64 14.94
N VAL A 421 -16.85 -40.42 15.27
CA VAL A 421 -17.43 -41.10 16.42
C VAL A 421 -17.48 -42.61 16.22
N ASN A 422 -17.63 -43.07 14.97
CA ASN A 422 -17.64 -44.51 14.73
C ASN A 422 -16.31 -45.13 15.10
N PHE A 423 -15.22 -44.53 14.63
CA PHE A 423 -13.91 -45.07 15.00
C PHE A 423 -13.67 -44.94 16.50
N ILE A 424 -14.11 -43.84 17.12
CA ILE A 424 -13.93 -43.67 18.55
C ILE A 424 -14.60 -44.80 19.31
N LYS A 425 -15.87 -45.08 18.97
CA LYS A 425 -16.59 -46.16 19.66
C LYS A 425 -15.93 -47.52 19.41
N LYS A 426 -15.56 -47.80 18.16
CA LYS A 426 -14.94 -49.10 17.87
C LYS A 426 -13.65 -49.29 18.65
N PHE A 427 -12.78 -48.27 18.67
CA PHE A 427 -11.52 -48.39 19.38
C PHE A 427 -11.72 -48.48 20.88
N THR A 428 -12.68 -47.73 21.44
CA THR A 428 -12.93 -47.81 22.87
C THR A 428 -13.52 -49.15 23.25
N SER A 429 -14.26 -49.80 22.34
CA SER A 429 -14.83 -51.09 22.67
C SER A 429 -13.81 -52.22 22.53
N GLU A 430 -12.94 -52.15 21.53
CA GLU A 430 -11.95 -53.20 21.31
C GLU A 430 -10.60 -52.91 21.95
N ARG A 431 -10.50 -51.90 22.81
CA ARG A 431 -9.21 -51.55 23.42
C ARG A 431 -8.59 -52.73 24.17
N ASP A 432 -9.41 -53.53 24.86
CA ASP A 432 -8.87 -54.62 25.63
C ASP A 432 -8.32 -55.75 24.77
N PHE A 433 -8.93 -56.04 23.62
CA PHE A 433 -8.49 -57.16 22.80
C PHE A 433 -7.12 -56.94 22.15
N HIS A 434 -6.83 -55.71 21.69
CA HIS A 434 -5.55 -55.48 21.03
C HIS A 434 -4.43 -55.15 22.02
N PRO A 435 -3.14 -54.89 21.56
CA PRO A 435 -2.06 -54.61 22.51
C PRO A 435 -2.33 -53.58 23.61
N SER A 436 -1.45 -53.63 24.62
CA SER A 436 -1.53 -52.84 25.85
C SER A 436 -1.45 -51.31 25.84
N THR A 437 -0.29 -50.70 25.55
CA THR A 437 -0.22 -49.25 25.68
C THR A 437 0.18 -48.46 24.43
N SER A 438 1.32 -48.71 23.81
CA SER A 438 1.74 -47.91 22.66
C SER A 438 0.77 -48.07 21.50
N CYS A 439 0.57 -46.98 20.75
CA CYS A 439 -0.33 -46.96 19.60
C CYS A 439 -0.16 -45.66 18.82
N SER A 440 -0.14 -45.77 17.49
CA SER A 440 -0.05 -44.58 16.63
C SER A 440 -1.07 -44.78 15.52
N ILE A 441 -2.08 -43.91 15.49
CA ILE A 441 -3.17 -43.99 14.52
C ILE A 441 -2.92 -43.01 13.39
N THR A 442 -3.13 -43.49 12.17
CA THR A 442 -2.97 -42.70 10.96
C THR A 442 -4.29 -42.75 10.19
N TRP A 443 -4.91 -41.58 10.01
CA TRP A 443 -6.17 -41.45 9.31
C TRP A 443 -5.96 -40.87 7.92
N PHE A 444 -6.70 -41.41 6.96
CA PHE A 444 -6.73 -40.98 5.57
C PHE A 444 -8.23 -40.84 5.33
N LEU A 445 -8.78 -39.65 5.57
CA LEU A 445 -10.20 -39.44 5.41
C LEU A 445 -10.50 -38.44 4.30
N SER A 446 -11.77 -38.45 3.90
CA SER A 446 -12.21 -37.59 2.82
C SER A 446 -12.49 -36.17 3.28
N TRP A 447 -13.45 -35.99 4.18
CA TRP A 447 -13.81 -34.66 4.64
C TRP A 447 -13.14 -34.31 5.95
N SER A 448 -12.70 -33.06 6.04
CA SER A 448 -12.07 -32.60 7.26
C SER A 448 -13.08 -32.64 8.39
N PRO A 449 -12.69 -33.12 9.57
CA PRO A 449 -13.64 -33.23 10.69
C PRO A 449 -14.40 -31.93 10.95
N CYS A 450 -15.71 -32.07 11.16
CA CYS A 450 -16.60 -30.96 11.45
C CYS A 450 -16.43 -30.53 12.89
N TRP A 451 -17.10 -29.45 13.28
CA TRP A 451 -17.02 -28.93 14.64
C TRP A 451 -17.26 -30.00 15.70
N GLU A 452 -18.41 -30.67 15.61
CA GLU A 452 -18.76 -31.73 16.56
C GLU A 452 -17.75 -32.86 16.53
N CYS A 453 -17.32 -33.26 15.34
CA CYS A 453 -16.33 -34.34 15.24
C CYS A 453 -15.00 -33.92 15.86
N SER A 454 -14.63 -32.66 15.70
CA SER A 454 -13.39 -32.16 16.28
C SER A 454 -13.44 -32.24 17.78
N GLN A 455 -14.57 -31.82 18.37
CA GLN A 455 -14.69 -31.90 19.82
C GLN A 455 -14.66 -33.34 20.30
N ALA A 456 -15.34 -34.24 19.57
CA ALA A 456 -15.34 -35.65 19.94
C ALA A 456 -13.94 -36.24 19.84
N ILE A 457 -13.20 -35.90 18.79
CA ILE A 457 -11.84 -36.40 18.60
C ILE A 457 -10.93 -35.89 19.71
N ARG A 458 -11.08 -34.61 20.09
CA ARG A 458 -10.22 -34.09 21.16
C ARG A 458 -10.55 -34.76 22.48
N GLU A 459 -11.83 -34.97 22.79
CA GLU A 459 -12.16 -35.62 24.04
C GLU A 459 -11.68 -37.07 24.04
N PHE A 460 -11.74 -37.74 22.89
CA PHE A 460 -11.22 -39.12 22.81
C PHE A 460 -9.71 -39.15 23.04
N LEU A 461 -9.00 -38.17 22.47
CA LEU A 461 -7.56 -38.11 22.63
C LEU A 461 -7.19 -37.76 24.06
N SER A 462 -8.03 -37.00 24.76
CA SER A 462 -7.72 -36.68 26.15
C SER A 462 -8.08 -37.85 27.04
N ARG A 463 -9.10 -38.63 26.64
CA ARG A 463 -9.53 -39.79 27.40
C ARG A 463 -8.46 -40.86 27.38
N HIS A 464 -7.68 -40.93 26.30
CA HIS A 464 -6.59 -41.90 26.18
C HIS A 464 -5.30 -41.10 26.10
N PRO A 465 -4.52 -41.01 27.18
CA PRO A 465 -3.29 -40.20 27.15
C PRO A 465 -2.30 -40.61 26.08
N GLY A 466 -1.87 -41.87 26.06
CA GLY A 466 -0.90 -42.27 25.07
C GLY A 466 -1.44 -42.62 23.69
N VAL A 467 -1.82 -41.61 22.90
CA VAL A 467 -2.34 -41.84 21.55
C VAL A 467 -1.81 -40.75 20.63
N THR A 468 -1.08 -41.14 19.59
CA THR A 468 -0.53 -40.22 18.60
C THR A 468 -1.39 -40.35 17.35
N LEU A 469 -2.12 -39.30 17.01
CA LEU A 469 -3.03 -39.29 15.88
C LEU A 469 -2.59 -38.32 14.80
N VAL A 470 -2.51 -38.81 13.56
CA VAL A 470 -2.17 -37.98 12.41
C VAL A 470 -3.33 -38.08 11.44
N ILE A 471 -3.74 -36.94 10.88
CA ILE A 471 -4.90 -36.86 9.99
C ILE A 471 -4.50 -36.30 8.63
N TYR A 472 -4.83 -37.06 7.59
CA TYR A 472 -4.62 -36.71 6.19
C TYR A 472 -6.00 -36.62 5.58
N VAL A 473 -6.42 -35.41 5.22
CA VAL A 473 -7.74 -35.20 4.63
C VAL A 473 -7.58 -34.84 3.16
N ALA A 474 -8.61 -35.19 2.39
CA ALA A 474 -8.59 -34.90 0.97
C ALA A 474 -9.42 -33.68 0.61
N ARG A 475 -10.42 -33.32 1.42
CA ARG A 475 -11.29 -32.19 1.17
C ARG A 475 -11.47 -31.42 2.47
N LEU A 476 -12.19 -30.29 2.40
CA LEU A 476 -12.46 -29.45 3.56
C LEU A 476 -13.97 -29.21 3.60
N PHE A 477 -14.60 -29.63 4.70
CA PHE A 477 -16.05 -29.49 4.86
C PHE A 477 -16.41 -28.16 5.52
N ALA A 478 -17.24 -27.38 4.83
CA ALA A 478 -17.71 -26.08 5.30
C ALA A 478 -16.57 -25.25 5.85
N HIS A 479 -15.56 -25.03 5.00
CA HIS A 479 -14.38 -24.28 5.40
C HIS A 479 -14.70 -22.82 5.75
N MET A 480 -15.95 -22.41 5.61
CA MET A 480 -16.37 -21.05 5.90
C MET A 480 -17.32 -20.99 7.10
N ASP A 481 -17.07 -21.83 8.09
CA ASP A 481 -17.87 -21.89 9.31
C ASP A 481 -16.93 -21.64 10.47
N GLN A 482 -17.21 -20.59 11.25
CA GLN A 482 -16.36 -20.26 12.39
C GLN A 482 -16.16 -21.47 13.32
N GLN A 483 -17.20 -22.29 13.48
CA GLN A 483 -17.09 -23.45 14.36
C GLN A 483 -16.19 -24.53 13.77
N ASN A 484 -16.37 -24.87 12.49
CA ASN A 484 -15.49 -25.87 11.88
C ASN A 484 -14.06 -25.37 11.85
N ARG A 485 -13.90 -24.07 11.56
CA ARG A 485 -12.60 -23.44 11.52
C ARG A 485 -11.88 -23.57 12.87
N GLN A 486 -12.55 -23.09 13.93
CA GLN A 486 -11.98 -23.18 15.27
C GLN A 486 -11.78 -24.64 15.68
N GLY A 487 -12.61 -25.56 15.17
CA GLY A 487 -12.43 -26.95 15.51
C GLY A 487 -11.16 -27.52 14.93
N LEU A 488 -10.87 -27.19 13.67
CA LEU A 488 -9.63 -27.66 13.07
C LEU A 488 -8.44 -27.05 13.80
N ARG A 489 -8.52 -25.75 14.10
CA ARG A 489 -7.43 -25.12 14.84
C ARG A 489 -7.28 -25.76 16.21
N ASP A 490 -8.40 -26.13 16.83
CA ASP A 490 -8.39 -26.77 18.12
C ASP A 490 -7.66 -28.10 18.05
N LEU A 491 -8.04 -28.95 17.08
CA LEU A 491 -7.38 -30.25 16.92
C LEU A 491 -5.88 -30.06 16.72
N VAL A 492 -5.49 -29.06 15.94
CA VAL A 492 -4.06 -28.82 15.71
C VAL A 492 -3.36 -28.40 17.00
N ASN A 493 -3.98 -27.50 17.77
CA ASN A 493 -3.38 -27.03 19.01
C ASN A 493 -3.31 -28.15 20.06
N SER A 494 -4.20 -29.13 19.98
CA SER A 494 -4.20 -30.21 20.94
C SER A 494 -3.17 -31.30 20.62
N GLY A 495 -2.33 -31.09 19.61
CA GLY A 495 -1.31 -32.06 19.26
C GLY A 495 -1.69 -33.04 18.17
N VAL A 496 -2.49 -32.62 17.20
CA VAL A 496 -2.92 -33.48 16.10
C VAL A 496 -2.49 -32.80 14.81
N THR A 497 -1.72 -33.52 14.01
CA THR A 497 -1.26 -33.00 12.73
C THR A 497 -2.33 -33.23 11.67
N ILE A 498 -2.67 -32.17 10.94
CA ILE A 498 -3.68 -32.21 9.88
C ILE A 498 -3.03 -31.71 8.60
N GLN A 499 -3.08 -32.53 7.55
CA GLN A 499 -2.49 -32.18 6.26
C GLN A 499 -3.39 -32.63 5.12
N ILE A 500 -3.29 -31.93 4.00
CA ILE A 500 -4.09 -32.28 2.82
C ILE A 500 -3.37 -33.37 2.05
N MET A 501 -4.11 -34.40 1.67
CA MET A 501 -3.52 -35.52 0.95
C MET A 501 -2.95 -35.07 -0.39
N ARG A 502 -1.78 -35.61 -0.72
CA ARG A 502 -1.10 -35.30 -1.97
C ARG A 502 -0.81 -36.62 -2.70
N ASP A 503 -0.15 -36.51 -3.86
CA ASP A 503 0.18 -37.66 -4.69
C ASP A 503 0.75 -38.83 -3.88
N SER A 504 1.71 -38.54 -2.99
CA SER A 504 2.32 -39.61 -2.19
C SER A 504 1.28 -40.31 -1.33
N GLU A 505 0.43 -39.53 -0.64
CA GLU A 505 -0.59 -40.11 0.22
C GLU A 505 -1.58 -40.96 -0.57
N TYR A 506 -2.01 -40.47 -1.73
CA TYR A 506 -2.96 -41.26 -2.52
C TYR A 506 -2.31 -42.54 -3.04
N TYR A 507 -1.03 -42.47 -3.45
CA TYR A 507 -0.35 -43.67 -3.92
C TYR A 507 -0.22 -44.68 -2.79
N HIS A 508 0.06 -44.21 -1.58
CA HIS A 508 0.16 -45.11 -0.44
C HIS A 508 -1.18 -45.76 -0.14
N CYS A 509 -2.26 -44.95 -0.18
CA CYS A 509 -3.58 -45.50 0.06
C CYS A 509 -3.95 -46.54 -0.99
N TRP A 510 -3.56 -46.29 -2.24
CA TRP A 510 -3.85 -47.22 -3.31
C TRP A 510 -3.10 -48.54 -3.13
N ARG A 511 -1.80 -48.45 -2.81
CA ARG A 511 -0.98 -49.65 -2.67
C ARG A 511 -1.31 -50.45 -1.41
N ASN A 512 -1.66 -49.80 -0.31
CA ASN A 512 -1.92 -50.54 0.91
C ASN A 512 -3.38 -50.87 1.18
N PHE A 513 -4.33 -50.04 0.74
CA PHE A 513 -5.74 -50.29 1.04
C PHE A 513 -6.59 -50.66 -0.17
N VAL A 514 -6.31 -50.10 -1.34
CA VAL A 514 -7.14 -50.40 -2.50
C VAL A 514 -6.84 -51.79 -3.03
N ASN A 515 -7.90 -52.49 -3.46
CA ASN A 515 -7.78 -53.81 -4.05
C ASN A 515 -7.21 -53.63 -5.45
N TYR A 516 -5.92 -53.33 -5.51
CA TYR A 516 -5.23 -53.07 -6.78
C TYR A 516 -5.52 -54.17 -7.79
N PRO A 517 -5.68 -53.83 -9.07
CA PRO A 517 -5.95 -54.84 -10.09
C PRO A 517 -4.76 -55.77 -10.24
N PRO A 518 -4.99 -57.06 -10.48
CA PRO A 518 -3.86 -57.98 -10.63
C PRO A 518 -2.96 -57.65 -11.82
N GLY A 519 -3.56 -57.37 -12.99
CA GLY A 519 -2.74 -57.06 -14.15
C GLY A 519 -2.06 -55.70 -14.05
N ASP A 520 -2.77 -54.72 -13.50
CA ASP A 520 -2.24 -53.36 -13.36
C ASP A 520 -1.72 -53.22 -11.92
N GLU A 521 -0.44 -53.49 -11.74
CA GLU A 521 0.20 -53.42 -10.43
C GLU A 521 0.92 -52.09 -10.25
N ALA A 522 0.76 -51.51 -9.05
CA ALA A 522 1.37 -50.24 -8.65
C ALA A 522 0.92 -49.05 -9.48
N HIS A 523 -0.08 -49.21 -10.34
CA HIS A 523 -0.58 -48.11 -11.18
C HIS A 523 -1.68 -47.38 -10.43
N TRP A 524 -1.29 -46.34 -9.69
CA TRP A 524 -2.28 -45.57 -8.95
C TRP A 524 -2.96 -44.60 -9.90
N PRO A 525 -4.24 -44.29 -9.67
CA PRO A 525 -4.93 -43.37 -10.58
C PRO A 525 -4.41 -41.93 -10.49
N GLN A 526 -3.72 -41.48 -11.55
CA GLN A 526 -3.18 -40.14 -11.58
C GLN A 526 -4.33 -39.14 -11.69
N TYR A 527 -4.50 -38.34 -10.65
CA TYR A 527 -5.56 -37.36 -10.55
C TYR A 527 -5.04 -35.93 -10.61
N PRO A 528 -5.84 -34.98 -11.14
CA PRO A 528 -5.39 -33.58 -11.23
C PRO A 528 -5.14 -32.99 -9.85
N PRO A 529 -4.09 -32.17 -9.71
CA PRO A 529 -3.75 -31.58 -8.41
C PRO A 529 -4.41 -30.26 -8.05
N ALA A 530 -5.18 -29.64 -8.96
CA ALA A 530 -5.82 -28.36 -8.71
C ALA A 530 -6.48 -28.25 -7.34
N TRP A 531 -7.48 -29.10 -7.08
CA TRP A 531 -8.17 -29.02 -5.80
C TRP A 531 -7.26 -29.42 -4.65
N MET A 532 -6.28 -30.29 -4.88
CA MET A 532 -5.38 -30.63 -3.77
C MET A 532 -4.66 -29.37 -3.28
N MET A 533 -4.07 -28.64 -4.21
CA MET A 533 -3.36 -27.41 -3.84
C MET A 533 -4.32 -26.36 -3.27
N LEU A 534 -5.53 -26.26 -3.83
CA LEU A 534 -6.50 -25.28 -3.33
C LEU A 534 -6.89 -25.58 -1.89
N TYR A 535 -7.27 -26.84 -1.61
CA TYR A 535 -7.63 -27.18 -0.24
C TYR A 535 -6.44 -27.03 0.68
N ALA A 536 -5.22 -27.23 0.17
CA ALA A 536 -4.04 -27.03 1.00
C ALA A 536 -3.88 -25.57 1.38
N LEU A 537 -4.08 -24.69 0.40
CA LEU A 537 -3.97 -23.26 0.68
C LEU A 537 -5.02 -22.84 1.70
N GLU A 538 -6.25 -23.34 1.55
CA GLU A 538 -7.28 -22.99 2.52
C GLU A 538 -6.97 -23.54 3.91
N LEU A 539 -6.43 -24.76 3.97
CA LEU A 539 -6.09 -25.34 5.27
C LEU A 539 -5.03 -24.47 5.95
N HIS A 540 -4.06 -23.98 5.19
CA HIS A 540 -3.07 -23.09 5.80
C HIS A 540 -3.71 -21.80 6.28
N CYS A 541 -4.69 -21.29 5.52
CA CYS A 541 -5.38 -20.09 5.99
C CYS A 541 -6.13 -20.39 7.28
N ILE A 542 -6.56 -21.64 7.43
CA ILE A 542 -7.32 -22.05 8.62
C ILE A 542 -6.40 -22.12 9.83
N ILE A 543 -5.30 -22.86 9.69
CA ILE A 543 -4.35 -23.06 10.80
C ILE A 543 -3.76 -21.74 11.25
N LEU A 544 -3.47 -20.85 10.32
CA LEU A 544 -2.85 -19.57 10.67
C LEU A 544 -3.86 -18.56 11.21
N SER A 545 -5.12 -18.96 11.44
CA SER A 545 -6.17 -18.07 11.95
C SER A 545 -6.42 -16.89 11.00
N LEU A 546 -6.33 -17.17 9.70
CA LEU A 546 -6.55 -16.19 8.65
C LEU A 546 -7.98 -16.23 8.17
N PRO A 547 -8.43 -15.18 7.47
CA PRO A 547 -9.80 -15.19 6.95
C PRO A 547 -9.94 -16.20 5.82
N PRO A 548 -11.16 -16.59 5.47
CA PRO A 548 -11.33 -17.57 4.39
C PRO A 548 -10.76 -17.03 3.09
N CYS A 549 -10.09 -17.91 2.34
CA CYS A 549 -9.48 -17.52 1.08
C CYS A 549 -10.34 -17.89 -0.13
N LEU A 550 -10.62 -19.19 -0.31
CA LEU A 550 -11.43 -19.60 -1.44
C LEU A 550 -12.86 -19.84 -0.95
N LYS A 551 -13.80 -19.71 -1.87
CA LYS A 551 -15.22 -19.88 -1.58
C LYS A 551 -15.86 -20.69 -2.70
N ILE A 552 -16.44 -21.82 -2.34
CA ILE A 552 -17.09 -22.71 -3.27
C ILE A 552 -18.59 -22.47 -3.22
N SER A 553 -19.26 -22.72 -4.34
CA SER A 553 -20.70 -22.55 -4.42
C SER A 553 -21.21 -23.66 -5.34
N ARG A 554 -21.80 -24.68 -4.74
CA ARG A 554 -22.32 -25.86 -5.42
C ARG A 554 -23.82 -25.77 -5.62
N ARG A 555 -24.32 -26.64 -6.51
CA ARG A 555 -25.75 -26.68 -6.80
C ARG A 555 -26.33 -28.08 -6.90
N ALA A 556 -25.53 -29.11 -7.16
CA ALA A 556 -26.05 -30.46 -7.29
C ALA A 556 -25.01 -31.44 -6.74
N GLN A 557 -25.14 -32.71 -7.13
CA GLN A 557 -24.24 -33.76 -6.69
C GLN A 557 -22.79 -33.30 -6.77
N ASN A 558 -22.34 -32.94 -7.96
CA ASN A 558 -20.99 -32.45 -8.17
C ASN A 558 -20.99 -31.32 -9.18
N HIS A 559 -22.07 -30.55 -9.22
CA HIS A 559 -22.20 -29.43 -10.14
C HIS A 559 -21.58 -28.21 -9.46
N LEU A 560 -20.41 -27.80 -9.94
CA LEU A 560 -19.68 -26.65 -9.40
C LEU A 560 -20.10 -25.42 -10.18
N THR A 561 -20.94 -24.59 -9.57
CA THR A 561 -21.40 -23.39 -10.25
C THR A 561 -20.49 -22.21 -10.03
N ALA A 562 -19.87 -22.07 -8.85
CA ALA A 562 -18.99 -20.94 -8.61
C ALA A 562 -17.80 -21.35 -7.76
N PHE A 563 -16.65 -20.74 -8.08
CA PHE A 563 -15.39 -20.96 -7.39
C PHE A 563 -14.64 -19.64 -7.34
N ARG A 564 -14.38 -19.12 -6.15
CA ARG A 564 -13.70 -17.84 -6.04
C ARG A 564 -12.47 -17.94 -5.14
N LEU A 565 -11.43 -17.21 -5.52
CA LEU A 565 -10.17 -17.15 -4.80
C LEU A 565 -9.93 -15.67 -4.49
N HIS A 566 -9.87 -15.34 -3.19
CA HIS A 566 -9.68 -13.97 -2.74
C HIS A 566 -8.41 -13.91 -1.88
N LEU A 567 -7.30 -13.48 -2.48
CA LEU A 567 -6.02 -13.39 -1.80
C LEU A 567 -5.78 -11.96 -1.32
N GLN A 568 -6.20 -11.69 -0.09
CA GLN A 568 -5.97 -10.36 0.47
C GLN A 568 -4.49 -10.14 0.77
N ASN A 569 -4.17 -8.88 1.09
CA ASN A 569 -2.80 -8.55 1.43
C ASN A 569 -2.35 -9.36 2.62
N CYS A 570 -3.28 -9.66 3.54
CA CYS A 570 -2.94 -10.46 4.70
C CYS A 570 -2.40 -11.82 4.26
N HIS A 571 -3.13 -12.47 3.35
CA HIS A 571 -2.72 -13.77 2.84
C HIS A 571 -1.33 -13.69 2.22
N TYR A 572 -1.14 -12.75 1.30
CA TYR A 572 0.16 -12.61 0.65
C TYR A 572 1.29 -12.32 1.65
N GLN A 573 0.98 -11.64 2.75
CA GLN A 573 2.00 -11.28 3.73
C GLN A 573 2.38 -12.41 4.67
N THR A 574 1.42 -13.22 5.11
CA THR A 574 1.76 -14.27 6.07
C THR A 574 1.77 -15.71 5.55
N ILE A 575 0.94 -16.06 4.56
CA ILE A 575 0.93 -17.45 4.07
C ILE A 575 2.31 -17.82 3.54
N PRO A 576 2.79 -19.04 3.76
CA PRO A 576 4.10 -19.42 3.22
C PRO A 576 4.09 -19.31 1.71
N PRO A 577 5.19 -18.85 1.11
CA PRO A 577 5.22 -18.70 -0.35
C PRO A 577 5.24 -20.00 -1.13
N HIS A 578 5.70 -21.12 -0.52
CA HIS A 578 5.74 -22.36 -1.28
C HIS A 578 4.33 -22.87 -1.60
N ILE A 579 3.38 -22.70 -0.68
CA ILE A 579 2.01 -23.13 -0.93
C ILE A 579 1.40 -22.31 -2.06
N LEU A 580 1.48 -20.98 -1.93
CA LEU A 580 0.95 -20.09 -2.97
C LEU A 580 1.58 -20.42 -4.32
N LEU A 581 2.91 -20.56 -4.36
CA LEU A 581 3.58 -20.87 -5.63
C LEU A 581 3.19 -22.24 -6.15
N ALA A 582 2.87 -23.19 -5.27
CA ALA A 582 2.49 -24.53 -5.70
C ALA A 582 1.08 -24.57 -6.25
N THR A 583 0.21 -23.62 -5.87
CA THR A 583 -1.15 -23.67 -6.41
C THR A 583 -1.13 -23.41 -7.92
N GLY A 584 -0.12 -22.70 -8.42
CA GLY A 584 0.02 -22.42 -9.83
C GLY A 584 -0.73 -21.19 -10.32
N LEU A 585 -1.55 -20.58 -9.49
CA LEU A 585 -2.33 -19.42 -9.90
C LEU A 585 -1.65 -18.08 -9.62
N ILE A 586 -0.58 -18.03 -8.82
CA ILE A 586 0.10 -16.76 -8.53
C ILE A 586 1.51 -16.79 -9.09
N HIS A 587 2.13 -15.61 -9.13
CA HIS A 587 3.48 -15.44 -9.66
C HIS A 587 4.55 -15.52 -8.55
N PRO A 588 5.69 -16.12 -8.86
CA PRO A 588 6.75 -16.20 -7.83
C PRO A 588 7.22 -14.84 -7.37
N SER A 589 7.10 -13.80 -8.21
CA SER A 589 7.53 -12.47 -7.80
C SER A 589 6.75 -12.03 -6.57
N VAL A 590 5.43 -12.18 -6.62
CA VAL A 590 4.57 -11.80 -5.51
C VAL A 590 4.87 -12.68 -4.30
N ALA A 591 5.00 -13.99 -4.54
CA ALA A 591 5.28 -14.89 -3.41
C ALA A 591 6.59 -14.54 -2.71
N TRP A 592 7.63 -14.18 -3.48
CA TRP A 592 8.91 -13.83 -2.90
C TRP A 592 8.89 -12.48 -2.19
N ARG A 593 8.44 -11.44 -2.89
CA ARG A 593 8.38 -10.07 -2.36
C ARG A 593 9.79 -9.60 -2.03
N LYS B 2 17.74 -7.58 -0.85
CA LYS B 2 16.68 -7.94 -1.78
C LYS B 2 15.54 -6.93 -1.61
N ILE B 3 14.50 -7.00 -2.45
CA ILE B 3 13.45 -6.01 -2.33
C ILE B 3 12.57 -6.31 -1.11
N GLU B 4 12.84 -5.58 -0.04
CA GLU B 4 12.15 -5.65 1.23
C GLU B 4 11.30 -4.39 1.40
N GLU B 5 10.27 -4.49 2.23
CA GLU B 5 9.43 -3.33 2.47
C GLU B 5 10.18 -2.41 3.42
N GLY B 6 10.21 -1.12 3.09
CA GLY B 6 10.92 -0.16 3.93
C GLY B 6 12.44 -0.27 3.89
N LYS B 7 13.00 -0.60 2.74
CA LYS B 7 14.44 -0.72 2.58
C LYS B 7 14.80 -0.45 1.12
N LEU B 8 15.95 0.17 0.89
CA LEU B 8 16.43 0.50 -0.44
C LEU B 8 17.71 -0.25 -0.75
N VAL B 9 17.72 -0.96 -1.88
CA VAL B 9 18.88 -1.72 -2.35
C VAL B 9 19.25 -1.12 -3.70
N ILE B 10 20.48 -0.61 -3.80
CA ILE B 10 20.96 0.05 -5.01
C ILE B 10 22.11 -0.74 -5.60
N TRP B 11 22.19 -0.77 -6.93
CA TRP B 11 23.26 -1.43 -7.65
C TRP B 11 23.95 -0.40 -8.55
N ILE B 12 25.25 -0.28 -8.42
CA ILE B 12 26.06 0.64 -9.22
C ILE B 12 27.37 -0.06 -9.54
N ASN B 13 27.94 0.27 -10.70
CA ASN B 13 29.20 -0.37 -11.10
C ASN B 13 30.29 -0.10 -10.09
N GLY B 14 31.12 -1.12 -9.85
CA GLY B 14 32.20 -1.02 -8.88
C GLY B 14 33.24 0.04 -9.18
N ASP B 15 33.32 0.49 -10.44
CA ASP B 15 34.31 1.52 -10.77
C ASP B 15 33.90 2.90 -10.28
N LYS B 16 32.60 3.15 -10.09
CA LYS B 16 32.12 4.44 -9.66
C LYS B 16 32.15 4.59 -8.14
N GLY B 17 31.68 5.74 -7.66
CA GLY B 17 31.67 6.05 -6.25
C GLY B 17 30.63 5.34 -5.40
N TYR B 18 30.82 4.03 -5.22
CA TYR B 18 29.86 3.28 -4.41
C TYR B 18 29.90 3.72 -2.94
N ASN B 19 31.09 4.10 -2.45
CA ASN B 19 31.15 4.53 -1.05
C ASN B 19 30.52 5.91 -0.88
N GLY B 20 30.72 6.80 -1.85
CA GLY B 20 30.10 8.11 -1.76
C GLY B 20 28.59 8.00 -1.82
N LEU B 21 28.09 7.15 -2.73
CA LEU B 21 26.66 6.93 -2.83
C LEU B 21 26.13 6.33 -1.54
N ALA B 22 26.91 5.43 -0.93
CA ALA B 22 26.52 4.83 0.33
C ALA B 22 26.46 5.89 1.43
N GLU B 23 27.34 6.89 1.38
CA GLU B 23 27.31 7.95 2.37
C GLU B 23 26.07 8.79 2.19
N VAL B 24 25.69 9.05 0.93
CA VAL B 24 24.46 9.79 0.69
C VAL B 24 23.28 8.98 1.21
N GLY B 25 23.32 7.67 1.01
CA GLY B 25 22.28 6.79 1.50
C GLY B 25 22.22 6.75 3.01
N LYS B 26 23.38 6.85 3.68
CA LYS B 26 23.38 6.88 5.13
C LYS B 26 22.75 8.17 5.61
N LYS B 27 22.95 9.27 4.87
CA LYS B 27 22.30 10.51 5.27
C LYS B 27 20.78 10.37 5.10
N PHE B 28 20.36 9.70 4.03
CA PHE B 28 18.94 9.44 3.80
C PHE B 28 18.38 8.60 4.94
N GLU B 29 19.16 7.63 5.39
CA GLU B 29 18.76 6.76 6.49
C GLU B 29 18.68 7.54 7.79
N LYS B 30 19.62 8.46 8.01
CA LYS B 30 19.60 9.25 9.22
C LYS B 30 18.38 10.16 9.27
N ASP B 31 17.91 10.61 8.11
CA ASP B 31 16.74 11.49 8.05
C ASP B 31 15.39 10.77 8.04
N THR B 32 15.25 9.66 7.31
CA THR B 32 13.98 8.95 7.21
C THR B 32 13.94 7.58 7.89
N GLY B 33 15.07 7.01 8.26
CA GLY B 33 15.09 5.71 8.91
C GLY B 33 14.92 4.52 8.01
N ILE B 34 15.54 4.53 6.84
CA ILE B 34 15.44 3.44 5.87
C ILE B 34 16.86 3.07 5.46
N LYS B 35 17.28 1.85 5.78
CA LYS B 35 18.62 1.40 5.43
C LYS B 35 18.85 1.41 3.93
N VAL B 36 19.84 2.15 3.50
CA VAL B 36 20.20 2.23 2.08
C VAL B 36 21.49 1.42 1.93
N THR B 37 21.39 0.27 1.29
CA THR B 37 22.52 -0.62 1.08
C THR B 37 22.93 -0.57 -0.39
N VAL B 38 24.18 -0.19 -0.64
CA VAL B 38 24.74 -0.08 -1.98
C VAL B 38 25.57 -1.31 -2.27
N GLU B 39 25.41 -1.88 -3.46
CA GLU B 39 26.14 -3.08 -3.86
C GLU B 39 26.69 -2.88 -5.27
N HIS B 40 27.73 -3.64 -5.59
CA HIS B 40 28.39 -3.55 -6.90
C HIS B 40 28.78 -4.94 -7.39
N PRO B 41 27.82 -5.70 -7.92
CA PRO B 41 28.12 -7.04 -8.41
C PRO B 41 28.80 -7.01 -9.78
N ASP B 42 29.50 -8.12 -10.07
CA ASP B 42 30.21 -8.24 -11.34
C ASP B 42 29.22 -8.32 -12.49
N LYS B 43 29.40 -7.45 -13.47
CA LYS B 43 28.56 -7.37 -14.67
C LYS B 43 27.08 -7.29 -14.29
N LEU B 44 26.77 -6.24 -13.51
CA LEU B 44 25.39 -6.07 -13.08
C LEU B 44 24.48 -5.79 -14.26
N GLU B 45 25.02 -5.25 -15.36
CA GLU B 45 24.17 -4.98 -16.52
C GLU B 45 23.54 -6.26 -17.06
N GLU B 46 24.14 -7.41 -16.76
CA GLU B 46 23.63 -8.70 -17.20
C GLU B 46 22.93 -9.44 -16.08
N LYS B 47 23.34 -9.21 -14.83
CA LYS B 47 22.66 -9.89 -13.73
C LYS B 47 21.30 -9.27 -13.41
N PHE B 48 21.19 -7.94 -13.49
CA PHE B 48 19.97 -7.21 -13.18
C PHE B 48 18.68 -7.76 -13.76
N PRO B 49 18.57 -8.08 -15.06
CA PRO B 49 17.28 -8.60 -15.54
C PRO B 49 16.94 -9.97 -14.97
N GLN B 50 17.94 -10.84 -14.82
CA GLN B 50 17.70 -12.18 -14.30
C GLN B 50 17.07 -12.13 -12.91
N VAL B 51 17.55 -11.25 -12.05
CA VAL B 51 17.02 -11.14 -10.69
C VAL B 51 15.79 -10.24 -10.61
N ALA B 52 15.70 -9.22 -11.46
CA ALA B 52 14.55 -8.33 -11.44
C ALA B 52 13.30 -9.05 -11.92
N ALA B 53 13.45 -9.99 -12.85
CA ALA B 53 12.29 -10.74 -13.32
C ALA B 53 11.73 -11.60 -12.20
N THR B 54 12.61 -12.26 -11.44
CA THR B 54 12.14 -13.10 -10.34
C THR B 54 11.58 -12.24 -9.21
N GLY B 55 12.10 -11.03 -9.05
CA GLY B 55 11.65 -10.10 -8.02
C GLY B 55 12.71 -9.73 -7.00
N ASP B 56 13.69 -10.60 -6.78
CA ASP B 56 14.75 -10.33 -5.81
C ASP B 56 15.90 -9.60 -6.49
N GLY B 57 15.74 -8.29 -6.61
CA GLY B 57 16.76 -7.48 -7.22
C GLY B 57 16.95 -6.19 -6.46
N PRO B 58 17.57 -5.21 -7.10
CA PRO B 58 17.79 -3.92 -6.46
C PRO B 58 16.60 -2.99 -6.65
N ASP B 59 16.45 -2.08 -5.70
CA ASP B 59 15.36 -1.11 -5.79
C ASP B 59 15.66 -0.04 -6.83
N ILE B 60 16.94 0.30 -7.00
CA ILE B 60 17.40 1.30 -7.97
C ILE B 60 18.64 0.74 -8.65
N ILE B 61 18.81 1.07 -9.92
CA ILE B 61 19.95 0.59 -10.69
C ILE B 61 20.63 1.76 -11.40
N PHE B 62 21.95 1.85 -11.25
CA PHE B 62 22.76 2.88 -11.86
C PHE B 62 23.54 2.26 -13.01
N TRP B 63 23.46 2.87 -14.18
CA TRP B 63 24.18 2.38 -15.36
C TRP B 63 23.97 3.34 -16.52
N ALA B 64 24.63 3.09 -17.65
CA ALA B 64 24.44 3.97 -18.79
C ALA B 64 22.99 3.84 -19.29
N HIS B 65 22.57 4.80 -20.11
CA HIS B 65 21.21 4.78 -20.62
C HIS B 65 20.99 3.80 -21.76
N ASP B 66 22.06 3.25 -22.35
CA ASP B 66 21.92 2.32 -23.47
C ASP B 66 21.11 1.07 -23.10
N ARG B 67 21.44 0.42 -21.99
CA ARG B 67 20.68 -0.78 -21.62
C ARG B 67 19.34 -0.50 -20.96
N PHE B 68 19.10 0.74 -20.54
CA PHE B 68 17.81 1.04 -19.93
C PHE B 68 16.68 0.88 -20.93
N GLY B 69 16.94 1.15 -22.21
CA GLY B 69 15.91 0.95 -23.22
C GLY B 69 15.44 -0.49 -23.24
N GLY B 70 16.37 -1.42 -23.39
CA GLY B 70 16.01 -2.83 -23.37
C GLY B 70 15.30 -3.22 -22.09
N TYR B 71 15.79 -2.72 -20.95
CA TYR B 71 15.15 -3.02 -19.67
C TYR B 71 13.69 -2.58 -19.68
N ALA B 72 13.45 -1.32 -20.05
CA ALA B 72 12.08 -0.81 -20.08
C ALA B 72 11.23 -1.58 -21.09
N GLN B 73 11.84 -2.03 -22.20
CA GLN B 73 11.11 -2.80 -23.19
C GLN B 73 10.59 -4.10 -22.58
N SER B 74 11.41 -4.72 -21.73
CA SER B 74 10.99 -5.96 -21.10
C SER B 74 10.09 -5.70 -19.89
N GLY B 75 9.76 -4.45 -19.62
CA GLY B 75 8.90 -4.12 -18.49
C GLY B 75 9.57 -4.25 -17.14
N LEU B 76 10.88 -3.99 -17.07
CA LEU B 76 11.61 -4.10 -15.82
C LEU B 76 11.71 -2.79 -15.07
N LEU B 77 11.58 -1.66 -15.77
CA LEU B 77 11.67 -0.35 -15.16
C LEU B 77 10.28 0.28 -15.02
N ALA B 78 10.12 1.06 -13.96
CA ALA B 78 8.86 1.74 -13.68
C ALA B 78 8.99 3.20 -14.10
N GLU B 79 7.89 3.75 -14.59
CA GLU B 79 7.88 5.14 -15.03
C GLU B 79 8.13 6.09 -13.87
N ILE B 80 8.94 7.12 -14.13
CA ILE B 80 9.25 8.14 -13.15
C ILE B 80 8.38 9.36 -13.45
N THR B 81 7.88 10.01 -12.41
CA THR B 81 7.03 11.19 -12.56
C THR B 81 7.71 12.41 -11.91
N PRO B 82 8.59 13.08 -12.62
CA PRO B 82 9.25 14.26 -12.06
C PRO B 82 8.48 15.53 -12.38
N ASP B 83 7.92 16.21 -11.36
CA ASP B 83 7.19 17.45 -11.61
C ASP B 83 8.01 18.42 -12.47
N LYS B 84 7.34 19.37 -13.12
CA LYS B 84 8.04 20.32 -13.99
C LYS B 84 9.11 21.12 -13.26
N ALA B 85 8.92 21.41 -11.96
CA ALA B 85 9.92 22.17 -11.23
C ALA B 85 11.24 21.42 -11.15
N PHE B 86 11.19 20.15 -10.72
CA PHE B 86 12.41 19.36 -10.66
C PHE B 86 12.92 18.99 -12.04
N GLN B 87 12.02 18.75 -12.99
CA GLN B 87 12.43 18.39 -14.34
C GLN B 87 13.22 19.51 -14.99
N ASP B 88 12.88 20.76 -14.69
CA ASP B 88 13.59 21.89 -15.26
C ASP B 88 14.99 22.05 -14.66
N LYS B 89 15.28 21.35 -13.55
CA LYS B 89 16.58 21.48 -12.90
C LYS B 89 17.69 20.79 -13.69
N LEU B 90 17.36 19.79 -14.50
CA LEU B 90 18.35 19.06 -15.28
C LEU B 90 18.35 19.53 -16.73
N TYR B 91 19.48 19.31 -17.40
CA TYR B 91 19.59 19.69 -18.80
C TYR B 91 18.65 18.86 -19.67
N PRO B 92 18.14 19.43 -20.76
CA PRO B 92 17.22 18.67 -21.63
C PRO B 92 17.88 17.51 -22.37
N PHE B 93 19.18 17.59 -22.68
CA PHE B 93 19.84 16.49 -23.38
C PHE B 93 19.75 15.20 -22.56
N THR B 94 20.06 15.29 -21.27
CA THR B 94 20.01 14.12 -20.40
C THR B 94 18.61 13.50 -20.37
N TRP B 95 17.58 14.34 -20.22
CA TRP B 95 16.23 13.81 -20.22
C TRP B 95 15.92 13.13 -21.54
N ASP B 96 16.37 13.73 -22.65
CA ASP B 96 16.11 13.12 -23.96
C ASP B 96 16.81 11.77 -24.06
N ALA B 97 17.94 11.62 -23.35
CA ALA B 97 18.66 10.36 -23.39
C ALA B 97 17.96 9.28 -22.58
N VAL B 98 17.21 9.67 -21.54
CA VAL B 98 16.53 8.68 -20.69
C VAL B 98 15.07 8.46 -21.10
N ARG B 99 14.63 9.01 -22.22
CA ARG B 99 13.24 8.85 -22.67
C ARG B 99 13.10 7.66 -23.62
N TYR B 100 12.21 6.73 -23.27
CA TYR B 100 11.94 5.54 -24.08
C TYR B 100 10.45 5.51 -24.40
N ASN B 101 10.14 5.60 -25.70
CA ASN B 101 8.76 5.60 -26.19
C ASN B 101 7.97 6.78 -25.60
N GLY B 102 8.59 7.96 -25.64
CA GLY B 102 7.94 9.14 -25.10
C GLY B 102 7.64 9.06 -23.63
N LYS B 103 8.32 8.18 -22.90
CA LYS B 103 8.07 8.03 -21.48
C LYS B 103 9.40 7.97 -20.75
N LEU B 104 9.54 8.76 -19.69
CA LEU B 104 10.77 8.79 -18.92
C LEU B 104 10.91 7.51 -18.10
N ILE B 105 12.07 6.87 -18.19
CA ILE B 105 12.30 5.62 -17.49
C ILE B 105 13.37 5.71 -16.42
N ALA B 106 14.20 6.76 -16.40
CA ALA B 106 15.24 6.84 -15.39
C ALA B 106 15.65 8.28 -15.14
N TYR B 107 16.23 8.51 -13.96
CA TYR B 107 16.70 9.83 -13.57
C TYR B 107 18.13 10.03 -14.09
N PRO B 108 18.39 11.07 -14.88
CA PRO B 108 19.77 11.29 -15.38
C PRO B 108 20.68 11.77 -14.26
N ILE B 109 21.82 11.10 -14.09
CA ILE B 109 22.77 11.44 -13.04
C ILE B 109 23.90 12.30 -13.60
N ALA B 110 24.60 11.80 -14.63
CA ALA B 110 25.69 12.57 -15.19
C ALA B 110 26.02 12.09 -16.60
N VAL B 111 26.92 12.83 -17.24
CA VAL B 111 27.42 12.59 -18.57
C VAL B 111 28.88 12.18 -18.44
N GLU B 112 29.27 11.16 -19.21
CA GLU B 112 30.60 10.61 -19.21
C GLU B 112 31.06 10.33 -20.64
N ALA B 113 32.29 10.74 -20.95
CA ALA B 113 32.88 10.55 -22.27
C ALA B 113 34.37 10.28 -22.08
N LEU B 114 34.92 9.44 -22.96
CA LEU B 114 36.33 9.11 -22.86
C LEU B 114 37.20 10.31 -23.21
N SER B 115 38.32 10.44 -22.50
CA SER B 115 39.26 11.52 -22.70
C SER B 115 40.67 10.96 -22.66
N LEU B 116 41.62 11.71 -23.23
CA LEU B 116 43.02 11.30 -23.29
C LEU B 116 43.74 11.87 -22.07
N ILE B 117 44.21 10.99 -21.19
CA ILE B 117 44.94 11.38 -19.99
C ILE B 117 46.41 11.07 -20.26
N TYR B 118 47.26 12.09 -20.22
CA TYR B 118 48.68 11.93 -20.49
C TYR B 118 49.54 12.39 -19.32
N ASN B 119 50.65 11.69 -19.12
CA ASN B 119 51.60 12.01 -18.06
C ASN B 119 52.39 13.24 -18.49
N LYS B 120 52.10 14.38 -17.84
CA LYS B 120 52.76 15.64 -18.18
C LYS B 120 54.27 15.59 -17.97
N ASP B 121 54.77 14.69 -17.12
CA ASP B 121 56.22 14.63 -16.91
C ASP B 121 56.91 13.86 -18.03
N LEU B 122 56.37 12.72 -18.44
CA LEU B 122 56.95 11.94 -19.52
C LEU B 122 56.59 12.46 -20.90
N LEU B 123 55.61 13.36 -21.00
CA LEU B 123 55.19 13.91 -22.28
C LEU B 123 54.58 15.29 -22.01
N PRO B 124 55.31 16.37 -22.32
CA PRO B 124 54.75 17.71 -22.06
C PRO B 124 53.61 18.08 -22.99
N ASN B 125 53.74 17.78 -24.28
CA ASN B 125 52.70 18.09 -25.25
C ASN B 125 52.12 16.81 -25.79
N PRO B 126 50.83 16.54 -25.58
CA PRO B 126 50.24 15.28 -26.06
C PRO B 126 50.16 15.25 -27.58
N PRO B 127 50.14 14.06 -28.17
CA PRO B 127 50.04 13.95 -29.62
C PRO B 127 48.66 14.33 -30.10
N LYS B 128 48.61 14.96 -31.27
CA LYS B 128 47.35 15.39 -31.86
C LYS B 128 46.79 14.39 -32.85
N THR B 129 47.53 13.33 -33.19
CA THR B 129 47.06 12.33 -34.13
C THR B 129 47.54 10.95 -33.72
N TRP B 130 46.80 9.94 -34.18
CA TRP B 130 47.11 8.55 -33.87
C TRP B 130 48.31 8.04 -34.67
N GLU B 131 48.50 8.54 -35.89
CA GLU B 131 49.59 8.08 -36.75
C GLU B 131 50.97 8.29 -36.11
N GLU B 132 51.13 9.28 -35.24
CA GLU B 132 52.43 9.53 -34.60
C GLU B 132 52.63 8.74 -33.31
N ILE B 133 51.65 7.93 -32.93
CA ILE B 133 51.75 7.12 -31.71
C ILE B 133 52.83 6.07 -31.84
N PRO B 134 52.94 5.32 -32.95
CA PRO B 134 54.03 4.31 -33.00
C PRO B 134 55.40 4.91 -32.82
N ALA B 135 55.73 5.95 -33.60
CA ALA B 135 57.04 6.60 -33.47
C ALA B 135 57.28 7.00 -32.02
N LEU B 136 56.31 7.72 -31.43
CA LEU B 136 56.45 8.14 -30.04
C LEU B 136 56.76 6.92 -29.16
N ASP B 137 56.00 5.84 -29.36
CA ASP B 137 56.22 4.62 -28.58
C ASP B 137 57.66 4.16 -28.67
N LYS B 138 58.20 4.10 -29.90
CA LYS B 138 59.60 3.67 -30.07
C LYS B 138 60.55 4.55 -29.25
N GLU B 139 60.35 5.87 -29.35
CA GLU B 139 61.20 6.80 -28.62
C GLU B 139 61.12 6.56 -27.12
N LEU B 140 59.93 6.21 -26.62
CA LEU B 140 59.84 5.95 -25.18
C LEU B 140 60.26 4.53 -24.83
N LYS B 141 60.26 3.61 -25.81
CA LYS B 141 60.63 2.24 -25.53
C LYS B 141 62.13 2.15 -25.33
N ALA B 142 62.89 3.07 -25.95
CA ALA B 142 64.33 3.05 -25.73
C ALA B 142 64.67 3.53 -24.32
N LYS B 143 63.72 4.20 -23.66
CA LYS B 143 63.83 4.71 -22.31
C LYS B 143 63.32 3.72 -21.28
N GLY B 144 62.56 2.72 -21.72
CA GLY B 144 62.01 1.71 -20.83
C GLY B 144 60.55 1.90 -20.45
N LYS B 145 59.78 2.64 -21.24
CA LYS B 145 58.37 2.87 -20.96
C LYS B 145 57.56 2.74 -22.24
N SER B 146 56.30 2.31 -22.08
CA SER B 146 55.37 2.16 -23.18
C SER B 146 54.38 3.32 -23.13
N ALA B 147 53.85 3.70 -24.30
CA ALA B 147 52.91 4.81 -24.35
C ALA B 147 51.54 4.39 -24.89
N LEU B 148 50.53 5.15 -24.47
CA LEU B 148 49.14 4.98 -24.87
C LEU B 148 48.65 3.53 -24.68
N MET B 149 48.46 3.18 -23.42
CA MET B 149 47.97 1.85 -23.04
C MET B 149 46.58 2.03 -22.46
N PHE B 150 45.59 1.38 -23.08
CA PHE B 150 44.21 1.48 -22.64
C PHE B 150 43.52 0.13 -22.80
N ASN B 151 42.36 0.02 -22.15
CA ASN B 151 41.55 -1.20 -22.15
C ASN B 151 41.09 -1.61 -23.55
N LEU B 152 41.60 -2.74 -24.03
CA LEU B 152 41.22 -3.27 -25.33
C LEU B 152 40.17 -4.37 -25.24
N GLN B 153 39.78 -4.77 -24.02
CA GLN B 153 38.80 -5.82 -23.83
C GLN B 153 37.37 -5.35 -24.05
N GLU B 154 37.08 -4.07 -23.76
CA GLU B 154 35.72 -3.54 -23.94
C GLU B 154 35.66 -2.67 -25.19
N PRO B 155 34.63 -2.85 -26.03
CA PRO B 155 34.53 -2.04 -27.26
C PRO B 155 34.27 -0.56 -27.01
N TYR B 156 33.85 -0.18 -25.80
CA TYR B 156 33.59 1.23 -25.53
C TYR B 156 34.85 2.07 -25.66
N PHE B 157 36.02 1.46 -25.46
CA PHE B 157 37.29 2.15 -25.58
C PHE B 157 37.87 2.10 -26.98
N THR B 158 37.55 1.06 -27.75
CA THR B 158 38.05 0.92 -29.11
C THR B 158 37.14 1.56 -30.14
N TRP B 159 35.92 1.93 -29.77
CA TRP B 159 35.00 2.54 -30.73
C TRP B 159 35.47 3.88 -31.28
N PRO B 160 36.08 4.79 -30.50
CA PRO B 160 36.51 6.08 -31.09
C PRO B 160 37.29 5.95 -32.40
N LEU B 161 38.20 4.98 -32.52
CA LEU B 161 38.93 4.82 -33.77
C LEU B 161 38.02 4.32 -34.88
N ILE B 162 37.07 3.44 -34.55
CA ILE B 162 36.16 2.91 -35.55
C ILE B 162 35.25 4.01 -36.10
N ALA B 163 34.74 4.87 -35.22
CA ALA B 163 33.86 5.96 -35.62
C ALA B 163 34.61 7.19 -36.13
N ALA B 164 35.93 7.23 -35.96
CA ALA B 164 36.70 8.40 -36.41
C ALA B 164 36.52 8.67 -37.90
N ASP B 165 36.47 7.63 -38.72
CA ASP B 165 36.35 7.82 -40.16
C ASP B 165 35.04 7.26 -40.71
N GLY B 166 33.94 7.42 -39.98
CA GLY B 166 32.68 6.92 -40.49
C GLY B 166 32.09 5.70 -39.84
N GLY B 167 32.21 5.58 -38.53
CA GLY B 167 31.65 4.44 -37.83
C GLY B 167 30.26 4.77 -37.33
N TYR B 168 29.24 4.37 -38.09
CA TYR B 168 27.85 4.62 -37.72
C TYR B 168 27.27 3.38 -37.06
N ALA B 169 26.63 3.59 -35.92
CA ALA B 169 25.99 2.52 -35.15
C ALA B 169 24.49 2.78 -35.26
N PHE B 170 23.83 2.05 -36.17
CA PHE B 170 22.39 2.21 -36.36
C PHE B 170 22.08 3.65 -36.75
N LYS B 171 22.33 3.99 -38.02
CA LYS B 171 22.12 5.34 -38.53
C LYS B 171 20.75 5.89 -38.13
N TYR B 172 20.75 7.12 -37.67
CA TYR B 172 19.57 7.83 -37.18
C TYR B 172 19.10 8.87 -38.19
N GLU B 173 17.80 8.89 -38.44
CA GLU B 173 17.21 9.85 -39.37
C GLU B 173 15.69 9.72 -39.29
N ASN B 174 15.00 10.85 -39.52
CA ASN B 174 13.54 10.89 -39.46
C ASN B 174 13.07 10.62 -38.05
N GLY B 175 13.88 11.00 -37.07
CA GLY B 175 13.52 10.78 -35.69
C GLY B 175 13.55 9.33 -35.27
N LYS B 176 13.97 8.42 -36.13
CA LYS B 176 14.00 7.00 -35.79
C LYS B 176 15.35 6.38 -36.15
N TYR B 177 15.73 5.39 -35.35
CA TYR B 177 16.97 4.66 -35.52
C TYR B 177 16.71 3.39 -36.34
N ASP B 178 17.40 3.27 -37.47
CA ASP B 178 17.26 2.08 -38.30
C ASP B 178 18.06 0.95 -37.68
N ILE B 179 17.51 -0.26 -37.72
CA ILE B 179 18.20 -1.39 -37.10
C ILE B 179 18.95 -2.19 -38.16
N LYS B 180 18.39 -2.25 -39.37
CA LYS B 180 19.03 -3.01 -40.42
C LYS B 180 20.29 -2.31 -40.93
N ASP B 181 20.25 -0.99 -41.04
CA ASP B 181 21.38 -0.20 -41.54
C ASP B 181 22.42 -0.05 -40.44
N VAL B 182 23.48 -0.85 -40.52
CA VAL B 182 24.58 -0.80 -39.57
C VAL B 182 25.81 -0.28 -40.32
N GLY B 183 26.71 0.35 -39.58
CA GLY B 183 27.91 0.92 -40.18
C GLY B 183 29.23 0.36 -39.69
N VAL B 184 29.18 -0.65 -38.81
CA VAL B 184 30.41 -1.23 -38.26
C VAL B 184 31.28 -1.90 -39.33
N ASP B 185 30.79 -1.95 -40.56
CA ASP B 185 31.51 -2.55 -41.68
C ASP B 185 31.94 -1.49 -42.70
N ASN B 186 31.75 -0.21 -42.37
CA ASN B 186 32.11 0.86 -43.29
C ASN B 186 33.62 0.89 -43.53
N ALA B 187 34.01 1.55 -44.62
CA ALA B 187 35.42 1.68 -44.97
C ALA B 187 36.22 2.30 -43.83
N GLY B 188 35.69 3.37 -43.24
CA GLY B 188 36.41 4.01 -42.15
C GLY B 188 36.50 3.14 -40.91
N ALA B 189 35.43 2.39 -40.62
CA ALA B 189 35.45 1.49 -39.47
C ALA B 189 36.52 0.43 -39.65
N LYS B 190 36.59 -0.14 -40.85
CA LYS B 190 37.60 -1.15 -41.13
C LYS B 190 38.98 -0.55 -41.04
N ALA B 191 39.15 0.69 -41.54
CA ALA B 191 40.46 1.34 -41.49
C ALA B 191 40.90 1.55 -40.05
N GLY B 192 40.00 2.03 -39.19
CA GLY B 192 40.36 2.24 -37.80
C GLY B 192 40.72 0.94 -37.10
N LEU B 193 39.92 -0.10 -37.32
CA LEU B 193 40.23 -1.38 -36.67
C LEU B 193 41.54 -1.94 -37.20
N THR B 194 41.83 -1.75 -38.49
CA THR B 194 43.11 -2.23 -39.03
C THR B 194 44.27 -1.47 -38.40
N PHE B 195 44.11 -0.16 -38.18
CA PHE B 195 45.19 0.58 -37.55
C PHE B 195 45.42 0.09 -36.13
N LEU B 196 44.34 -0.20 -35.39
CA LEU B 196 44.52 -0.71 -34.03
C LEU B 196 45.18 -2.09 -34.05
N VAL B 197 44.75 -2.96 -34.97
CA VAL B 197 45.34 -4.29 -35.09
C VAL B 197 46.81 -4.16 -35.47
N ASP B 198 47.16 -3.15 -36.27
CA ASP B 198 48.56 -2.93 -36.62
C ASP B 198 49.34 -2.47 -35.40
N LEU B 199 48.74 -1.63 -34.58
CA LEU B 199 49.41 -1.19 -33.36
C LEU B 199 49.71 -2.38 -32.47
N ILE B 200 48.81 -3.37 -32.46
CA ILE B 200 49.02 -4.57 -31.66
C ILE B 200 50.09 -5.46 -32.29
N LYS B 201 50.01 -5.68 -33.60
CA LYS B 201 50.98 -6.52 -34.30
C LYS B 201 52.38 -5.93 -34.28
N ASN B 202 52.49 -4.60 -34.36
CA ASN B 202 53.77 -3.91 -34.38
C ASN B 202 54.42 -3.81 -33.01
N LYS B 203 53.94 -4.61 -32.04
CA LYS B 203 54.47 -4.67 -30.69
C LYS B 203 54.31 -3.36 -29.92
N HIS B 204 53.47 -2.44 -30.38
CA HIS B 204 53.28 -1.19 -29.66
C HIS B 204 52.22 -1.30 -28.56
N MET B 205 51.39 -2.33 -28.61
CA MET B 205 50.34 -2.55 -27.63
C MET B 205 50.08 -4.04 -27.49
N ASN B 206 49.77 -4.46 -26.27
CA ASN B 206 49.49 -5.85 -25.98
C ASN B 206 47.98 -6.08 -26.04
N ALA B 207 47.57 -7.13 -26.76
CA ALA B 207 46.15 -7.43 -26.91
C ALA B 207 45.49 -7.85 -25.61
N ASP B 208 46.27 -8.32 -24.64
CA ASP B 208 45.73 -8.77 -23.36
C ASP B 208 45.43 -7.63 -22.40
N THR B 209 45.85 -6.41 -22.73
CA THR B 209 45.63 -5.27 -21.84
C THR B 209 44.16 -5.01 -21.59
N ASP B 210 43.81 -4.82 -20.32
CA ASP B 210 42.46 -4.52 -19.87
C ASP B 210 42.48 -3.22 -19.07
N TYR B 211 41.34 -2.89 -18.46
CA TYR B 211 41.24 -1.66 -17.67
C TYR B 211 42.17 -1.69 -16.47
N SER B 212 42.22 -2.81 -15.74
CA SER B 212 43.07 -2.90 -14.54
C SER B 212 44.55 -2.70 -14.89
N ILE B 213 45.05 -3.47 -15.87
CA ILE B 213 46.46 -3.38 -16.25
C ILE B 213 46.79 -1.98 -16.77
N ALA B 214 45.92 -1.43 -17.63
CA ALA B 214 46.17 -0.11 -18.18
C ALA B 214 46.23 0.95 -17.08
N GLU B 215 45.22 0.98 -16.21
CA GLU B 215 45.19 1.97 -15.13
C GLU B 215 46.39 1.83 -14.21
N ALA B 216 46.75 0.60 -13.82
CA ALA B 216 47.89 0.41 -12.93
C ALA B 216 49.19 0.86 -13.60
N ALA B 217 49.35 0.58 -14.90
CA ALA B 217 50.56 0.99 -15.59
C ALA B 217 50.65 2.49 -15.70
N PHE B 218 49.51 3.16 -15.92
CA PHE B 218 49.57 4.62 -16.03
C PHE B 218 49.80 5.26 -14.66
N ASN B 219 49.15 4.73 -13.61
CA ASN B 219 49.31 5.28 -12.27
C ASN B 219 50.72 5.09 -11.74
N LYS B 220 51.46 4.12 -12.27
CA LYS B 220 52.83 3.87 -11.81
C LYS B 220 53.86 4.54 -12.72
N GLY B 221 53.44 5.47 -13.57
CA GLY B 221 54.35 6.15 -14.46
C GLY B 221 54.97 5.26 -15.51
N GLU B 222 54.45 4.05 -15.69
CA GLU B 222 54.97 3.12 -16.68
C GLU B 222 54.49 3.45 -18.08
N THR B 223 53.38 4.18 -18.20
CA THR B 223 52.83 4.57 -19.49
C THR B 223 52.62 6.07 -19.49
N ALA B 224 52.78 6.68 -20.67
CA ALA B 224 52.62 8.12 -20.82
C ALA B 224 51.20 8.56 -21.15
N MET B 225 50.38 7.68 -21.71
CA MET B 225 49.01 8.05 -22.06
C MET B 225 48.05 6.93 -21.72
N THR B 226 46.76 7.28 -21.76
CA THR B 226 45.67 6.36 -21.50
C THR B 226 44.38 7.03 -21.93
N ILE B 227 43.35 6.23 -22.14
CA ILE B 227 42.05 6.72 -22.56
C ILE B 227 41.05 6.26 -21.51
N ASN B 228 40.45 7.21 -20.78
CA ASN B 228 39.50 6.86 -19.74
C ASN B 228 38.57 8.04 -19.47
N GLY B 229 37.55 7.76 -18.67
CA GLY B 229 36.58 8.75 -18.27
C GLY B 229 36.98 9.43 -16.98
N PRO B 230 36.02 10.09 -16.34
CA PRO B 230 36.33 10.79 -15.09
C PRO B 230 36.58 9.88 -13.90
N TRP B 231 35.88 8.73 -13.80
CA TRP B 231 36.04 7.84 -12.66
C TRP B 231 37.49 7.50 -12.32
N ALA B 232 38.38 7.43 -13.32
CA ALA B 232 39.77 7.11 -13.06
C ALA B 232 40.55 8.26 -12.43
N TRP B 233 40.08 9.50 -12.64
CA TRP B 233 40.73 10.69 -12.11
C TRP B 233 41.08 10.58 -10.63
N SER B 234 40.19 9.97 -9.83
CA SER B 234 40.46 9.84 -8.40
C SER B 234 41.74 9.05 -8.14
N ASN B 235 41.79 7.81 -8.64
CA ASN B 235 42.98 6.98 -8.44
C ASN B 235 44.22 7.63 -9.05
N ILE B 236 44.03 8.39 -10.14
CA ILE B 236 45.18 9.04 -10.75
C ILE B 236 45.65 10.18 -9.85
N ASP B 237 44.73 10.83 -9.15
CA ASP B 237 45.12 11.91 -8.25
C ASP B 237 45.89 11.33 -7.07
N THR B 238 45.39 10.22 -6.52
CA THR B 238 46.08 9.60 -5.40
C THR B 238 47.44 9.07 -5.82
N SER B 239 47.68 8.90 -7.13
CA SER B 239 48.96 8.41 -7.59
C SER B 239 50.04 9.50 -7.61
N LYS B 240 49.66 10.76 -7.41
CA LYS B 240 50.59 11.89 -7.40
C LYS B 240 51.35 12.03 -8.71
N VAL B 241 50.77 11.54 -9.79
CA VAL B 241 51.38 11.61 -11.11
C VAL B 241 50.86 12.86 -11.81
N ASN B 242 51.77 13.72 -12.25
CA ASN B 242 51.38 14.95 -12.95
C ASN B 242 50.76 14.54 -14.28
N TYR B 243 49.44 14.60 -14.36
CA TYR B 243 48.70 14.20 -15.54
C TYR B 243 47.88 15.36 -16.08
N GLY B 244 47.40 15.18 -17.31
CA GLY B 244 46.59 16.16 -17.98
C GLY B 244 45.50 15.49 -18.81
N VAL B 245 44.28 16.01 -18.70
CA VAL B 245 43.13 15.49 -19.43
C VAL B 245 42.88 16.38 -20.64
N THR B 246 42.91 15.81 -21.83
CA THR B 246 42.70 16.56 -23.05
C THR B 246 41.89 15.74 -24.04
N VAL B 247 41.71 16.31 -25.23
CA VAL B 247 40.94 15.66 -26.29
C VAL B 247 41.70 14.45 -26.84
N LEU B 248 40.94 13.55 -27.45
CA LEU B 248 41.50 12.34 -28.04
C LEU B 248 42.14 12.68 -29.38
N PRO B 249 43.18 11.95 -29.77
CA PRO B 249 43.85 12.23 -31.04
C PRO B 249 42.93 11.99 -32.24
N THR B 250 43.35 12.54 -33.37
CA THR B 250 42.60 12.44 -34.63
C THR B 250 43.15 11.31 -35.48
N PHE B 251 42.26 10.61 -36.16
CA PHE B 251 42.62 9.50 -37.04
C PHE B 251 42.36 9.94 -38.48
N LYS B 252 43.43 9.95 -39.27
CA LYS B 252 43.37 10.37 -40.67
C LYS B 252 42.73 11.75 -40.80
N GLY B 253 43.23 12.68 -40.01
CA GLY B 253 42.74 14.05 -40.01
C GLY B 253 41.30 14.22 -39.59
N GLN B 254 40.70 13.18 -39.01
CA GLN B 254 39.32 13.33 -38.59
C GLN B 254 39.21 13.11 -37.09
N PRO B 255 38.35 13.86 -36.41
CA PRO B 255 38.22 13.70 -34.95
C PRO B 255 37.62 12.37 -34.56
N SER B 256 38.20 11.77 -33.52
CA SER B 256 37.69 10.51 -33.00
C SER B 256 36.33 10.77 -32.34
N LYS B 257 35.36 9.90 -32.63
CA LYS B 257 33.99 10.07 -32.10
C LYS B 257 33.65 9.01 -31.06
N PRO B 258 33.91 9.26 -29.78
CA PRO B 258 33.54 8.28 -28.75
C PRO B 258 32.08 8.44 -28.36
N PHE B 259 31.45 7.32 -28.00
CA PHE B 259 30.05 7.39 -27.58
C PHE B 259 29.92 8.17 -26.28
N VAL B 260 28.81 8.88 -26.16
CA VAL B 260 28.51 9.69 -24.99
C VAL B 260 27.58 8.89 -24.10
N GLY B 261 28.06 8.49 -22.92
CA GLY B 261 27.24 7.73 -22.00
C GLY B 261 26.58 8.67 -21.00
N VAL B 262 25.35 8.33 -20.64
CA VAL B 262 24.56 9.13 -19.69
C VAL B 262 24.24 8.22 -18.51
N LEU B 263 25.08 8.28 -17.48
CA LEU B 263 24.87 7.50 -16.27
C LEU B 263 23.54 7.91 -15.65
N SER B 264 22.61 6.97 -15.55
CA SER B 264 21.30 7.25 -15.01
C SER B 264 20.89 6.17 -14.03
N ALA B 265 19.86 6.48 -13.25
CA ALA B 265 19.31 5.59 -12.23
C ALA B 265 17.87 5.28 -12.56
N GLY B 266 17.56 3.99 -12.66
CA GLY B 266 16.22 3.52 -12.96
C GLY B 266 15.64 2.83 -11.72
N ILE B 267 14.32 2.90 -11.59
CA ILE B 267 13.62 2.30 -10.45
C ILE B 267 13.03 0.96 -10.89
N ASN B 268 13.31 -0.08 -10.13
CA ASN B 268 12.80 -1.42 -10.44
C ASN B 268 11.28 -1.45 -10.37
N ALA B 269 10.66 -1.96 -11.43
CA ALA B 269 9.19 -2.03 -11.48
C ALA B 269 8.61 -2.98 -10.44
N ALA B 270 9.40 -3.90 -9.91
CA ALA B 270 8.93 -4.85 -8.91
C ALA B 270 9.15 -4.39 -7.47
N SER B 271 9.97 -3.38 -7.25
CA SER B 271 10.22 -2.90 -5.90
C SER B 271 9.01 -2.18 -5.31
N PRO B 272 8.56 -2.57 -4.12
CA PRO B 272 7.42 -1.89 -3.49
C PRO B 272 7.80 -0.59 -2.83
N ASN B 273 9.06 -0.19 -2.93
CA ASN B 273 9.57 1.05 -2.33
C ASN B 273 9.82 2.11 -3.39
N LYS B 274 9.01 2.11 -4.45
CA LYS B 274 9.17 3.09 -5.50
C LYS B 274 9.03 4.52 -4.97
N GLU B 275 8.18 4.72 -3.96
CA GLU B 275 8.03 6.06 -3.39
C GLU B 275 9.32 6.49 -2.69
N LEU B 276 9.90 5.58 -1.90
CA LEU B 276 11.15 5.88 -1.21
C LEU B 276 12.28 6.10 -2.22
N ALA B 277 12.28 5.32 -3.31
CA ALA B 277 13.30 5.48 -4.34
C ALA B 277 13.19 6.86 -4.98
N LYS B 278 11.96 7.29 -5.28
CA LYS B 278 11.77 8.62 -5.87
C LYS B 278 12.23 9.69 -4.90
N GLU B 279 11.89 9.55 -3.62
CA GLU B 279 12.32 10.52 -2.62
C GLU B 279 13.83 10.60 -2.55
N PHE B 280 14.50 9.46 -2.45
CA PHE B 280 15.96 9.44 -2.34
C PHE B 280 16.65 10.04 -3.56
N LEU B 281 16.20 9.67 -4.77
CA LEU B 281 16.86 10.17 -5.97
C LEU B 281 16.54 11.61 -6.29
N GLU B 282 15.35 12.08 -5.96
CA GLU B 282 14.99 13.45 -6.30
C GLU B 282 15.32 14.45 -5.21
N ASN B 283 15.30 14.06 -3.94
CA ASN B 283 15.56 14.99 -2.85
C ASN B 283 16.96 14.91 -2.28
N TYR B 284 17.64 13.75 -2.32
CA TYR B 284 18.97 13.72 -1.71
C TYR B 284 20.11 13.47 -2.68
N LEU B 285 19.94 12.59 -3.67
CA LEU B 285 21.02 12.30 -4.60
C LEU B 285 21.22 13.42 -5.62
N LEU B 286 20.17 13.80 -6.35
CA LEU B 286 20.29 14.85 -7.36
C LEU B 286 20.24 16.26 -6.81
N THR B 287 21.10 16.56 -5.85
CA THR B 287 21.20 17.88 -5.26
C THR B 287 22.69 18.20 -5.15
N ASP B 288 23.01 19.47 -4.92
CA ASP B 288 24.42 19.84 -4.83
C ASP B 288 25.12 19.08 -3.70
N GLU B 289 24.44 18.92 -2.56
CA GLU B 289 25.01 18.23 -1.41
C GLU B 289 25.31 16.75 -1.70
N GLY B 290 24.27 15.97 -1.99
CA GLY B 290 24.47 14.55 -2.26
C GLY B 290 25.29 14.27 -3.50
N LEU B 291 25.04 15.00 -4.58
CA LEU B 291 25.81 14.76 -5.78
C LEU B 291 27.27 15.13 -5.55
N GLU B 292 27.53 16.16 -4.74
CA GLU B 292 28.91 16.52 -4.41
C GLU B 292 29.56 15.41 -3.63
N ALA B 293 28.83 14.83 -2.68
CA ALA B 293 29.37 13.73 -1.90
C ALA B 293 29.72 12.54 -2.79
N VAL B 294 28.88 12.27 -3.79
CA VAL B 294 29.16 11.18 -4.71
C VAL B 294 30.39 11.49 -5.55
N ASN B 295 30.45 12.71 -6.08
CA ASN B 295 31.58 13.17 -6.89
C ASN B 295 32.88 13.12 -6.09
N LYS B 296 32.81 13.34 -4.78
CA LYS B 296 33.98 13.34 -3.92
C LYS B 296 34.73 12.02 -3.99
N ASP B 297 34.01 10.91 -3.83
CA ASP B 297 34.64 9.59 -3.87
C ASP B 297 35.28 9.32 -5.23
N LYS B 298 34.44 9.26 -6.27
CA LYS B 298 34.89 9.01 -7.63
C LYS B 298 34.20 10.04 -8.51
N PRO B 299 34.95 10.88 -9.23
CA PRO B 299 34.32 11.88 -10.09
C PRO B 299 33.44 11.22 -11.14
N LEU B 300 32.37 11.91 -11.51
CA LEU B 300 31.40 11.41 -12.47
C LEU B 300 31.25 12.27 -13.72
N GLY B 301 32.16 13.23 -13.94
CA GLY B 301 32.08 14.05 -15.13
C GLY B 301 31.00 15.12 -15.13
N ALA B 302 30.58 15.50 -16.34
CA ALA B 302 29.54 16.53 -16.48
C ALA B 302 28.24 16.08 -15.85
N VAL B 303 27.82 16.70 -14.77
CA VAL B 303 26.58 16.24 -14.13
C VAL B 303 25.37 16.81 -14.85
N ALA B 304 24.21 16.20 -14.56
CA ALA B 304 22.95 16.62 -15.16
C ALA B 304 22.29 17.77 -14.40
N LEU B 305 22.67 17.99 -13.14
CA LEU B 305 22.09 19.06 -12.35
C LEU B 305 22.72 20.38 -12.77
N LYS B 306 21.87 21.33 -13.20
CA LYS B 306 22.38 22.63 -13.63
C LYS B 306 23.04 23.37 -12.48
N SER B 307 22.48 23.25 -11.28
CA SER B 307 23.03 23.93 -10.10
C SER B 307 24.48 23.56 -9.86
N TYR B 308 24.80 22.27 -9.94
CA TYR B 308 26.17 21.82 -9.71
C TYR B 308 27.04 22.01 -10.95
N GLU B 309 26.52 21.66 -12.13
CA GLU B 309 27.30 21.80 -13.36
C GLU B 309 27.74 23.25 -13.60
N GLU B 310 26.95 24.23 -13.13
CA GLU B 310 27.30 25.63 -13.30
C GLU B 310 28.71 25.94 -12.82
N GLU B 311 29.09 25.41 -11.66
CA GLU B 311 30.43 25.65 -11.13
C GLU B 311 31.31 24.41 -11.23
N LEU B 312 30.81 23.32 -11.82
CA LEU B 312 31.63 22.13 -11.98
C LEU B 312 32.34 22.13 -13.32
N VAL B 313 31.76 22.80 -14.32
CA VAL B 313 32.40 22.87 -15.64
C VAL B 313 33.68 23.69 -15.62
N LYS B 314 33.93 24.42 -14.53
CA LYS B 314 35.14 25.24 -14.43
C LYS B 314 36.41 24.40 -14.42
N ASP B 315 36.32 23.13 -14.05
CA ASP B 315 37.47 22.24 -14.03
C ASP B 315 37.92 21.91 -15.46
N PRO B 316 39.16 22.18 -15.84
CA PRO B 316 39.60 21.86 -17.21
C PRO B 316 39.37 20.40 -17.58
N ARG B 317 39.41 19.48 -16.59
CA ARG B 317 39.16 18.08 -16.89
C ARG B 317 37.74 17.88 -17.36
N ILE B 318 36.79 18.50 -16.64
CA ILE B 318 35.37 18.40 -17.02
C ILE B 318 35.18 19.03 -18.39
N ALA B 319 35.88 20.13 -18.66
CA ALA B 319 35.75 20.79 -19.96
C ALA B 319 36.27 19.89 -21.08
N ALA B 320 37.39 19.20 -20.85
CA ALA B 320 37.92 18.30 -21.87
C ALA B 320 36.98 17.13 -22.11
N THR B 321 36.42 16.55 -21.05
CA THR B 321 35.49 15.44 -21.23
C THR B 321 34.26 15.89 -21.99
N MET B 322 33.72 17.06 -21.67
CA MET B 322 32.54 17.55 -22.38
C MET B 322 32.88 17.87 -23.84
N GLU B 323 34.10 18.37 -24.10
CA GLU B 323 34.50 18.65 -25.48
C GLU B 323 34.57 17.35 -26.28
N ASN B 324 35.13 16.29 -25.66
CA ASN B 324 35.18 15.00 -26.33
C ASN B 324 33.77 14.50 -26.61
N ALA B 325 32.86 14.69 -25.66
CA ALA B 325 31.48 14.27 -25.85
C ALA B 325 30.85 15.03 -27.01
N GLN B 326 31.10 16.34 -27.09
CA GLN B 326 30.57 17.14 -28.18
C GLN B 326 31.08 16.63 -29.52
N LYS B 327 32.38 16.35 -29.59
CA LYS B 327 32.95 15.84 -30.84
C LYS B 327 32.39 14.45 -31.15
N GLY B 328 31.98 13.71 -30.13
CA GLY B 328 31.41 12.40 -30.30
C GLY B 328 29.92 12.48 -30.57
N GLU B 329 29.24 11.37 -30.31
CA GLU B 329 27.80 11.27 -30.52
C GLU B 329 27.18 10.52 -29.35
N ILE B 330 25.99 10.95 -28.93
CA ILE B 330 25.32 10.31 -27.81
C ILE B 330 24.96 8.87 -28.16
N MET B 331 25.05 7.98 -27.18
CA MET B 331 24.76 6.57 -27.37
C MET B 331 23.25 6.34 -27.38
N PRO B 332 22.72 5.61 -28.37
CA PRO B 332 21.28 5.37 -28.41
C PRO B 332 20.87 4.39 -27.31
N ASN B 333 19.61 4.51 -26.88
CA ASN B 333 19.08 3.65 -25.81
C ASN B 333 18.12 2.57 -26.32
N ILE B 334 18.16 2.25 -27.61
CA ILE B 334 17.25 1.23 -28.14
C ILE B 334 17.71 -0.14 -27.62
N PRO B 335 16.83 -1.14 -27.58
CA PRO B 335 17.24 -2.46 -27.05
C PRO B 335 18.30 -3.16 -27.88
N GLN B 336 18.20 -3.11 -29.22
CA GLN B 336 19.16 -3.78 -30.08
C GLN B 336 20.60 -3.43 -29.73
N MET B 337 20.82 -2.24 -29.12
CA MET B 337 22.17 -1.84 -28.71
C MET B 337 22.89 -2.98 -28.00
N SER B 338 22.17 -3.70 -27.13
CA SER B 338 22.77 -4.83 -26.42
C SER B 338 23.51 -5.73 -27.40
N ALA B 339 22.76 -6.36 -28.33
CA ALA B 339 23.36 -7.23 -29.32
C ALA B 339 24.51 -6.52 -30.02
N PHE B 340 24.29 -5.24 -30.37
CA PHE B 340 25.33 -4.44 -31.00
C PHE B 340 26.66 -4.62 -30.29
N TRP B 341 26.68 -4.29 -29.00
CA TRP B 341 27.91 -4.41 -28.22
C TRP B 341 28.42 -5.85 -28.22
N TYR B 342 27.54 -6.82 -27.94
CA TYR B 342 28.01 -8.23 -27.97
C TYR B 342 28.78 -8.55 -29.25
N ALA B 343 28.35 -7.95 -30.36
CA ALA B 343 29.00 -8.17 -31.63
C ALA B 343 30.33 -7.42 -31.70
N VAL B 344 30.31 -6.11 -31.48
CA VAL B 344 31.56 -5.35 -31.56
C VAL B 344 32.59 -5.92 -30.58
N ARG B 345 32.19 -6.14 -29.33
CA ARG B 345 33.08 -6.71 -28.32
C ARG B 345 33.74 -7.98 -28.85
N THR B 346 32.97 -8.80 -29.57
CA THR B 346 33.54 -10.02 -30.10
C THR B 346 34.51 -9.69 -31.22
N ALA B 347 34.06 -8.89 -32.19
CA ALA B 347 34.90 -8.50 -33.32
C ALA B 347 36.24 -8.01 -32.83
N VAL B 348 36.23 -6.98 -31.96
CA VAL B 348 37.45 -6.41 -31.40
C VAL B 348 38.35 -7.50 -30.83
N ILE B 349 37.77 -8.41 -30.04
CA ILE B 349 38.59 -9.50 -29.47
C ILE B 349 39.24 -10.33 -30.58
N ASN B 350 38.43 -10.79 -31.53
CA ASN B 350 38.95 -11.57 -32.65
C ASN B 350 39.95 -10.80 -33.49
N ALA B 351 39.89 -9.47 -33.46
CA ALA B 351 40.84 -8.65 -34.21
C ALA B 351 42.13 -8.51 -33.43
N ALA B 352 42.04 -8.54 -32.10
CA ALA B 352 43.22 -8.44 -31.27
C ALA B 352 44.01 -9.74 -31.35
N SER B 353 43.31 -10.87 -31.39
CA SER B 353 43.95 -12.17 -31.50
C SER B 353 44.05 -12.57 -32.96
N GLY B 354 44.88 -13.57 -33.23
CA GLY B 354 45.06 -14.04 -34.60
C GLY B 354 44.00 -15.02 -35.08
N ARG B 355 42.81 -15.00 -34.46
CA ARG B 355 41.77 -15.93 -34.85
C ARG B 355 41.07 -15.50 -36.14
N GLN B 356 40.70 -14.22 -36.25
CA GLN B 356 40.03 -13.71 -37.44
C GLN B 356 40.65 -12.40 -37.89
N THR B 357 40.52 -12.13 -39.18
CA THR B 357 41.03 -10.89 -39.75
C THR B 357 40.08 -9.74 -39.42
N VAL B 358 40.52 -8.53 -39.77
CA VAL B 358 39.71 -7.34 -39.50
C VAL B 358 38.40 -7.40 -40.28
N ASP B 359 38.50 -7.72 -41.57
CA ASP B 359 37.29 -7.78 -42.39
C ASP B 359 36.34 -8.86 -41.90
N GLU B 360 36.86 -10.03 -41.54
CA GLU B 360 35.99 -11.12 -41.07
C GLU B 360 35.27 -10.72 -39.79
N ALA B 361 36.00 -10.20 -38.80
CA ALA B 361 35.38 -9.82 -37.55
C ALA B 361 34.34 -8.72 -37.75
N LEU B 362 34.67 -7.70 -38.54
CA LEU B 362 33.71 -6.62 -38.76
C LEU B 362 32.52 -7.08 -39.58
N LYS B 363 32.70 -8.02 -40.52
CA LYS B 363 31.57 -8.50 -41.30
C LYS B 363 30.62 -9.31 -40.42
N ASP B 364 31.19 -10.13 -39.52
CA ASP B 364 30.35 -10.90 -38.61
C ASP B 364 29.61 -9.95 -37.68
N ALA B 365 30.28 -8.88 -37.25
CA ALA B 365 29.61 -7.91 -36.39
C ALA B 365 28.53 -7.17 -37.17
N GLN B 366 28.80 -6.87 -38.45
CA GLN B 366 27.82 -6.19 -39.29
C GLN B 366 26.55 -7.03 -39.44
N THR B 367 26.71 -8.34 -39.61
CA THR B 367 25.57 -9.23 -39.75
C THR B 367 24.92 -9.59 -38.42
N ASN B 368 25.62 -9.43 -37.30
CA ASN B 368 25.08 -9.76 -35.99
C ASN B 368 24.59 -8.55 -35.20
N SER B 369 24.95 -7.33 -35.61
CA SER B 369 24.49 -6.15 -34.90
C SER B 369 22.99 -5.99 -35.03
N SER B 370 22.43 -6.44 -36.14
CA SER B 370 21.00 -6.40 -36.40
C SER B 370 20.53 -7.85 -36.29
N SER B 371 20.26 -8.27 -35.06
CA SER B 371 19.83 -9.63 -34.78
C SER B 371 18.51 -9.62 -34.02
N ARG B 372 17.64 -10.52 -34.41
CA ARG B 372 16.32 -10.68 -33.79
C ARG B 372 15.96 -12.16 -33.84
N ARG B 373 16.90 -13.00 -34.21
CA ARG B 373 16.87 -14.45 -34.31
C ARG B 373 17.12 -15.12 -32.97
N ARG B 374 17.35 -14.33 -31.93
CA ARG B 374 17.69 -14.81 -30.60
C ARG B 374 16.80 -14.14 -29.56
N ILE B 375 16.66 -14.81 -28.40
CA ILE B 375 15.88 -14.30 -27.28
C ILE B 375 16.42 -14.95 -26.01
N GLU B 376 16.60 -14.15 -24.96
CA GLU B 376 17.14 -14.63 -23.68
C GLU B 376 16.11 -15.39 -22.85
N PRO B 377 16.57 -16.23 -21.90
CA PRO B 377 15.61 -16.97 -21.08
C PRO B 377 14.87 -16.09 -20.08
N TRP B 378 15.54 -15.09 -19.50
CA TRP B 378 14.84 -14.22 -18.55
C TRP B 378 13.70 -13.49 -19.24
N GLU B 379 13.97 -12.91 -20.42
CA GLU B 379 12.90 -12.23 -21.14
C GLU B 379 11.87 -13.23 -21.64
N PHE B 380 12.28 -14.49 -21.85
CA PHE B 380 11.32 -15.50 -22.26
C PHE B 380 10.33 -15.74 -21.13
N ASP B 381 10.80 -15.76 -19.89
CA ASP B 381 9.92 -15.92 -18.75
C ASP B 381 9.13 -14.64 -18.49
N VAL B 382 9.64 -13.50 -18.93
CA VAL B 382 8.94 -12.25 -18.74
C VAL B 382 7.77 -12.13 -19.72
N PHE B 383 7.91 -12.65 -20.94
CA PHE B 383 6.83 -12.54 -21.91
C PHE B 383 6.01 -13.82 -22.06
N TYR B 384 6.67 -14.95 -22.35
CA TYR B 384 5.98 -16.23 -22.55
C TYR B 384 5.90 -16.95 -21.20
N ASP B 385 4.77 -16.75 -20.53
CA ASP B 385 4.53 -17.32 -19.21
C ASP B 385 3.04 -17.30 -18.95
N PRO B 386 2.47 -18.35 -18.34
CA PRO B 386 1.03 -18.33 -18.07
C PRO B 386 0.62 -17.24 -17.09
N ARG B 387 1.57 -16.72 -16.32
CA ARG B 387 1.27 -15.68 -15.35
C ARG B 387 1.29 -14.31 -16.03
N GLU B 388 0.49 -13.39 -15.49
CA GLU B 388 0.32 -12.08 -16.08
C GLU B 388 1.46 -11.10 -15.79
N LEU B 389 1.73 -10.26 -16.79
CA LEU B 389 2.69 -9.16 -16.79
C LEU B 389 2.04 -8.12 -17.69
N ARG B 390 1.95 -6.88 -17.23
CA ARG B 390 1.26 -5.86 -18.03
C ARG B 390 1.94 -5.59 -19.37
N LYS B 391 3.27 -5.50 -19.38
CA LYS B 391 3.98 -5.24 -20.63
C LYS B 391 3.87 -6.48 -21.52
N GLU B 392 2.93 -6.45 -22.47
CA GLU B 392 2.74 -7.58 -23.37
C GLU B 392 4.03 -7.90 -24.11
N ALA B 393 4.40 -7.02 -25.05
CA ALA B 393 5.64 -7.08 -25.83
C ALA B 393 6.12 -8.49 -26.20
N CYS B 394 5.29 -9.26 -26.90
CA CYS B 394 5.77 -10.61 -27.21
C CYS B 394 5.34 -11.13 -28.58
N LEU B 395 6.30 -11.71 -29.30
CA LEU B 395 6.03 -12.34 -30.59
C LEU B 395 7.20 -13.18 -31.09
N LEU B 396 6.93 -14.46 -31.34
CA LEU B 396 7.92 -15.39 -31.90
C LEU B 396 7.31 -15.86 -33.21
N TYR B 397 7.82 -15.38 -34.33
CA TYR B 397 7.25 -15.73 -35.62
C TYR B 397 8.15 -16.65 -36.43
N GLU B 398 7.51 -17.67 -37.02
CA GLU B 398 8.17 -18.70 -37.81
C GLU B 398 7.45 -18.79 -39.15
N ILE B 399 8.13 -18.37 -40.22
CA ILE B 399 7.58 -18.36 -41.57
C ILE B 399 8.20 -19.52 -42.37
N LYS B 400 7.35 -20.29 -43.03
CA LYS B 400 7.79 -21.42 -43.84
C LYS B 400 7.28 -21.25 -45.27
N TRP B 401 8.15 -21.50 -46.24
CA TRP B 401 7.79 -21.39 -47.64
C TRP B 401 7.68 -22.80 -48.24
N GLY B 402 6.49 -23.12 -48.75
CA GLY B 402 6.27 -24.43 -49.34
C GLY B 402 7.25 -24.74 -50.46
N ALA B 403 7.76 -23.71 -51.13
CA ALA B 403 8.70 -23.92 -52.22
C ALA B 403 10.02 -24.50 -51.73
N SER B 404 10.65 -23.86 -50.73
CA SER B 404 11.92 -24.33 -50.20
C SER B 404 11.78 -25.18 -48.95
N SER B 405 10.61 -25.20 -48.32
CA SER B 405 10.34 -26.02 -47.12
C SER B 405 11.36 -25.78 -46.01
N LYS B 406 11.77 -24.52 -45.82
CA LYS B 406 12.72 -24.16 -44.77
C LYS B 406 12.07 -23.13 -43.86
N ILE B 407 12.34 -23.23 -42.56
CA ILE B 407 11.75 -22.33 -41.57
C ILE B 407 12.68 -21.14 -41.30
N TRP B 408 12.10 -19.94 -41.37
CA TRP B 408 12.79 -18.69 -41.08
C TRP B 408 12.12 -18.18 -39.81
N ARG B 409 12.87 -18.20 -38.72
CA ARG B 409 12.40 -17.82 -37.40
C ARG B 409 13.00 -16.49 -36.95
N SER B 410 12.25 -15.78 -36.10
CA SER B 410 12.71 -14.53 -35.51
C SER B 410 11.67 -14.05 -34.50
N SER B 411 11.90 -12.90 -33.88
CA SER B 411 10.97 -12.39 -32.88
C SER B 411 10.56 -10.96 -33.18
N GLY B 412 9.76 -10.41 -32.27
CA GLY B 412 9.25 -9.05 -32.38
C GLY B 412 8.83 -8.59 -31.00
N LYS B 413 9.00 -7.30 -30.74
CA LYS B 413 8.67 -6.72 -29.44
C LYS B 413 7.69 -5.56 -29.60
N ASN B 414 7.32 -4.98 -28.46
CA ASN B 414 6.39 -3.85 -28.40
C ASN B 414 7.11 -2.55 -28.71
N THR B 415 6.98 -2.03 -29.92
CA THR B 415 7.62 -0.77 -30.30
C THR B 415 6.51 0.24 -30.57
N THR B 416 6.10 0.93 -29.50
CA THR B 416 5.06 1.97 -29.43
C THR B 416 3.80 1.60 -30.22
N ASN B 417 3.72 0.36 -30.65
CA ASN B 417 2.60 -0.19 -31.42
C ASN B 417 2.50 -1.66 -31.09
N HIS B 418 1.33 -2.23 -31.31
CA HIS B 418 1.20 -3.66 -31.06
C HIS B 418 2.08 -4.43 -32.04
N VAL B 419 2.73 -5.48 -31.52
CA VAL B 419 3.66 -6.26 -32.32
C VAL B 419 3.00 -6.77 -33.61
N ALA B 420 1.69 -7.00 -33.59
CA ALA B 420 1.02 -7.47 -34.80
C ALA B 420 1.20 -6.46 -35.93
N VAL B 421 0.95 -5.18 -35.62
CA VAL B 421 1.09 -4.14 -36.62
C VAL B 421 2.53 -4.04 -37.08
N ASN B 422 3.47 -4.27 -36.16
CA ASN B 422 4.88 -4.21 -36.58
C ASN B 422 5.23 -5.33 -37.57
N PHE B 423 4.78 -6.56 -37.29
CA PHE B 423 5.06 -7.64 -38.24
C PHE B 423 4.36 -7.40 -39.57
N ILE B 424 3.14 -6.86 -39.53
CA ILE B 424 2.43 -6.57 -40.78
C ILE B 424 3.23 -5.58 -41.61
N LYS B 425 3.74 -4.52 -40.97
CA LYS B 425 4.52 -3.53 -41.71
C LYS B 425 5.80 -4.14 -42.27
N LYS B 426 6.49 -4.99 -41.50
CA LYS B 426 7.70 -5.61 -42.03
C LYS B 426 7.40 -6.48 -43.24
N PHE B 427 6.30 -7.23 -43.20
CA PHE B 427 5.94 -8.11 -44.31
C PHE B 427 5.55 -7.29 -45.54
N THR B 428 4.78 -6.22 -45.34
CA THR B 428 4.35 -5.39 -46.47
C THR B 428 5.52 -4.62 -47.09
N SER B 429 6.43 -4.10 -46.25
CA SER B 429 7.57 -3.33 -46.75
C SER B 429 8.56 -4.20 -47.50
N GLU B 430 9.01 -5.30 -46.90
CA GLU B 430 9.97 -6.18 -47.56
C GLU B 430 9.21 -7.15 -48.45
N ARG B 431 9.17 -6.88 -49.75
CA ARG B 431 8.49 -7.75 -50.70
C ARG B 431 9.30 -9.01 -51.01
N ASP B 432 10.62 -8.95 -50.89
CA ASP B 432 11.49 -10.09 -51.18
C ASP B 432 11.53 -11.04 -49.97
N PHE B 433 10.45 -11.81 -49.82
CA PHE B 433 10.42 -12.77 -48.71
C PHE B 433 11.26 -13.99 -49.05
N HIS B 434 10.78 -14.60 -50.14
CA HIS B 434 11.26 -15.77 -50.88
C HIS B 434 10.41 -15.72 -52.18
N PRO B 435 9.99 -16.87 -52.75
CA PRO B 435 9.11 -16.61 -53.92
C PRO B 435 7.97 -15.62 -53.73
N SER B 436 7.69 -15.22 -52.48
CA SER B 436 6.70 -14.22 -52.06
C SER B 436 5.26 -14.72 -52.05
N THR B 437 5.03 -16.02 -52.25
CA THR B 437 3.69 -16.58 -52.24
C THR B 437 3.73 -17.95 -51.59
N SER B 438 2.57 -18.38 -51.10
CA SER B 438 2.40 -19.69 -50.44
C SER B 438 3.32 -19.83 -49.24
N CYS B 439 3.04 -19.02 -48.22
CA CYS B 439 3.81 -19.02 -46.99
C CYS B 439 2.92 -19.34 -45.81
N SER B 440 3.45 -20.15 -44.89
CA SER B 440 2.77 -20.58 -43.67
C SER B 440 3.42 -19.86 -42.50
N ILE B 441 2.70 -18.92 -41.91
CA ILE B 441 3.19 -18.13 -40.79
C ILE B 441 2.64 -18.72 -39.50
N THR B 442 3.50 -18.90 -38.51
CA THR B 442 3.13 -19.41 -37.20
C THR B 442 3.57 -18.42 -36.15
N TRP B 443 2.62 -17.87 -35.40
CA TRP B 443 2.89 -16.91 -34.35
C TRP B 443 2.83 -17.55 -32.98
N PHE B 444 3.75 -17.16 -32.11
CA PHE B 444 3.82 -17.61 -30.72
C PHE B 444 3.89 -16.33 -29.90
N LEU B 445 2.75 -15.87 -29.42
CA LEU B 445 2.71 -14.66 -28.61
C LEU B 445 1.97 -15.00 -27.31
N SER B 446 2.20 -14.18 -26.29
CA SER B 446 1.57 -14.45 -25.01
C SER B 446 0.15 -13.90 -24.91
N TRP B 447 -0.05 -12.65 -25.30
CA TRP B 447 -1.36 -12.02 -25.20
C TRP B 447 -2.14 -12.11 -26.51
N SER B 448 -3.44 -12.35 -26.37
CA SER B 448 -4.32 -12.46 -27.52
C SER B 448 -4.46 -11.11 -28.23
N PRO B 449 -4.50 -11.12 -29.56
CA PRO B 449 -4.63 -9.86 -30.31
C PRO B 449 -5.87 -9.08 -29.90
N CYS B 450 -5.71 -7.76 -29.81
CA CYS B 450 -6.81 -6.87 -29.46
C CYS B 450 -7.75 -6.71 -30.65
N TRP B 451 -8.86 -6.00 -30.46
CA TRP B 451 -9.81 -5.83 -31.56
C TRP B 451 -9.17 -5.08 -32.73
N GLU B 452 -8.42 -4.02 -32.44
CA GLU B 452 -7.76 -3.28 -33.52
C GLU B 452 -6.72 -4.14 -34.20
N CYS B 453 -5.93 -4.89 -33.43
CA CYS B 453 -4.95 -5.77 -34.06
C CYS B 453 -5.65 -6.83 -34.88
N SER B 454 -6.80 -7.30 -34.42
CA SER B 454 -7.54 -8.30 -35.17
C SER B 454 -7.98 -7.74 -36.51
N GLN B 455 -8.45 -6.50 -36.52
CA GLN B 455 -8.86 -5.90 -37.79
C GLN B 455 -7.67 -5.69 -38.71
N ALA B 456 -6.53 -5.25 -38.15
CA ALA B 456 -5.34 -5.04 -38.98
C ALA B 456 -4.82 -6.34 -39.56
N ILE B 457 -4.75 -7.40 -38.74
CA ILE B 457 -4.28 -8.69 -39.23
C ILE B 457 -5.26 -9.26 -40.24
N ARG B 458 -6.57 -9.03 -40.04
CA ARG B 458 -7.53 -9.54 -41.01
C ARG B 458 -7.37 -8.82 -42.35
N GLU B 459 -7.17 -7.51 -42.31
CA GLU B 459 -6.97 -6.77 -43.54
C GLU B 459 -5.68 -7.21 -44.24
N PHE B 460 -4.64 -7.47 -43.46
CA PHE B 460 -3.38 -7.94 -44.04
C PHE B 460 -3.54 -9.33 -44.67
N LEU B 461 -4.27 -10.21 -43.99
CA LEU B 461 -4.46 -11.56 -44.52
C LEU B 461 -5.34 -11.54 -45.75
N SER B 462 -6.29 -10.60 -45.82
CA SER B 462 -7.11 -10.53 -47.02
C SER B 462 -6.33 -9.85 -48.14
N ARG B 463 -5.31 -9.06 -47.77
CA ARG B 463 -4.47 -8.39 -48.75
C ARG B 463 -3.62 -9.40 -49.48
N HIS B 464 -3.03 -10.33 -48.75
CA HIS B 464 -2.19 -11.37 -49.34
C HIS B 464 -2.95 -12.69 -49.23
N PRO B 465 -3.54 -13.19 -50.31
CA PRO B 465 -4.31 -14.44 -50.24
C PRO B 465 -3.54 -15.66 -49.75
N GLY B 466 -2.43 -15.99 -50.41
CA GLY B 466 -1.67 -17.16 -50.03
C GLY B 466 -0.86 -17.07 -48.75
N VAL B 467 -1.53 -16.99 -47.60
CA VAL B 467 -0.85 -16.93 -46.30
C VAL B 467 -1.62 -17.79 -45.31
N THR B 468 -1.05 -18.94 -44.94
CA THR B 468 -1.69 -19.82 -43.96
C THR B 468 -1.13 -19.40 -42.60
N LEU B 469 -1.95 -18.68 -41.84
CA LEU B 469 -1.52 -18.13 -40.55
C LEU B 469 -2.17 -18.88 -39.37
N VAL B 470 -1.34 -19.28 -38.41
CA VAL B 470 -1.77 -19.95 -37.19
C VAL B 470 -1.21 -19.16 -36.00
N ILE B 471 -2.02 -19.02 -34.96
CA ILE B 471 -1.67 -18.25 -33.77
C ILE B 471 -1.77 -19.09 -32.52
N TYR B 472 -0.73 -19.02 -31.69
CA TYR B 472 -0.63 -19.70 -30.40
C TYR B 472 -0.46 -18.61 -29.35
N VAL B 473 -1.45 -18.42 -28.50
CA VAL B 473 -1.37 -17.40 -27.45
C VAL B 473 -1.25 -18.06 -26.08
N ALA B 474 -0.49 -17.40 -25.20
CA ALA B 474 -0.28 -17.91 -23.85
C ALA B 474 -1.20 -17.27 -22.81
N ARG B 475 -1.69 -16.06 -23.08
CA ARG B 475 -2.57 -15.34 -22.17
C ARG B 475 -3.66 -14.67 -23.00
N LEU B 476 -4.66 -14.12 -22.32
CA LEU B 476 -5.77 -13.44 -22.97
C LEU B 476 -5.83 -11.99 -22.52
N PHE B 477 -5.81 -11.09 -23.49
CA PHE B 477 -5.85 -9.66 -23.21
C PHE B 477 -7.30 -9.20 -23.18
N ALA B 478 -7.74 -8.68 -22.02
CA ALA B 478 -9.09 -8.18 -21.80
C ALA B 478 -10.14 -9.14 -22.39
N HIS B 479 -10.11 -10.39 -21.91
CA HIS B 479 -11.03 -11.41 -22.39
C HIS B 479 -12.49 -11.09 -22.09
N MET B 480 -12.77 -9.99 -21.40
CA MET B 480 -14.13 -9.61 -21.07
C MET B 480 -14.55 -8.33 -21.77
N ASP B 481 -14.03 -8.11 -22.99
CA ASP B 481 -14.37 -6.94 -23.77
C ASP B 481 -15.06 -7.45 -25.03
N GLN B 482 -16.30 -6.99 -25.24
CA GLN B 482 -17.08 -7.42 -26.38
C GLN B 482 -16.33 -7.27 -27.70
N GLN B 483 -15.58 -6.18 -27.85
CA GLN B 483 -14.85 -5.94 -29.08
C GLN B 483 -13.72 -6.94 -29.26
N ASN B 484 -12.94 -7.20 -28.21
CA ASN B 484 -11.88 -8.18 -28.32
C ASN B 484 -12.46 -9.56 -28.61
N ARG B 485 -13.63 -9.86 -28.02
CA ARG B 485 -14.30 -11.12 -28.28
C ARG B 485 -14.60 -11.26 -29.75
N GLN B 486 -15.28 -10.26 -30.32
CA GLN B 486 -15.62 -10.29 -31.74
C GLN B 486 -14.38 -10.31 -32.60
N GLY B 487 -13.29 -9.70 -32.16
CA GLY B 487 -12.07 -9.73 -32.95
C GLY B 487 -11.50 -11.14 -33.03
N LEU B 488 -11.45 -11.84 -31.89
CA LEU B 488 -10.95 -13.21 -31.90
C LEU B 488 -11.86 -14.12 -32.73
N ARG B 489 -13.18 -13.98 -32.55
CA ARG B 489 -14.11 -14.79 -33.35
C ARG B 489 -13.95 -14.47 -34.83
N ASP B 490 -13.69 -13.21 -35.15
CA ASP B 490 -13.50 -12.80 -36.53
C ASP B 490 -12.27 -13.47 -37.11
N LEU B 491 -11.17 -13.46 -36.37
CA LEU B 491 -9.96 -14.11 -36.85
C LEU B 491 -10.18 -15.59 -37.08
N VAL B 492 -10.86 -16.25 -36.15
CA VAL B 492 -11.10 -17.68 -36.31
C VAL B 492 -11.99 -17.95 -37.52
N ASN B 493 -13.07 -17.18 -37.66
CA ASN B 493 -14.00 -17.35 -38.77
C ASN B 493 -13.39 -16.99 -40.11
N SER B 494 -12.34 -16.16 -40.13
CA SER B 494 -11.70 -15.76 -41.36
C SER B 494 -10.59 -16.71 -41.81
N GLY B 495 -10.39 -17.81 -41.09
CA GLY B 495 -9.37 -18.79 -41.44
C GLY B 495 -8.08 -18.70 -40.67
N VAL B 496 -8.12 -18.30 -39.39
CA VAL B 496 -6.93 -18.18 -38.56
C VAL B 496 -7.15 -19.06 -37.33
N THR B 497 -6.35 -20.10 -37.20
CA THR B 497 -6.46 -21.01 -36.06
C THR B 497 -5.83 -20.34 -34.85
N ILE B 498 -6.53 -20.37 -33.73
CA ILE B 498 -6.05 -19.76 -32.49
C ILE B 498 -6.13 -20.81 -31.39
N GLN B 499 -4.99 -21.09 -30.76
CA GLN B 499 -4.94 -22.07 -29.68
C GLN B 499 -4.07 -21.55 -28.53
N ILE B 500 -4.37 -22.02 -27.33
CA ILE B 500 -3.60 -21.62 -26.15
C ILE B 500 -2.35 -22.49 -26.05
N MET B 501 -1.22 -21.84 -25.76
CA MET B 501 0.04 -22.55 -25.67
C MET B 501 0.00 -23.60 -24.58
N ARG B 502 0.66 -24.73 -24.84
CA ARG B 502 0.74 -25.84 -23.89
C ARG B 502 2.19 -26.28 -23.77
N ASP B 503 2.42 -27.39 -23.05
CA ASP B 503 3.78 -27.87 -22.85
C ASP B 503 4.55 -27.99 -24.17
N SER B 504 3.92 -28.60 -25.18
CA SER B 504 4.56 -28.77 -26.48
C SER B 504 4.99 -27.45 -27.09
N GLU B 505 4.09 -26.47 -27.11
CA GLU B 505 4.41 -25.17 -27.69
C GLU B 505 5.53 -24.46 -26.93
N TYR B 506 5.48 -24.48 -25.59
CA TYR B 506 6.54 -23.82 -24.82
C TYR B 506 7.89 -24.48 -25.05
N TYR B 507 7.94 -25.82 -25.08
CA TYR B 507 9.20 -26.50 -25.33
C TYR B 507 9.71 -26.23 -26.74
N HIS B 508 8.80 -26.15 -27.71
CA HIS B 508 9.19 -25.85 -29.08
C HIS B 508 9.80 -24.46 -29.18
N CYS B 509 9.17 -23.48 -28.51
CA CYS B 509 9.70 -22.13 -28.52
C CYS B 509 11.04 -22.07 -27.80
N TRP B 510 11.19 -22.85 -26.72
CA TRP B 510 12.45 -22.87 -25.98
C TRP B 510 13.58 -23.38 -26.85
N ARG B 511 13.33 -24.43 -27.64
CA ARG B 511 14.38 -24.99 -28.48
C ARG B 511 14.68 -24.11 -29.69
N ASN B 512 13.65 -23.63 -30.37
CA ASN B 512 13.87 -22.88 -31.61
C ASN B 512 14.20 -21.40 -31.42
N PHE B 513 13.78 -20.76 -30.33
CA PHE B 513 14.03 -19.32 -30.20
C PHE B 513 14.89 -18.88 -29.02
N VAL B 514 14.76 -19.51 -27.86
CA VAL B 514 15.48 -19.08 -26.67
C VAL B 514 16.98 -19.31 -26.77
N ASN B 515 17.75 -18.36 -26.23
CA ASN B 515 19.21 -18.48 -26.19
C ASN B 515 19.61 -19.22 -24.92
N TYR B 516 19.18 -20.47 -24.88
CA TYR B 516 19.43 -21.34 -23.76
C TYR B 516 20.90 -21.75 -23.70
N PRO B 517 21.47 -21.90 -22.51
CA PRO B 517 22.89 -22.27 -22.39
C PRO B 517 23.14 -23.67 -22.95
N PRO B 518 24.41 -24.00 -23.24
CA PRO B 518 24.70 -25.33 -23.81
C PRO B 518 24.31 -26.51 -22.94
N GLY B 519 24.65 -26.50 -21.66
CA GLY B 519 24.35 -27.63 -20.79
C GLY B 519 22.86 -27.89 -20.65
N ASP B 520 22.11 -26.86 -20.26
CA ASP B 520 20.66 -27.00 -20.06
C ASP B 520 19.91 -26.98 -21.39
N GLU B 521 20.27 -27.94 -22.25
CA GLU B 521 19.61 -28.07 -23.54
C GLU B 521 18.35 -28.92 -23.34
N ALA B 522 17.22 -28.41 -23.83
CA ALA B 522 15.90 -29.02 -23.73
C ALA B 522 15.32 -28.92 -22.32
N HIS B 523 16.08 -28.41 -21.36
CA HIS B 523 15.61 -28.24 -19.98
C HIS B 523 14.71 -27.00 -19.94
N TRP B 524 13.54 -27.14 -20.53
CA TRP B 524 12.65 -25.99 -20.53
C TRP B 524 11.93 -25.88 -19.18
N PRO B 525 11.64 -24.66 -18.74
CA PRO B 525 10.97 -24.47 -17.45
C PRO B 525 9.52 -24.93 -17.46
N GLN B 526 9.24 -26.05 -16.79
CA GLN B 526 7.87 -26.58 -16.73
C GLN B 526 6.96 -25.57 -16.05
N TYR B 527 6.04 -25.00 -16.78
CA TYR B 527 5.11 -24.03 -16.24
C TYR B 527 3.87 -24.73 -15.70
N PRO B 528 3.24 -24.19 -14.66
CA PRO B 528 2.04 -24.84 -14.11
C PRO B 528 0.92 -24.83 -15.14
N PRO B 529 0.20 -25.94 -15.30
CA PRO B 529 -0.87 -26.00 -16.29
C PRO B 529 -2.14 -25.27 -15.91
N ALA B 530 -2.25 -24.79 -14.66
CA ALA B 530 -3.45 -24.09 -14.21
C ALA B 530 -3.92 -23.02 -15.18
N TRP B 531 -3.12 -21.97 -15.35
CA TRP B 531 -3.54 -20.89 -16.26
C TRP B 531 -3.60 -21.32 -17.71
N MET B 532 -2.77 -22.28 -18.12
CA MET B 532 -2.86 -22.72 -19.51
C MET B 532 -4.24 -23.30 -19.79
N MET B 533 -4.69 -24.20 -18.92
CA MET B 533 -6.00 -24.80 -19.10
C MET B 533 -7.12 -23.78 -18.90
N LEU B 534 -6.94 -22.85 -17.95
CA LEU B 534 -7.98 -21.83 -17.72
C LEU B 534 -8.15 -20.93 -18.94
N TYR B 535 -7.04 -20.44 -19.50
CA TYR B 535 -7.16 -19.62 -20.69
C TYR B 535 -7.68 -20.44 -21.86
N ALA B 536 -7.39 -21.74 -21.91
CA ALA B 536 -7.93 -22.56 -22.99
C ALA B 536 -9.44 -22.66 -22.89
N LEU B 537 -9.94 -22.87 -21.66
CA LEU B 537 -11.38 -22.93 -21.46
C LEU B 537 -12.04 -21.61 -21.81
N GLU B 538 -11.45 -20.49 -21.37
CA GLU B 538 -12.04 -19.21 -21.69
C GLU B 538 -12.04 -18.97 -23.19
N LEU B 539 -10.93 -19.28 -23.86
CA LEU B 539 -10.85 -19.09 -25.31
C LEU B 539 -11.91 -19.92 -26.03
N HIS B 540 -12.15 -21.15 -25.56
CA HIS B 540 -13.17 -21.94 -26.22
C HIS B 540 -14.55 -21.31 -25.97
N CYS B 541 -14.73 -20.70 -24.79
CA CYS B 541 -15.97 -20.00 -24.51
C CYS B 541 -16.12 -18.79 -25.42
N ILE B 542 -14.98 -18.22 -25.83
CA ILE B 542 -15.03 -17.07 -26.71
C ILE B 542 -15.45 -17.51 -28.10
N ILE B 543 -14.87 -18.62 -28.57
CA ILE B 543 -15.18 -19.13 -29.90
C ILE B 543 -16.65 -19.50 -29.99
N LEU B 544 -17.23 -20.02 -28.91
CA LEU B 544 -18.63 -20.40 -28.92
C LEU B 544 -19.59 -19.25 -28.62
N SER B 545 -19.10 -18.00 -28.64
CA SER B 545 -19.94 -16.82 -28.38
C SER B 545 -20.67 -16.93 -27.05
N LEU B 546 -20.01 -17.53 -26.07
CA LEU B 546 -20.54 -17.76 -24.74
C LEU B 546 -20.16 -16.63 -23.80
N PRO B 547 -20.84 -16.51 -22.66
CA PRO B 547 -20.51 -15.44 -21.71
C PRO B 547 -19.19 -15.73 -21.00
N PRO B 548 -18.60 -14.73 -20.36
CA PRO B 548 -17.33 -14.97 -19.68
C PRO B 548 -17.51 -15.92 -18.51
N CYS B 549 -16.55 -16.82 -18.34
CA CYS B 549 -16.59 -17.76 -17.23
C CYS B 549 -15.68 -17.34 -16.10
N LEU B 550 -14.41 -17.10 -16.40
CA LEU B 550 -13.46 -16.67 -15.38
C LEU B 550 -13.36 -15.15 -15.41
N LYS B 551 -13.04 -14.58 -14.26
CA LYS B 551 -12.88 -13.15 -14.10
C LYS B 551 -11.66 -12.92 -13.22
N ILE B 552 -10.67 -12.23 -13.76
CA ILE B 552 -9.43 -11.95 -13.04
C ILE B 552 -9.48 -10.52 -12.54
N SER B 553 -8.78 -10.27 -11.43
CA SER B 553 -8.74 -8.93 -10.86
C SER B 553 -7.35 -8.75 -10.26
N ARG B 554 -6.51 -8.00 -10.98
CA ARG B 554 -5.13 -7.68 -10.63
C ARG B 554 -5.00 -6.22 -10.24
N ARG B 555 -3.86 -5.88 -9.62
CA ARG B 555 -3.61 -4.50 -9.20
C ARG B 555 -2.19 -4.00 -9.47
N ALA B 556 -1.26 -4.84 -9.88
CA ALA B 556 0.11 -4.41 -10.13
C ALA B 556 0.66 -5.24 -11.27
N GLN B 557 1.99 -5.25 -11.42
CA GLN B 557 2.60 -6.02 -12.49
C GLN B 557 2.30 -7.51 -12.38
N ASN B 558 2.37 -8.08 -11.17
CA ASN B 558 2.10 -9.49 -10.99
C ASN B 558 1.18 -9.78 -9.80
N HIS B 559 0.58 -8.76 -9.20
CA HIS B 559 -0.26 -8.94 -8.02
C HIS B 559 -1.66 -9.38 -8.42
N LEU B 560 -2.04 -10.60 -8.03
CA LEU B 560 -3.35 -11.16 -8.32
C LEU B 560 -4.20 -11.08 -7.06
N THR B 561 -5.19 -10.18 -7.06
CA THR B 561 -6.04 -10.01 -5.90
C THR B 561 -7.25 -10.93 -5.90
N ALA B 562 -7.91 -11.12 -7.04
CA ALA B 562 -9.09 -11.96 -7.08
C ALA B 562 -9.13 -12.79 -8.36
N PHE B 563 -9.70 -13.98 -8.24
CA PHE B 563 -9.85 -14.89 -9.37
C PHE B 563 -11.13 -15.68 -9.19
N ARG B 564 -12.04 -15.61 -10.17
CA ARG B 564 -13.29 -16.35 -10.03
C ARG B 564 -13.59 -17.14 -11.29
N LEU B 565 -14.16 -18.33 -11.09
CA LEU B 565 -14.57 -19.23 -12.17
C LEU B 565 -16.06 -19.47 -11.98
N HIS B 566 -16.85 -18.91 -12.89
CA HIS B 566 -18.31 -19.01 -12.86
C HIS B 566 -18.77 -19.82 -14.06
N LEU B 567 -19.17 -21.06 -13.84
CA LEU B 567 -19.65 -21.92 -14.93
C LEU B 567 -21.17 -22.01 -14.84
N GLN B 568 -21.84 -21.30 -15.72
CA GLN B 568 -23.29 -21.32 -15.76
C GLN B 568 -23.79 -22.61 -16.43
N ASN B 569 -25.10 -22.77 -16.37
CA ASN B 569 -25.68 -23.95 -17.01
C ASN B 569 -25.32 -23.93 -18.48
N CYS B 570 -25.18 -22.72 -19.05
CA CYS B 570 -24.82 -22.58 -20.45
C CYS B 570 -23.53 -23.31 -20.73
N HIS B 571 -22.49 -23.00 -19.96
CA HIS B 571 -21.18 -23.60 -20.14
C HIS B 571 -21.25 -25.11 -20.03
N TYR B 572 -21.75 -25.62 -18.90
CA TYR B 572 -21.82 -27.08 -18.77
C TYR B 572 -22.60 -27.73 -19.89
N GLN B 573 -23.62 -27.05 -20.42
CA GLN B 573 -24.47 -27.61 -21.47
C GLN B 573 -23.83 -27.60 -22.87
N THR B 574 -23.08 -26.55 -23.21
CA THR B 574 -22.51 -26.45 -24.55
C THR B 574 -21.00 -26.60 -24.67
N ILE B 575 -20.21 -26.17 -23.69
CA ILE B 575 -18.75 -26.28 -23.82
C ILE B 575 -18.37 -27.76 -23.85
N PRO B 576 -17.40 -28.17 -24.67
CA PRO B 576 -17.03 -29.58 -24.72
C PRO B 576 -16.56 -30.06 -23.36
N PRO B 577 -16.76 -31.35 -23.06
CA PRO B 577 -16.38 -31.87 -21.75
C PRO B 577 -14.88 -32.10 -21.53
N HIS B 578 -14.13 -32.42 -22.59
CA HIS B 578 -12.70 -32.67 -22.39
C HIS B 578 -11.98 -31.44 -21.89
N ILE B 579 -12.40 -30.25 -22.29
CA ILE B 579 -11.74 -29.02 -21.81
C ILE B 579 -11.98 -28.84 -20.32
N LEU B 580 -13.25 -28.92 -19.90
CA LEU B 580 -13.55 -28.80 -18.48
C LEU B 580 -12.79 -29.85 -17.68
N LEU B 581 -12.78 -31.10 -18.17
CA LEU B 581 -12.08 -32.17 -17.47
C LEU B 581 -10.58 -31.89 -17.41
N ALA B 582 -10.02 -31.30 -18.47
CA ALA B 582 -8.59 -31.01 -18.51
C ALA B 582 -8.21 -29.90 -17.56
N THR B 583 -9.12 -28.98 -17.27
CA THR B 583 -8.73 -27.93 -16.33
C THR B 583 -8.48 -28.49 -14.94
N GLY B 584 -9.04 -29.65 -14.62
CA GLY B 584 -8.86 -30.28 -13.33
C GLY B 584 -9.70 -29.76 -12.19
N LEU B 585 -10.40 -28.64 -12.37
CA LEU B 585 -11.22 -28.08 -11.29
C LEU B 585 -12.61 -28.69 -11.18
N ILE B 586 -13.13 -29.30 -12.23
CA ILE B 586 -14.45 -29.89 -12.20
C ILE B 586 -14.35 -31.41 -12.14
N HIS B 587 -15.50 -32.06 -11.85
CA HIS B 587 -15.56 -33.51 -11.75
C HIS B 587 -15.84 -34.11 -13.12
N PRO B 588 -15.12 -35.16 -13.51
CA PRO B 588 -15.33 -35.77 -14.84
C PRO B 588 -16.65 -36.48 -15.05
N SER B 589 -16.88 -37.51 -14.22
CA SER B 589 -18.08 -38.32 -14.34
C SER B 589 -19.34 -37.48 -14.20
N VAL B 590 -19.32 -36.48 -13.34
CA VAL B 590 -20.52 -35.65 -13.20
C VAL B 590 -20.60 -34.60 -14.31
N ALA B 591 -19.46 -34.06 -14.77
CA ALA B 591 -19.51 -33.11 -15.88
C ALA B 591 -20.17 -33.76 -17.08
N TRP B 592 -19.99 -35.08 -17.21
CA TRP B 592 -20.63 -35.87 -18.24
C TRP B 592 -22.01 -36.38 -17.83
N ARG B 593 -22.16 -36.74 -16.56
CA ARG B 593 -23.37 -37.29 -15.93
C ARG B 593 -23.64 -38.72 -16.40
N LYS C 2 -64.79 -39.93 -47.69
CA LYS C 2 -63.51 -39.74 -48.34
C LYS C 2 -63.41 -38.38 -49.02
N ILE C 3 -62.19 -37.85 -49.15
CA ILE C 3 -61.95 -36.58 -49.81
C ILE C 3 -61.33 -36.88 -51.16
N GLU C 4 -62.14 -36.77 -52.21
CA GLU C 4 -61.77 -37.02 -53.58
C GLU C 4 -61.57 -35.69 -54.31
N GLU C 5 -60.75 -35.73 -55.37
CA GLU C 5 -60.47 -34.55 -56.17
C GLU C 5 -61.65 -34.27 -57.10
N GLY C 6 -62.06 -33.01 -57.16
CA GLY C 6 -63.18 -32.64 -58.00
C GLY C 6 -64.52 -33.17 -57.52
N LYS C 7 -64.72 -33.21 -56.20
CA LYS C 7 -65.96 -33.70 -55.63
C LYS C 7 -66.18 -33.01 -54.30
N LEU C 8 -67.46 -32.77 -53.97
CA LEU C 8 -67.83 -32.10 -52.74
C LEU C 8 -68.62 -33.04 -51.83
N VAL C 9 -68.17 -33.13 -50.58
CA VAL C 9 -68.80 -33.95 -49.54
C VAL C 9 -69.19 -32.98 -48.43
N ILE C 10 -70.49 -32.95 -48.10
CA ILE C 10 -71.02 -32.03 -47.10
C ILE C 10 -71.54 -32.81 -45.90
N TRP C 11 -71.36 -32.23 -44.71
CA TRP C 11 -71.86 -32.79 -43.46
C TRP C 11 -72.74 -31.76 -42.78
N ILE C 12 -73.98 -32.16 -42.48
CA ILE C 12 -74.95 -31.29 -41.82
C ILE C 12 -75.76 -32.15 -40.86
N ASN C 13 -76.23 -31.53 -39.77
CA ASN C 13 -77.03 -32.27 -38.79
C ASN C 13 -78.27 -32.85 -39.44
N GLY C 14 -78.62 -34.07 -39.03
CA GLY C 14 -79.77 -34.77 -39.60
C GLY C 14 -81.11 -34.09 -39.37
N ASP C 15 -81.20 -33.15 -38.41
CA ASP C 15 -82.46 -32.49 -38.14
C ASP C 15 -82.77 -31.33 -39.09
N LYS C 16 -81.78 -30.82 -39.81
CA LYS C 16 -82.00 -29.70 -40.72
C LYS C 16 -82.35 -30.20 -42.13
N GLY C 17 -82.52 -29.25 -43.05
CA GLY C 17 -82.89 -29.59 -44.41
C GLY C 17 -81.78 -30.25 -45.20
N TYR C 18 -81.47 -31.48 -44.78
CA TYR C 18 -80.41 -32.25 -45.43
C TYR C 18 -80.80 -32.65 -46.84
N ASN C 19 -82.07 -32.95 -47.08
CA ASN C 19 -82.48 -33.30 -48.42
C ASN C 19 -82.51 -32.07 -49.32
N GLY C 20 -82.90 -30.91 -48.77
CA GLY C 20 -82.88 -29.70 -49.57
C GLY C 20 -81.46 -29.34 -49.96
N LEU C 21 -80.53 -29.46 -49.03
CA LEU C 21 -79.13 -29.20 -49.34
C LEU C 21 -78.61 -30.18 -50.38
N ALA C 22 -79.03 -31.45 -50.29
CA ALA C 22 -78.60 -32.43 -51.28
C ALA C 22 -79.15 -32.08 -52.66
N GLU C 23 -80.37 -31.54 -52.71
CA GLU C 23 -80.95 -31.15 -54.00
C GLU C 23 -80.22 -29.94 -54.57
N VAL C 24 -79.84 -29.00 -53.71
CA VAL C 24 -79.10 -27.84 -54.20
C VAL C 24 -77.77 -28.32 -54.77
N GLY C 25 -77.15 -29.29 -54.10
CA GLY C 25 -75.91 -29.86 -54.61
C GLY C 25 -76.14 -30.61 -55.89
N LYS C 26 -77.32 -31.20 -56.05
CA LYS C 26 -77.65 -31.90 -57.28
C LYS C 26 -77.69 -30.90 -58.42
N LYS C 27 -78.24 -29.70 -58.16
CA LYS C 27 -78.29 -28.66 -59.18
C LYS C 27 -76.87 -28.20 -59.50
N PHE C 28 -76.02 -28.09 -58.48
CA PHE C 28 -74.63 -27.71 -58.72
C PHE C 28 -73.94 -28.76 -59.59
N GLU C 29 -74.26 -30.03 -59.36
CA GLU C 29 -73.70 -31.12 -60.15
C GLU C 29 -74.20 -31.04 -61.58
N LYS C 30 -75.47 -30.70 -61.74
CA LYS C 30 -76.06 -30.58 -63.07
C LYS C 30 -75.41 -29.44 -63.85
N ASP C 31 -75.02 -28.36 -63.17
CA ASP C 31 -74.42 -27.20 -63.82
C ASP C 31 -72.91 -27.29 -64.04
N THR C 32 -72.14 -27.82 -63.08
CA THR C 32 -70.70 -27.88 -63.21
C THR C 32 -70.12 -29.28 -63.43
N GLY C 33 -70.90 -30.33 -63.22
CA GLY C 33 -70.40 -31.68 -63.39
C GLY C 33 -69.55 -32.13 -62.23
N ILE C 34 -69.96 -31.81 -61.01
CA ILE C 34 -69.24 -32.19 -59.79
C ILE C 34 -70.27 -32.77 -58.83
N LYS C 35 -70.15 -34.07 -58.56
CA LYS C 35 -71.09 -34.74 -57.67
C LYS C 35 -71.00 -34.16 -56.27
N VAL C 36 -72.12 -33.65 -55.77
CA VAL C 36 -72.20 -33.07 -54.44
C VAL C 36 -72.99 -34.06 -53.58
N THR C 37 -72.28 -34.70 -52.64
CA THR C 37 -72.89 -35.69 -51.76
C THR C 37 -73.03 -35.14 -50.34
N VAL C 38 -74.26 -35.10 -49.84
CA VAL C 38 -74.56 -34.62 -48.50
C VAL C 38 -74.77 -35.82 -47.58
N GLU C 39 -74.21 -35.75 -46.38
CA GLU C 39 -74.31 -36.81 -45.39
C GLU C 39 -74.62 -36.19 -44.03
N HIS C 40 -75.17 -37.02 -43.13
CA HIS C 40 -75.56 -36.59 -41.79
C HIS C 40 -75.21 -37.69 -40.79
N PRO C 41 -73.95 -37.81 -40.41
CA PRO C 41 -73.54 -38.83 -39.45
C PRO C 41 -73.90 -38.44 -38.02
N ASP C 42 -73.96 -39.46 -37.17
CA ASP C 42 -74.30 -39.25 -35.77
C ASP C 42 -73.18 -38.47 -35.08
N LYS C 43 -73.57 -37.37 -34.44
CA LYS C 43 -72.67 -36.48 -33.71
C LYS C 43 -71.45 -36.12 -34.56
N LEU C 44 -71.75 -35.52 -35.71
CA LEU C 44 -70.67 -35.12 -36.60
C LEU C 44 -69.86 -33.99 -35.99
N GLU C 45 -70.46 -33.20 -35.09
CA GLU C 45 -69.71 -32.11 -34.47
C GLU C 45 -68.51 -32.64 -33.72
N GLU C 46 -68.54 -33.91 -33.34
CA GLU C 46 -67.47 -34.58 -32.63
C GLU C 46 -66.63 -35.46 -33.54
N LYS C 47 -67.24 -35.98 -34.60
CA LYS C 47 -66.47 -36.82 -35.52
C LYS C 47 -65.55 -35.99 -36.40
N PHE C 48 -66.00 -34.80 -36.83
CA PHE C 48 -65.23 -33.93 -37.71
C PHE C 48 -63.77 -33.72 -37.32
N PRO C 49 -63.42 -33.33 -36.09
CA PRO C 49 -62.00 -33.13 -35.81
C PRO C 49 -61.19 -34.42 -35.81
N GLN C 50 -61.76 -35.51 -35.30
CA GLN C 50 -61.06 -36.78 -35.23
C GLN C 50 -60.61 -37.25 -36.61
N VAL C 51 -61.49 -37.12 -37.60
CA VAL C 51 -61.13 -37.55 -38.95
C VAL C 51 -60.40 -36.45 -39.73
N ALA C 52 -60.72 -35.18 -39.44
CA ALA C 52 -60.07 -34.08 -40.13
C ALA C 52 -58.59 -34.02 -39.80
N ALA C 53 -58.21 -34.42 -38.58
CA ALA C 53 -56.80 -34.42 -38.25
C ALA C 53 -56.05 -35.38 -39.16
N THR C 54 -56.65 -36.54 -39.43
CA THR C 54 -56.05 -37.51 -40.34
C THR C 54 -56.08 -36.99 -41.76
N GLY C 55 -57.06 -36.15 -42.08
CA GLY C 55 -57.21 -35.60 -43.41
C GLY C 55 -58.50 -35.99 -44.09
N ASP C 56 -59.11 -37.11 -43.67
CA ASP C 56 -60.35 -37.60 -44.28
C ASP C 56 -61.55 -37.00 -43.57
N GLY C 57 -62.49 -36.49 -44.35
CA GLY C 57 -63.68 -35.92 -43.79
C GLY C 57 -64.50 -35.24 -44.86
N PRO C 58 -65.37 -34.33 -44.46
CA PRO C 58 -66.17 -33.59 -45.43
C PRO C 58 -65.39 -32.39 -45.94
N ASP C 59 -65.70 -31.99 -47.16
CA ASP C 59 -65.04 -30.82 -47.71
C ASP C 59 -65.56 -29.57 -47.03
N ILE C 60 -66.81 -29.62 -46.58
CA ILE C 60 -67.49 -28.54 -45.89
C ILE C 60 -68.28 -29.15 -44.73
N ILE C 61 -68.42 -28.37 -43.65
CA ILE C 61 -69.15 -28.79 -42.46
C ILE C 61 -70.15 -27.73 -42.04
N PHE C 62 -71.39 -28.15 -41.78
CA PHE C 62 -72.46 -27.28 -41.33
C PHE C 62 -72.74 -27.52 -39.86
N TRP C 63 -72.77 -26.44 -39.07
CA TRP C 63 -73.05 -26.55 -37.65
C TRP C 63 -73.10 -25.15 -37.04
N ALA C 64 -73.41 -25.05 -35.75
CA ALA C 64 -73.44 -23.75 -35.12
C ALA C 64 -72.02 -23.18 -35.06
N HIS C 65 -71.93 -21.89 -34.79
CA HIS C 65 -70.63 -21.22 -34.73
C HIS C 65 -69.85 -21.51 -33.45
N ASP C 66 -70.47 -22.08 -32.43
CA ASP C 66 -69.75 -22.35 -31.19
C ASP C 66 -68.58 -23.31 -31.40
N ARG C 67 -68.80 -24.43 -32.10
CA ARG C 67 -67.71 -25.38 -32.30
C ARG C 67 -66.72 -24.93 -33.37
N PHE C 68 -67.07 -23.95 -34.18
CA PHE C 68 -66.14 -23.48 -35.21
C PHE C 68 -64.92 -22.83 -34.58
N GLY C 69 -65.07 -22.18 -33.42
CA GLY C 69 -63.90 -21.60 -32.78
C GLY C 69 -62.85 -22.65 -32.49
N GLY C 70 -63.25 -23.70 -31.77
CA GLY C 70 -62.32 -24.79 -31.49
C GLY C 70 -61.73 -25.38 -32.76
N TYR C 71 -62.57 -25.58 -33.77
CA TYR C 71 -62.06 -26.12 -35.03
C TYR C 71 -60.95 -25.22 -35.57
N ALA C 72 -61.22 -23.91 -35.67
CA ALA C 72 -60.22 -22.98 -36.18
C ALA C 72 -58.97 -22.97 -35.32
N GLN C 73 -59.13 -23.18 -34.01
CA GLN C 73 -57.96 -23.21 -33.13
C GLN C 73 -57.01 -24.33 -33.52
N SER C 74 -57.56 -25.50 -33.85
CA SER C 74 -56.70 -26.61 -34.23
C SER C 74 -56.24 -26.53 -35.67
N GLY C 75 -56.59 -25.47 -36.41
CA GLY C 75 -56.17 -25.35 -37.78
C GLY C 75 -56.88 -26.30 -38.71
N LEU C 76 -58.14 -26.61 -38.42
CA LEU C 76 -58.93 -27.51 -39.25
C LEU C 76 -59.77 -26.77 -40.27
N LEU C 77 -60.06 -25.49 -40.03
CA LEU C 77 -60.85 -24.69 -40.95
C LEU C 77 -59.93 -23.76 -41.72
N ALA C 78 -60.30 -23.50 -42.98
CA ALA C 78 -59.54 -22.62 -43.85
C ALA C 78 -60.21 -21.26 -43.90
N GLU C 79 -59.40 -20.21 -43.96
CA GLU C 79 -59.93 -18.86 -44.01
C GLU C 79 -60.73 -18.64 -45.28
N ILE C 80 -61.87 -17.96 -45.15
CA ILE C 80 -62.72 -17.64 -46.28
C ILE C 80 -62.44 -16.19 -46.68
N THR C 81 -62.39 -15.94 -47.97
CA THR C 81 -62.12 -14.60 -48.49
C THR C 81 -63.31 -14.11 -49.32
N PRO C 82 -64.31 -13.53 -48.69
CA PRO C 82 -65.46 -13.03 -49.46
C PRO C 82 -65.21 -11.58 -49.84
N ASP C 83 -65.29 -11.26 -51.13
CA ASP C 83 -65.09 -9.88 -51.54
C ASP C 83 -66.15 -8.99 -50.91
N LYS C 84 -65.82 -7.72 -50.72
CA LYS C 84 -66.73 -6.77 -50.09
C LYS C 84 -68.14 -6.80 -50.67
N ALA C 85 -68.27 -7.10 -51.97
CA ALA C 85 -69.59 -7.15 -52.57
C ALA C 85 -70.43 -8.28 -51.96
N PHE C 86 -69.86 -9.47 -51.84
CA PHE C 86 -70.59 -10.59 -51.25
C PHE C 86 -70.72 -10.42 -49.74
N GLN C 87 -69.71 -9.81 -49.11
CA GLN C 87 -69.77 -9.62 -47.67
C GLN C 87 -70.88 -8.66 -47.30
N ASP C 88 -71.15 -7.66 -48.14
CA ASP C 88 -72.22 -6.74 -47.80
C ASP C 88 -73.59 -7.37 -47.96
N LYS C 89 -73.68 -8.55 -48.60
CA LYS C 89 -74.97 -9.18 -48.79
C LYS C 89 -75.53 -9.79 -47.50
N LEU C 90 -74.66 -10.15 -46.55
CA LEU C 90 -75.10 -10.76 -45.30
C LEU C 90 -75.10 -9.74 -44.16
N TYR C 91 -75.92 -10.02 -43.14
CA TYR C 91 -76.00 -9.13 -42.00
C TYR C 91 -74.69 -9.11 -41.19
N PRO C 92 -74.39 -7.97 -40.56
CA PRO C 92 -73.16 -7.91 -39.76
C PRO C 92 -73.23 -8.80 -38.54
N PHE C 93 -74.43 -9.09 -38.00
CA PHE C 93 -74.52 -9.96 -36.84
C PHE C 93 -73.85 -11.28 -37.14
N THR C 94 -74.28 -11.89 -38.25
CA THR C 94 -73.77 -13.17 -38.69
C THR C 94 -72.28 -13.13 -38.97
N TRP C 95 -71.83 -12.08 -39.68
CA TRP C 95 -70.38 -12.03 -39.92
C TRP C 95 -69.60 -11.94 -38.61
N ASP C 96 -70.08 -11.14 -37.65
CA ASP C 96 -69.39 -11.03 -36.38
C ASP C 96 -69.41 -12.36 -35.63
N ALA C 97 -70.45 -13.15 -35.82
CA ALA C 97 -70.53 -14.44 -35.13
C ALA C 97 -69.56 -15.45 -35.72
N VAL C 98 -69.21 -15.35 -37.00
CA VAL C 98 -68.28 -16.31 -37.61
C VAL C 98 -66.85 -15.79 -37.64
N ARG C 99 -66.57 -14.67 -36.97
CA ARG C 99 -65.22 -14.12 -36.94
C ARG C 99 -64.49 -14.62 -35.71
N TYR C 100 -63.34 -15.27 -35.93
CA TYR C 100 -62.50 -15.81 -34.87
C TYR C 100 -61.11 -15.21 -34.98
N ASN C 101 -60.73 -14.46 -33.95
CA ASN C 101 -59.44 -13.79 -33.87
C ASN C 101 -59.29 -12.81 -35.03
N GLY C 102 -60.34 -12.02 -35.26
CA GLY C 102 -60.32 -11.05 -36.32
C GLY C 102 -60.22 -11.65 -37.71
N LYS C 103 -60.51 -12.94 -37.87
CA LYS C 103 -60.41 -13.57 -39.18
C LYS C 103 -61.66 -14.42 -39.41
N LEU C 104 -62.25 -14.29 -40.60
CA LEU C 104 -63.45 -15.06 -40.90
C LEU C 104 -63.10 -16.52 -41.13
N ILE C 105 -63.83 -17.41 -40.45
CA ILE C 105 -63.57 -18.85 -40.56
C ILE C 105 -64.72 -19.63 -41.19
N ALA C 106 -65.93 -19.06 -41.32
CA ALA C 106 -67.04 -19.80 -41.91
C ALA C 106 -68.07 -18.83 -42.46
N TYR C 107 -68.88 -19.34 -43.39
CA TYR C 107 -69.94 -18.57 -44.01
C TYR C 107 -71.21 -18.68 -43.17
N PRO C 108 -71.76 -17.59 -42.66
CA PRO C 108 -72.99 -17.70 -41.86
C PRO C 108 -74.19 -17.98 -42.76
N ILE C 109 -74.97 -19.00 -42.41
CA ILE C 109 -76.14 -19.41 -43.18
C ILE C 109 -77.42 -18.82 -42.60
N ALA C 110 -77.67 -19.01 -41.31
CA ALA C 110 -78.90 -18.47 -40.73
C ALA C 110 -78.75 -18.34 -39.23
N VAL C 111 -79.77 -17.73 -38.62
CA VAL C 111 -79.84 -17.51 -37.19
C VAL C 111 -80.95 -18.40 -36.64
N GLU C 112 -80.70 -19.03 -35.50
CA GLU C 112 -81.67 -19.92 -34.90
C GLU C 112 -81.72 -19.65 -33.40
N ALA C 113 -82.95 -19.56 -32.86
CA ALA C 113 -83.19 -19.32 -31.45
C ALA C 113 -84.41 -20.12 -31.03
N LEU C 114 -84.40 -20.58 -29.78
CA LEU C 114 -85.51 -21.37 -29.28
C LEU C 114 -86.78 -20.54 -29.11
N SER C 115 -87.91 -21.18 -29.40
CA SER C 115 -89.22 -20.56 -29.30
C SER C 115 -90.20 -21.53 -28.65
N LEU C 116 -91.26 -20.96 -28.09
CA LEU C 116 -92.30 -21.74 -27.41
C LEU C 116 -93.41 -22.05 -28.42
N ILE C 117 -93.59 -23.32 -28.73
CA ILE C 117 -94.62 -23.77 -29.65
C ILE C 117 -95.74 -24.37 -28.82
N TYR C 118 -96.94 -23.79 -28.93
CA TYR C 118 -98.10 -24.23 -28.17
C TYR C 118 -99.25 -24.64 -29.06
N ASN C 119 -99.98 -25.67 -28.63
CA ASN C 119 -101.14 -26.19 -29.36
C ASN C 119 -102.32 -25.25 -29.14
N LYS C 120 -102.68 -24.48 -30.19
CA LYS C 120 -103.79 -23.53 -30.10
C LYS C 120 -105.11 -24.20 -29.76
N ASP C 121 -105.27 -25.48 -30.06
CA ASP C 121 -106.53 -26.16 -29.75
C ASP C 121 -106.60 -26.56 -28.29
N LEU C 122 -105.53 -27.11 -27.73
CA LEU C 122 -105.51 -27.49 -26.32
C LEU C 122 -105.23 -26.32 -25.41
N LEU C 123 -104.77 -25.19 -25.94
CA LEU C 123 -104.46 -24.01 -25.17
C LEU C 123 -104.59 -22.78 -26.07
N PRO C 124 -105.65 -22.00 -25.93
CA PRO C 124 -105.81 -20.81 -26.80
C PRO C 124 -104.82 -19.70 -26.49
N ASN C 125 -104.58 -19.43 -25.20
CA ASN C 125 -103.65 -18.40 -24.79
C ASN C 125 -102.46 -19.03 -24.10
N PRO C 126 -101.24 -18.89 -24.64
CA PRO C 126 -100.07 -19.50 -24.02
C PRO C 126 -99.75 -18.84 -22.69
N PRO C 127 -99.08 -19.55 -21.78
CA PRO C 127 -98.74 -18.96 -20.48
C PRO C 127 -97.65 -17.91 -20.60
N LYS C 128 -97.74 -16.92 -19.71
CA LYS C 128 -96.77 -15.84 -19.66
C LYS C 128 -95.65 -16.07 -18.66
N THR C 129 -95.83 -17.00 -17.72
CA THR C 129 -94.80 -17.26 -16.71
C THR C 129 -94.65 -18.76 -16.48
N TRP C 130 -93.45 -19.14 -16.04
CA TRP C 130 -93.14 -20.55 -15.76
C TRP C 130 -93.85 -21.05 -14.50
N GLU C 131 -94.02 -20.19 -13.50
CA GLU C 131 -94.66 -20.59 -12.25
C GLU C 131 -96.08 -21.13 -12.44
N GLU C 132 -96.79 -20.71 -13.49
CA GLU C 132 -98.14 -21.20 -13.73
C GLU C 132 -98.20 -22.46 -14.58
N ILE C 133 -97.04 -22.98 -14.99
CA ILE C 133 -96.99 -24.19 -15.80
C ILE C 133 -97.51 -25.39 -15.00
N PRO C 134 -97.13 -25.58 -13.73
CA PRO C 134 -97.69 -26.74 -12.99
C PRO C 134 -99.21 -26.72 -12.94
N ALA C 135 -99.80 -25.57 -12.56
CA ALA C 135 -101.25 -25.46 -12.48
C ALA C 135 -101.87 -25.92 -13.79
N LEU C 136 -101.41 -25.33 -14.90
CA LEU C 136 -101.92 -25.73 -16.20
C LEU C 136 -101.82 -27.24 -16.38
N ASP C 137 -100.66 -27.82 -16.03
CA ASP C 137 -100.46 -29.25 -16.14
C ASP C 137 -101.55 -30.03 -15.42
N LYS C 138 -101.87 -29.64 -14.18
CA LYS C 138 -102.92 -30.32 -13.42
C LYS C 138 -104.24 -30.30 -14.19
N GLU C 139 -104.61 -29.10 -14.67
CA GLU C 139 -105.86 -28.96 -15.41
C GLU C 139 -105.86 -29.85 -16.66
N LEU C 140 -104.70 -29.99 -17.31
CA LEU C 140 -104.64 -30.83 -18.49
C LEU C 140 -104.49 -32.31 -18.15
N LYS C 141 -104.06 -32.64 -16.94
CA LYS C 141 -103.88 -34.03 -16.58
C LYS C 141 -105.23 -34.66 -16.27
N ALA C 142 -106.15 -33.89 -15.71
CA ALA C 142 -107.47 -34.48 -15.48
C ALA C 142 -108.17 -34.77 -16.80
N LYS C 143 -107.71 -34.13 -17.88
CA LYS C 143 -108.23 -34.29 -19.24
C LYS C 143 -107.49 -35.35 -20.04
N GLY C 144 -106.30 -35.75 -19.61
CA GLY C 144 -105.50 -36.74 -20.30
C GLY C 144 -104.40 -36.18 -21.19
N LYS C 145 -103.91 -34.98 -20.90
CA LYS C 145 -102.88 -34.33 -21.69
C LYS C 145 -101.81 -33.75 -20.76
N SER C 146 -100.60 -33.61 -21.32
CA SER C 146 -99.46 -33.04 -20.60
C SER C 146 -99.32 -31.58 -21.04
N ALA C 147 -98.70 -30.78 -20.18
CA ALA C 147 -98.58 -29.35 -20.48
C ALA C 147 -97.24 -28.92 -21.05
N LEU C 148 -96.12 -29.56 -20.71
CA LEU C 148 -94.84 -29.09 -21.26
C LEU C 148 -93.81 -30.21 -21.36
N MET C 149 -93.69 -30.81 -22.54
CA MET C 149 -92.70 -31.85 -22.79
C MET C 149 -91.68 -31.33 -23.79
N PHE C 150 -90.42 -31.25 -23.37
CA PHE C 150 -89.35 -30.78 -24.25
C PHE C 150 -88.08 -31.56 -23.93
N ASN C 151 -87.12 -31.48 -24.85
CA ASN C 151 -85.86 -32.19 -24.73
C ASN C 151 -85.04 -31.77 -23.51
N LEU C 152 -84.91 -32.65 -22.54
CA LEU C 152 -84.13 -32.39 -21.33
C LEU C 152 -82.73 -32.98 -21.40
N GLN C 153 -82.40 -33.71 -22.47
CA GLN C 153 -81.09 -34.32 -22.59
C GLN C 153 -80.04 -33.32 -23.05
N GLU C 154 -80.44 -32.32 -23.84
CA GLU C 154 -79.45 -31.35 -24.28
C GLU C 154 -79.59 -30.07 -23.49
N PRO C 155 -78.48 -29.53 -23.00
CA PRO C 155 -78.55 -28.29 -22.22
C PRO C 155 -78.97 -27.08 -23.02
N TYR C 156 -79.00 -27.15 -24.35
CA TYR C 156 -79.42 -26.00 -25.15
C TYR C 156 -80.88 -25.66 -24.92
N PHE C 157 -81.71 -26.67 -24.65
CA PHE C 157 -83.13 -26.44 -24.41
C PHE C 157 -83.43 -26.05 -22.97
N THR C 158 -82.61 -26.49 -22.02
CA THR C 158 -82.79 -26.18 -20.61
C THR C 158 -82.07 -24.92 -20.16
N TRP C 159 -81.16 -24.39 -20.97
CA TRP C 159 -80.43 -23.20 -20.57
C TRP C 159 -81.31 -21.97 -20.32
N PRO C 160 -82.36 -21.69 -21.11
CA PRO C 160 -83.17 -20.48 -20.83
C PRO C 160 -83.55 -20.31 -19.37
N LEU C 161 -83.91 -21.37 -18.66
CA LEU C 161 -84.25 -21.23 -17.25
C LEU C 161 -83.02 -20.86 -16.43
N ILE C 162 -81.86 -21.42 -16.78
CA ILE C 162 -80.63 -21.14 -16.06
C ILE C 162 -80.22 -19.68 -16.23
N ALA C 163 -80.33 -19.17 -17.46
CA ALA C 163 -79.96 -17.79 -17.73
C ALA C 163 -81.05 -16.79 -17.39
N ALA C 164 -82.24 -17.27 -17.05
CA ALA C 164 -83.35 -16.37 -16.71
C ALA C 164 -83.03 -15.41 -15.58
N ASP C 165 -82.35 -15.88 -14.53
CA ASP C 165 -82.06 -15.01 -13.40
C ASP C 165 -80.57 -14.82 -13.19
N GLY C 166 -79.80 -14.61 -14.26
CA GLY C 166 -78.38 -14.41 -14.06
C GLY C 166 -77.49 -15.58 -14.38
N GLY C 167 -77.80 -16.29 -15.46
CA GLY C 167 -76.99 -17.43 -15.85
C GLY C 167 -75.95 -17.06 -16.89
N TYR C 168 -74.70 -16.92 -16.43
CA TYR C 168 -73.59 -16.58 -17.31
C TYR C 168 -72.92 -17.83 -17.83
N ALA C 169 -72.24 -17.69 -18.95
CA ALA C 169 -71.45 -18.75 -19.57
C ALA C 169 -69.97 -18.38 -19.56
N PHE C 170 -69.66 -17.17 -20.04
CA PHE C 170 -68.31 -16.62 -20.07
C PHE C 170 -68.52 -15.12 -20.17
N LYS C 171 -68.27 -14.40 -19.07
CA LYS C 171 -68.49 -12.96 -19.07
C LYS C 171 -67.69 -12.24 -20.15
N TYR C 172 -68.37 -11.33 -20.84
CA TYR C 172 -67.83 -10.51 -21.92
C TYR C 172 -67.82 -9.09 -21.39
N GLU C 173 -66.65 -8.60 -20.98
CA GLU C 173 -66.53 -7.27 -20.39
C GLU C 173 -65.74 -6.30 -21.26
N ASN C 174 -64.49 -6.62 -21.59
CA ASN C 174 -63.62 -5.77 -22.38
C ASN C 174 -63.55 -6.21 -23.84
N GLY C 175 -64.64 -6.74 -24.39
CA GLY C 175 -64.57 -7.23 -25.74
C GLY C 175 -63.79 -8.52 -25.85
N LYS C 176 -63.51 -9.13 -24.71
CA LYS C 176 -62.77 -10.38 -24.58
C LYS C 176 -63.52 -11.26 -23.59
N TYR C 177 -63.71 -12.52 -23.95
CA TYR C 177 -64.44 -13.45 -23.08
C TYR C 177 -63.50 -14.00 -22.00
N ASP C 178 -63.86 -13.78 -20.74
CA ASP C 178 -63.09 -14.30 -19.63
C ASP C 178 -63.46 -15.76 -19.40
N ILE C 179 -62.47 -16.59 -19.11
CA ILE C 179 -62.75 -18.01 -18.93
C ILE C 179 -62.89 -18.37 -17.46
N LYS C 180 -62.16 -17.69 -16.58
CA LYS C 180 -62.27 -18.03 -15.16
C LYS C 180 -63.65 -17.67 -14.63
N ASP C 181 -64.17 -16.52 -15.04
CA ASP C 181 -65.52 -16.10 -14.66
C ASP C 181 -66.48 -16.85 -15.56
N VAL C 182 -67.21 -17.83 -15.00
CA VAL C 182 -68.12 -18.59 -15.83
C VAL C 182 -69.54 -18.12 -15.63
N GLY C 183 -70.07 -18.24 -14.42
CA GLY C 183 -71.43 -17.82 -14.12
C GLY C 183 -72.36 -18.96 -13.72
N VAL C 184 -72.05 -20.19 -14.08
CA VAL C 184 -72.93 -21.26 -13.62
C VAL C 184 -72.78 -21.35 -12.11
N ASP C 185 -73.80 -21.90 -11.46
CA ASP C 185 -73.87 -22.07 -10.01
C ASP C 185 -74.28 -20.76 -9.32
N ASN C 186 -74.56 -19.69 -10.06
CA ASN C 186 -75.00 -18.46 -9.41
C ASN C 186 -76.36 -18.66 -8.76
N ALA C 187 -76.74 -17.74 -7.88
CA ALA C 187 -78.02 -17.84 -7.20
C ALA C 187 -79.17 -18.00 -8.20
N GLY C 188 -79.18 -17.19 -9.26
CA GLY C 188 -80.23 -17.31 -10.25
C GLY C 188 -80.16 -18.60 -11.03
N ALA C 189 -78.95 -19.04 -11.39
CA ALA C 189 -78.80 -20.29 -12.11
C ALA C 189 -79.30 -21.46 -11.28
N LYS C 190 -78.93 -21.48 -10.00
CA LYS C 190 -79.38 -22.53 -9.10
C LYS C 190 -80.89 -22.48 -8.95
N ALA C 191 -81.46 -21.27 -8.87
CA ALA C 191 -82.91 -21.17 -8.73
C ALA C 191 -83.62 -21.73 -9.95
N GLY C 192 -83.14 -21.39 -11.15
CA GLY C 192 -83.77 -21.91 -12.37
C GLY C 192 -83.65 -23.42 -12.49
N LEU C 193 -82.45 -23.94 -12.23
CA LEU C 193 -82.26 -25.39 -12.32
C LEU C 193 -83.09 -26.09 -11.26
N THR C 194 -83.22 -25.47 -10.07
CA THR C 194 -84.03 -26.05 -9.01
C THR C 194 -85.49 -26.07 -9.43
N PHE C 195 -85.94 -25.03 -10.14
CA PHE C 195 -87.32 -25.02 -10.59
C PHE C 195 -87.55 -26.13 -11.59
N LEU C 196 -86.59 -26.36 -12.49
CA LEU C 196 -86.75 -27.45 -13.45
C LEU C 196 -86.76 -28.81 -12.76
N VAL C 197 -85.85 -29.00 -11.79
CA VAL C 197 -85.79 -30.24 -11.04
C VAL C 197 -87.08 -30.45 -10.26
N ASP C 198 -87.67 -29.36 -9.76
CA ASP C 198 -88.93 -29.46 -9.04
C ASP C 198 -90.05 -29.85 -9.99
N LEU C 199 -90.03 -29.31 -11.21
CA LEU C 199 -91.03 -29.70 -12.20
C LEU C 199 -90.94 -31.18 -12.50
N ILE C 200 -89.72 -31.72 -12.50
CA ILE C 200 -89.55 -33.16 -12.75
C ILE C 200 -90.00 -33.98 -11.55
N LYS C 201 -89.60 -33.58 -10.34
CA LYS C 201 -89.98 -34.31 -9.13
C LYS C 201 -91.48 -34.24 -8.86
N ASN C 202 -92.13 -33.14 -9.21
CA ASN C 202 -93.55 -32.92 -8.99
C ASN C 202 -94.43 -33.66 -10.00
N LYS C 203 -93.86 -34.61 -10.74
CA LYS C 203 -94.55 -35.43 -11.73
C LYS C 203 -95.08 -34.62 -12.90
N HIS C 204 -94.63 -33.38 -13.09
CA HIS C 204 -95.11 -32.58 -14.20
C HIS C 204 -94.30 -32.79 -15.48
N MET C 205 -93.11 -33.37 -15.38
CA MET C 205 -92.28 -33.59 -16.55
C MET C 205 -91.42 -34.82 -16.33
N ASN C 206 -91.15 -35.56 -17.41
CA ASN C 206 -90.33 -36.76 -17.32
C ASN C 206 -88.88 -36.42 -17.64
N ALA C 207 -87.98 -36.86 -16.77
CA ALA C 207 -86.56 -36.56 -16.94
C ALA C 207 -85.93 -37.27 -18.13
N ASP C 208 -86.49 -38.41 -18.54
CA ASP C 208 -85.92 -39.15 -19.66
C ASP C 208 -86.36 -38.61 -21.02
N THR C 209 -87.29 -37.66 -21.06
CA THR C 209 -87.78 -37.10 -22.32
C THR C 209 -86.65 -36.44 -23.11
N ASP C 210 -86.59 -36.76 -24.41
CA ASP C 210 -85.60 -36.21 -25.32
C ASP C 210 -86.32 -35.50 -26.48
N TYR C 211 -85.54 -35.10 -27.48
CA TYR C 211 -86.10 -34.39 -28.64
C TYR C 211 -87.12 -35.24 -29.38
N SER C 212 -86.80 -36.52 -29.61
CA SER C 212 -87.71 -37.40 -30.33
C SER C 212 -89.04 -37.55 -29.61
N ILE C 213 -88.99 -37.91 -28.33
CA ILE C 213 -90.21 -38.11 -27.55
C ILE C 213 -91.03 -36.82 -27.47
N ALA C 214 -90.37 -35.70 -27.21
CA ALA C 214 -91.08 -34.43 -27.11
C ALA C 214 -91.78 -34.09 -28.42
N GLU C 215 -91.04 -34.14 -29.54
CA GLU C 215 -91.63 -33.81 -30.84
C GLU C 215 -92.79 -34.75 -31.19
N ALA C 216 -92.62 -36.05 -30.99
CA ALA C 216 -93.69 -36.99 -31.31
C ALA C 216 -94.93 -36.74 -30.46
N ALA C 217 -94.72 -36.44 -29.17
CA ALA C 217 -95.85 -36.19 -28.29
C ALA C 217 -96.57 -34.91 -28.67
N PHE C 218 -95.83 -33.89 -29.10
CA PHE C 218 -96.50 -32.65 -29.49
C PHE C 218 -97.24 -32.83 -30.81
N ASN C 219 -96.62 -33.53 -31.77
CA ASN C 219 -97.25 -33.74 -33.06
C ASN C 219 -98.50 -34.61 -32.95
N LYS C 220 -98.61 -35.40 -31.88
CA LYS C 220 -99.79 -36.23 -31.70
C LYS C 220 -100.82 -35.59 -30.77
N GLY C 221 -100.68 -34.30 -30.48
CA GLY C 221 -101.61 -33.63 -29.59
C GLY C 221 -101.58 -34.11 -28.16
N GLU C 222 -100.54 -34.84 -27.77
CA GLU C 222 -100.42 -35.35 -26.41
C GLU C 222 -99.93 -34.30 -25.42
N THR C 223 -99.24 -33.26 -25.89
CA THR C 223 -98.76 -32.20 -25.03
C THR C 223 -99.20 -30.85 -25.61
N ALA C 224 -99.40 -29.88 -24.73
CA ALA C 224 -99.85 -28.56 -25.16
C ALA C 224 -98.72 -27.61 -25.50
N MET C 225 -97.51 -27.82 -24.99
CA MET C 225 -96.41 -26.92 -25.28
C MET C 225 -95.13 -27.70 -25.52
N THR C 226 -94.13 -26.98 -26.06
CA THR C 226 -92.81 -27.53 -26.35
C THR C 226 -91.89 -26.35 -26.65
N ILE C 227 -90.59 -26.59 -26.54
CA ILE C 227 -89.57 -25.58 -26.79
C ILE C 227 -88.65 -26.11 -27.89
N ASN C 228 -88.66 -25.43 -29.04
CA ASN C 228 -87.83 -25.85 -30.16
C ASN C 228 -87.57 -24.68 -31.09
N GLY C 229 -86.67 -24.91 -32.04
CA GLY C 229 -86.31 -23.91 -33.02
C GLY C 229 -87.20 -24.01 -34.24
N PRO C 230 -86.78 -23.36 -35.33
CA PRO C 230 -87.58 -23.38 -36.56
C PRO C 230 -87.61 -24.72 -37.28
N TRP C 231 -86.50 -25.48 -37.26
CA TRP C 231 -86.43 -26.76 -37.96
C TRP C 231 -87.62 -27.68 -37.70
N ALA C 232 -88.20 -27.64 -36.50
CA ALA C 232 -89.33 -28.52 -36.18
C ALA C 232 -90.63 -28.11 -36.88
N TRP C 233 -90.74 -26.83 -37.25
CA TRP C 233 -91.94 -26.31 -37.89
C TRP C 233 -92.43 -27.19 -39.03
N SER C 234 -91.53 -27.71 -39.85
CA SER C 234 -91.94 -28.56 -40.98
C SER C 234 -92.71 -29.80 -40.51
N ASN C 235 -92.08 -30.59 -39.64
CA ASN C 235 -92.74 -31.79 -39.13
C ASN C 235 -94.04 -31.45 -38.42
N ILE C 236 -94.08 -30.27 -37.77
CA ILE C 236 -95.31 -29.89 -37.08
C ILE C 236 -96.38 -29.50 -38.09
N ASP C 237 -95.97 -28.95 -39.24
CA ASP C 237 -96.94 -28.59 -40.25
C ASP C 237 -97.56 -29.85 -40.84
N THR C 238 -96.71 -30.85 -41.13
CA THR C 238 -97.22 -32.10 -41.67
C THR C 238 -98.10 -32.83 -40.67
N SER C 239 -98.03 -32.46 -39.38
CA SER C 239 -98.87 -33.11 -38.38
C SER C 239 -100.30 -32.57 -38.37
N LYS C 240 -100.57 -31.50 -39.13
CA LYS C 240 -101.89 -30.88 -39.22
C LYS C 240 -102.40 -30.39 -37.87
N VAL C 241 -101.48 -30.11 -36.95
CA VAL C 241 -101.82 -29.65 -35.61
C VAL C 241 -101.78 -28.13 -35.60
N ASN C 242 -102.88 -27.51 -35.20
CA ASN C 242 -102.95 -26.04 -35.12
C ASN C 242 -102.02 -25.59 -34.00
N TYR C 243 -100.86 -25.05 -34.36
CA TYR C 243 -99.88 -24.62 -33.38
C TYR C 243 -99.56 -23.14 -33.55
N GLY C 244 -98.89 -22.59 -32.54
CA GLY C 244 -98.48 -21.20 -32.53
C GLY C 244 -97.10 -21.04 -31.93
N VAL C 245 -96.27 -20.24 -32.60
CA VAL C 245 -94.91 -19.97 -32.18
C VAL C 245 -94.89 -18.60 -31.50
N THR C 246 -94.45 -18.56 -30.25
CA THR C 246 -94.38 -17.32 -29.50
C THR C 246 -93.14 -17.31 -28.62
N VAL C 247 -93.02 -16.22 -27.83
CA VAL C 247 -91.88 -16.05 -26.94
C VAL C 247 -91.96 -17.05 -25.79
N LEU C 248 -90.81 -17.28 -25.17
CA LEU C 248 -90.72 -18.20 -24.05
C LEU C 248 -91.26 -17.53 -22.79
N PRO C 249 -91.81 -18.32 -21.88
CA PRO C 249 -92.35 -17.75 -20.64
C PRO C 249 -91.25 -17.14 -19.78
N THR C 250 -91.67 -16.31 -18.83
CA THR C 250 -90.78 -15.61 -17.92
C THR C 250 -90.60 -16.37 -16.62
N PHE C 251 -89.39 -16.35 -16.09
CA PHE C 251 -89.05 -17.00 -14.83
C PHE C 251 -88.75 -15.93 -13.80
N LYS C 252 -89.55 -15.90 -12.73
CA LYS C 252 -89.42 -14.91 -11.66
C LYS C 252 -89.43 -13.49 -12.22
N GLY C 253 -90.42 -13.21 -13.06
CA GLY C 253 -90.58 -11.92 -13.69
C GLY C 253 -89.47 -11.52 -14.63
N GLN C 254 -88.59 -12.44 -14.99
CA GLN C 254 -87.53 -12.07 -15.91
C GLN C 254 -87.60 -12.90 -17.18
N PRO C 255 -87.29 -12.30 -18.33
CA PRO C 255 -87.37 -13.03 -19.59
C PRO C 255 -86.32 -14.12 -19.69
N SER C 256 -86.72 -15.27 -20.24
CA SER C 256 -85.81 -16.38 -20.44
C SER C 256 -84.81 -15.99 -21.53
N LYS C 257 -83.52 -16.26 -21.29
CA LYS C 257 -82.48 -15.91 -22.24
C LYS C 257 -81.87 -17.15 -22.89
N PRO C 258 -82.40 -17.60 -24.02
CA PRO C 258 -81.82 -18.76 -24.68
C PRO C 258 -80.65 -18.34 -25.56
N PHE C 259 -79.70 -19.24 -25.72
CA PHE C 259 -78.55 -18.93 -26.56
C PHE C 259 -78.99 -18.82 -28.02
N VAL C 260 -78.39 -17.85 -28.72
CA VAL C 260 -78.70 -17.58 -30.12
C VAL C 260 -77.62 -18.24 -30.96
N GLY C 261 -78.01 -19.28 -31.71
CA GLY C 261 -77.08 -19.99 -32.56
C GLY C 261 -77.07 -19.44 -33.97
N VAL C 262 -75.90 -19.46 -34.59
CA VAL C 262 -75.73 -18.97 -35.96
C VAL C 262 -75.22 -20.14 -36.78
N LEU C 263 -76.15 -20.84 -37.42
CA LEU C 263 -75.80 -21.97 -38.28
C LEU C 263 -74.88 -21.48 -39.38
N SER C 264 -73.68 -22.02 -39.46
CA SER C 264 -72.71 -21.60 -40.45
C SER C 264 -72.07 -22.82 -41.09
N ALA C 265 -71.40 -22.57 -42.21
CA ALA C 265 -70.71 -23.58 -42.99
C ALA C 265 -69.24 -23.24 -43.06
N GLY C 266 -68.39 -24.18 -42.66
CA GLY C 266 -66.95 -24.00 -42.68
C GLY C 266 -66.34 -24.90 -43.74
N ILE C 267 -65.21 -24.45 -44.29
CA ILE C 267 -64.50 -25.19 -45.32
C ILE C 267 -63.32 -25.91 -44.68
N ASN C 268 -63.20 -27.21 -44.94
CA ASN C 268 -62.11 -28.00 -44.37
C ASN C 268 -60.76 -27.50 -44.89
N ALA C 269 -59.86 -27.19 -43.96
CA ALA C 269 -58.54 -26.69 -44.34
C ALA C 269 -57.71 -27.75 -45.05
N ALA C 270 -58.05 -29.04 -44.92
CA ALA C 270 -57.32 -30.10 -45.57
C ALA C 270 -57.90 -30.51 -46.92
N SER C 271 -59.15 -30.12 -47.20
CA SER C 271 -59.77 -30.49 -48.47
C SER C 271 -59.12 -29.71 -49.61
N PRO C 272 -58.64 -30.38 -50.66
CA PRO C 272 -58.03 -29.65 -51.78
C PRO C 272 -59.03 -28.96 -52.68
N ASN C 273 -60.31 -29.00 -52.34
CA ASN C 273 -61.38 -28.41 -53.13
C ASN C 273 -61.92 -27.13 -52.51
N LYS C 274 -61.05 -26.30 -51.92
CA LYS C 274 -61.51 -25.04 -51.34
C LYS C 274 -62.22 -24.20 -52.37
N GLU C 275 -61.75 -24.27 -53.62
CA GLU C 275 -62.36 -23.49 -54.69
C GLU C 275 -63.79 -23.97 -54.95
N LEU C 276 -63.98 -25.29 -55.02
CA LEU C 276 -65.32 -25.81 -55.27
C LEU C 276 -66.24 -25.52 -54.11
N ALA C 277 -65.74 -25.62 -52.87
CA ALA C 277 -66.60 -25.32 -51.72
C ALA C 277 -66.99 -23.84 -51.73
N LYS C 278 -66.04 -22.96 -52.03
CA LYS C 278 -66.34 -21.54 -52.09
C LYS C 278 -67.38 -21.26 -53.18
N GLU C 279 -67.21 -21.88 -54.35
CA GLU C 279 -68.16 -21.70 -55.44
C GLU C 279 -69.55 -22.15 -55.05
N PHE C 280 -69.66 -23.35 -54.48
CA PHE C 280 -70.96 -23.88 -54.09
C PHE C 280 -71.65 -23.03 -53.04
N LEU C 281 -70.89 -22.55 -52.06
CA LEU C 281 -71.48 -21.75 -50.98
C LEU C 281 -71.79 -20.32 -51.36
N GLU C 282 -70.97 -19.72 -52.20
CA GLU C 282 -71.19 -18.31 -52.52
C GLU C 282 -72.07 -18.11 -53.75
N ASN C 283 -72.06 -19.04 -54.69
CA ASN C 283 -72.85 -18.88 -55.91
C ASN C 283 -74.15 -19.67 -55.91
N TYR C 284 -74.25 -20.81 -55.22
CA TYR C 284 -75.50 -21.56 -55.28
C TYR C 284 -76.24 -21.65 -53.95
N LEU C 285 -75.54 -21.88 -52.85
CA LEU C 285 -76.22 -22.02 -51.58
C LEU C 285 -76.68 -20.69 -51.01
N LEU C 286 -75.78 -19.71 -50.90
CA LEU C 286 -76.13 -18.41 -50.34
C LEU C 286 -76.83 -17.49 -51.34
N THR C 287 -77.90 -17.98 -51.94
CA THR C 287 -78.71 -17.23 -52.89
C THR C 287 -80.17 -17.52 -52.55
N ASP C 288 -81.06 -16.70 -53.09
CA ASP C 288 -82.48 -16.92 -52.83
C ASP C 288 -82.91 -18.30 -53.29
N GLU C 289 -82.34 -18.77 -54.40
CA GLU C 289 -82.64 -20.08 -54.98
C GLU C 289 -82.33 -21.25 -54.06
N GLY C 290 -81.04 -21.45 -53.79
CA GLY C 290 -80.61 -22.56 -52.96
C GLY C 290 -81.07 -22.44 -51.52
N LEU C 291 -80.96 -21.24 -50.94
CA LEU C 291 -81.38 -21.07 -49.56
C LEU C 291 -82.89 -21.30 -49.43
N GLU C 292 -83.67 -20.90 -50.43
CA GLU C 292 -85.10 -21.15 -50.41
C GLU C 292 -85.36 -22.65 -50.49
N ALA C 293 -84.60 -23.35 -51.34
CA ALA C 293 -84.78 -24.80 -51.46
C ALA C 293 -84.50 -25.51 -50.15
N VAL C 294 -83.47 -25.07 -49.41
CA VAL C 294 -83.18 -25.71 -48.12
C VAL C 294 -84.29 -25.39 -47.12
N ASN C 295 -84.72 -24.12 -47.09
CA ASN C 295 -85.80 -23.71 -46.20
C ASN C 295 -87.07 -24.48 -46.51
N LYS C 296 -87.27 -24.85 -47.78
CA LYS C 296 -88.46 -25.59 -48.19
C LYS C 296 -88.53 -26.92 -47.45
N ASP C 297 -87.41 -27.66 -47.44
CA ASP C 297 -87.31 -28.95 -46.78
C ASP C 297 -87.53 -28.80 -45.28
N LYS C 298 -86.60 -28.10 -44.62
CA LYS C 298 -86.71 -27.88 -43.19
C LYS C 298 -86.39 -26.41 -42.94
N PRO C 299 -87.30 -25.64 -42.35
CA PRO C 299 -87.00 -24.22 -42.12
C PRO C 299 -85.76 -24.06 -41.26
N LEU C 300 -85.04 -22.98 -41.51
CA LEU C 300 -83.80 -22.66 -40.80
C LEU C 300 -83.87 -21.34 -40.04
N GLY C 301 -85.05 -20.76 -39.90
CA GLY C 301 -85.22 -19.52 -39.16
C GLY C 301 -84.74 -18.30 -39.90
N ALA C 302 -84.42 -17.27 -39.10
CA ALA C 302 -83.94 -16.00 -39.62
C ALA C 302 -82.60 -16.18 -40.33
N VAL C 303 -82.60 -16.03 -41.65
CA VAL C 303 -81.38 -16.21 -42.42
C VAL C 303 -80.50 -14.97 -42.38
N ALA C 304 -79.25 -15.14 -42.80
CA ALA C 304 -78.28 -14.06 -42.85
C ALA C 304 -78.35 -13.25 -44.13
N LEU C 305 -78.93 -13.81 -45.19
CA LEU C 305 -79.04 -13.14 -46.48
C LEU C 305 -80.13 -12.07 -46.41
N LYS C 306 -79.74 -10.82 -46.66
CA LYS C 306 -80.69 -9.71 -46.61
C LYS C 306 -81.79 -9.86 -47.66
N SER C 307 -81.44 -10.36 -48.85
CA SER C 307 -82.42 -10.53 -49.92
C SER C 307 -83.58 -11.43 -49.50
N TYR C 308 -83.28 -12.56 -48.88
CA TYR C 308 -84.32 -13.50 -48.47
C TYR C 308 -84.97 -13.07 -47.16
N GLU C 309 -84.17 -12.69 -46.17
CA GLU C 309 -84.70 -12.27 -44.87
C GLU C 309 -85.64 -11.07 -45.01
N GLU C 310 -85.40 -10.21 -46.00
CA GLU C 310 -86.23 -9.03 -46.22
C GLU C 310 -87.70 -9.40 -46.30
N GLU C 311 -88.02 -10.47 -47.03
CA GLU C 311 -89.40 -10.90 -47.16
C GLU C 311 -89.69 -12.16 -46.35
N LEU C 312 -88.71 -12.64 -45.59
CA LEU C 312 -88.92 -13.81 -44.75
C LEU C 312 -89.33 -13.41 -43.34
N VAL C 313 -88.93 -12.20 -42.92
CA VAL C 313 -89.29 -11.72 -41.59
C VAL C 313 -90.78 -11.45 -41.44
N LYS C 314 -91.51 -11.42 -42.56
CA LYS C 314 -92.95 -11.18 -42.51
C LYS C 314 -93.70 -12.32 -41.82
N ASP C 315 -93.10 -13.50 -41.75
CA ASP C 315 -93.73 -14.65 -41.09
C ASP C 315 -93.76 -14.43 -39.59
N PRO C 316 -94.94 -14.48 -38.95
CA PRO C 316 -94.99 -14.30 -37.49
C PRO C 316 -94.11 -15.28 -36.76
N ARG C 317 -93.89 -16.47 -37.30
CA ARG C 317 -93.02 -17.43 -36.65
C ARG C 317 -91.59 -16.91 -36.62
N ILE C 318 -91.11 -16.41 -37.77
CA ILE C 318 -89.77 -15.84 -37.84
C ILE C 318 -89.64 -14.65 -36.92
N ALA C 319 -90.70 -13.82 -36.85
CA ALA C 319 -90.66 -12.66 -35.96
C ALA C 319 -90.57 -13.09 -34.51
N ALA C 320 -91.31 -14.13 -34.13
CA ALA C 320 -91.27 -14.62 -32.75
C ALA C 320 -89.89 -15.19 -32.43
N THR C 321 -89.30 -15.95 -33.37
CA THR C 321 -87.98 -16.50 -33.15
C THR C 321 -86.96 -15.38 -33.01
N MET C 322 -87.09 -14.34 -33.84
CA MET C 322 -86.18 -13.20 -33.76
C MET C 322 -86.33 -12.47 -32.43
N GLU C 323 -87.56 -12.36 -31.93
CA GLU C 323 -87.77 -11.69 -30.65
C GLU C 323 -87.15 -12.50 -29.52
N ASN C 324 -87.31 -13.83 -29.55
CA ASN C 324 -86.67 -14.65 -28.52
C ASN C 324 -85.15 -14.49 -28.58
N ALA C 325 -84.59 -14.44 -29.79
CA ALA C 325 -83.16 -14.24 -29.92
C ALA C 325 -82.76 -12.88 -29.36
N GLN C 326 -83.56 -11.85 -29.63
CA GLN C 326 -83.29 -10.52 -29.10
C GLN C 326 -83.26 -10.54 -27.59
N LYS C 327 -84.24 -11.19 -26.96
CA LYS C 327 -84.27 -11.27 -25.51
C LYS C 327 -83.12 -12.10 -24.98
N GLY C 328 -82.61 -13.03 -25.78
CA GLY C 328 -81.49 -13.88 -25.40
C GLY C 328 -80.15 -13.23 -25.69
N GLU C 329 -79.12 -14.07 -25.79
CA GLU C 329 -77.77 -13.60 -26.06
C GLU C 329 -77.09 -14.52 -27.06
N ILE C 330 -76.30 -13.95 -27.97
CA ILE C 330 -75.59 -14.73 -28.98
C ILE C 330 -74.53 -15.62 -28.31
N MET C 331 -74.34 -16.81 -28.89
CA MET C 331 -73.37 -17.77 -28.35
C MET C 331 -71.94 -17.37 -28.70
N PRO C 332 -71.02 -17.39 -27.74
CA PRO C 332 -69.63 -17.07 -28.05
C PRO C 332 -69.04 -18.22 -28.83
N ASN C 333 -68.03 -17.92 -29.65
CA ASN C 333 -67.38 -18.94 -30.47
C ASN C 333 -66.03 -19.35 -29.93
N ILE C 334 -65.75 -19.10 -28.64
CA ILE C 334 -64.47 -19.47 -28.04
C ILE C 334 -64.42 -21.00 -27.98
N PRO C 335 -63.23 -21.60 -27.92
CA PRO C 335 -63.18 -23.08 -27.88
C PRO C 335 -63.74 -23.67 -26.60
N GLN C 336 -63.49 -23.05 -25.45
CA GLN C 336 -63.99 -23.57 -24.18
C GLN C 336 -65.49 -23.86 -24.19
N MET C 337 -66.25 -23.16 -25.03
CA MET C 337 -67.69 -23.40 -25.14
C MET C 337 -68.00 -24.89 -25.21
N SER C 338 -67.22 -25.63 -26.00
CA SER C 338 -67.42 -27.07 -26.12
C SER C 338 -67.52 -27.70 -24.73
N ALA C 339 -66.40 -27.62 -23.99
CA ALA C 339 -66.40 -28.17 -22.64
C ALA C 339 -67.57 -27.64 -21.84
N PHE C 340 -67.87 -26.34 -21.98
CA PHE C 340 -69.00 -25.71 -21.29
C PHE C 340 -70.23 -26.59 -21.40
N TRP C 341 -70.62 -26.87 -22.65
CA TRP C 341 -71.81 -27.70 -22.86
C TRP C 341 -71.61 -29.07 -22.24
N TYR C 342 -70.46 -29.71 -22.48
CA TYR C 342 -70.23 -31.03 -21.87
C TYR C 342 -70.53 -31.03 -20.37
N ALA C 343 -70.24 -29.91 -19.72
CA ALA C 343 -70.47 -29.77 -18.30
C ALA C 343 -71.95 -29.58 -18.00
N VAL C 344 -72.58 -28.57 -18.61
CA VAL C 344 -73.98 -28.36 -18.33
C VAL C 344 -74.79 -29.61 -18.71
N ARG C 345 -74.50 -30.19 -19.87
CA ARG C 345 -75.18 -31.42 -20.30
C ARG C 345 -75.15 -32.46 -19.20
N THR C 346 -74.02 -32.52 -18.49
CA THR C 346 -73.92 -33.47 -17.39
C THR C 346 -74.72 -32.98 -16.20
N ALA C 347 -74.49 -31.74 -15.78
CA ALA C 347 -75.19 -31.18 -14.63
C ALA C 347 -76.68 -31.41 -14.76
N VAL C 348 -77.28 -30.92 -15.85
CA VAL C 348 -78.70 -31.09 -16.11
C VAL C 348 -79.13 -32.55 -15.96
N ILE C 349 -78.38 -33.47 -16.58
CA ILE C 349 -78.73 -34.88 -16.45
C ILE C 349 -78.72 -35.32 -14.99
N ASN C 350 -77.63 -35.05 -14.28
CA ASN C 350 -77.54 -35.40 -12.86
C ASN C 350 -78.58 -34.69 -12.01
N ALA C 351 -79.11 -33.56 -12.47
CA ALA C 351 -80.15 -32.85 -11.73
C ALA C 351 -81.50 -33.47 -12.01
N ALA C 352 -81.68 -34.01 -13.21
CA ALA C 352 -82.93 -34.67 -13.57
C ALA C 352 -83.04 -36.00 -12.86
N SER C 353 -81.92 -36.70 -12.74
CA SER C 353 -81.85 -37.98 -12.06
C SER C 353 -81.47 -37.75 -10.60
N GLY C 354 -81.60 -38.79 -9.79
CA GLY C 354 -81.27 -38.65 -8.38
C GLY C 354 -79.79 -38.77 -8.06
N ARG C 355 -78.93 -38.62 -9.08
CA ARG C 355 -77.49 -38.70 -8.86
C ARG C 355 -76.99 -37.61 -7.93
N GLN C 356 -77.11 -36.36 -8.38
CA GLN C 356 -76.63 -35.22 -7.62
C GLN C 356 -77.72 -34.18 -7.42
N THR C 357 -77.57 -33.40 -6.36
CA THR C 357 -78.50 -32.33 -6.08
C THR C 357 -78.21 -31.17 -7.03
N VAL C 358 -79.05 -30.14 -6.98
CA VAL C 358 -78.85 -28.99 -7.84
C VAL C 358 -77.52 -28.31 -7.52
N ASP C 359 -77.26 -28.09 -6.23
CA ASP C 359 -76.01 -27.44 -5.83
C ASP C 359 -74.81 -28.26 -6.23
N GLU C 360 -74.85 -29.58 -6.01
CA GLU C 360 -73.71 -30.43 -6.37
C GLU C 360 -73.45 -30.40 -7.87
N ALA C 361 -74.51 -30.55 -8.67
CA ALA C 361 -74.35 -30.54 -10.12
C ALA C 361 -73.79 -29.22 -10.60
N LEU C 362 -74.29 -28.09 -10.06
CA LEU C 362 -73.77 -26.80 -10.49
C LEU C 362 -72.35 -26.54 -9.98
N LYS C 363 -71.97 -27.09 -8.82
CA LYS C 363 -70.60 -26.90 -8.34
C LYS C 363 -69.62 -27.65 -9.24
N ASP C 364 -70.04 -28.83 -9.69
CA ASP C 364 -69.18 -29.60 -10.58
C ASP C 364 -69.13 -28.96 -11.96
N ALA C 365 -70.26 -28.42 -12.42
CA ALA C 365 -70.24 -27.76 -13.72
C ALA C 365 -69.39 -26.49 -13.63
N GLN C 366 -69.44 -25.82 -12.47
CA GLN C 366 -68.66 -24.60 -12.26
C GLN C 366 -67.19 -24.89 -12.45
N THR C 367 -66.74 -26.06 -11.98
CA THR C 367 -65.33 -26.41 -12.14
C THR C 367 -65.04 -26.89 -13.57
N ASN C 368 -65.37 -26.01 -14.52
CA ASN C 368 -65.12 -26.25 -15.93
C ASN C 368 -64.34 -25.11 -16.59
N SER C 369 -64.11 -24.00 -15.88
CA SER C 369 -63.36 -22.88 -16.42
C SER C 369 -61.92 -23.27 -16.74
N SER C 370 -61.18 -23.68 -15.72
CA SER C 370 -59.79 -24.09 -15.85
C SER C 370 -59.66 -25.53 -16.34
N SER C 371 -60.71 -26.06 -16.95
CA SER C 371 -60.68 -27.43 -17.44
C SER C 371 -59.86 -27.51 -18.71
N ARG C 372 -58.60 -27.09 -18.63
CA ARG C 372 -57.67 -27.15 -19.75
C ARG C 372 -56.53 -28.10 -19.42
N ARG C 373 -56.75 -28.96 -18.43
CA ARG C 373 -55.78 -29.94 -17.96
C ARG C 373 -55.69 -31.18 -18.84
N ARG C 374 -56.56 -31.31 -19.86
CA ARG C 374 -56.54 -32.45 -20.76
C ARG C 374 -56.63 -32.00 -22.21
N ILE C 375 -56.20 -32.88 -23.10
CA ILE C 375 -56.17 -32.66 -24.54
C ILE C 375 -56.49 -33.97 -25.26
N GLU C 376 -57.32 -33.88 -26.30
CA GLU C 376 -57.72 -35.05 -27.06
C GLU C 376 -56.57 -35.57 -27.92
N PRO C 377 -56.64 -36.84 -28.33
CA PRO C 377 -55.55 -37.38 -29.17
C PRO C 377 -55.48 -36.78 -30.56
N TRP C 378 -56.62 -36.47 -31.18
CA TRP C 378 -56.57 -35.89 -32.51
C TRP C 378 -55.83 -34.56 -32.47
N GLU C 379 -56.18 -33.69 -31.51
CA GLU C 379 -55.47 -32.42 -31.41
C GLU C 379 -54.03 -32.64 -30.94
N PHE C 380 -53.77 -33.75 -30.24
CA PHE C 380 -52.38 -34.01 -29.87
C PHE C 380 -51.56 -34.32 -31.11
N ASP C 381 -52.15 -35.06 -32.05
CA ASP C 381 -51.44 -35.35 -33.29
C ASP C 381 -51.32 -34.11 -34.17
N VAL C 382 -52.26 -33.18 -34.05
CA VAL C 382 -52.20 -31.96 -34.85
C VAL C 382 -51.15 -30.99 -34.29
N PHE C 383 -51.00 -30.95 -32.97
CA PHE C 383 -50.07 -30.03 -32.33
C PHE C 383 -48.66 -30.59 -32.11
N TYR C 384 -48.54 -31.68 -31.35
CA TYR C 384 -47.24 -32.28 -31.04
C TYR C 384 -46.95 -33.41 -32.03
N ASP C 385 -46.41 -33.03 -33.18
CA ASP C 385 -46.07 -33.99 -34.22
C ASP C 385 -44.87 -33.35 -34.90
N PRO C 386 -43.80 -34.10 -35.15
CA PRO C 386 -42.62 -33.51 -35.80
C PRO C 386 -42.86 -32.93 -37.18
N ARG C 387 -44.11 -32.96 -37.64
CA ARG C 387 -44.45 -32.45 -38.96
C ARG C 387 -45.09 -31.06 -38.83
N GLU C 388 -44.72 -30.18 -39.75
CA GLU C 388 -45.12 -28.78 -39.74
C GLU C 388 -46.61 -28.52 -39.97
N LEU C 389 -47.10 -27.49 -39.26
CA LEU C 389 -48.46 -26.94 -39.28
C LEU C 389 -48.28 -25.60 -38.55
N ARG C 390 -48.70 -24.47 -39.13
CA ARG C 390 -48.42 -23.21 -38.43
C ARG C 390 -49.52 -22.68 -37.52
N LYS C 391 -50.81 -22.85 -37.85
CA LYS C 391 -51.86 -22.34 -36.96
C LYS C 391 -51.78 -22.92 -35.55
N GLU C 392 -50.90 -23.88 -35.33
CA GLU C 392 -50.79 -24.51 -34.03
C GLU C 392 -50.10 -23.61 -33.02
N ALA C 393 -50.65 -23.60 -31.81
CA ALA C 393 -50.18 -22.83 -30.66
C ALA C 393 -50.66 -23.64 -29.45
N CYS C 394 -49.79 -24.51 -28.96
CA CYS C 394 -50.11 -25.39 -27.85
C CYS C 394 -48.97 -25.40 -26.85
N LEU C 395 -49.33 -25.47 -25.58
CA LEU C 395 -48.32 -25.49 -24.54
C LEU C 395 -48.79 -26.39 -23.40
N LEU C 396 -47.97 -27.35 -23.04
CA LEU C 396 -48.28 -28.26 -21.94
C LEU C 396 -47.34 -27.85 -20.84
N TYR C 397 -47.87 -27.17 -19.84
CA TYR C 397 -47.04 -26.65 -18.77
C TYR C 397 -47.31 -27.43 -17.49
N GLU C 398 -46.20 -27.77 -16.82
CA GLU C 398 -46.18 -28.55 -15.60
C GLU C 398 -45.34 -27.77 -14.60
N ILE C 399 -46.00 -27.23 -13.58
CA ILE C 399 -45.38 -26.41 -12.54
C ILE C 399 -45.24 -27.21 -11.27
N LYS C 400 -44.01 -27.43 -10.83
CA LYS C 400 -43.72 -28.16 -9.60
C LYS C 400 -43.42 -27.14 -8.51
N TRP C 401 -44.16 -27.23 -7.40
CA TRP C 401 -43.99 -26.32 -6.28
C TRP C 401 -43.15 -27.01 -5.22
N GLY C 402 -41.95 -26.49 -4.96
CA GLY C 402 -41.05 -27.10 -3.99
C GLY C 402 -41.64 -27.18 -2.59
N ALA C 403 -42.55 -26.26 -2.25
CA ALA C 403 -43.15 -26.26 -0.93
C ALA C 403 -44.05 -27.48 -0.72
N SER C 404 -44.97 -27.72 -1.65
CA SER C 404 -45.89 -28.85 -1.57
C SER C 404 -45.42 -30.07 -2.32
N SER C 405 -44.34 -29.96 -3.10
CA SER C 405 -43.80 -31.07 -3.88
C SER C 405 -44.86 -31.66 -4.81
N LYS C 406 -45.80 -30.82 -5.24
CA LYS C 406 -46.87 -31.22 -6.13
C LYS C 406 -46.67 -30.56 -7.49
N ILE C 407 -47.10 -31.27 -8.52
CA ILE C 407 -47.01 -30.82 -9.90
C ILE C 407 -48.41 -30.45 -10.39
N TRP C 408 -48.52 -29.27 -11.00
CA TRP C 408 -49.78 -28.80 -11.56
C TRP C 408 -49.62 -28.81 -13.07
N ARG C 409 -50.40 -29.64 -13.73
CA ARG C 409 -50.36 -29.80 -15.18
C ARG C 409 -51.56 -29.13 -15.83
N SER C 410 -51.34 -28.59 -17.03
CA SER C 410 -52.42 -27.99 -17.82
C SER C 410 -51.88 -27.54 -19.17
N SER C 411 -52.73 -26.93 -19.99
CA SER C 411 -52.27 -26.50 -21.30
C SER C 411 -52.55 -25.03 -21.64
N GLY C 412 -52.23 -24.67 -22.86
CA GLY C 412 -52.40 -23.31 -23.36
C GLY C 412 -52.59 -23.32 -24.85
N LYS C 413 -53.35 -22.33 -25.32
CA LYS C 413 -53.77 -22.15 -26.71
C LYS C 413 -53.26 -20.82 -27.28
N ASN C 414 -53.69 -20.49 -28.50
CA ASN C 414 -53.22 -19.29 -29.19
C ASN C 414 -53.85 -18.00 -28.69
N THR C 415 -55.14 -17.79 -28.95
CA THR C 415 -55.90 -16.62 -28.53
C THR C 415 -55.19 -15.30 -28.90
N THR C 416 -55.08 -15.06 -30.22
CA THR C 416 -54.49 -13.86 -30.82
C THR C 416 -53.14 -13.44 -30.24
N ASN C 417 -52.49 -14.30 -29.47
CA ASN C 417 -51.21 -13.96 -28.87
C ASN C 417 -50.36 -15.22 -28.80
N HIS C 418 -49.06 -15.02 -28.72
CA HIS C 418 -48.20 -16.18 -28.60
C HIS C 418 -48.48 -16.87 -27.28
N VAL C 419 -48.51 -18.21 -27.31
CA VAL C 419 -48.84 -18.93 -26.10
C VAL C 419 -47.94 -18.51 -24.93
N ALA C 420 -46.70 -18.12 -25.22
CA ALA C 420 -45.80 -17.71 -24.15
C ALA C 420 -46.33 -16.52 -23.38
N VAL C 421 -46.72 -15.46 -24.09
CA VAL C 421 -47.23 -14.27 -23.40
C VAL C 421 -48.53 -14.61 -22.69
N ASN C 422 -49.33 -15.51 -23.26
CA ASN C 422 -50.57 -15.87 -22.56
C ASN C 422 -50.26 -16.54 -21.22
N PHE C 423 -49.31 -17.49 -21.22
CA PHE C 423 -48.95 -18.13 -19.97
C PHE C 423 -48.38 -17.12 -18.98
N ILE C 424 -47.55 -16.20 -19.47
CA ILE C 424 -46.96 -15.20 -18.58
C ILE C 424 -48.04 -14.38 -17.90
N LYS C 425 -49.02 -13.92 -18.67
CA LYS C 425 -50.11 -13.14 -18.08
C LYS C 425 -50.89 -13.96 -17.07
N LYS C 426 -51.19 -15.22 -17.40
CA LYS C 426 -51.95 -16.07 -16.48
C LYS C 426 -51.21 -16.31 -15.18
N PHE C 427 -49.90 -16.55 -15.27
CA PHE C 427 -49.12 -16.80 -14.07
C PHE C 427 -48.98 -15.54 -13.23
N THR C 428 -48.77 -14.40 -13.87
CA THR C 428 -48.63 -13.16 -13.11
C THR C 428 -49.94 -12.79 -12.43
N SER C 429 -51.08 -12.99 -13.11
CA SER C 429 -52.36 -12.64 -12.50
C SER C 429 -52.72 -13.59 -11.36
N GLU C 430 -52.29 -14.85 -11.42
CA GLU C 430 -52.62 -15.80 -10.35
C GLU C 430 -51.54 -15.89 -9.28
N ARG C 431 -50.58 -14.97 -9.26
CA ARG C 431 -49.51 -15.02 -8.27
C ARG C 431 -50.04 -14.89 -6.84
N ASP C 432 -51.03 -14.03 -6.61
CA ASP C 432 -51.56 -13.84 -5.26
C ASP C 432 -52.24 -15.09 -4.73
N PHE C 433 -52.84 -15.91 -5.60
CA PHE C 433 -53.51 -17.12 -5.12
C PHE C 433 -52.51 -18.18 -4.68
N HIS C 434 -51.45 -18.38 -5.45
CA HIS C 434 -50.45 -19.39 -5.17
C HIS C 434 -49.38 -18.93 -4.17
N PRO C 435 -48.65 -19.86 -3.58
CA PRO C 435 -47.58 -19.51 -2.63
C PRO C 435 -46.36 -18.95 -3.34
N SER C 436 -45.41 -18.50 -2.54
CA SER C 436 -44.16 -17.91 -3.04
C SER C 436 -43.01 -18.81 -2.64
N THR C 437 -42.58 -19.67 -3.56
CA THR C 437 -41.47 -20.59 -3.32
C THR C 437 -40.71 -20.83 -4.62
N SER C 438 -39.79 -21.79 -4.60
CA SER C 438 -38.97 -22.15 -5.76
C SER C 438 -39.82 -22.92 -6.76
N CYS C 439 -40.31 -22.22 -7.77
CA CYS C 439 -41.16 -22.81 -8.78
C CYS C 439 -40.32 -23.42 -9.90
N SER C 440 -40.67 -24.66 -10.31
CA SER C 440 -40.02 -25.36 -11.40
C SER C 440 -41.03 -25.50 -12.54
N ILE C 441 -40.87 -24.71 -13.59
CA ILE C 441 -41.79 -24.73 -14.72
C ILE C 441 -41.21 -25.55 -15.85
N THR C 442 -42.02 -26.44 -16.41
CA THR C 442 -41.63 -27.29 -17.54
C THR C 442 -42.62 -27.08 -18.66
N TRP C 443 -42.13 -26.58 -19.79
CA TRP C 443 -42.96 -26.34 -20.97
C TRP C 443 -42.77 -27.40 -22.03
N PHE C 444 -43.88 -27.77 -22.67
CA PHE C 444 -43.90 -28.73 -23.77
C PHE C 444 -44.69 -28.04 -24.87
N LEU C 445 -44.00 -27.43 -25.83
CA LEU C 445 -44.69 -26.74 -26.92
C LEU C 445 -44.17 -27.27 -28.25
N SER C 446 -44.96 -27.03 -29.30
CA SER C 446 -44.58 -27.53 -30.61
C SER C 446 -43.57 -26.63 -31.30
N TRP C 447 -43.83 -25.33 -31.36
CA TRP C 447 -42.92 -24.40 -32.02
C TRP C 447 -42.01 -23.71 -31.02
N SER C 448 -40.75 -23.54 -31.41
CA SER C 448 -39.78 -22.87 -30.55
C SER C 448 -40.17 -21.39 -30.41
N PRO C 449 -40.00 -20.83 -29.22
CA PRO C 449 -40.37 -19.41 -29.01
C PRO C 449 -39.68 -18.49 -29.99
N CYS C 450 -40.44 -17.53 -30.51
CA CYS C 450 -39.96 -16.56 -31.47
C CYS C 450 -39.13 -15.48 -30.77
N TRP C 451 -38.67 -14.51 -31.56
CA TRP C 451 -37.89 -13.39 -31.03
C TRP C 451 -38.64 -12.66 -29.93
N GLU C 452 -39.85 -12.21 -30.24
CA GLU C 452 -40.67 -11.49 -29.26
C GLU C 452 -40.95 -12.34 -28.04
N CYS C 453 -41.27 -13.62 -28.23
CA CYS C 453 -41.52 -14.48 -27.08
C CYS C 453 -40.27 -14.69 -26.24
N SER C 454 -39.11 -14.76 -26.87
CA SER C 454 -37.88 -14.92 -26.11
C SER C 454 -37.67 -13.71 -25.22
N GLN C 455 -37.91 -12.52 -25.76
CA GLN C 455 -37.75 -11.31 -24.96
C GLN C 455 -38.78 -11.27 -23.83
N ALA C 456 -40.02 -11.66 -24.12
CA ALA C 456 -41.07 -11.67 -23.09
C ALA C 456 -40.75 -12.67 -22.00
N ILE C 457 -40.27 -13.86 -22.37
CA ILE C 457 -39.92 -14.89 -21.41
C ILE C 457 -38.76 -14.42 -20.54
N ARG C 458 -37.78 -13.73 -21.15
CA ARG C 458 -36.65 -13.27 -20.35
C ARG C 458 -37.11 -12.18 -19.38
N GLU C 459 -37.98 -11.28 -19.83
CA GLU C 459 -38.46 -10.24 -18.91
C GLU C 459 -39.25 -10.86 -17.77
N PHE C 460 -40.06 -11.89 -18.05
CA PHE C 460 -40.80 -12.56 -16.98
C PHE C 460 -39.86 -13.27 -16.01
N LEU C 461 -38.81 -13.90 -16.54
CA LEU C 461 -37.88 -14.62 -15.69
C LEU C 461 -37.06 -13.66 -14.83
N SER C 462 -36.76 -12.46 -15.34
CA SER C 462 -36.03 -11.51 -14.51
C SER C 462 -36.99 -10.82 -13.55
N ARG C 463 -38.26 -10.73 -13.94
CA ARG C 463 -39.28 -10.11 -13.10
C ARG C 463 -39.51 -10.95 -11.85
N HIS C 464 -39.51 -12.27 -12.00
CA HIS C 464 -39.69 -13.21 -10.90
C HIS C 464 -38.42 -14.00 -10.71
N PRO C 465 -37.61 -13.72 -9.68
CA PRO C 465 -36.33 -14.43 -9.51
C PRO C 465 -36.43 -15.95 -9.38
N GLY C 466 -37.19 -16.45 -8.41
CA GLY C 466 -37.29 -17.87 -8.20
C GLY C 466 -38.14 -18.69 -9.14
N VAL C 467 -37.75 -18.80 -10.41
CA VAL C 467 -38.48 -19.58 -11.40
C VAL C 467 -37.49 -20.30 -12.31
N THR C 468 -37.35 -21.60 -12.14
CA THR C 468 -36.45 -22.40 -12.97
C THR C 468 -37.27 -22.93 -14.14
N LEU C 469 -37.03 -22.40 -15.33
CA LEU C 469 -37.78 -22.78 -16.53
C LEU C 469 -36.98 -23.66 -17.46
N VAL C 470 -37.60 -24.75 -17.90
CA VAL C 470 -37.04 -25.68 -18.87
C VAL C 470 -38.05 -25.77 -20.01
N ILE C 471 -37.56 -25.78 -21.25
CA ILE C 471 -38.41 -25.80 -22.43
C ILE C 471 -38.06 -26.99 -23.32
N TYR C 472 -39.10 -27.72 -23.72
CA TYR C 472 -39.00 -28.86 -24.62
C TYR C 472 -39.84 -28.52 -25.83
N VAL C 473 -39.18 -28.33 -26.97
CA VAL C 473 -39.88 -27.98 -28.20
C VAL C 473 -39.86 -29.16 -29.17
N ALA C 474 -40.94 -29.28 -29.93
CA ALA C 474 -41.10 -30.33 -30.91
C ALA C 474 -40.71 -29.90 -32.32
N ARG C 475 -40.78 -28.60 -32.60
CA ARG C 475 -40.42 -28.06 -33.90
C ARG C 475 -39.70 -26.74 -33.67
N LEU C 476 -39.13 -26.19 -34.74
CA LEU C 476 -38.40 -24.93 -34.67
C LEU C 476 -39.10 -23.93 -35.57
N PHE C 477 -39.51 -22.80 -34.99
CA PHE C 477 -40.20 -21.76 -35.74
C PHE C 477 -39.21 -20.77 -36.32
N ALA C 478 -39.20 -20.67 -37.66
CA ALA C 478 -38.32 -19.78 -38.41
C ALA C 478 -36.88 -19.87 -37.89
N HIS C 479 -36.35 -21.10 -37.93
CA HIS C 479 -35.00 -21.33 -37.44
C HIS C 479 -33.95 -20.66 -38.32
N MET C 480 -34.33 -19.98 -39.38
CA MET C 480 -33.38 -19.30 -40.26
C MET C 480 -33.53 -17.79 -40.18
N ASP C 481 -33.93 -17.27 -39.04
CA ASP C 481 -34.08 -15.84 -38.83
C ASP C 481 -33.09 -15.44 -37.74
N GLN C 482 -32.21 -14.50 -38.06
CA GLN C 482 -31.20 -14.05 -37.10
C GLN C 482 -31.84 -13.63 -35.78
N GLN C 483 -33.02 -13.00 -35.83
CA GLN C 483 -33.68 -12.58 -34.60
C GLN C 483 -34.13 -13.77 -33.75
N ASN C 484 -34.81 -14.75 -34.37
CA ASN C 484 -35.23 -15.91 -33.61
C ASN C 484 -34.05 -16.70 -33.10
N ARG C 485 -33.01 -16.81 -33.93
CA ARG C 485 -31.79 -17.51 -33.56
C ARG C 485 -31.20 -16.90 -32.29
N GLN C 486 -30.97 -15.58 -32.32
CA GLN C 486 -30.44 -14.89 -31.14
C GLN C 486 -31.39 -14.96 -29.98
N GLY C 487 -32.70 -15.06 -30.24
CA GLY C 487 -33.65 -15.16 -29.15
C GLY C 487 -33.50 -16.48 -28.41
N LEU C 488 -33.35 -17.58 -29.15
CA LEU C 488 -33.14 -18.87 -28.49
C LEU C 488 -31.83 -18.85 -27.74
N ARG C 489 -30.78 -18.28 -28.35
CA ARG C 489 -29.51 -18.19 -27.66
C ARG C 489 -29.64 -17.34 -26.40
N ASP C 490 -30.46 -16.29 -26.47
CA ASP C 490 -30.69 -15.44 -25.31
C ASP C 490 -31.37 -16.22 -24.20
N LEU C 491 -32.39 -17.00 -24.55
CA LEU C 491 -33.08 -17.78 -23.53
C LEU C 491 -32.12 -18.76 -22.87
N VAL C 492 -31.27 -19.43 -23.64
CA VAL C 492 -30.32 -20.37 -23.05
C VAL C 492 -29.30 -19.64 -22.17
N ASN C 493 -28.76 -18.53 -22.66
CA ASN C 493 -27.77 -17.77 -21.90
C ASN C 493 -28.37 -17.17 -20.63
N SER C 494 -29.68 -16.99 -20.57
CA SER C 494 -30.34 -16.43 -19.41
C SER C 494 -30.73 -17.48 -18.38
N GLY C 495 -30.37 -18.75 -18.60
CA GLY C 495 -30.69 -19.81 -17.68
C GLY C 495 -31.90 -20.65 -18.02
N VAL C 496 -32.19 -20.85 -19.31
CA VAL C 496 -33.34 -21.63 -19.74
C VAL C 496 -32.84 -22.77 -20.62
N THR C 497 -33.00 -23.99 -20.15
CA THR C 497 -32.58 -25.16 -20.92
C THR C 497 -33.60 -25.40 -22.02
N ILE C 498 -33.11 -25.63 -23.24
CA ILE C 498 -33.99 -25.87 -24.38
C ILE C 498 -33.54 -27.16 -25.07
N GLN C 499 -34.45 -28.11 -25.20
CA GLN C 499 -34.13 -29.37 -25.86
C GLN C 499 -35.29 -29.80 -26.76
N ILE C 500 -34.95 -30.55 -27.80
CA ILE C 500 -35.96 -31.03 -28.73
C ILE C 500 -36.60 -32.28 -28.14
N MET C 501 -37.93 -32.34 -28.20
CA MET C 501 -38.64 -33.48 -27.67
C MET C 501 -38.28 -34.77 -28.39
N ARG C 502 -38.11 -35.83 -27.62
CA ARG C 502 -37.78 -37.16 -28.12
C ARG C 502 -38.88 -38.13 -27.67
N ASP C 503 -38.66 -39.41 -27.94
CA ASP C 503 -39.63 -40.43 -27.58
C ASP C 503 -40.08 -40.29 -26.13
N SER C 504 -39.11 -40.12 -25.22
CA SER C 504 -39.43 -40.01 -23.79
C SER C 504 -40.38 -38.86 -23.51
N GLU C 505 -40.08 -37.67 -24.05
CA GLU C 505 -40.94 -36.51 -23.80
C GLU C 505 -42.34 -36.70 -24.39
N TYR C 506 -42.42 -37.25 -25.61
CA TYR C 506 -43.75 -37.45 -26.21
C TYR C 506 -44.57 -38.43 -25.39
N TYR C 507 -43.95 -39.52 -24.94
CA TYR C 507 -44.68 -40.49 -24.12
C TYR C 507 -45.10 -39.87 -22.79
N HIS C 508 -44.25 -39.01 -22.23
CA HIS C 508 -44.58 -38.34 -20.97
C HIS C 508 -45.81 -37.46 -21.15
N CYS C 509 -45.84 -36.68 -22.25
CA CYS C 509 -46.99 -35.82 -22.51
C CYS C 509 -48.23 -36.64 -22.81
N TRP C 510 -48.08 -37.76 -23.52
CA TRP C 510 -49.22 -38.62 -23.83
C TRP C 510 -49.84 -39.18 -22.57
N ARG C 511 -49.01 -39.64 -21.64
CA ARG C 511 -49.52 -40.24 -20.41
C ARG C 511 -49.99 -39.20 -19.39
N ASN C 512 -49.43 -37.99 -19.39
CA ASN C 512 -49.83 -37.01 -18.38
C ASN C 512 -50.81 -35.94 -18.86
N PHE C 513 -50.88 -35.62 -20.15
CA PHE C 513 -51.78 -34.58 -20.63
C PHE C 513 -52.87 -35.02 -21.59
N VAL C 514 -52.61 -35.99 -22.46
CA VAL C 514 -53.59 -36.40 -23.45
C VAL C 514 -54.76 -37.12 -22.78
N ASN C 515 -55.97 -36.91 -23.29
CA ASN C 515 -57.14 -37.61 -22.76
C ASN C 515 -57.23 -38.95 -23.48
N TYR C 516 -56.26 -39.77 -23.15
CA TYR C 516 -56.08 -41.09 -23.73
C TYR C 516 -57.23 -42.04 -23.39
N PRO C 517 -57.59 -42.93 -24.31
CA PRO C 517 -58.69 -43.89 -24.06
C PRO C 517 -58.33 -44.87 -22.96
N PRO C 518 -59.33 -45.58 -22.42
CA PRO C 518 -59.05 -46.54 -21.33
C PRO C 518 -58.04 -47.62 -21.68
N GLY C 519 -58.21 -48.30 -22.82
CA GLY C 519 -57.28 -49.36 -23.17
C GLY C 519 -55.88 -48.84 -23.48
N ASP C 520 -55.78 -47.78 -24.26
CA ASP C 520 -54.50 -47.20 -24.69
C ASP C 520 -53.92 -46.32 -23.59
N GLU C 521 -53.44 -46.98 -22.53
CA GLU C 521 -52.82 -46.25 -21.43
C GLU C 521 -51.43 -45.76 -21.82
N ALA C 522 -50.55 -46.69 -22.20
CA ALA C 522 -49.19 -46.42 -22.62
C ALA C 522 -49.02 -46.44 -24.14
N HIS C 523 -50.09 -46.72 -24.88
CA HIS C 523 -50.04 -46.78 -26.34
C HIS C 523 -49.95 -45.38 -26.96
N TRP C 524 -48.77 -44.78 -26.81
CA TRP C 524 -48.56 -43.44 -27.36
C TRP C 524 -48.29 -43.56 -28.87
N PRO C 525 -48.70 -42.58 -29.67
CA PRO C 525 -48.47 -42.67 -31.11
C PRO C 525 -47.00 -42.56 -31.45
N GLN C 526 -46.38 -43.69 -31.80
CA GLN C 526 -44.96 -43.71 -32.14
C GLN C 526 -44.71 -42.93 -33.42
N TYR C 527 -44.02 -41.81 -33.31
CA TYR C 527 -43.62 -40.85 -34.31
C TYR C 527 -42.26 -41.18 -34.90
N PRO C 528 -42.03 -40.88 -36.17
CA PRO C 528 -40.72 -41.14 -36.79
C PRO C 528 -39.66 -40.25 -36.17
N PRO C 529 -38.46 -40.80 -35.90
CA PRO C 529 -37.39 -40.00 -35.29
C PRO C 529 -36.66 -39.06 -36.24
N ALA C 530 -36.88 -39.18 -37.54
CA ALA C 530 -36.20 -38.35 -38.53
C ALA C 530 -36.23 -36.86 -38.19
N TRP C 531 -37.43 -36.27 -38.17
CA TRP C 531 -37.52 -34.84 -37.89
C TRP C 531 -37.14 -34.50 -36.46
N MET C 532 -37.32 -35.42 -35.51
CA MET C 532 -36.91 -35.13 -34.14
C MET C 532 -35.40 -34.90 -34.09
N MET C 533 -34.65 -35.83 -34.69
CA MET C 533 -33.19 -35.69 -34.71
C MET C 533 -32.75 -34.49 -35.54
N LEU C 534 -33.44 -34.21 -36.65
CA LEU C 534 -33.07 -33.06 -37.47
C LEU C 534 -33.25 -31.75 -36.72
N TYR C 535 -34.41 -31.57 -36.07
CA TYR C 535 -34.60 -30.35 -35.30
C TYR C 535 -33.62 -30.29 -34.13
N ALA C 536 -33.22 -31.45 -33.58
CA ALA C 536 -32.24 -31.42 -32.50
C ALA C 536 -30.90 -30.92 -33.00
N LEU C 537 -30.49 -31.39 -34.19
CA LEU C 537 -29.24 -30.95 -34.79
C LEU C 537 -29.28 -29.45 -35.05
N GLU C 538 -30.40 -28.97 -35.58
CA GLU C 538 -30.51 -27.54 -35.83
C GLU C 538 -30.46 -26.74 -34.53
N LEU C 539 -31.13 -27.23 -33.48
CA LEU C 539 -31.11 -26.51 -32.20
C LEU C 539 -29.69 -26.39 -31.66
N HIS C 540 -28.89 -27.46 -31.79
CA HIS C 540 -27.51 -27.33 -31.33
C HIS C 540 -26.73 -26.37 -32.23
N CYS C 541 -27.06 -26.32 -33.52
CA CYS C 541 -26.40 -25.35 -34.38
C CYS C 541 -26.80 -23.93 -33.97
N ILE C 542 -27.99 -23.81 -33.38
CA ILE C 542 -28.49 -22.52 -32.94
C ILE C 542 -27.72 -22.07 -31.69
N ILE C 543 -27.59 -22.98 -30.72
CA ILE C 543 -26.89 -22.64 -29.48
C ILE C 543 -25.40 -22.38 -29.72
N LEU C 544 -24.79 -23.08 -30.69
CA LEU C 544 -23.37 -22.89 -30.95
C LEU C 544 -23.07 -21.69 -31.84
N SER C 545 -24.05 -20.81 -32.07
CA SER C 545 -23.87 -19.63 -32.90
C SER C 545 -23.37 -19.97 -34.29
N LEU C 546 -23.78 -21.12 -34.81
CA LEU C 546 -23.40 -21.64 -36.11
C LEU C 546 -24.42 -21.28 -37.18
N PRO C 547 -24.05 -21.41 -38.45
CA PRO C 547 -25.01 -21.13 -39.53
C PRO C 547 -26.02 -22.27 -39.63
N PRO C 548 -27.15 -22.05 -40.31
CA PRO C 548 -28.15 -23.10 -40.42
C PRO C 548 -27.69 -24.30 -41.25
N CYS C 549 -28.08 -25.49 -40.81
CA CYS C 549 -27.74 -26.74 -41.49
C CYS C 549 -28.86 -27.24 -42.38
N LEU C 550 -30.06 -27.40 -41.84
CA LEU C 550 -31.18 -27.85 -42.64
C LEU C 550 -31.96 -26.62 -43.10
N LYS C 551 -32.58 -26.75 -44.25
CA LYS C 551 -33.35 -25.67 -44.85
C LYS C 551 -34.63 -26.30 -45.36
N ILE C 552 -35.75 -25.87 -44.83
CA ILE C 552 -37.05 -26.38 -45.18
C ILE C 552 -37.75 -25.42 -46.13
N SER C 553 -38.61 -25.98 -46.99
CA SER C 553 -39.36 -25.16 -47.93
C SER C 553 -40.71 -25.84 -48.12
N ARG C 554 -41.73 -25.28 -47.46
CA ARG C 554 -43.11 -25.72 -47.48
C ARG C 554 -43.97 -24.72 -48.23
N ARG C 555 -45.17 -25.14 -48.60
CA ARG C 555 -46.09 -24.24 -49.29
C ARG C 555 -47.54 -24.37 -48.84
N ALA C 556 -47.86 -25.32 -47.97
CA ALA C 556 -49.24 -25.51 -47.48
C ALA C 556 -49.15 -25.96 -46.03
N GLN C 557 -50.26 -26.48 -45.48
CA GLN C 557 -50.23 -26.94 -44.09
C GLN C 557 -49.24 -28.06 -43.88
N ASN C 558 -49.24 -29.04 -44.77
CA ASN C 558 -48.35 -30.19 -44.62
C ASN C 558 -47.62 -30.54 -45.90
N HIS C 559 -47.66 -29.69 -46.92
CA HIS C 559 -46.97 -29.98 -48.17
C HIS C 559 -45.50 -29.60 -48.02
N LEU C 560 -44.63 -30.61 -48.04
CA LEU C 560 -43.19 -30.43 -47.90
C LEU C 560 -42.57 -30.54 -49.29
N THR C 561 -42.18 -29.40 -49.86
CA THR C 561 -41.61 -29.41 -51.19
C THR C 561 -40.10 -29.61 -51.21
N ALA C 562 -39.37 -28.96 -50.30
CA ALA C 562 -37.91 -29.10 -50.31
C ALA C 562 -37.34 -29.18 -48.91
N PHE C 563 -36.26 -29.95 -48.80
CA PHE C 563 -35.54 -30.16 -47.55
C PHE C 563 -34.07 -30.36 -47.87
N ARG C 564 -33.20 -29.48 -47.38
CA ARG C 564 -31.77 -29.61 -47.69
C ARG C 564 -30.93 -29.49 -46.44
N LEU C 565 -30.12 -30.52 -46.19
CA LEU C 565 -29.22 -30.61 -45.05
C LEU C 565 -27.81 -30.34 -45.58
N HIS C 566 -27.25 -29.18 -45.22
CA HIS C 566 -25.94 -28.73 -45.68
C HIS C 566 -25.00 -28.66 -44.48
N LEU C 567 -24.06 -29.61 -44.41
CA LEU C 567 -23.11 -29.66 -43.31
C LEU C 567 -21.74 -29.19 -43.79
N GLN C 568 -21.39 -27.97 -43.41
CA GLN C 568 -20.08 -27.45 -43.80
C GLN C 568 -19.00 -28.04 -42.90
N ASN C 569 -17.75 -27.76 -43.28
CA ASN C 569 -16.64 -28.25 -42.46
C ASN C 569 -16.75 -27.67 -41.06
N CYS C 570 -17.28 -26.46 -40.96
CA CYS C 570 -17.45 -25.81 -39.66
C CYS C 570 -18.26 -26.71 -38.74
N HIS C 571 -19.43 -27.13 -39.22
CA HIS C 571 -20.32 -28.00 -38.44
C HIS C 571 -19.61 -29.29 -38.05
N TYR C 572 -19.04 -30.00 -39.03
CA TYR C 572 -18.33 -31.23 -38.66
C TYR C 572 -17.26 -30.99 -37.60
N GLN C 573 -16.64 -29.82 -37.59
CA GLN C 573 -15.58 -29.50 -36.63
C GLN C 573 -16.09 -29.15 -35.23
N THR C 574 -17.21 -28.41 -35.12
CA THR C 574 -17.69 -27.99 -33.81
C THR C 574 -18.93 -28.69 -33.28
N ILE C 575 -19.86 -29.14 -34.13
CA ILE C 575 -21.06 -29.81 -33.63
C ILE C 575 -20.65 -31.09 -32.90
N PRO C 576 -21.28 -31.43 -31.78
CA PRO C 576 -20.90 -32.66 -31.09
C PRO C 576 -21.10 -33.86 -32.00
N PRO C 577 -20.30 -34.89 -31.86
CA PRO C 577 -20.41 -36.06 -32.75
C PRO C 577 -21.59 -36.98 -32.47
N HIS C 578 -22.03 -37.08 -31.21
CA HIS C 578 -23.14 -38.00 -30.92
C HIS C 578 -24.43 -37.54 -31.60
N ILE C 579 -24.65 -36.23 -31.72
CA ILE C 579 -25.86 -35.73 -32.36
C ILE C 579 -25.85 -36.07 -33.85
N LEU C 580 -24.76 -35.71 -34.54
CA LEU C 580 -24.65 -36.01 -35.95
C LEU C 580 -24.79 -37.51 -36.20
N LEU C 581 -24.12 -38.32 -35.39
CA LEU C 581 -24.22 -39.78 -35.57
C LEU C 581 -25.64 -40.27 -35.28
N ALA C 582 -26.33 -39.65 -34.34
CA ALA C 582 -27.69 -40.05 -33.99
C ALA C 582 -28.68 -39.71 -35.09
N THR C 583 -28.39 -38.68 -35.90
CA THR C 583 -29.35 -38.37 -36.97
C THR C 583 -29.43 -39.50 -37.98
N GLY C 584 -28.40 -40.35 -38.04
CA GLY C 584 -28.37 -41.49 -38.95
C GLY C 584 -28.00 -41.19 -40.38
N LEU C 585 -27.95 -39.92 -40.77
CA LEU C 585 -27.63 -39.58 -42.16
C LEU C 585 -26.14 -39.52 -42.44
N ILE C 586 -25.29 -39.28 -41.44
CA ILE C 586 -23.86 -39.20 -41.66
C ILE C 586 -23.18 -40.45 -41.15
N HIS C 587 -21.91 -40.62 -41.53
CA HIS C 587 -21.06 -41.76 -41.17
C HIS C 587 -20.27 -41.49 -39.88
N PRO C 588 -20.12 -42.52 -39.03
CA PRO C 588 -19.39 -42.31 -37.78
C PRO C 588 -17.92 -42.02 -37.96
N SER C 589 -17.32 -42.35 -39.11
CA SER C 589 -15.89 -42.08 -39.28
C SER C 589 -15.64 -40.58 -39.26
N VAL C 590 -16.33 -39.85 -40.13
CA VAL C 590 -16.15 -38.41 -40.19
C VAL C 590 -16.65 -37.75 -38.91
N ALA C 591 -17.74 -38.28 -38.33
CA ALA C 591 -18.24 -37.65 -37.10
C ALA C 591 -17.28 -37.82 -35.92
N TRP C 592 -16.66 -39.00 -35.78
CA TRP C 592 -15.74 -39.25 -34.67
C TRP C 592 -14.37 -38.64 -34.91
N ARG C 593 -13.80 -38.88 -36.09
CA ARG C 593 -12.48 -38.38 -36.50
C ARG C 593 -11.39 -38.72 -35.48
N LYS D 2 -6.37 -44.08 -31.88
CA LYS D 2 -7.19 -42.95 -32.31
C LYS D 2 -6.42 -42.05 -33.28
N ILE D 3 -7.14 -41.47 -34.24
CA ILE D 3 -6.56 -40.60 -35.25
C ILE D 3 -6.84 -39.15 -34.87
N GLU D 4 -5.81 -38.45 -34.40
CA GLU D 4 -5.91 -37.06 -33.98
C GLU D 4 -5.36 -36.14 -35.07
N GLU D 5 -5.85 -34.90 -35.07
CA GLU D 5 -5.42 -33.91 -36.04
C GLU D 5 -4.06 -33.33 -35.65
N GLY D 6 -3.17 -33.23 -36.62
CA GLY D 6 -1.84 -32.69 -36.37
C GLY D 6 -0.96 -33.58 -35.52
N LYS D 7 -1.09 -34.90 -35.69
CA LYS D 7 -0.31 -35.86 -34.94
C LYS D 7 -0.17 -37.13 -35.76
N LEU D 8 0.96 -37.81 -35.60
CA LEU D 8 1.24 -39.04 -36.33
C LEU D 8 1.29 -40.22 -35.36
N VAL D 9 0.50 -41.25 -35.66
CA VAL D 9 0.44 -42.48 -34.89
C VAL D 9 0.85 -43.61 -35.82
N ILE D 10 1.92 -44.32 -35.48
CA ILE D 10 2.44 -45.40 -36.32
C ILE D 10 2.31 -46.73 -35.61
N TRP D 11 2.02 -47.77 -36.38
CA TRP D 11 1.92 -49.14 -35.88
C TRP D 11 2.91 -50.00 -36.64
N ILE D 12 3.76 -50.72 -35.92
CA ILE D 12 4.76 -51.58 -36.53
C ILE D 12 4.82 -52.88 -35.72
N ASN D 13 5.11 -53.98 -36.42
CA ASN D 13 5.17 -55.29 -35.78
C ASN D 13 6.27 -55.32 -34.71
N GLY D 14 5.98 -56.01 -33.62
CA GLY D 14 6.95 -56.14 -32.55
C GLY D 14 8.18 -56.89 -33.03
N ASP D 15 9.19 -56.90 -32.17
CA ASP D 15 10.47 -57.55 -32.48
C ASP D 15 11.15 -56.89 -33.67
N LYS D 16 10.92 -55.58 -33.83
CA LYS D 16 11.49 -54.79 -34.92
C LYS D 16 11.99 -53.46 -34.35
N GLY D 17 12.45 -52.57 -35.23
CA GLY D 17 12.97 -51.30 -34.76
C GLY D 17 11.96 -50.30 -34.23
N TYR D 18 11.38 -50.64 -33.07
CA TYR D 18 10.38 -49.77 -32.46
C TYR D 18 11.02 -48.51 -31.90
N ASN D 19 12.19 -48.64 -31.26
CA ASN D 19 12.85 -47.45 -30.74
C ASN D 19 13.52 -46.66 -31.85
N GLY D 20 14.07 -47.32 -32.86
CA GLY D 20 14.68 -46.57 -33.95
C GLY D 20 13.66 -45.72 -34.66
N LEU D 21 12.49 -46.31 -34.95
CA LEU D 21 11.41 -45.54 -35.59
C LEU D 21 10.92 -44.44 -34.66
N ALA D 22 10.83 -44.72 -33.35
CA ALA D 22 10.38 -43.70 -32.41
C ALA D 22 11.38 -42.54 -32.34
N GLU D 23 12.68 -42.83 -32.43
CA GLU D 23 13.68 -41.77 -32.41
C GLU D 23 13.63 -40.95 -33.69
N VAL D 24 13.37 -41.60 -34.83
CA VAL D 24 13.22 -40.83 -36.06
C VAL D 24 12.02 -39.91 -35.93
N GLY D 25 10.94 -40.42 -35.32
CA GLY D 25 9.77 -39.60 -35.10
C GLY D 25 10.07 -38.47 -34.13
N LYS D 26 10.95 -38.72 -33.16
CA LYS D 26 11.36 -37.68 -32.22
C LYS D 26 12.07 -36.57 -32.96
N LYS D 27 12.93 -36.93 -33.92
CA LYS D 27 13.62 -35.93 -34.72
C LYS D 27 12.63 -35.14 -35.57
N PHE D 28 11.63 -35.84 -36.14
CA PHE D 28 10.60 -35.17 -36.91
C PHE D 28 9.82 -34.20 -36.04
N GLU D 29 9.58 -34.58 -34.78
CA GLU D 29 8.89 -33.71 -33.84
C GLU D 29 9.74 -32.50 -33.50
N LYS D 30 11.05 -32.71 -33.36
CA LYS D 30 11.95 -31.60 -33.06
C LYS D 30 12.00 -30.61 -34.21
N ASP D 31 11.89 -31.09 -35.45
CA ASP D 31 11.96 -30.21 -36.61
C ASP D 31 10.64 -29.54 -37.00
N THR D 32 9.51 -30.26 -36.93
CA THR D 32 8.22 -29.70 -37.32
C THR D 32 7.24 -29.45 -36.19
N GLY D 33 7.48 -29.96 -34.99
CA GLY D 33 6.57 -29.76 -33.89
C GLY D 33 5.33 -30.64 -33.97
N ILE D 34 5.49 -31.89 -34.36
CA ILE D 34 4.39 -32.84 -34.50
C ILE D 34 4.79 -34.12 -33.76
N LYS D 35 4.07 -34.43 -32.67
CA LYS D 35 4.36 -35.61 -31.88
C LYS D 35 4.13 -36.89 -32.68
N VAL D 36 5.18 -37.69 -32.83
CA VAL D 36 5.12 -38.97 -33.55
C VAL D 36 5.19 -40.07 -32.51
N THR D 37 4.08 -40.78 -32.31
CA THR D 37 3.99 -41.85 -31.32
C THR D 37 3.96 -43.20 -32.03
N VAL D 38 4.93 -44.06 -31.70
CA VAL D 38 5.03 -45.40 -32.29
C VAL D 38 4.50 -46.42 -31.30
N GLU D 39 3.70 -47.37 -31.79
CA GLU D 39 3.11 -48.42 -30.97
C GLU D 39 3.27 -49.76 -31.69
N HIS D 40 3.18 -50.84 -30.92
CA HIS D 40 3.33 -52.20 -31.44
C HIS D 40 2.35 -53.16 -30.77
N PRO D 41 1.09 -53.14 -31.19
CA PRO D 41 0.10 -54.04 -30.61
C PRO D 41 0.18 -55.46 -31.17
N ASP D 42 -0.32 -56.39 -30.37
CA ASP D 42 -0.32 -57.80 -30.76
C ASP D 42 -1.32 -58.04 -31.88
N LYS D 43 -0.99 -58.98 -32.76
CA LYS D 43 -1.81 -59.37 -33.91
C LYS D 43 -2.37 -58.15 -34.63
N LEU D 44 -1.44 -57.35 -35.16
CA LEU D 44 -1.84 -56.12 -35.82
C LEU D 44 -2.39 -56.37 -37.22
N GLU D 45 -1.98 -57.46 -37.88
CA GLU D 45 -2.51 -57.70 -39.23
C GLU D 45 -4.02 -57.82 -39.21
N GLU D 46 -4.59 -58.16 -38.05
CA GLU D 46 -6.02 -58.28 -37.86
C GLU D 46 -6.60 -57.09 -37.12
N LYS D 47 -5.80 -56.41 -36.28
CA LYS D 47 -6.32 -55.24 -35.58
C LYS D 47 -6.47 -54.03 -36.50
N PHE D 48 -5.51 -53.82 -37.41
CA PHE D 48 -5.58 -52.68 -38.32
C PHE D 48 -6.92 -52.54 -39.02
N PRO D 49 -7.46 -53.55 -39.70
CA PRO D 49 -8.75 -53.34 -40.39
C PRO D 49 -9.90 -53.12 -39.42
N GLN D 50 -9.91 -53.82 -38.28
CA GLN D 50 -10.99 -53.67 -37.31
C GLN D 50 -11.13 -52.23 -36.84
N VAL D 51 -10.02 -51.54 -36.57
CA VAL D 51 -10.11 -50.16 -36.11
C VAL D 51 -10.21 -49.17 -37.28
N ALA D 52 -9.61 -49.51 -38.44
CA ALA D 52 -9.69 -48.61 -39.57
C ALA D 52 -11.12 -48.52 -40.07
N ALA D 53 -11.89 -49.61 -39.94
CA ALA D 53 -13.28 -49.56 -40.38
C ALA D 53 -14.06 -48.55 -39.53
N THR D 54 -13.76 -48.50 -38.23
CA THR D 54 -14.45 -47.55 -37.37
C THR D 54 -14.06 -46.12 -37.73
N GLY D 55 -12.85 -45.93 -38.25
CA GLY D 55 -12.36 -44.61 -38.64
C GLY D 55 -11.14 -44.15 -37.89
N ASP D 56 -10.96 -44.64 -36.67
CA ASP D 56 -9.81 -44.28 -35.86
C ASP D 56 -8.70 -45.30 -36.13
N GLY D 57 -7.61 -45.24 -35.38
CA GLY D 57 -6.53 -46.17 -35.55
C GLY D 57 -5.20 -45.47 -35.76
N PRO D 58 -4.24 -46.17 -36.36
CA PRO D 58 -2.93 -45.59 -36.61
C PRO D 58 -2.87 -44.80 -37.92
N ASP D 59 -2.01 -43.79 -37.93
CA ASP D 59 -1.85 -42.98 -39.13
C ASP D 59 -1.02 -43.72 -40.19
N ILE D 60 -0.06 -44.53 -39.76
CA ILE D 60 0.81 -45.29 -40.66
C ILE D 60 0.97 -46.70 -40.11
N ILE D 61 1.09 -47.67 -41.02
CA ILE D 61 1.26 -49.07 -40.64
C ILE D 61 2.41 -49.68 -41.43
N PHE D 62 3.32 -50.35 -40.73
CA PHE D 62 4.45 -51.03 -41.35
C PHE D 62 4.19 -52.52 -41.29
N TRP D 63 4.34 -53.20 -42.42
CA TRP D 63 4.10 -54.64 -42.50
C TRP D 63 4.49 -55.10 -43.91
N ALA D 64 4.44 -56.40 -44.17
CA ALA D 64 4.75 -56.86 -45.51
C ALA D 64 3.65 -56.39 -46.47
N HIS D 65 3.93 -56.49 -47.76
CA HIS D 65 2.98 -56.03 -48.77
C HIS D 65 1.78 -56.97 -48.93
N ASP D 66 1.89 -58.20 -48.45
CA ASP D 66 0.82 -59.19 -48.58
C ASP D 66 -0.51 -58.71 -47.99
N ARG D 67 -0.49 -58.17 -46.75
CA ARG D 67 -1.74 -57.71 -46.18
C ARG D 67 -2.19 -56.36 -46.72
N PHE D 68 -1.30 -55.65 -47.40
CA PHE D 68 -1.68 -54.35 -47.93
C PHE D 68 -2.68 -54.51 -49.05
N GLY D 69 -2.53 -55.57 -49.86
CA GLY D 69 -3.46 -55.79 -50.94
C GLY D 69 -4.88 -55.85 -50.41
N GLY D 70 -5.11 -56.75 -49.45
CA GLY D 70 -6.42 -56.86 -48.84
C GLY D 70 -6.91 -55.54 -48.27
N TYR D 71 -6.01 -54.82 -47.58
CA TYR D 71 -6.37 -53.52 -47.01
C TYR D 71 -6.87 -52.57 -48.10
N ALA D 72 -6.09 -52.45 -49.19
CA ALA D 72 -6.49 -51.58 -50.30
C ALA D 72 -7.78 -52.08 -50.95
N GLN D 73 -7.97 -53.40 -50.96
CA GLN D 73 -9.18 -53.97 -51.54
C GLN D 73 -10.40 -53.49 -50.78
N SER D 74 -10.29 -53.42 -49.45
CA SER D 74 -11.39 -52.95 -48.63
C SER D 74 -11.44 -51.43 -48.56
N GLY D 75 -10.55 -50.74 -49.26
CA GLY D 75 -10.54 -49.29 -49.24
C GLY D 75 -9.99 -48.68 -47.98
N LEU D 76 -9.03 -49.34 -47.33
CA LEU D 76 -8.45 -48.83 -46.10
C LEU D 76 -7.18 -48.04 -46.33
N LEU D 77 -6.50 -48.23 -47.45
CA LEU D 77 -5.28 -47.53 -47.78
C LEU D 77 -5.54 -46.44 -48.82
N ALA D 78 -4.78 -45.36 -48.71
CA ALA D 78 -4.88 -44.22 -49.60
C ALA D 78 -3.75 -44.28 -50.63
N GLU D 79 -4.05 -43.81 -51.83
CA GLU D 79 -3.06 -43.81 -52.91
C GLU D 79 -1.86 -42.95 -52.55
N ILE D 80 -0.67 -43.42 -52.90
CA ILE D 80 0.58 -42.71 -52.63
C ILE D 80 0.98 -41.98 -53.90
N THR D 81 1.43 -40.73 -53.76
CA THR D 81 1.86 -39.93 -54.91
C THR D 81 3.31 -39.53 -54.75
N PRO D 82 4.25 -40.40 -55.13
CA PRO D 82 5.67 -40.04 -55.03
C PRO D 82 6.16 -39.44 -56.34
N ASP D 83 6.77 -38.26 -56.32
CA ASP D 83 7.26 -37.69 -57.57
C ASP D 83 8.36 -38.59 -58.15
N LYS D 84 8.57 -38.46 -59.47
CA LYS D 84 9.56 -39.28 -60.16
C LYS D 84 10.96 -39.16 -59.55
N ALA D 85 11.32 -37.99 -59.02
CA ALA D 85 12.63 -37.80 -58.42
C ALA D 85 12.82 -38.70 -57.21
N PHE D 86 11.83 -38.76 -56.33
CA PHE D 86 11.93 -39.63 -55.16
C PHE D 86 11.66 -41.08 -55.53
N GLN D 87 10.84 -41.32 -56.56
CA GLN D 87 10.54 -42.67 -56.97
C GLN D 87 11.75 -43.37 -57.56
N ASP D 88 12.62 -42.64 -58.24
CA ASP D 88 13.82 -43.26 -58.81
C ASP D 88 14.85 -43.63 -57.75
N LYS D 89 14.68 -43.17 -56.51
CA LYS D 89 15.64 -43.46 -55.46
C LYS D 89 15.55 -44.92 -54.98
N LEU D 90 14.39 -45.56 -55.12
CA LEU D 90 14.22 -46.94 -54.67
C LEU D 90 14.31 -47.90 -55.85
N TYR D 91 14.60 -49.16 -55.54
CA TYR D 91 14.72 -50.16 -56.58
C TYR D 91 13.38 -50.41 -57.29
N PRO D 92 13.44 -50.78 -58.58
CA PRO D 92 12.20 -51.03 -59.31
C PRO D 92 11.46 -52.24 -58.77
N PHE D 93 12.17 -53.21 -58.19
CA PHE D 93 11.49 -54.37 -57.62
C PHE D 93 10.53 -53.91 -56.54
N THR D 94 11.01 -53.04 -55.65
CA THR D 94 10.20 -52.53 -54.55
C THR D 94 8.99 -51.78 -55.08
N TRP D 95 9.22 -50.85 -56.04
CA TRP D 95 8.06 -50.13 -56.57
C TRP D 95 7.05 -51.06 -57.24
N ASP D 96 7.53 -52.05 -57.99
CA ASP D 96 6.63 -53.00 -58.63
C ASP D 96 5.88 -53.84 -57.60
N ALA D 97 6.51 -54.11 -56.46
CA ALA D 97 5.87 -54.90 -55.42
C ALA D 97 4.80 -54.11 -54.66
N VAL D 98 4.93 -52.79 -54.58
CA VAL D 98 3.93 -52.03 -53.83
C VAL D 98 2.83 -51.49 -54.73
N ARG D 99 2.81 -51.90 -56.00
CA ARG D 99 1.78 -51.47 -56.93
C ARG D 99 0.64 -52.48 -56.94
N TYR D 100 -0.58 -52.01 -56.65
CA TYR D 100 -1.78 -52.83 -56.60
C TYR D 100 -2.79 -52.22 -57.57
N ASN D 101 -3.17 -53.00 -58.59
CA ASN D 101 -4.11 -52.57 -59.62
C ASN D 101 -3.57 -51.33 -60.34
N GLY D 102 -2.29 -51.38 -60.70
CA GLY D 102 -1.67 -50.26 -61.36
C GLY D 102 -1.62 -49.01 -60.54
N LYS D 103 -1.77 -49.11 -59.21
CA LYS D 103 -1.77 -47.94 -58.35
C LYS D 103 -0.92 -48.21 -57.12
N LEU D 104 -0.03 -47.28 -56.78
CA LEU D 104 0.83 -47.46 -55.61
C LEU D 104 0.04 -47.25 -54.33
N ILE D 105 0.17 -48.18 -53.38
CA ILE D 105 -0.56 -48.09 -52.13
C ILE D 105 0.34 -47.92 -50.91
N ALA D 106 1.64 -48.15 -50.99
CA ALA D 106 2.50 -47.99 -49.81
C ALA D 106 3.94 -47.74 -50.23
N TYR D 107 4.71 -47.17 -49.30
CA TYR D 107 6.12 -46.89 -49.53
C TYR D 107 6.95 -48.10 -49.14
N PRO D 108 7.70 -48.71 -50.06
CA PRO D 108 8.53 -49.86 -49.69
C PRO D 108 9.78 -49.40 -48.96
N ILE D 109 10.03 -49.95 -47.78
CA ILE D 109 11.20 -49.59 -46.98
C ILE D 109 12.32 -50.62 -47.10
N ALA D 110 12.01 -51.91 -46.95
CA ALA D 110 13.08 -52.91 -47.04
C ALA D 110 12.56 -54.27 -47.48
N VAL D 111 13.50 -55.18 -47.72
CA VAL D 111 13.26 -56.55 -48.14
C VAL D 111 13.65 -57.49 -47.01
N GLU D 112 12.85 -58.54 -46.81
CA GLU D 112 13.11 -59.51 -45.74
C GLU D 112 12.91 -60.94 -46.23
N LYS D 120 28.51 -71.05 -35.02
CA LYS D 120 29.80 -71.41 -35.60
C LYS D 120 30.66 -72.20 -34.62
N ASP D 121 30.40 -72.05 -33.32
CA ASP D 121 31.18 -72.78 -32.32
C ASP D 121 30.68 -74.22 -32.20
N LEU D 122 29.37 -74.41 -32.13
CA LEU D 122 28.80 -75.75 -32.04
C LEU D 122 28.73 -76.44 -33.38
N LEU D 123 28.92 -75.71 -34.47
CA LEU D 123 28.86 -76.27 -35.82
C LEU D 123 29.73 -75.41 -36.72
N PRO D 124 30.93 -75.87 -37.08
CA PRO D 124 31.79 -75.05 -37.95
C PRO D 124 31.30 -74.97 -39.38
N ASN D 125 30.82 -76.08 -39.94
CA ASN D 125 30.32 -76.12 -41.30
C ASN D 125 28.82 -76.37 -41.26
N PRO D 126 28.00 -75.44 -41.76
CA PRO D 126 26.54 -75.63 -41.72
C PRO D 126 26.12 -76.75 -42.65
N PRO D 127 24.96 -77.36 -42.40
CA PRO D 127 24.50 -78.45 -43.27
C PRO D 127 24.08 -77.92 -44.64
N LYS D 128 24.39 -78.71 -45.67
CA LYS D 128 24.06 -78.34 -47.04
C LYS D 128 22.82 -79.06 -47.57
N THR D 129 22.42 -80.16 -46.94
CA THR D 129 21.25 -80.94 -47.36
C THR D 129 20.28 -81.07 -46.19
N TRP D 130 19.13 -81.71 -46.45
CA TRP D 130 18.09 -81.87 -45.43
C TRP D 130 18.17 -83.21 -44.70
N GLU D 131 18.61 -84.27 -45.38
CA GLU D 131 18.70 -85.59 -44.76
C GLU D 131 19.75 -85.68 -43.66
N GLU D 132 20.76 -84.82 -43.65
CA GLU D 132 21.77 -84.91 -42.62
C GLU D 132 21.39 -84.18 -41.34
N ILE D 133 20.21 -83.54 -41.31
CA ILE D 133 19.74 -82.85 -40.13
C ILE D 133 19.48 -83.88 -39.03
N PRO D 134 18.80 -85.00 -39.32
CA PRO D 134 18.61 -86.00 -38.24
C PRO D 134 19.92 -86.54 -37.69
N ALA D 135 20.85 -86.94 -38.57
CA ALA D 135 22.15 -87.45 -38.13
C ALA D 135 22.86 -86.44 -37.24
N LEU D 136 22.98 -85.19 -37.72
CA LEU D 136 23.63 -84.13 -36.95
C LEU D 136 22.95 -83.98 -35.59
N ASP D 137 21.61 -83.96 -35.58
CA ASP D 137 20.85 -83.84 -34.34
C ASP D 137 21.22 -84.97 -33.37
N LYS D 138 21.24 -86.20 -33.87
CA LYS D 138 21.61 -87.36 -33.04
C LYS D 138 23.00 -87.18 -32.46
N GLU D 139 23.96 -86.77 -33.29
CA GLU D 139 25.32 -86.57 -32.80
C GLU D 139 25.37 -85.51 -31.70
N LEU D 140 24.54 -84.47 -31.82
CA LEU D 140 24.52 -83.43 -30.79
C LEU D 140 23.68 -83.81 -29.57
N LYS D 141 22.82 -84.82 -29.69
CA LYS D 141 21.99 -85.19 -28.55
C LYS D 141 22.82 -85.86 -27.46
N ALA D 142 23.81 -86.67 -27.86
CA ALA D 142 24.67 -87.32 -26.86
C ALA D 142 25.52 -86.29 -26.12
N LYS D 143 25.63 -85.08 -26.66
CA LYS D 143 26.38 -83.99 -26.05
C LYS D 143 25.50 -83.08 -25.19
N GLY D 144 24.18 -83.16 -25.36
CA GLY D 144 23.26 -82.34 -24.61
C GLY D 144 22.79 -81.11 -25.37
N ASN D 151 10.27 -71.78 -34.78
CA ASN D 151 8.82 -71.59 -34.75
C ASN D 151 8.12 -72.28 -35.90
N LEU D 152 7.37 -73.34 -35.57
CA LEU D 152 6.60 -74.08 -36.57
C LEU D 152 5.14 -73.68 -36.57
N GLN D 153 4.73 -72.75 -35.71
CA GLN D 153 3.34 -72.33 -35.64
C GLN D 153 3.00 -71.40 -36.82
N GLU D 154 3.99 -70.68 -37.33
CA GLU D 154 3.72 -69.81 -38.47
C GLU D 154 4.20 -70.51 -39.73
N PRO D 155 3.39 -70.51 -40.78
CA PRO D 155 3.76 -71.20 -42.04
C PRO D 155 4.90 -70.57 -42.81
N TYR D 156 5.55 -69.55 -42.26
CA TYR D 156 6.63 -68.86 -42.96
C TYR D 156 7.92 -69.64 -42.86
N PHE D 157 8.21 -70.16 -41.68
CA PHE D 157 9.39 -70.97 -41.47
C PHE D 157 9.23 -72.34 -42.11
N THR D 158 7.98 -72.80 -42.26
CA THR D 158 7.66 -74.09 -42.86
C THR D 158 7.43 -74.01 -44.37
N TRP D 159 7.22 -72.82 -44.92
CA TRP D 159 6.96 -72.71 -46.36
C TRP D 159 8.16 -73.08 -47.25
N PRO D 160 9.41 -72.67 -46.92
CA PRO D 160 10.54 -73.05 -47.80
C PRO D 160 10.60 -74.54 -48.12
N LEU D 161 10.36 -75.41 -47.15
CA LEU D 161 10.40 -76.84 -47.43
C LEU D 161 9.23 -77.25 -48.33
N ILE D 162 8.07 -76.62 -48.15
CA ILE D 162 6.92 -76.94 -48.98
C ILE D 162 7.16 -76.53 -50.43
N ALA D 163 7.74 -75.35 -50.63
CA ALA D 163 8.02 -74.84 -51.97
C ALA D 163 9.31 -75.42 -52.54
N GLY D 175 0.74 -63.79 -65.89
CA GLY D 175 0.97 -62.86 -64.80
C GLY D 175 -0.20 -62.74 -63.83
N LYS D 176 -1.40 -62.53 -64.37
CA LYS D 176 -2.61 -62.38 -63.56
C LYS D 176 -2.77 -63.58 -62.62
N TYR D 177 -3.19 -63.29 -61.39
CA TYR D 177 -3.35 -64.32 -60.37
C TYR D 177 -4.77 -64.90 -60.35
N ASP D 178 -4.87 -66.18 -60.63
CA ASP D 178 -6.11 -66.94 -60.60
C ASP D 178 -6.15 -67.70 -59.29
N ILE D 179 -7.36 -67.87 -58.74
CA ILE D 179 -7.50 -68.53 -57.44
C ILE D 179 -7.82 -70.01 -57.50
N LYS D 180 -8.48 -70.47 -58.58
CA LYS D 180 -8.86 -71.87 -58.64
C LYS D 180 -7.67 -72.81 -58.76
N ASP D 181 -6.66 -72.47 -59.57
CA ASP D 181 -5.50 -73.34 -59.74
C ASP D 181 -4.56 -73.18 -58.55
N VAL D 182 -4.60 -74.12 -57.61
CA VAL D 182 -3.74 -74.12 -56.44
C VAL D 182 -2.79 -75.31 -56.56
N GLY D 183 -1.62 -75.19 -55.93
CA GLY D 183 -0.62 -76.24 -55.99
C GLY D 183 -0.05 -76.70 -54.66
N VAL D 184 -0.62 -76.22 -53.55
CA VAL D 184 -0.13 -76.58 -52.22
C VAL D 184 -0.25 -78.08 -51.94
N ASP D 185 -0.85 -78.83 -52.86
CA ASP D 185 -1.00 -80.27 -52.70
C ASP D 185 -0.15 -81.08 -53.67
N ASN D 186 0.78 -80.44 -54.38
CA ASN D 186 1.63 -81.17 -55.31
C ASN D 186 2.46 -82.20 -54.55
N ALA D 187 3.01 -83.15 -55.31
CA ALA D 187 3.83 -84.20 -54.71
C ALA D 187 4.94 -83.62 -53.85
N GLY D 188 5.60 -82.57 -54.34
CA GLY D 188 6.69 -81.97 -53.57
C GLY D 188 6.21 -81.33 -52.29
N ALA D 189 5.04 -80.67 -52.33
CA ALA D 189 4.51 -80.04 -51.12
C ALA D 189 4.21 -81.09 -50.05
N LYS D 190 3.54 -82.17 -50.44
CA LYS D 190 3.23 -83.24 -49.47
C LYS D 190 4.50 -83.89 -48.95
N ALA D 191 5.50 -84.08 -49.81
CA ALA D 191 6.77 -84.69 -49.39
C ALA D 191 7.48 -83.82 -48.36
N GLY D 192 7.54 -82.51 -48.60
CA GLY D 192 8.21 -81.63 -47.65
C GLY D 192 7.51 -81.61 -46.30
N LEU D 193 6.17 -81.49 -46.31
CA LEU D 193 5.44 -81.49 -45.05
C LEU D 193 5.60 -82.83 -44.34
N THR D 194 5.67 -83.92 -45.11
CA THR D 194 5.85 -85.24 -44.51
C THR D 194 7.22 -85.33 -43.84
N PHE D 195 8.24 -84.74 -44.46
CA PHE D 195 9.57 -84.76 -43.87
C PHE D 195 9.60 -83.96 -42.56
N LEU D 196 8.92 -82.81 -42.54
CA LEU D 196 8.87 -82.00 -41.32
C LEU D 196 8.14 -82.75 -40.21
N VAL D 197 7.01 -83.37 -40.54
CA VAL D 197 6.24 -84.14 -39.55
C VAL D 197 7.07 -85.32 -39.05
N ASP D 198 7.89 -85.91 -39.91
CA ASP D 198 8.73 -87.02 -39.49
C ASP D 198 9.80 -86.54 -38.52
N LEU D 199 10.38 -85.36 -38.77
CA LEU D 199 11.37 -84.79 -37.87
C LEU D 199 10.77 -84.55 -36.49
N ALA D 207 6.90 -79.88 -31.57
CA ALA D 207 5.84 -79.31 -32.39
C ALA D 207 5.33 -77.98 -31.80
N ASP D 208 5.46 -77.85 -30.48
CA ASP D 208 5.00 -76.64 -29.79
C ASP D 208 6.03 -75.51 -29.76
N THR D 209 7.25 -75.75 -30.24
CA THR D 209 8.28 -74.72 -30.22
C THR D 209 7.83 -73.51 -31.04
N ASP D 210 8.02 -72.32 -30.46
CA ASP D 210 7.65 -71.07 -31.11
C ASP D 210 8.87 -70.17 -31.27
N TYR D 211 8.63 -68.93 -31.69
CA TYR D 211 9.71 -67.97 -31.92
C TYR D 211 10.47 -67.65 -30.65
N SER D 212 9.75 -67.42 -29.54
CA SER D 212 10.43 -67.09 -28.28
C SER D 212 11.37 -68.21 -27.84
N ILE D 213 10.84 -69.44 -27.76
CA ILE D 213 11.67 -70.58 -27.35
C ILE D 213 12.83 -70.79 -28.31
N ALA D 214 12.56 -70.70 -29.62
CA ALA D 214 13.61 -70.91 -30.62
C ALA D 214 14.73 -69.89 -30.46
N GLU D 215 14.39 -68.59 -30.45
CA GLU D 215 15.42 -67.56 -30.33
C GLU D 215 16.17 -67.66 -29.02
N ALA D 216 15.47 -67.88 -27.90
CA ALA D 216 16.15 -67.99 -26.61
C ALA D 216 17.09 -69.19 -26.59
N ALA D 217 16.66 -70.32 -27.17
CA ALA D 217 17.49 -71.51 -27.19
C ALA D 217 18.73 -71.30 -28.06
N PHE D 218 18.59 -70.57 -29.17
CA PHE D 218 19.76 -70.33 -30.01
C PHE D 218 20.71 -69.36 -29.34
N ASN D 219 20.16 -68.30 -28.73
CA ASN D 219 21.00 -67.30 -28.07
C ASN D 219 21.72 -67.87 -26.84
N LYS D 220 21.19 -68.93 -26.25
CA LYS D 220 21.80 -69.54 -25.08
C LYS D 220 22.70 -70.73 -25.41
N GLY D 221 23.06 -70.90 -26.68
CA GLY D 221 23.91 -72.02 -27.07
C GLY D 221 23.30 -73.39 -26.91
N GLU D 222 21.99 -73.48 -26.70
CA GLU D 222 21.34 -74.77 -26.54
C GLU D 222 21.10 -75.48 -27.86
N THR D 223 21.05 -74.73 -28.97
CA THR D 223 20.87 -75.29 -30.30
C THR D 223 21.96 -74.74 -31.20
N ALA D 224 22.33 -75.52 -32.21
CA ALA D 224 23.39 -75.15 -33.13
C ALA D 224 22.90 -74.35 -34.33
N MET D 225 21.62 -74.39 -34.65
CA MET D 225 21.10 -73.68 -35.81
C MET D 225 19.79 -72.97 -35.49
N ASN D 228 15.74 -67.51 -39.20
CA ASN D 228 15.08 -66.24 -38.97
C ASN D 228 15.56 -65.18 -39.95
N GLY D 229 14.92 -64.01 -39.90
CA GLY D 229 15.28 -62.92 -40.76
C GLY D 229 16.34 -62.05 -40.14
N PRO D 230 16.51 -60.83 -40.68
CA PRO D 230 17.55 -59.94 -40.12
C PRO D 230 17.21 -59.39 -38.74
N TRP D 231 15.93 -59.15 -38.44
CA TRP D 231 15.53 -58.59 -37.15
C TRP D 231 16.14 -59.31 -35.95
N ALA D 232 16.36 -60.62 -36.04
CA ALA D 232 16.91 -61.39 -34.93
C ALA D 232 18.41 -61.13 -34.73
N TRP D 233 19.11 -60.72 -35.79
CA TRP D 233 20.55 -60.48 -35.74
C TRP D 233 20.98 -59.63 -34.55
N SER D 234 20.21 -58.59 -34.21
CA SER D 234 20.58 -57.74 -33.08
C SER D 234 20.62 -58.53 -31.76
N ASN D 235 19.51 -59.19 -31.41
CA ASN D 235 19.47 -59.97 -30.19
C ASN D 235 20.53 -61.08 -30.20
N ILE D 236 20.84 -61.61 -31.38
CA ILE D 236 21.85 -62.65 -31.44
C ILE D 236 23.23 -62.03 -31.23
N ASP D 237 23.41 -60.79 -31.66
CA ASP D 237 24.70 -60.12 -31.45
C ASP D 237 24.89 -59.87 -29.97
N THR D 238 23.84 -59.39 -29.30
CA THR D 238 23.95 -59.14 -27.86
C THR D 238 24.15 -60.44 -27.09
N SER D 239 23.86 -61.59 -27.71
CA SER D 239 24.05 -62.86 -27.04
C SER D 239 25.51 -63.31 -27.02
N LYS D 240 26.39 -62.62 -27.74
CA LYS D 240 27.81 -62.93 -27.81
C LYS D 240 28.08 -64.34 -28.33
N VAL D 241 27.13 -64.89 -29.10
CA VAL D 241 27.25 -66.23 -29.66
C VAL D 241 27.83 -66.12 -31.07
N ASN D 242 28.94 -66.83 -31.31
CA ASN D 242 29.58 -66.82 -32.62
C ASN D 242 28.63 -67.51 -33.60
N TYR D 243 27.95 -66.74 -34.44
CA TYR D 243 27.00 -67.26 -35.39
C TYR D 243 27.39 -66.90 -36.82
N GLY D 244 26.73 -67.56 -37.77
CA GLY D 244 26.98 -67.31 -39.18
C GLY D 244 25.68 -67.35 -39.98
N VAL D 245 25.51 -66.39 -40.87
CA VAL D 245 24.31 -66.29 -41.71
C VAL D 245 24.65 -66.85 -43.08
N THR D 246 23.91 -67.87 -43.49
CA THR D 246 24.15 -68.50 -44.79
C THR D 246 22.82 -68.90 -45.40
N VAL D 247 22.90 -69.56 -46.56
CA VAL D 247 21.69 -70.00 -47.27
C VAL D 247 21.04 -71.16 -46.53
N LEU D 248 19.75 -71.37 -46.83
CA LEU D 248 18.95 -72.43 -46.26
C LEU D 248 19.29 -73.76 -46.92
N PRO D 249 19.14 -74.88 -46.21
CA PRO D 249 19.46 -76.17 -46.80
C PRO D 249 18.55 -76.51 -47.98
N THR D 250 19.00 -77.49 -48.77
CA THR D 250 18.28 -77.94 -49.95
C THR D 250 17.44 -79.17 -49.62
N PHE D 251 16.25 -79.22 -50.21
CA PHE D 251 15.33 -80.34 -50.03
C PHE D 251 15.22 -81.11 -51.34
N LYS D 252 15.59 -82.39 -51.30
CA LYS D 252 15.59 -83.27 -52.47
C LYS D 252 16.39 -82.68 -53.62
N GLY D 253 17.62 -82.26 -53.30
CA GLY D 253 18.50 -81.71 -54.31
C GLY D 253 18.02 -80.43 -54.96
N GLN D 254 17.02 -79.77 -54.39
CA GLN D 254 16.51 -78.56 -55.00
C GLN D 254 16.70 -77.36 -54.10
N PRO D 255 16.95 -76.18 -54.67
CA PRO D 255 17.18 -74.99 -53.85
C PRO D 255 15.96 -74.59 -53.04
N SER D 256 16.21 -74.17 -51.81
CA SER D 256 15.13 -73.74 -50.92
C SER D 256 14.51 -72.45 -51.43
N LYS D 257 13.17 -72.38 -51.40
CA LYS D 257 12.43 -71.22 -51.86
C LYS D 257 11.80 -70.52 -50.65
N PRO D 258 12.50 -69.58 -50.03
CA PRO D 258 11.90 -68.86 -48.89
C PRO D 258 11.03 -67.73 -49.38
N PHE D 259 10.07 -67.36 -48.53
CA PHE D 259 9.16 -66.28 -48.86
C PHE D 259 9.89 -64.96 -48.96
N VAL D 260 9.47 -64.10 -49.91
CA VAL D 260 10.12 -62.81 -50.07
C VAL D 260 9.13 -61.74 -49.60
N GLY D 261 9.42 -61.16 -48.44
CA GLY D 261 8.59 -60.11 -47.86
C GLY D 261 9.17 -58.75 -48.18
N VAL D 262 8.29 -57.79 -48.42
CA VAL D 262 8.68 -56.42 -48.72
C VAL D 262 8.04 -55.54 -47.65
N LEU D 263 8.80 -55.30 -46.57
CA LEU D 263 8.30 -54.44 -45.50
C LEU D 263 8.04 -53.05 -46.04
N SER D 264 6.80 -52.61 -45.96
CA SER D 264 6.39 -51.32 -46.47
C SER D 264 5.55 -50.61 -45.42
N ILE D 267 -0.28 -45.52 -45.61
CA ILE D 267 -0.99 -44.40 -45.00
C ILE D 267 -2.47 -44.71 -44.89
N ASN D 268 -3.04 -44.55 -43.69
CA ASN D 268 -4.46 -44.83 -43.50
C ASN D 268 -5.29 -43.86 -44.33
N ALA D 269 -6.23 -44.42 -45.10
CA ALA D 269 -7.08 -43.60 -45.96
C ALA D 269 -7.99 -42.66 -45.18
N ALA D 270 -8.25 -42.95 -43.89
CA ALA D 270 -9.11 -42.10 -43.09
C ALA D 270 -8.35 -41.05 -42.29
N SER D 271 -7.04 -41.17 -42.18
CA SER D 271 -6.26 -40.19 -41.42
C SER D 271 -6.20 -38.86 -42.16
N PRO D 272 -6.56 -37.75 -41.51
CA PRO D 272 -6.49 -36.44 -42.16
C PRO D 272 -5.09 -35.86 -42.21
N ASN D 273 -4.09 -36.61 -41.76
CA ASN D 273 -2.70 -36.16 -41.75
C ASN D 273 -1.89 -36.84 -42.85
N LYS D 274 -2.51 -37.01 -44.03
CA LYS D 274 -1.82 -37.65 -45.14
C LYS D 274 -0.58 -36.87 -45.56
N GLU D 275 -0.65 -35.53 -45.51
CA GLU D 275 0.51 -34.72 -45.87
C GLU D 275 1.65 -34.91 -44.88
N LEU D 276 1.34 -34.89 -43.57
CA LEU D 276 2.37 -35.09 -42.56
C LEU D 276 2.96 -36.48 -42.67
N ALA D 277 2.12 -37.47 -42.97
CA ALA D 277 2.61 -38.84 -43.14
C ALA D 277 3.56 -38.93 -44.32
N LYS D 278 3.19 -38.29 -45.44
CA LYS D 278 4.06 -38.28 -46.61
C LYS D 278 5.38 -37.60 -46.29
N GLU D 279 5.32 -36.49 -45.57
CA GLU D 279 6.54 -35.77 -45.20
C GLU D 279 7.44 -36.65 -44.34
N PHE D 280 6.90 -37.27 -43.30
CA PHE D 280 7.70 -38.10 -42.41
C PHE D 280 8.30 -39.30 -43.14
N LEU D 281 7.51 -39.97 -43.97
CA LEU D 281 8.02 -41.17 -44.65
C LEU D 281 8.97 -40.85 -45.81
N GLU D 282 8.77 -39.75 -46.53
CA GLU D 282 9.59 -39.44 -47.69
C GLU D 282 10.79 -38.54 -47.42
N ASN D 283 10.73 -37.66 -46.41
CA ASN D 283 11.84 -36.74 -46.17
C ASN D 283 12.80 -37.15 -45.06
N TYR D 284 12.34 -37.88 -44.05
CA TYR D 284 13.22 -38.27 -42.95
C TYR D 284 13.48 -39.76 -42.82
N LEU D 285 12.49 -40.62 -43.03
CA LEU D 285 12.73 -42.06 -42.86
C LEU D 285 13.56 -42.64 -44.01
N LEU D 286 13.14 -42.42 -45.25
CA LEU D 286 13.86 -42.99 -46.37
C LEU D 286 15.09 -42.18 -46.76
N THR D 287 15.94 -41.92 -45.76
CA THR D 287 17.20 -41.20 -45.93
C THR D 287 18.24 -41.90 -45.05
N ASP D 288 19.51 -41.58 -45.28
CA ASP D 288 20.56 -42.21 -44.49
C ASP D 288 20.41 -41.89 -43.01
N GLU D 289 20.16 -40.62 -42.69
CA GLU D 289 20.01 -40.19 -41.30
C GLU D 289 18.90 -40.94 -40.58
N GLY D 290 17.69 -40.93 -41.15
CA GLY D 290 16.58 -41.62 -40.51
C GLY D 290 16.73 -43.13 -40.48
N LEU D 291 17.22 -43.70 -41.57
CA LEU D 291 17.40 -45.15 -41.65
C LEU D 291 18.45 -45.65 -40.65
N GLU D 292 19.43 -44.82 -40.29
CA GLU D 292 20.48 -45.27 -39.38
C GLU D 292 19.92 -45.68 -38.01
N ALA D 293 19.04 -44.88 -37.43
CA ALA D 293 18.49 -45.22 -36.12
C ALA D 293 17.69 -46.52 -36.15
N VAL D 294 16.87 -46.70 -37.20
CA VAL D 294 16.05 -47.91 -37.30
C VAL D 294 16.94 -49.13 -37.47
N ASN D 295 17.92 -49.05 -38.37
CA ASN D 295 18.82 -50.17 -38.57
C ASN D 295 19.64 -50.47 -37.32
N LYS D 296 20.01 -49.43 -36.56
CA LYS D 296 20.78 -49.64 -35.33
C LYS D 296 19.95 -50.42 -34.32
N ASP D 297 18.70 -50.00 -34.11
CA ASP D 297 17.86 -50.71 -33.14
C ASP D 297 17.71 -52.16 -33.57
N LYS D 298 17.04 -52.38 -34.71
CA LYS D 298 16.88 -53.75 -35.18
C LYS D 298 17.13 -53.78 -36.68
N PRO D 299 18.10 -54.56 -37.16
CA PRO D 299 18.35 -54.59 -38.60
C PRO D 299 17.12 -55.04 -39.37
N LEU D 300 16.99 -54.49 -40.58
CA LEU D 300 15.85 -54.77 -41.45
C LEU D 300 16.27 -55.41 -42.77
N GLY D 301 17.51 -55.85 -42.90
CA GLY D 301 17.96 -56.50 -44.11
C GLY D 301 18.19 -55.53 -45.27
N ALA D 302 18.08 -56.09 -46.48
CA ALA D 302 18.25 -55.30 -47.70
C ALA D 302 17.18 -54.23 -47.80
N VAL D 303 17.58 -52.97 -47.67
CA VAL D 303 16.63 -51.86 -47.72
C VAL D 303 16.28 -51.54 -49.18
N ALA D 304 15.21 -50.76 -49.36
CA ALA D 304 14.77 -50.37 -50.69
C ALA D 304 15.50 -49.14 -51.22
N LEU D 305 16.12 -48.36 -50.34
CA LEU D 305 16.84 -47.17 -50.75
C LEU D 305 18.18 -47.56 -51.37
N LYS D 306 18.39 -47.16 -52.63
CA LYS D 306 19.64 -47.48 -53.31
C LYS D 306 20.83 -46.84 -52.62
N SER D 307 20.65 -45.62 -52.10
CA SER D 307 21.74 -44.91 -51.44
C SER D 307 22.32 -45.74 -50.29
N TYR D 308 21.45 -46.29 -49.44
CA TYR D 308 21.93 -47.07 -48.31
C TYR D 308 22.28 -48.51 -48.70
N GLU D 309 21.42 -49.16 -49.48
CA GLU D 309 21.67 -50.54 -49.90
C GLU D 309 22.97 -50.71 -50.67
N GLU D 310 23.39 -49.68 -51.42
CA GLU D 310 24.62 -49.76 -52.20
C GLU D 310 25.81 -50.15 -51.32
N GLU D 311 25.90 -49.58 -50.13
CA GLU D 311 26.99 -49.90 -49.21
C GLU D 311 26.54 -50.77 -48.04
N LEU D 312 25.26 -51.19 -48.03
CA LEU D 312 24.77 -52.07 -46.98
C LEU D 312 24.88 -53.53 -47.39
N VAL D 313 24.86 -53.81 -48.70
CA VAL D 313 24.98 -55.18 -49.18
C VAL D 313 26.35 -55.77 -48.89
N LYS D 314 27.31 -54.94 -48.49
CA LYS D 314 28.66 -55.39 -48.19
C LYS D 314 28.71 -56.34 -46.99
N ASP D 315 27.71 -56.29 -46.12
CA ASP D 315 27.67 -57.18 -44.96
C ASP D 315 27.37 -58.60 -45.42
N PRO D 316 28.21 -59.58 -45.07
CA PRO D 316 27.95 -60.96 -45.50
C PRO D 316 26.57 -61.46 -45.09
N ARG D 317 26.04 -60.95 -43.97
CA ARG D 317 24.71 -61.36 -43.54
C ARG D 317 23.67 -60.88 -44.54
N ILE D 318 23.78 -59.62 -44.96
CA ILE D 318 22.86 -59.06 -45.95
C ILE D 318 23.00 -59.82 -47.26
N ALA D 319 24.23 -60.19 -47.62
CA ALA D 319 24.45 -60.94 -48.86
C ALA D 319 23.79 -62.31 -48.79
N ALA D 320 23.88 -62.98 -47.65
CA ALA D 320 23.24 -64.29 -47.50
C ALA D 320 21.72 -64.17 -47.58
N THR D 321 21.17 -63.15 -46.92
CA THR D 321 19.72 -62.94 -46.97
C THR D 321 19.28 -62.64 -48.40
N MET D 322 20.08 -61.84 -49.13
CA MET D 322 19.75 -61.52 -50.51
C MET D 322 19.82 -62.76 -51.39
N GLU D 323 20.78 -63.66 -51.11
CA GLU D 323 20.88 -64.88 -51.90
C GLU D 323 19.66 -65.77 -51.63
N ASN D 324 19.23 -65.87 -50.37
CA ASN D 324 18.05 -66.66 -50.06
C ASN D 324 16.82 -66.08 -50.76
N ALA D 325 16.71 -64.74 -50.77
CA ALA D 325 15.59 -64.11 -51.46
C ALA D 325 15.65 -64.42 -52.95
N GLN D 326 16.85 -64.41 -53.53
CA GLN D 326 17.02 -64.74 -54.94
C GLN D 326 16.51 -66.15 -55.22
N LYS D 327 16.90 -67.11 -54.37
CA LYS D 327 16.43 -68.48 -54.57
C LYS D 327 14.94 -68.61 -54.33
N GLY D 328 14.36 -67.71 -53.53
CA GLY D 328 12.94 -67.74 -53.24
C GLY D 328 12.10 -67.06 -54.31
N GLU D 329 10.88 -66.70 -53.92
CA GLU D 329 9.95 -66.05 -54.82
C GLU D 329 9.23 -64.92 -54.08
N ILE D 330 8.96 -63.85 -54.84
CA ILE D 330 8.30 -62.69 -54.27
C ILE D 330 6.89 -63.06 -53.82
N MET D 331 6.49 -62.48 -52.71
CA MET D 331 5.18 -62.73 -52.13
C MET D 331 4.10 -61.91 -52.86
N PRO D 332 3.00 -62.53 -53.28
CA PRO D 332 1.95 -61.76 -53.95
C PRO D 332 1.20 -60.92 -52.92
N ASN D 333 0.64 -59.80 -53.39
CA ASN D 333 -0.10 -58.90 -52.51
C ASN D 333 -1.62 -58.97 -52.74
N ILE D 334 -2.10 -60.05 -53.34
CA ILE D 334 -3.54 -60.19 -53.57
C ILE D 334 -4.21 -60.41 -52.22
N PRO D 335 -5.50 -60.09 -52.07
CA PRO D 335 -6.16 -60.28 -50.76
C PRO D 335 -6.32 -61.73 -50.35
N GLN D 336 -6.63 -62.62 -51.30
CA GLN D 336 -6.83 -64.04 -51.03
C GLN D 336 -5.67 -64.65 -50.23
N MET D 337 -4.47 -64.07 -50.35
CA MET D 337 -3.29 -64.53 -49.63
C MET D 337 -3.66 -64.80 -48.19
N SER D 338 -4.43 -63.89 -47.59
CA SER D 338 -4.87 -64.04 -46.21
C SER D 338 -5.43 -65.44 -45.97
N ALA D 339 -6.56 -65.75 -46.63
CA ALA D 339 -7.17 -67.07 -46.48
C ALA D 339 -6.16 -68.17 -46.72
N PHE D 340 -5.34 -68.00 -47.77
CA PHE D 340 -4.30 -68.98 -48.10
C PHE D 340 -3.51 -69.36 -46.84
N TRP D 341 -2.88 -68.35 -46.23
CA TRP D 341 -2.10 -68.59 -45.04
C TRP D 341 -2.95 -69.15 -43.91
N TYR D 342 -4.14 -68.60 -43.68
CA TYR D 342 -5.00 -69.16 -42.62
C TYR D 342 -5.13 -70.67 -42.78
N ALA D 343 -5.14 -71.13 -44.03
CA ALA D 343 -5.23 -72.56 -44.31
C ALA D 343 -3.90 -73.24 -44.01
N VAL D 344 -2.81 -72.76 -44.60
CA VAL D 344 -1.51 -73.40 -44.36
C VAL D 344 -1.21 -73.41 -42.86
N ARG D 345 -1.33 -72.25 -42.21
CA ARG D 345 -1.11 -72.12 -40.77
C ARG D 345 -1.90 -73.17 -40.00
N THR D 346 -3.08 -73.54 -40.50
CA THR D 346 -3.86 -74.57 -39.81
C THR D 346 -3.27 -75.94 -40.11
N ALA D 347 -3.08 -76.23 -41.40
CA ALA D 347 -2.55 -77.51 -41.86
C ALA D 347 -1.28 -77.88 -41.08
N VAL D 348 -0.28 -76.99 -41.12
CA VAL D 348 0.99 -77.23 -40.42
C VAL D 348 0.76 -77.64 -38.97
N ILE D 349 -0.12 -76.91 -38.26
CA ILE D 349 -0.43 -77.23 -36.87
C ILE D 349 -0.99 -78.64 -36.75
N ASN D 350 -2.03 -78.94 -37.55
CA ASN D 350 -2.62 -80.28 -37.53
C ASN D 350 -1.64 -81.35 -37.98
N ALA D 351 -0.61 -80.99 -38.75
CA ALA D 351 0.40 -81.95 -39.17
C ALA D 351 1.43 -82.16 -38.07
N ALA D 352 1.66 -81.12 -37.27
CA ALA D 352 2.61 -81.20 -36.17
C ALA D 352 2.02 -82.06 -35.06
N SER D 353 0.72 -81.91 -34.82
CA SER D 353 0.03 -82.69 -33.80
C SER D 353 -0.56 -83.94 -34.44
N GLY D 354 -0.93 -84.89 -33.60
CA GLY D 354 -1.51 -86.13 -34.10
C GLY D 354 -2.99 -86.05 -34.39
N ARG D 355 -3.53 -84.85 -34.55
CA ARG D 355 -4.97 -84.73 -34.82
C ARG D 355 -5.34 -85.25 -36.20
N GLN D 356 -4.72 -84.72 -37.25
CA GLN D 356 -5.00 -85.15 -38.60
C GLN D 356 -3.71 -85.48 -39.33
N THR D 357 -3.83 -86.35 -40.34
CA THR D 357 -2.65 -86.72 -41.10
C THR D 357 -2.26 -85.59 -42.06
N VAL D 358 -1.07 -85.76 -42.65
CA VAL D 358 -0.55 -84.76 -43.58
C VAL D 358 -1.39 -84.71 -44.85
N ASP D 359 -1.68 -85.88 -45.43
CA ASP D 359 -2.44 -85.92 -46.67
C ASP D 359 -3.83 -85.33 -46.51
N GLU D 360 -4.53 -85.72 -45.43
CA GLU D 360 -5.88 -85.20 -45.20
C GLU D 360 -5.84 -83.69 -44.99
N ALA D 361 -4.94 -83.23 -44.13
CA ALA D 361 -4.85 -81.79 -43.85
C ALA D 361 -4.56 -80.98 -45.11
N LEU D 362 -3.64 -81.45 -45.95
CA LEU D 362 -3.31 -80.71 -47.17
C LEU D 362 -4.46 -80.74 -48.19
N LYS D 363 -5.02 -81.93 -48.43
CA LYS D 363 -6.12 -82.05 -49.39
C LYS D 363 -7.29 -81.16 -48.99
N ASP D 364 -7.54 -81.04 -47.69
CA ASP D 364 -8.64 -80.21 -47.20
C ASP D 364 -8.27 -78.72 -47.18
N ALA D 365 -7.00 -78.37 -46.92
CA ALA D 365 -6.61 -76.97 -46.92
C ALA D 365 -6.68 -76.36 -48.31
N GLN D 366 -6.47 -77.19 -49.33
CA GLN D 366 -6.51 -76.73 -50.72
C GLN D 366 -7.87 -76.14 -51.05
N THR D 367 -8.92 -76.76 -50.51
CA THR D 367 -10.28 -76.29 -50.75
C THR D 367 -10.66 -75.12 -49.86
N ASN D 368 -9.74 -74.63 -49.02
CA ASN D 368 -9.98 -73.49 -48.15
C ASN D 368 -9.06 -72.31 -48.45
N SER D 369 -8.16 -72.46 -49.40
CA SER D 369 -7.28 -71.34 -49.74
C SER D 369 -7.92 -70.37 -50.72
N SER D 370 -8.97 -70.81 -51.43
CA SER D 370 -9.71 -70.00 -52.40
C SER D 370 -11.20 -70.11 -52.16
N SER D 371 -11.60 -70.22 -50.89
CA SER D 371 -13.01 -70.37 -50.53
C SER D 371 -13.85 -69.16 -50.93
N ARG D 372 -13.54 -67.99 -50.37
CA ARG D 372 -14.26 -66.73 -50.63
C ARG D 372 -15.73 -66.80 -50.22
N ARG D 373 -16.13 -67.83 -49.49
CA ARG D 373 -17.49 -68.02 -49.01
C ARG D 373 -17.72 -67.36 -47.66
N ARG D 374 -16.79 -66.53 -47.21
CA ARG D 374 -16.90 -65.91 -45.90
C ARG D 374 -16.32 -64.50 -45.93
N ILE D 375 -16.92 -63.61 -45.14
CA ILE D 375 -16.52 -62.22 -45.04
C ILE D 375 -16.44 -61.83 -43.56
N GLU D 376 -15.40 -61.09 -43.21
CA GLU D 376 -15.19 -60.64 -41.85
C GLU D 376 -16.20 -59.57 -41.45
N PRO D 377 -16.41 -59.36 -40.14
CA PRO D 377 -17.37 -58.33 -39.73
C PRO D 377 -16.90 -56.93 -40.05
N TRP D 378 -15.60 -56.64 -39.97
CA TRP D 378 -15.14 -55.29 -40.31
C TRP D 378 -15.41 -54.97 -41.77
N GLU D 379 -15.09 -55.92 -42.67
CA GLU D 379 -15.36 -55.67 -44.08
C GLU D 379 -16.86 -55.68 -44.34
N PHE D 380 -17.64 -56.38 -43.51
CA PHE D 380 -19.08 -56.32 -43.67
C PHE D 380 -19.57 -54.92 -43.31
N ASP D 381 -18.92 -54.31 -42.31
CA ASP D 381 -19.25 -52.94 -41.93
C ASP D 381 -18.85 -52.02 -43.05
N VAL D 382 -17.91 -52.44 -43.90
CA VAL D 382 -17.50 -51.66 -45.05
C VAL D 382 -18.59 -51.72 -46.13
N PHE D 383 -19.58 -52.60 -45.95
CA PHE D 383 -20.76 -52.83 -46.78
C PHE D 383 -21.94 -52.29 -45.93
N TYR D 384 -22.12 -50.96 -45.98
CA TYR D 384 -23.10 -50.26 -45.16
C TYR D 384 -23.72 -49.11 -45.94
N ASP D 385 -24.95 -48.78 -45.59
CA ASP D 385 -25.64 -47.72 -46.34
C ASP D 385 -25.01 -46.30 -46.22
N PRO D 386 -24.71 -45.74 -45.05
CA PRO D 386 -24.11 -44.40 -45.05
C PRO D 386 -22.70 -44.40 -45.60
N ARG D 387 -22.00 -45.54 -45.62
CA ARG D 387 -20.64 -45.55 -46.15
C ARG D 387 -20.65 -45.21 -47.62
N GLU D 388 -20.19 -44.01 -47.95
CA GLU D 388 -20.13 -43.59 -49.34
C GLU D 388 -18.76 -43.90 -49.94
N LEU D 389 -18.12 -44.95 -49.45
CA LEU D 389 -16.81 -45.41 -49.94
C LEU D 389 -16.83 -45.49 -51.45
N ARG D 390 -15.94 -44.72 -52.09
CA ARG D 390 -15.88 -44.66 -53.54
C ARG D 390 -15.35 -45.97 -54.10
N LYS D 391 -16.20 -46.64 -54.88
CA LYS D 391 -15.86 -47.88 -55.57
C LYS D 391 -15.58 -49.03 -54.60
N GLU D 392 -16.54 -49.28 -53.71
CA GLU D 392 -16.44 -50.38 -52.75
C GLU D 392 -17.15 -51.54 -53.43
N ALA D 393 -16.37 -52.48 -53.97
CA ALA D 393 -16.90 -53.61 -54.73
C ALA D 393 -16.92 -54.89 -53.92
N CYS D 394 -18.12 -55.29 -53.51
CA CYS D 394 -18.38 -56.51 -52.75
C CYS D 394 -19.71 -57.06 -53.25
N LEU D 395 -19.76 -58.37 -53.43
CA LEU D 395 -20.95 -59.03 -53.94
C LEU D 395 -21.14 -60.37 -53.25
N LEU D 396 -22.32 -60.59 -52.68
CA LEU D 396 -22.65 -61.80 -51.97
C LEU D 396 -23.73 -62.52 -52.79
N TYR D 397 -23.35 -63.60 -53.47
CA TYR D 397 -24.30 -64.33 -54.31
C TYR D 397 -24.68 -65.67 -53.69
N GLU D 398 -25.98 -65.96 -53.79
CA GLU D 398 -26.62 -67.17 -53.27
C GLU D 398 -27.39 -67.79 -54.43
N ILE D 399 -26.92 -68.94 -54.91
CA ILE D 399 -27.51 -69.64 -56.05
C ILE D 399 -28.31 -70.84 -55.58
N LYS D 400 -29.55 -70.95 -56.04
CA LYS D 400 -30.44 -72.06 -55.72
C LYS D 400 -30.52 -72.96 -56.93
N TRP D 401 -30.39 -74.25 -56.70
CA TRP D 401 -30.43 -75.27 -57.76
C TRP D 401 -31.78 -75.96 -57.70
N GLY D 402 -32.71 -75.55 -58.58
CA GLY D 402 -34.02 -76.17 -58.58
C GLY D 402 -33.99 -77.68 -58.75
N ALA D 403 -32.96 -78.20 -59.42
CA ALA D 403 -32.85 -79.63 -59.61
C ALA D 403 -32.49 -80.34 -58.31
N SER D 404 -31.42 -79.88 -57.66
CA SER D 404 -30.93 -80.48 -56.41
C SER D 404 -31.41 -79.77 -55.14
N SER D 405 -32.08 -78.63 -55.26
CA SER D 405 -32.57 -77.87 -54.10
C SER D 405 -31.43 -77.51 -53.15
N LYS D 406 -30.23 -77.29 -53.71
CA LYS D 406 -29.03 -76.94 -52.96
C LYS D 406 -28.71 -75.47 -53.16
N ILE D 407 -28.10 -74.87 -52.13
CA ILE D 407 -27.72 -73.46 -52.14
C ILE D 407 -26.21 -73.34 -52.12
N TRP D 408 -25.68 -72.55 -53.05
CA TRP D 408 -24.25 -72.24 -53.17
C TRP D 408 -24.06 -70.77 -52.84
N ARG D 409 -23.37 -70.49 -51.73
CA ARG D 409 -23.12 -69.13 -51.29
C ARG D 409 -21.66 -68.77 -51.54
N SER D 410 -21.40 -67.50 -51.83
CA SER D 410 -20.03 -67.03 -52.03
C SER D 410 -20.03 -65.52 -52.22
N SER D 411 -18.83 -64.96 -52.40
CA SER D 411 -18.65 -63.53 -52.57
C SER D 411 -17.78 -63.22 -53.78
N GLY D 412 -17.59 -61.92 -53.99
CA GLY D 412 -16.80 -61.40 -55.09
C GLY D 412 -16.33 -60.00 -54.77
N LYS D 413 -15.16 -59.64 -55.29
CA LYS D 413 -14.54 -58.35 -55.04
C LYS D 413 -14.28 -57.58 -56.35
N ASN D 414 -13.54 -56.48 -56.25
CA ASN D 414 -13.28 -55.60 -57.40
C ASN D 414 -12.31 -56.12 -58.45
N THR D 415 -11.04 -56.24 -58.12
CA THR D 415 -9.99 -56.71 -59.03
C THR D 415 -10.06 -56.01 -60.41
N THR D 416 -9.97 -54.69 -60.38
CA THR D 416 -9.98 -53.79 -61.54
C THR D 416 -11.22 -53.91 -62.43
N ASN D 417 -12.27 -54.59 -61.97
CA ASN D 417 -13.46 -54.73 -62.80
C ASN D 417 -14.69 -54.72 -61.92
N HIS D 418 -15.82 -54.35 -62.51
CA HIS D 418 -17.05 -54.36 -61.75
C HIS D 418 -17.44 -55.79 -61.38
N VAL D 419 -17.94 -55.95 -60.15
CA VAL D 419 -18.29 -57.28 -59.68
C VAL D 419 -19.22 -58.01 -60.65
N ALA D 420 -20.04 -57.25 -61.40
CA ALA D 420 -20.97 -57.88 -62.33
C ALA D 420 -20.23 -58.68 -63.40
N VAL D 421 -19.26 -58.04 -64.07
CA VAL D 421 -18.54 -58.74 -65.14
C VAL D 421 -17.73 -59.88 -64.55
N ASN D 422 -17.19 -59.70 -63.34
CA ASN D 422 -16.44 -60.79 -62.74
C ASN D 422 -17.33 -62.00 -62.47
N PHE D 423 -18.53 -61.75 -61.93
CA PHE D 423 -19.46 -62.84 -61.68
C PHE D 423 -19.88 -63.51 -62.99
N ILE D 424 -20.07 -62.72 -64.05
CA ILE D 424 -20.47 -63.30 -65.33
C ILE D 424 -19.40 -64.25 -65.85
N LYS D 425 -18.13 -63.81 -65.81
CA LYS D 425 -17.05 -64.68 -66.26
C LYS D 425 -16.98 -65.94 -65.40
N LYS D 426 -17.12 -65.78 -64.09
CA LYS D 426 -17.08 -66.93 -63.20
C LYS D 426 -18.24 -67.87 -63.48
N PHE D 427 -19.42 -67.33 -63.81
CA PHE D 427 -20.57 -68.20 -64.10
C PHE D 427 -20.35 -68.98 -65.38
N THR D 428 -19.73 -68.33 -66.39
CA THR D 428 -19.47 -69.03 -67.64
C THR D 428 -18.52 -70.20 -67.38
N SER D 429 -17.48 -69.98 -66.57
CA SER D 429 -16.58 -71.09 -66.25
C SER D 429 -17.22 -72.04 -65.25
N GLU D 430 -18.26 -71.57 -64.55
CA GLU D 430 -18.98 -72.32 -63.53
C GLU D 430 -19.82 -73.44 -64.14
N ARG D 431 -20.48 -73.15 -65.26
CA ARG D 431 -21.31 -74.22 -65.84
C ARG D 431 -20.48 -75.40 -66.37
N ASP D 432 -19.16 -75.39 -66.16
CA ASP D 432 -18.32 -76.48 -66.64
C ASP D 432 -18.73 -77.81 -66.02
N PHE D 433 -18.83 -77.87 -64.69
CA PHE D 433 -19.19 -79.09 -63.99
C PHE D 433 -20.53 -78.98 -63.25
N HIS D 434 -21.35 -77.99 -63.59
CA HIS D 434 -22.66 -77.78 -63.00
C HIS D 434 -23.70 -77.52 -64.08
N PRO D 435 -24.94 -78.03 -63.91
CA PRO D 435 -25.99 -77.81 -64.91
C PRO D 435 -26.58 -76.41 -64.80
N SER D 436 -26.22 -75.54 -65.73
CA SER D 436 -26.68 -74.15 -65.75
C SER D 436 -28.05 -73.98 -66.41
N THR D 437 -28.87 -75.02 -66.45
CA THR D 437 -30.17 -74.89 -67.09
C THR D 437 -31.20 -74.19 -66.21
N SER D 438 -31.25 -74.51 -64.91
CA SER D 438 -32.24 -73.90 -64.00
C SER D 438 -31.56 -73.45 -62.71
N CYS D 439 -31.17 -72.18 -62.66
CA CYS D 439 -30.54 -71.61 -61.48
C CYS D 439 -31.21 -70.30 -61.06
N SER D 440 -31.39 -70.14 -59.75
CA SER D 440 -31.97 -68.93 -59.16
C SER D 440 -30.86 -68.19 -58.44
N ILE D 441 -30.43 -67.07 -59.00
CA ILE D 441 -29.33 -66.28 -58.44
C ILE D 441 -29.89 -65.12 -57.63
N THR D 442 -29.34 -64.93 -56.43
CA THR D 442 -29.70 -63.84 -55.54
C THR D 442 -28.45 -63.05 -55.20
N TRP D 443 -28.42 -61.79 -55.58
CA TRP D 443 -27.28 -60.91 -55.35
C TRP D 443 -27.51 -59.95 -54.20
N PHE D 444 -26.46 -59.71 -53.43
CA PHE D 444 -26.46 -58.77 -52.32
C PHE D 444 -25.23 -57.89 -52.57
N LEU D 445 -25.44 -56.71 -53.16
CA LEU D 445 -24.33 -55.82 -53.46
C LEU D 445 -24.59 -54.44 -52.87
N SER D 446 -23.52 -53.66 -52.72
CA SER D 446 -23.64 -52.35 -52.11
C SER D 446 -24.09 -51.25 -53.08
N TRP D 447 -23.41 -51.13 -54.21
CA TRP D 447 -23.74 -50.09 -55.17
C TRP D 447 -24.61 -50.63 -56.29
N SER D 448 -25.55 -49.80 -56.74
CA SER D 448 -26.44 -50.19 -57.82
C SER D 448 -25.63 -50.34 -59.11
N PRO D 449 -25.92 -51.35 -59.92
CA PRO D 449 -25.16 -51.56 -61.16
C PRO D 449 -25.21 -50.34 -62.08
N CYS D 450 -24.06 -50.03 -62.67
CA CYS D 450 -23.94 -48.91 -63.58
C CYS D 450 -24.52 -49.31 -64.93
N TRP D 451 -24.65 -48.34 -65.84
CA TRP D 451 -25.23 -48.63 -67.16
C TRP D 451 -24.44 -49.71 -67.90
N GLU D 452 -23.11 -49.68 -67.79
CA GLU D 452 -22.29 -50.70 -68.44
C GLU D 452 -22.56 -52.07 -67.82
N CYS D 453 -22.62 -52.13 -66.49
CA CYS D 453 -22.91 -53.39 -65.82
C CYS D 453 -24.33 -53.86 -66.14
N SER D 454 -25.27 -52.93 -66.28
CA SER D 454 -26.64 -53.29 -66.60
C SER D 454 -26.69 -53.95 -67.97
N GLN D 455 -25.97 -53.38 -68.94
CA GLN D 455 -25.97 -53.96 -70.27
C GLN D 455 -25.29 -55.33 -70.25
N ALA D 456 -24.19 -55.45 -69.50
CA ALA D 456 -23.51 -56.75 -69.42
C ALA D 456 -24.39 -57.80 -68.77
N ILE D 457 -25.09 -57.42 -67.69
CA ILE D 457 -25.99 -58.34 -66.99
C ILE D 457 -27.15 -58.73 -67.89
N ARG D 458 -27.66 -57.79 -68.67
CA ARG D 458 -28.77 -58.13 -69.56
C ARG D 458 -28.30 -59.08 -70.65
N GLU D 459 -27.10 -58.84 -71.20
CA GLU D 459 -26.60 -59.74 -72.24
C GLU D 459 -26.35 -61.14 -71.68
N PHE D 460 -25.82 -61.22 -70.46
CA PHE D 460 -25.59 -62.51 -69.82
C PHE D 460 -26.90 -63.24 -69.52
N LEU D 461 -27.90 -62.51 -69.03
CA LEU D 461 -29.17 -63.11 -68.70
C LEU D 461 -29.93 -63.54 -69.95
N SER D 462 -29.75 -62.81 -71.06
CA SER D 462 -30.42 -63.20 -72.28
C SER D 462 -29.69 -64.36 -72.94
N ARG D 463 -28.37 -64.44 -72.76
CA ARG D 463 -27.61 -65.54 -73.34
C ARG D 463 -27.98 -66.85 -72.66
N HIS D 464 -28.17 -66.81 -71.33
CA HIS D 464 -28.57 -68.00 -70.59
C HIS D 464 -30.04 -67.84 -70.23
N PRO D 465 -30.95 -68.54 -70.90
CA PRO D 465 -32.38 -68.37 -70.60
C PRO D 465 -32.80 -68.69 -69.17
N GLY D 466 -32.52 -69.91 -68.71
CA GLY D 466 -32.92 -70.31 -67.37
C GLY D 466 -32.14 -69.74 -66.21
N VAL D 467 -32.25 -68.43 -65.97
CA VAL D 467 -31.55 -67.79 -64.86
C VAL D 467 -32.51 -66.77 -64.21
N THR D 468 -33.00 -67.10 -63.01
CA THR D 468 -33.90 -66.20 -62.29
C THR D 468 -33.02 -65.35 -61.38
N LEU D 469 -32.82 -64.09 -61.74
CA LEU D 469 -31.94 -63.19 -60.98
C LEU D 469 -32.72 -62.15 -60.18
N VAL D 470 -32.37 -62.04 -58.90
CA VAL D 470 -32.94 -61.04 -57.99
C VAL D 470 -31.76 -60.27 -57.40
N ILE D 471 -31.91 -58.95 -57.29
CA ILE D 471 -30.84 -58.09 -56.81
C ILE D 471 -31.30 -57.25 -55.63
N TYR D 472 -30.47 -57.24 -54.58
CA TYR D 472 -30.68 -56.46 -53.36
C TYR D 472 -29.48 -55.53 -53.24
N VAL D 473 -29.71 -54.23 -53.40
CA VAL D 473 -28.64 -53.25 -53.32
C VAL D 473 -28.78 -52.46 -52.03
N ALA D 474 -27.64 -52.07 -51.47
CA ALA D 474 -27.61 -51.29 -50.24
C ALA D 474 -27.46 -49.80 -50.49
N ARG D 475 -26.87 -49.41 -51.62
CA ARG D 475 -26.67 -48.01 -51.96
C ARG D 475 -26.97 -47.85 -53.46
N LEU D 476 -27.02 -46.60 -53.91
CA LEU D 476 -27.28 -46.27 -55.30
C LEU D 476 -26.08 -45.51 -55.85
N PHE D 477 -25.51 -46.02 -56.95
CA PHE D 477 -24.35 -45.43 -57.58
C PHE D 477 -24.79 -44.45 -58.67
N ALA D 478 -24.39 -43.19 -58.53
CA ALA D 478 -24.70 -42.11 -59.48
C ALA D 478 -26.17 -42.13 -59.90
N HIS D 479 -27.04 -41.98 -58.89
CA HIS D 479 -28.48 -41.99 -59.13
C HIS D 479 -28.95 -40.82 -59.97
N MET D 480 -28.07 -39.89 -60.36
CA MET D 480 -28.47 -38.74 -61.17
C MET D 480 -27.89 -38.77 -62.57
N ASP D 481 -27.72 -39.97 -63.12
CA ASP D 481 -27.19 -40.15 -64.48
C ASP D 481 -28.26 -40.83 -65.31
N GLN D 482 -28.67 -40.18 -66.40
CA GLN D 482 -29.70 -40.73 -67.28
C GLN D 482 -29.37 -42.15 -67.72
N GLN D 483 -28.09 -42.42 -68.00
CA GLN D 483 -27.69 -43.75 -68.45
C GLN D 483 -27.86 -44.79 -67.35
N ASN D 484 -27.36 -44.50 -66.14
CA ASN D 484 -27.52 -45.46 -65.04
C ASN D 484 -29.00 -45.66 -64.73
N ARG D 485 -29.77 -44.58 -64.80
CA ARG D 485 -31.21 -44.63 -64.57
C ARG D 485 -31.87 -45.60 -65.53
N GLN D 486 -31.63 -45.39 -66.83
CA GLN D 486 -32.19 -46.27 -67.85
C GLN D 486 -31.66 -47.69 -67.71
N GLY D 487 -30.45 -47.85 -67.19
CA GLY D 487 -29.91 -49.19 -67.00
C GLY D 487 -30.68 -49.94 -65.94
N LEU D 488 -30.99 -49.28 -64.82
CA LEU D 488 -31.77 -49.93 -63.78
C LEU D 488 -33.16 -50.26 -64.29
N ARG D 489 -33.77 -49.31 -65.02
CA ARG D 489 -35.10 -49.58 -65.58
C ARG D 489 -35.04 -50.73 -66.58
N ASP D 490 -33.95 -50.81 -67.36
CA ASP D 490 -33.77 -51.87 -68.33
C ASP D 490 -33.69 -53.23 -67.63
N LEU D 491 -32.91 -53.29 -66.56
CA LEU D 491 -32.78 -54.54 -65.80
C LEU D 491 -34.12 -54.98 -65.25
N VAL D 492 -34.90 -54.04 -64.69
CA VAL D 492 -36.20 -54.40 -64.13
C VAL D 492 -37.15 -54.87 -65.23
N ASN D 493 -37.21 -54.13 -66.33
CA ASN D 493 -38.09 -54.48 -67.44
C ASN D 493 -37.71 -55.78 -68.11
N SER D 494 -36.45 -56.22 -67.97
CA SER D 494 -36.00 -57.47 -68.59
C SER D 494 -36.23 -58.68 -67.68
N GLY D 495 -36.87 -58.48 -66.53
CA GLY D 495 -37.15 -59.56 -65.61
C GLY D 495 -36.21 -59.69 -64.42
N VAL D 496 -35.66 -58.59 -63.91
CA VAL D 496 -34.75 -58.63 -62.78
C VAL D 496 -35.31 -57.70 -61.71
N THR D 497 -35.71 -58.28 -60.58
CA THR D 497 -36.25 -57.49 -59.48
C THR D 497 -35.08 -56.84 -58.74
N ILE D 498 -35.20 -55.54 -58.47
CA ILE D 498 -34.18 -54.77 -57.77
C ILE D 498 -34.83 -54.10 -56.59
N GLN D 499 -34.32 -54.36 -55.39
CA GLN D 499 -34.88 -53.77 -54.19
C GLN D 499 -33.76 -53.31 -53.27
N ILE D 500 -34.07 -52.29 -52.47
CA ILE D 500 -33.09 -51.77 -51.53
C ILE D 500 -33.08 -52.64 -50.30
N MET D 501 -31.89 -53.00 -49.83
CA MET D 501 -31.76 -53.84 -48.65
C MET D 501 -32.33 -53.18 -47.40
N ARG D 502 -32.97 -53.98 -46.57
CA ARG D 502 -33.55 -53.55 -45.31
C ARG D 502 -33.04 -54.46 -44.21
N ASP D 503 -33.46 -54.19 -42.98
CA ASP D 503 -33.03 -54.96 -41.81
C ASP D 503 -33.03 -56.46 -42.07
N SER D 504 -34.10 -56.98 -42.65
CA SER D 504 -34.20 -58.41 -42.94
C SER D 504 -33.05 -58.89 -43.82
N GLU D 505 -32.81 -58.19 -44.93
CA GLU D 505 -31.74 -58.58 -45.85
C GLU D 505 -30.38 -58.51 -45.16
N TYR D 506 -30.15 -57.44 -44.39
CA TYR D 506 -28.86 -57.31 -43.69
C TYR D 506 -28.67 -58.45 -42.70
N TYR D 507 -29.72 -58.82 -41.97
CA TYR D 507 -29.61 -59.92 -41.02
C TYR D 507 -29.35 -61.23 -41.75
N HIS D 508 -29.97 -61.39 -42.93
CA HIS D 508 -29.74 -62.60 -43.71
C HIS D 508 -28.28 -62.69 -44.14
N CYS D 509 -27.72 -61.58 -44.62
CA CYS D 509 -26.32 -61.58 -45.02
C CYS D 509 -25.40 -61.81 -43.83
N TRP D 510 -25.73 -61.22 -42.69
CA TRP D 510 -24.92 -61.39 -41.49
C TRP D 510 -24.89 -62.84 -41.02
N ARG D 511 -26.05 -63.51 -41.05
CA ARG D 511 -26.14 -64.89 -40.60
C ARG D 511 -25.66 -65.91 -41.63
N ASN D 512 -25.66 -65.59 -42.92
CA ASN D 512 -25.25 -66.56 -43.92
C ASN D 512 -23.86 -66.34 -44.52
N PHE D 513 -23.34 -65.11 -44.53
CA PHE D 513 -22.05 -64.83 -45.14
C PHE D 513 -20.97 -64.30 -44.19
N VAL D 514 -21.35 -63.47 -43.22
CA VAL D 514 -20.37 -62.85 -42.33
C VAL D 514 -19.73 -63.86 -41.40
N ASN D 515 -18.43 -63.65 -41.13
CA ASN D 515 -17.66 -64.49 -40.21
C ASN D 515 -17.83 -63.91 -38.80
N TYR D 516 -19.08 -64.00 -38.37
CA TYR D 516 -19.50 -63.49 -37.09
C TYR D 516 -18.95 -64.34 -35.94
N PRO D 517 -18.67 -63.73 -34.79
CA PRO D 517 -18.12 -64.47 -33.66
C PRO D 517 -19.09 -65.51 -33.16
N PRO D 518 -18.63 -66.49 -32.38
CA PRO D 518 -19.54 -67.54 -31.91
C PRO D 518 -20.72 -67.03 -31.08
N GLY D 519 -20.46 -66.16 -30.09
CA GLY D 519 -21.54 -65.66 -29.26
C GLY D 519 -22.52 -64.78 -30.01
N ASP D 520 -22.01 -63.89 -30.87
CA ASP D 520 -22.84 -62.97 -31.63
C ASP D 520 -23.41 -63.66 -32.88
N GLU D 521 -24.22 -64.70 -32.64
CA GLU D 521 -24.82 -65.42 -33.75
C GLU D 521 -25.87 -64.56 -34.45
N ALA D 522 -26.92 -64.19 -33.73
CA ALA D 522 -27.98 -63.36 -34.27
C ALA D 522 -27.77 -61.89 -33.97
N HIS D 523 -26.70 -61.53 -33.26
CA HIS D 523 -26.42 -60.14 -32.91
C HIS D 523 -25.88 -59.39 -34.12
N TRP D 524 -26.79 -59.13 -35.07
CA TRP D 524 -26.37 -58.40 -36.25
C TRP D 524 -26.36 -56.91 -35.94
N PRO D 525 -25.44 -56.15 -36.52
CA PRO D 525 -25.39 -54.71 -36.22
C PRO D 525 -26.58 -53.96 -36.80
N GLN D 526 -27.51 -53.55 -35.94
CA GLN D 526 -28.69 -52.82 -36.39
C GLN D 526 -28.26 -51.44 -36.88
N TYR D 527 -28.45 -51.19 -38.17
CA TYR D 527 -28.14 -50.02 -38.97
C TYR D 527 -29.30 -49.03 -38.95
N PRO D 528 -29.01 -47.73 -38.99
CA PRO D 528 -30.08 -46.72 -39.01
C PRO D 528 -30.87 -46.80 -40.30
N PRO D 529 -32.19 -46.70 -40.24
CA PRO D 529 -33.02 -46.82 -41.45
C PRO D 529 -33.02 -45.62 -42.36
N ALA D 530 -32.44 -44.48 -41.95
CA ALA D 530 -32.45 -43.26 -42.76
C ALA D 530 -32.07 -43.49 -44.22
N TRP D 531 -30.83 -43.89 -44.48
CA TRP D 531 -30.41 -44.07 -45.86
C TRP D 531 -31.11 -45.25 -46.53
N MET D 532 -31.50 -46.28 -45.77
CA MET D 532 -32.20 -47.38 -46.40
C MET D 532 -33.51 -46.91 -47.02
N MET D 533 -34.31 -46.20 -46.23
CA MET D 533 -35.60 -45.70 -46.74
C MET D 533 -35.38 -44.65 -47.82
N LEU D 534 -34.36 -43.80 -47.68
CA LEU D 534 -34.12 -42.78 -48.69
C LEU D 534 -33.75 -43.43 -50.03
N TYR D 535 -32.83 -44.39 -50.01
CA TYR D 535 -32.47 -45.06 -51.26
C TYR D 535 -33.65 -45.86 -51.80
N ALA D 536 -34.54 -46.35 -50.93
CA ALA D 536 -35.71 -47.05 -51.44
C ALA D 536 -36.62 -46.09 -52.19
N LEU D 537 -36.81 -44.90 -51.62
CA LEU D 537 -37.63 -43.88 -52.27
C LEU D 537 -37.02 -43.48 -53.61
N GLU D 538 -35.70 -43.29 -53.65
CA GLU D 538 -35.03 -42.94 -54.90
C GLU D 538 -35.16 -44.06 -55.92
N LEU D 539 -35.02 -45.33 -55.48
CA LEU D 539 -35.15 -46.45 -56.40
C LEU D 539 -36.55 -46.50 -57.00
N HIS D 540 -37.58 -46.21 -56.20
CA HIS D 540 -38.92 -46.19 -56.78
C HIS D 540 -39.08 -45.01 -57.73
N CYS D 541 -38.42 -43.88 -57.45
CA CYS D 541 -38.49 -42.77 -58.40
C CYS D 541 -37.78 -43.16 -59.68
N ILE D 542 -36.79 -44.04 -59.58
CA ILE D 542 -36.05 -44.49 -60.74
C ILE D 542 -36.92 -45.41 -61.59
N ILE D 543 -37.53 -46.41 -60.95
CA ILE D 543 -38.35 -47.37 -61.68
C ILE D 543 -39.59 -46.71 -62.29
N LEU D 544 -40.15 -45.70 -61.63
CA LEU D 544 -41.34 -45.05 -62.19
C LEU D 544 -41.00 -43.99 -63.23
N SER D 545 -39.76 -43.96 -63.72
CA SER D 545 -39.32 -43.01 -64.74
C SER D 545 -39.57 -41.57 -64.30
N LEU D 546 -39.40 -41.32 -63.01
CA LEU D 546 -39.61 -40.01 -62.41
C LEU D 546 -38.29 -39.25 -62.34
N PRO D 547 -38.36 -37.94 -62.14
CA PRO D 547 -37.12 -37.15 -62.01
C PRO D 547 -36.45 -37.42 -60.67
N PRO D 548 -35.18 -37.07 -60.50
CA PRO D 548 -34.51 -37.32 -59.23
C PRO D 548 -35.09 -36.50 -58.10
N CYS D 549 -35.25 -37.14 -56.94
CA CYS D 549 -35.79 -36.51 -55.74
C CYS D 549 -34.70 -36.12 -54.76
N LEU D 550 -33.86 -37.08 -54.39
CA LEU D 550 -32.76 -36.81 -53.48
C LEU D 550 -31.50 -36.53 -54.27
N LYS D 551 -30.64 -35.70 -53.69
CA LYS D 551 -29.38 -35.28 -54.30
C LYS D 551 -28.31 -35.29 -53.24
N ILE D 552 -27.27 -36.11 -53.44
CA ILE D 552 -26.16 -36.22 -52.50
C ILE D 552 -25.01 -35.39 -53.04
N SER D 553 -24.18 -34.90 -52.13
CA SER D 553 -23.04 -34.08 -52.49
C SER D 553 -21.92 -34.43 -51.51
N ARG D 554 -20.93 -35.16 -52.00
CA ARG D 554 -19.78 -35.65 -51.26
C ARG D 554 -18.53 -34.82 -51.57
N ARG D 555 -17.52 -35.00 -50.73
CA ARG D 555 -16.25 -34.32 -50.92
C ARG D 555 -15.04 -35.20 -50.64
N ALA D 556 -15.20 -36.35 -50.01
CA ALA D 556 -14.10 -37.26 -49.71
C ALA D 556 -14.64 -38.67 -49.71
N GLN D 557 -13.89 -39.60 -49.11
CA GLN D 557 -14.33 -41.00 -49.07
C GLN D 557 -15.65 -41.13 -48.31
N ASN D 558 -15.78 -40.45 -47.17
CA ASN D 558 -17.01 -40.51 -46.38
C ASN D 558 -17.48 -39.13 -45.93
N HIS D 559 -16.92 -38.06 -46.49
CA HIS D 559 -17.30 -36.71 -46.09
C HIS D 559 -18.58 -36.34 -46.85
N LEU D 560 -19.66 -36.15 -46.11
CA LEU D 560 -20.97 -35.80 -46.68
C LEU D 560 -21.22 -34.32 -46.45
N THR D 561 -21.11 -33.52 -47.51
CA THR D 561 -21.31 -32.08 -47.41
C THR D 561 -22.76 -31.64 -47.59
N ALA D 562 -23.49 -32.21 -48.55
CA ALA D 562 -24.86 -31.77 -48.78
C ALA D 562 -25.78 -32.93 -49.10
N PHE D 563 -27.03 -32.78 -48.70
CA PHE D 563 -28.09 -33.77 -48.91
C PHE D 563 -29.39 -33.03 -49.12
N ARG D 564 -30.03 -33.19 -50.26
CA ARG D 564 -31.28 -32.49 -50.51
C ARG D 564 -32.36 -33.47 -50.93
N LEU D 565 -33.58 -33.18 -50.51
CA LEU D 565 -34.76 -33.96 -50.81
C LEU D 565 -35.74 -33.01 -51.48
N HIS D 566 -35.96 -33.23 -52.77
CA HIS D 566 -36.83 -32.39 -53.59
C HIS D 566 -38.01 -33.24 -54.07
N LEU D 567 -39.18 -33.06 -53.45
CA LEU D 567 -40.40 -33.78 -53.81
C LEU D 567 -41.38 -32.87 -54.52
N GLN D 568 -41.47 -33.03 -55.83
CA GLN D 568 -42.41 -32.26 -56.63
C GLN D 568 -43.81 -32.84 -56.52
N ASN D 569 -44.77 -32.11 -57.11
CA ASN D 569 -46.13 -32.60 -57.11
C ASN D 569 -46.19 -33.92 -57.85
N CYS D 570 -45.32 -34.09 -58.84
CA CYS D 570 -45.25 -35.33 -59.59
C CYS D 570 -45.05 -36.49 -58.63
N HIS D 571 -44.03 -36.36 -57.77
CA HIS D 571 -43.72 -37.40 -56.80
C HIS D 571 -44.94 -37.69 -55.92
N TYR D 572 -45.46 -36.66 -55.25
CA TYR D 572 -46.64 -36.90 -54.41
C TYR D 572 -47.80 -37.57 -55.14
N GLN D 573 -47.97 -37.28 -56.43
CA GLN D 573 -49.07 -37.85 -57.19
C GLN D 573 -48.86 -39.29 -57.63
N THR D 574 -47.64 -39.68 -58.02
CA THR D 574 -47.44 -41.04 -58.51
C THR D 574 -46.64 -41.97 -57.62
N ILE D 575 -45.66 -41.48 -56.86
CA ILE D 575 -44.88 -42.42 -56.04
C ILE D 575 -45.81 -43.07 -55.01
N PRO D 576 -45.65 -44.34 -54.68
CA PRO D 576 -46.54 -44.96 -53.70
C PRO D 576 -46.46 -44.23 -52.37
N PRO D 577 -47.56 -44.17 -51.63
CA PRO D 577 -47.56 -43.45 -50.34
C PRO D 577 -46.91 -44.17 -49.17
N HIS D 578 -46.94 -45.51 -49.15
CA HIS D 578 -46.37 -46.20 -48.01
C HIS D 578 -44.86 -45.96 -47.90
N ILE D 579 -44.16 -45.81 -49.02
CA ILE D 579 -42.72 -45.55 -48.98
C ILE D 579 -42.46 -44.17 -48.39
N LEU D 580 -43.17 -43.16 -48.90
CA LEU D 580 -43.02 -41.81 -48.38
C LEU D 580 -43.30 -41.77 -46.89
N LEU D 581 -44.38 -42.43 -46.46
CA LEU D 581 -44.71 -42.44 -45.04
C LEU D 581 -43.65 -43.18 -44.22
N ALA D 582 -43.06 -44.23 -44.80
CA ALA D 582 -42.03 -45.00 -44.09
C ALA D 582 -40.73 -44.22 -43.94
N THR D 583 -40.44 -43.29 -44.86
CA THR D 583 -39.19 -42.54 -44.70
C THR D 583 -39.22 -41.65 -43.46
N GLY D 584 -40.41 -41.32 -42.95
CA GLY D 584 -40.55 -40.51 -41.76
C GLY D 584 -40.39 -39.02 -41.95
N LEU D 585 -39.95 -38.56 -43.13
CA LEU D 585 -39.76 -37.14 -43.33
C LEU D 585 -41.03 -36.38 -43.72
N ILE D 586 -42.02 -37.06 -44.29
CA ILE D 586 -43.26 -36.40 -44.71
C ILE D 586 -44.40 -36.75 -43.75
N HIS D 587 -45.51 -36.01 -43.89
CA HIS D 587 -46.74 -36.13 -43.12
C HIS D 587 -47.67 -37.16 -43.75
N PRO D 588 -48.32 -37.99 -42.93
CA PRO D 588 -49.20 -39.03 -43.48
C PRO D 588 -50.41 -38.47 -44.23
N SER D 589 -50.96 -37.34 -43.77
CA SER D 589 -52.13 -36.77 -44.43
C SER D 589 -51.86 -36.54 -45.91
N VAL D 590 -50.88 -35.69 -46.20
CA VAL D 590 -50.56 -35.37 -47.60
C VAL D 590 -50.08 -36.60 -48.33
N ALA D 591 -49.37 -37.51 -47.65
CA ALA D 591 -48.88 -38.69 -48.35
C ALA D 591 -50.04 -39.54 -48.85
N TRP D 592 -50.98 -39.88 -47.97
CA TRP D 592 -52.13 -40.71 -48.34
C TRP D 592 -53.21 -39.96 -49.11
N ARG D 593 -53.02 -38.67 -49.42
CA ARG D 593 -54.06 -37.96 -50.18
C ARG D 593 -53.60 -36.61 -50.72
N LYS E 2 21.55 35.96 34.63
CA LYS E 2 22.40 34.79 34.85
C LYS E 2 23.81 35.17 35.27
N ILE E 3 24.65 34.13 35.38
CA ILE E 3 26.05 34.26 35.72
C ILE E 3 26.74 35.19 34.72
N GLU E 4 27.47 36.17 35.22
CA GLU E 4 28.13 37.15 34.38
C GLU E 4 29.53 36.70 33.95
N GLU E 5 29.95 37.21 32.79
CA GLU E 5 31.24 36.91 32.18
C GLU E 5 32.30 37.92 32.64
N GLY E 6 33.51 37.42 32.89
CA GLY E 6 34.61 38.26 33.32
C GLY E 6 34.46 38.85 34.71
N LYS E 7 33.75 38.15 35.60
CA LYS E 7 33.54 38.59 36.97
C LYS E 7 33.47 37.38 37.87
N LEU E 8 33.87 37.56 39.13
CA LEU E 8 33.85 36.50 40.12
C LEU E 8 32.86 36.86 41.23
N VAL E 9 31.89 35.99 41.46
CA VAL E 9 30.88 36.16 42.49
C VAL E 9 31.07 35.01 43.47
N ILE E 10 31.26 35.36 44.74
CA ILE E 10 31.50 34.37 45.78
C ILE E 10 30.41 34.45 46.83
N TRP E 11 30.01 33.28 47.35
CA TRP E 11 29.01 33.18 48.41
C TRP E 11 29.63 32.44 49.58
N ILE E 12 29.67 33.10 50.74
CA ILE E 12 30.22 32.51 51.96
C ILE E 12 29.32 32.92 53.11
N ASN E 13 29.19 32.01 54.09
CA ASN E 13 28.35 32.28 55.23
C ASN E 13 28.83 33.54 55.95
N GLY E 14 27.88 34.37 56.37
CA GLY E 14 28.17 35.63 57.04
C GLY E 14 28.92 35.50 58.35
N ASP E 15 29.02 34.31 58.93
CA ASP E 15 29.73 34.16 60.20
C ASP E 15 31.25 34.06 60.04
N LYS E 16 31.76 33.83 58.83
CA LYS E 16 33.19 33.73 58.60
C LYS E 16 33.76 35.08 58.14
N GLY E 17 35.04 35.09 57.82
CA GLY E 17 35.71 36.31 57.39
C GLY E 17 35.45 36.73 55.95
N TYR E 18 34.21 37.17 55.70
CA TYR E 18 33.87 37.61 54.35
C TYR E 18 34.65 38.87 53.98
N ASN E 19 34.93 39.75 54.94
CA ASN E 19 35.67 40.96 54.60
C ASN E 19 37.10 40.61 54.19
N GLY E 20 37.72 39.66 54.88
CA GLY E 20 39.06 39.26 54.50
C GLY E 20 39.07 38.65 53.11
N LEU E 21 38.08 37.80 52.83
CA LEU E 21 38.00 37.23 51.50
C LEU E 21 37.78 38.32 50.46
N ALA E 22 37.01 39.35 50.81
CA ALA E 22 36.77 40.46 49.90
C ALA E 22 38.06 41.22 49.63
N GLU E 23 38.92 41.38 50.65
CA GLU E 23 40.18 42.08 50.43
C GLU E 23 41.09 41.26 49.52
N VAL E 24 41.08 39.94 49.69
CA VAL E 24 41.86 39.08 48.80
C VAL E 24 41.35 39.24 47.38
N GLY E 25 40.02 39.33 47.23
CA GLY E 25 39.45 39.53 45.91
C GLY E 25 39.83 40.88 45.35
N LYS E 26 39.97 41.89 46.21
CA LYS E 26 40.39 43.21 45.74
C LYS E 26 41.82 43.14 45.23
N LYS E 27 42.67 42.35 45.90
CA LYS E 27 44.03 42.19 45.40
C LYS E 27 44.02 41.46 44.07
N PHE E 28 43.13 40.47 43.93
CA PHE E 28 43.01 39.75 42.67
C PHE E 28 42.57 40.70 41.56
N GLU E 29 41.73 41.67 41.90
CA GLU E 29 41.28 42.66 40.93
C GLU E 29 42.41 43.62 40.57
N LYS E 30 43.17 44.05 41.56
CA LYS E 30 44.29 44.95 41.29
C LYS E 30 45.32 44.28 40.40
N ASP E 31 45.44 42.94 40.49
CA ASP E 31 46.41 42.22 39.68
C ASP E 31 45.90 41.77 38.31
N THR E 32 44.65 41.29 38.20
CA THR E 32 44.13 40.80 36.92
C THR E 32 42.99 41.63 36.34
N GLY E 33 42.50 42.63 37.06
CA GLY E 33 41.42 43.47 36.57
C GLY E 33 40.09 42.77 36.47
N ILE E 34 39.74 41.96 37.48
CA ILE E 34 38.47 41.24 37.49
C ILE E 34 37.86 41.46 38.87
N LYS E 35 36.74 42.18 38.90
CA LYS E 35 36.05 42.49 40.14
C LYS E 35 35.55 41.23 40.85
N VAL E 36 36.06 40.99 42.04
CA VAL E 36 35.67 39.85 42.86
C VAL E 36 34.74 40.38 43.94
N THR E 37 33.47 40.03 43.87
CA THR E 37 32.46 40.49 44.82
C THR E 37 32.05 39.32 45.71
N VAL E 38 32.18 39.52 47.01
CA VAL E 38 31.83 38.52 48.01
C VAL E 38 30.47 38.89 48.60
N GLU E 39 29.61 37.89 48.75
CA GLU E 39 28.27 38.09 49.29
C GLU E 39 27.98 37.01 50.34
N HIS E 40 27.08 37.33 51.25
CA HIS E 40 26.70 36.41 52.33
C HIS E 40 25.18 36.39 52.48
N PRO E 41 24.49 35.65 51.62
CA PRO E 41 23.03 35.58 51.72
C PRO E 41 22.59 34.66 52.85
N ASP E 42 21.41 34.95 53.38
CA ASP E 42 20.87 34.14 54.47
C ASP E 42 20.54 32.73 54.00
N LYS E 43 21.04 31.74 54.73
CA LYS E 43 20.82 30.32 54.44
C LYS E 43 21.23 29.99 53.00
N LEU E 44 22.50 30.26 52.70
CA LEU E 44 22.98 29.99 51.35
C LEU E 44 23.10 28.50 51.08
N GLU E 45 23.25 27.67 52.12
CA GLU E 45 23.35 26.23 51.89
C GLU E 45 22.10 25.68 51.23
N GLU E 46 20.99 26.42 51.34
CA GLU E 46 19.73 26.04 50.74
C GLU E 46 19.36 26.92 49.56
N LYS E 47 19.85 28.16 49.52
CA LYS E 47 19.55 29.01 48.37
C LYS E 47 20.39 28.64 47.15
N PHE E 48 21.64 28.25 47.35
CA PHE E 48 22.54 27.87 46.26
C PHE E 48 21.96 26.90 45.25
N PRO E 49 21.40 25.73 45.63
CA PRO E 49 20.87 24.84 44.61
C PRO E 49 19.64 25.39 43.91
N GLN E 50 18.79 26.15 44.61
CA GLN E 50 17.60 26.70 43.99
C GLN E 50 17.95 27.64 42.83
N VAL E 51 19.00 28.45 42.99
CA VAL E 51 19.38 29.34 41.89
C VAL E 51 20.28 28.63 40.88
N ALA E 52 21.10 27.68 41.35
CA ALA E 52 21.98 26.96 40.45
C ALA E 52 21.18 26.11 39.48
N ALA E 53 19.98 25.66 39.88
CA ALA E 53 19.18 24.87 38.95
C ALA E 53 18.78 25.72 37.76
N THR E 54 18.44 26.99 38.01
CA THR E 54 18.07 27.91 36.93
C THR E 54 19.29 28.31 36.11
N GLY E 55 20.49 28.17 36.68
CA GLY E 55 21.73 28.54 36.03
C GLY E 55 22.35 29.79 36.61
N ASP E 56 21.54 30.68 37.16
CA ASP E 56 22.02 31.90 37.79
C ASP E 56 22.64 31.55 39.14
N GLY E 57 23.43 32.46 39.67
CA GLY E 57 24.04 32.22 40.96
C GLY E 57 25.50 32.63 41.05
N PRO E 58 26.16 32.20 42.10
CA PRO E 58 27.57 32.55 42.30
C PRO E 58 28.53 31.67 41.52
N ASP E 59 29.74 32.20 41.33
CA ASP E 59 30.79 31.47 40.63
C ASP E 59 31.46 30.47 41.56
N ILE E 60 31.66 30.85 42.82
CA ILE E 60 32.28 30.00 43.83
C ILE E 60 31.41 30.02 45.08
N ILE E 61 31.36 28.89 45.78
CA ILE E 61 30.58 28.77 47.01
C ILE E 61 31.45 28.18 48.12
N PHE E 62 31.42 28.81 49.28
CA PHE E 62 32.16 28.37 50.45
C PHE E 62 31.18 27.74 51.43
N TRP E 63 31.43 26.50 51.82
CA TRP E 63 30.55 25.82 52.77
C TRP E 63 31.18 24.48 53.13
N ALA E 64 30.51 23.76 54.04
CA ALA E 64 30.99 22.45 54.45
C ALA E 64 30.86 21.47 53.29
N HIS E 65 31.66 20.41 53.34
CA HIS E 65 31.66 19.41 52.29
C HIS E 65 30.50 18.44 52.34
N ASP E 66 29.70 18.44 53.42
CA ASP E 66 28.58 17.50 53.50
C ASP E 66 27.53 17.73 52.42
N ARG E 67 27.21 18.99 52.12
CA ARG E 67 26.20 19.28 51.10
C ARG E 67 26.78 19.30 49.69
N PHE E 68 28.11 19.37 49.55
CA PHE E 68 28.71 19.37 48.23
C PHE E 68 28.43 18.08 47.49
N GLY E 69 28.31 16.96 48.20
CA GLY E 69 28.00 15.72 47.51
C GLY E 69 26.65 15.79 46.81
N GLY E 70 25.61 16.20 47.54
CA GLY E 70 24.30 16.36 46.93
C GLY E 70 24.34 17.33 45.78
N TYR E 71 25.02 18.46 45.96
CA TYR E 71 25.16 19.43 44.89
C TYR E 71 25.76 18.77 43.66
N ALA E 72 26.84 18.01 43.86
CA ALA E 72 27.52 17.36 42.74
C ALA E 72 26.62 16.34 42.05
N GLN E 73 25.81 15.61 42.82
CA GLN E 73 24.94 14.63 42.20
C GLN E 73 23.92 15.32 41.30
N SER E 74 23.47 16.51 41.68
CA SER E 74 22.52 17.24 40.85
C SER E 74 23.18 17.88 39.64
N GLY E 75 24.49 17.73 39.49
CA GLY E 75 25.22 18.32 38.38
C GLY E 75 25.42 19.81 38.55
N LEU E 76 25.51 20.28 39.80
CA LEU E 76 25.68 21.70 40.08
C LEU E 76 27.13 22.09 40.31
N LEU E 77 28.00 21.16 40.71
CA LEU E 77 29.41 21.47 40.93
C LEU E 77 30.25 20.89 39.79
N ALA E 78 31.32 21.61 39.46
CA ALA E 78 32.24 21.26 38.39
C ALA E 78 33.53 20.66 38.93
N GLU E 79 34.15 19.79 38.12
CA GLU E 79 35.41 19.16 38.50
C GLU E 79 36.50 20.22 38.53
N ILE E 80 37.40 20.13 39.51
CA ILE E 80 38.43 21.15 39.66
C ILE E 80 39.71 20.83 38.89
N THR E 81 40.11 19.56 38.78
CA THR E 81 41.32 19.13 38.08
C THR E 81 42.57 19.89 38.52
N PRO E 82 43.02 19.74 39.76
CA PRO E 82 44.22 20.44 40.23
C PRO E 82 45.49 19.65 39.92
N ASP E 83 46.56 20.37 39.65
CA ASP E 83 47.82 19.70 39.36
C ASP E 83 48.40 19.08 40.64
N LYS E 84 49.35 18.17 40.46
CA LYS E 84 49.95 17.47 41.59
C LYS E 84 50.80 18.40 42.45
N ALA E 85 51.51 19.36 41.84
CA ALA E 85 52.33 20.27 42.61
C ALA E 85 51.51 21.00 43.66
N PHE E 86 50.34 21.52 43.26
CA PHE E 86 49.46 22.22 44.19
C PHE E 86 48.72 21.25 45.10
N GLN E 87 48.31 20.09 44.57
CA GLN E 87 47.60 19.11 45.39
C GLN E 87 48.45 18.64 46.56
N ASP E 88 49.77 18.59 46.39
CA ASP E 88 50.66 18.16 47.47
C ASP E 88 50.83 19.24 48.54
N LYS E 89 50.23 20.41 48.36
CA LYS E 89 50.34 21.49 49.33
C LYS E 89 49.31 21.35 50.46
N LEU E 90 48.23 20.61 50.23
CA LEU E 90 47.17 20.42 51.20
C LEU E 90 47.23 19.02 51.78
N TYR E 91 46.60 18.85 52.95
CA TYR E 91 46.59 17.54 53.59
C TYR E 91 45.74 16.53 52.81
N PRO E 92 46.22 15.29 52.69
CA PRO E 92 45.45 14.29 51.94
C PRO E 92 44.09 14.02 52.52
N PHE E 93 43.93 14.08 53.85
CA PHE E 93 42.62 13.83 54.43
C PHE E 93 41.62 14.88 53.93
N THR E 94 42.06 16.13 53.82
CA THR E 94 41.18 17.18 53.31
C THR E 94 40.75 16.84 51.90
N TRP E 95 41.70 16.39 51.07
CA TRP E 95 41.30 16.01 49.71
C TRP E 95 40.33 14.83 49.74
N ASP E 96 40.53 13.91 50.68
CA ASP E 96 39.63 12.76 50.80
C ASP E 96 38.23 13.22 51.14
N ALA E 97 38.11 14.29 51.94
CA ALA E 97 36.80 14.80 52.33
C ALA E 97 36.11 15.51 51.17
N VAL E 98 36.87 16.05 50.22
CA VAL E 98 36.27 16.77 49.10
C VAL E 98 36.18 15.89 47.84
N ARG E 99 36.22 14.57 47.98
CA ARG E 99 36.15 13.66 46.85
C ARG E 99 34.79 12.95 46.80
N TYR E 100 34.13 13.03 45.64
CA TYR E 100 32.83 12.41 45.40
C TYR E 100 32.90 11.59 44.12
N ASN E 101 32.70 10.28 44.25
CA ASN E 101 32.73 9.35 43.12
C ASN E 101 34.07 9.46 42.39
N GLY E 102 35.15 9.31 43.16
CA GLY E 102 36.48 9.38 42.59
C GLY E 102 36.83 10.67 41.90
N LYS E 103 36.08 11.75 42.14
CA LYS E 103 36.37 13.04 41.50
C LYS E 103 36.37 14.13 42.55
N LEU E 104 37.38 14.99 42.52
CA LEU E 104 37.47 16.10 43.46
C LEU E 104 36.49 17.18 43.01
N ILE E 105 35.57 17.57 43.89
CA ILE E 105 34.55 18.56 43.54
C ILE E 105 34.76 19.91 44.20
N ALA E 106 35.71 20.06 45.12
CA ALA E 106 35.90 21.35 45.75
C ALA E 106 37.32 21.47 46.30
N TYR E 107 37.75 22.72 46.49
CA TYR E 107 39.08 23.01 47.02
C TYR E 107 39.01 23.13 48.53
N PRO E 108 39.71 22.27 49.28
CA PRO E 108 39.68 22.34 50.75
C PRO E 108 40.32 23.64 51.22
N ILE E 109 39.62 24.39 52.08
CA ILE E 109 40.13 25.65 52.60
C ILE E 109 40.64 25.45 54.01
N ALA E 110 39.77 25.00 54.92
CA ALA E 110 40.16 24.80 56.30
C ALA E 110 39.24 23.77 56.95
N VAL E 111 39.62 23.36 58.16
CA VAL E 111 38.85 22.41 58.95
C VAL E 111 38.30 23.16 60.16
N GLU E 112 37.12 22.72 60.61
CA GLU E 112 36.45 23.36 61.74
C GLU E 112 35.84 22.30 62.63
N ALA E 113 36.06 22.42 63.93
CA ALA E 113 35.54 21.49 64.92
C ALA E 113 35.07 22.27 66.15
N LEU E 114 33.98 21.80 66.75
CA LEU E 114 33.44 22.48 67.92
C LEU E 114 34.37 22.33 69.12
N SER E 115 34.46 23.39 69.91
CA SER E 115 35.29 23.43 71.10
C SER E 115 34.53 24.09 72.24
N LEU E 116 34.95 23.76 73.45
CA LEU E 116 34.34 24.29 74.67
C LEU E 116 35.04 25.59 75.02
N ILE E 117 34.29 26.69 74.95
CA ILE E 117 34.82 28.01 75.27
C ILE E 117 34.29 28.41 76.64
N TYR E 118 35.19 28.66 77.58
CA TYR E 118 34.81 29.01 78.94
C TYR E 118 35.40 30.33 79.39
N ASN E 119 34.63 31.05 80.22
CA ASN E 119 35.03 32.33 80.78
C ASN E 119 36.01 32.05 81.91
N LYS E 120 37.28 32.37 81.67
CA LYS E 120 38.32 32.11 82.67
C LYS E 120 38.10 32.88 83.97
N ASP E 121 37.33 33.98 83.93
CA ASP E 121 37.08 34.73 85.15
C ASP E 121 35.98 34.10 86.00
N LEU E 122 34.88 33.71 85.36
CA LEU E 122 33.79 33.08 86.11
C LEU E 122 34.04 31.61 86.38
N LEU E 123 35.01 31.00 85.71
CA LEU E 123 35.33 29.58 85.89
C LEU E 123 36.80 29.37 85.58
N PRO E 124 37.65 29.26 86.59
CA PRO E 124 39.08 29.05 86.34
C PRO E 124 39.38 27.70 85.72
N ASN E 125 38.77 26.64 86.27
CA ASN E 125 38.99 25.29 85.77
C ASN E 125 37.73 24.81 85.08
N PRO E 126 37.75 24.60 83.76
CA PRO E 126 36.54 24.15 83.06
C PRO E 126 36.19 22.74 83.46
N PRO E 127 34.92 22.36 83.36
CA PRO E 127 34.52 20.99 83.71
C PRO E 127 35.03 20.01 82.67
N LYS E 128 35.44 18.84 83.14
CA LYS E 128 35.96 17.80 82.27
C LYS E 128 34.90 16.76 81.89
N THR E 129 33.73 16.81 82.50
CA THR E 129 32.66 15.86 82.20
C THR E 129 31.31 16.58 82.21
N TRP E 130 30.39 16.07 81.39
CA TRP E 130 29.05 16.64 81.30
C TRP E 130 28.25 16.44 82.58
N GLU E 131 28.49 15.33 83.29
CA GLU E 131 27.74 15.02 84.50
C GLU E 131 27.87 16.11 85.58
N GLU E 132 28.97 16.85 85.60
CA GLU E 132 29.13 17.90 86.62
C GLU E 132 28.60 19.26 86.16
N ILE E 133 28.04 19.33 84.94
CA ILE E 133 27.49 20.60 84.46
C ILE E 133 26.32 21.06 85.33
N PRO E 134 25.36 20.20 85.72
CA PRO E 134 24.28 20.71 86.58
C PRO E 134 24.81 21.30 87.87
N ALA E 135 25.72 20.58 88.54
CA ALA E 135 26.32 21.08 89.78
C ALA E 135 26.82 22.51 89.57
N LEU E 136 27.74 22.65 88.62
CA LEU E 136 28.27 23.98 88.30
C LEU E 136 27.14 24.98 88.13
N ASP E 137 26.13 24.61 87.34
CA ASP E 137 24.98 25.48 87.12
C ASP E 137 24.40 25.98 88.42
N LYS E 138 24.06 25.06 89.32
CA LYS E 138 23.50 25.43 90.63
C LYS E 138 24.36 26.50 91.30
N GLU E 139 25.66 26.23 91.36
CA GLU E 139 26.58 27.20 91.96
C GLU E 139 26.44 28.57 91.30
N LEU E 140 26.59 28.62 89.98
CA LEU E 140 26.48 29.90 89.28
C LEU E 140 25.10 30.53 89.43
N LYS E 141 24.05 29.71 89.59
CA LYS E 141 22.70 30.23 89.76
C LYS E 141 22.61 31.00 91.06
N ALA E 142 23.41 30.60 92.05
CA ALA E 142 23.38 31.34 93.30
C ALA E 142 24.09 32.69 93.12
N LYS E 143 24.86 32.83 92.04
CA LYS E 143 25.60 34.05 91.71
C LYS E 143 24.87 34.91 90.69
N GLY E 144 23.84 34.37 90.03
CA GLY E 144 23.12 35.11 89.02
C GLY E 144 23.68 34.91 87.64
N LYS E 145 24.30 33.76 87.39
CA LYS E 145 24.92 33.44 86.11
C LYS E 145 24.45 32.06 85.65
N SER E 146 24.78 31.73 84.40
CA SER E 146 24.46 30.45 83.79
C SER E 146 25.75 29.66 83.59
N ALA E 147 25.61 28.33 83.53
CA ALA E 147 26.79 27.51 83.37
C ALA E 147 27.15 27.24 81.92
N LEU E 148 26.20 26.70 81.15
CA LEU E 148 26.43 26.37 79.74
C LEU E 148 25.25 26.82 78.92
N MET E 149 25.48 27.77 78.01
CA MET E 149 24.43 28.28 77.14
C MET E 149 24.97 28.21 75.72
N PHE E 150 24.41 27.32 74.90
CA PHE E 150 24.87 27.16 73.53
C PHE E 150 23.68 26.97 72.61
N ASN E 151 23.94 27.13 71.30
CA ASN E 151 22.91 26.98 70.29
C ASN E 151 22.48 25.52 70.20
N LEU E 152 21.23 25.25 70.58
CA LEU E 152 20.68 23.90 70.53
C LEU E 152 19.63 23.75 69.44
N GLN E 153 19.51 24.73 68.54
CA GLN E 153 18.55 24.67 67.45
C GLN E 153 19.09 23.90 66.27
N GLU E 154 20.42 23.87 66.09
CA GLU E 154 21.08 23.16 65.00
C GLU E 154 21.71 21.89 65.55
N PRO E 155 21.46 20.74 64.92
CA PRO E 155 22.03 19.48 65.42
C PRO E 155 23.55 19.41 65.40
N TYR E 156 24.23 20.35 64.75
CA TYR E 156 25.70 20.30 64.73
C TYR E 156 26.28 20.50 66.12
N PHE E 157 25.61 21.30 66.96
CA PHE E 157 26.11 21.54 68.31
C PHE E 157 25.70 20.46 69.30
N THR E 158 24.53 19.87 69.12
CA THR E 158 24.03 18.84 70.02
C THR E 158 24.51 17.44 69.63
N TRP E 159 25.11 17.26 68.45
CA TRP E 159 25.57 15.93 68.07
C TRP E 159 26.65 15.35 68.99
N PRO E 160 27.65 16.11 69.46
CA PRO E 160 28.67 15.50 70.34
C PRO E 160 28.11 14.63 71.45
N LEU E 161 27.04 15.06 72.12
CA LEU E 161 26.45 14.23 73.16
C LEU E 161 25.81 12.97 72.59
N ILE E 162 25.18 13.10 71.42
CA ILE E 162 24.52 11.96 70.80
C ILE E 162 25.54 10.90 70.39
N ALA E 163 26.65 11.33 69.79
CA ALA E 163 27.70 10.40 69.35
C ALA E 163 28.68 10.03 70.46
N ALA E 164 28.58 10.64 71.63
CA ALA E 164 29.50 10.34 72.73
C ALA E 164 29.46 8.86 73.09
N ASP E 165 28.28 8.23 73.05
CA ASP E 165 28.15 6.82 73.41
C ASP E 165 27.71 5.96 72.24
N GLY E 166 28.27 6.19 71.06
CA GLY E 166 27.91 5.37 69.91
C GLY E 166 26.83 5.88 68.99
N GLY E 167 26.91 7.14 68.58
CA GLY E 167 25.94 7.69 67.67
C GLY E 167 26.55 7.90 66.30
N TYR E 168 26.15 7.12 65.31
CA TYR E 168 26.68 7.23 63.96
C TYR E 168 25.60 7.66 62.99
N ALA E 169 25.97 8.53 62.04
CA ALA E 169 25.02 9.00 61.05
C ALA E 169 24.72 7.90 60.04
N PHE E 170 25.76 7.33 59.44
CA PHE E 170 25.64 6.26 58.45
C PHE E 170 26.69 5.22 58.81
N LYS E 171 26.44 3.96 58.45
CA LYS E 171 27.40 2.93 58.84
C LYS E 171 28.72 3.09 58.07
N TYR E 172 29.81 2.85 58.76
CA TYR E 172 31.17 2.99 58.26
C TYR E 172 31.78 1.63 57.91
N GLU E 173 32.15 1.45 56.63
CA GLU E 173 32.80 0.25 56.13
C GLU E 173 33.96 0.70 55.24
N ASN E 174 34.89 -0.21 55.01
CA ASN E 174 36.06 0.11 54.20
C ASN E 174 35.59 0.53 52.81
N GLY E 175 35.63 1.84 52.55
CA GLY E 175 35.19 2.38 51.29
C GLY E 175 33.70 2.29 51.04
N LYS E 176 32.93 1.76 51.98
CA LYS E 176 31.48 1.61 51.82
C LYS E 176 30.74 2.31 52.95
N TYR E 177 30.03 3.38 52.63
CA TYR E 177 29.25 4.10 53.64
C TYR E 177 27.80 3.66 53.45
N ASP E 178 27.31 2.88 54.41
CA ASP E 178 25.96 2.34 54.35
C ASP E 178 24.92 3.39 54.72
N ILE E 179 23.97 3.56 53.81
CA ILE E 179 22.86 4.52 53.95
C ILE E 179 21.74 3.96 54.82
N LYS E 180 21.40 2.68 54.66
CA LYS E 180 20.30 2.09 55.42
C LYS E 180 20.62 2.00 56.91
N ASP E 181 21.81 1.53 57.25
CA ASP E 181 22.19 1.38 58.65
C ASP E 181 22.50 2.75 59.24
N VAL E 182 21.58 3.25 60.06
CA VAL E 182 21.71 4.55 60.72
C VAL E 182 21.75 4.32 62.23
N GLY E 183 22.52 5.14 62.93
CA GLY E 183 22.64 4.99 64.37
C GLY E 183 22.08 6.11 65.22
N VAL E 184 21.08 6.83 64.69
CA VAL E 184 20.47 7.91 65.47
C VAL E 184 19.51 7.37 66.50
N ASP E 185 19.24 6.06 66.46
CA ASP E 185 18.35 5.39 67.39
C ASP E 185 19.12 4.49 68.36
N ASN E 186 20.45 4.57 68.33
CA ASN E 186 21.30 3.77 69.20
C ASN E 186 21.07 4.12 70.67
N ALA E 187 21.36 3.15 71.55
CA ALA E 187 21.20 3.37 72.98
C ALA E 187 22.00 4.58 73.44
N GLY E 188 23.24 4.69 72.97
CA GLY E 188 24.05 5.84 73.35
C GLY E 188 23.44 7.15 72.88
N ALA E 189 22.87 7.15 71.67
CA ALA E 189 22.22 8.35 71.16
C ALA E 189 21.05 8.73 72.04
N LYS E 190 20.24 7.73 72.43
CA LYS E 190 19.11 7.97 73.31
C LYS E 190 19.58 8.55 74.63
N ALA E 191 20.65 7.98 75.21
CA ALA E 191 21.17 8.45 76.49
C ALA E 191 21.66 9.90 76.39
N GLY E 192 22.40 10.21 75.33
CA GLY E 192 22.90 11.57 75.18
C GLY E 192 21.78 12.59 75.05
N LEU E 193 20.83 12.32 74.15
CA LEU E 193 19.74 13.28 74.01
C LEU E 193 18.89 13.33 75.27
N THR E 194 18.76 12.21 75.99
CA THR E 194 17.98 12.23 77.22
C THR E 194 18.68 13.10 78.25
N PHE E 195 20.01 13.08 78.28
CA PHE E 195 20.72 13.93 79.23
C PHE E 195 20.54 15.39 78.86
N LEU E 196 20.54 15.71 77.56
CA LEU E 196 20.33 17.09 77.15
C LEU E 196 18.91 17.54 77.51
N VAL E 197 17.92 16.67 77.25
CA VAL E 197 16.54 16.98 77.58
C VAL E 197 16.38 17.16 79.08
N ASP E 198 17.10 16.37 79.86
CA ASP E 198 17.02 16.52 81.32
C ASP E 198 17.64 17.85 81.73
N LEU E 199 18.74 18.24 81.10
CA LEU E 199 19.34 19.53 81.41
C LEU E 199 18.36 20.66 81.13
N ILE E 200 17.53 20.49 80.09
CA ILE E 200 16.53 21.51 79.76
C ILE E 200 15.38 21.48 80.76
N LYS E 201 14.80 20.31 80.99
CA LYS E 201 13.67 20.18 81.92
C LYS E 201 14.04 20.59 83.34
N ASN E 202 15.27 20.33 83.75
CA ASN E 202 15.74 20.63 85.09
C ASN E 202 16.09 22.12 85.28
N LYS E 203 15.65 22.98 84.35
CA LYS E 203 15.87 24.43 84.39
C LYS E 203 17.32 24.82 84.24
N HIS E 204 18.18 23.94 83.73
CA HIS E 204 19.59 24.29 83.56
C HIS E 204 19.87 24.94 82.22
N MET E 205 18.99 24.79 81.24
CA MET E 205 19.17 25.38 79.93
C MET E 205 17.80 25.65 79.33
N ASN E 206 17.70 26.66 78.49
CA ASN E 206 16.45 27.03 77.86
C ASN E 206 16.38 26.41 76.46
N ALA E 207 15.23 25.82 76.14
CA ALA E 207 15.03 25.16 74.86
C ALA E 207 14.97 26.10 73.66
N ASP E 208 14.81 27.41 73.85
CA ASP E 208 14.74 28.34 72.73
C ASP E 208 16.07 29.01 72.41
N THR E 209 17.12 28.69 73.17
CA THR E 209 18.43 29.29 72.95
C THR E 209 18.97 28.96 71.57
N ASP E 210 19.40 30.00 70.85
CA ASP E 210 19.98 29.88 69.52
C ASP E 210 21.41 30.41 69.54
N TYR E 211 22.02 30.49 68.35
CA TYR E 211 23.39 30.97 68.25
C TYR E 211 23.52 32.42 68.71
N SER E 212 22.59 33.27 68.28
CA SER E 212 22.65 34.69 68.64
C SER E 212 22.60 34.88 70.15
N ILE E 213 21.58 34.33 70.81
CA ILE E 213 21.44 34.48 72.26
C ILE E 213 22.63 33.88 72.98
N ALA E 214 23.08 32.69 72.54
CA ALA E 214 24.21 32.04 73.20
C ALA E 214 25.47 32.91 73.11
N GLU E 215 25.83 33.33 71.90
CA GLU E 215 27.03 34.14 71.71
C GLU E 215 26.94 35.46 72.49
N ALA E 216 25.79 36.15 72.40
CA ALA E 216 25.65 37.42 73.09
C ALA E 216 25.74 37.25 74.62
N ALA E 217 25.12 36.19 75.15
CA ALA E 217 25.16 35.97 76.58
C ALA E 217 26.56 35.62 77.06
N PHE E 218 27.30 34.83 76.28
CA PHE E 218 28.65 34.49 76.71
C PHE E 218 29.55 35.72 76.63
N ASN E 219 29.39 36.53 75.58
CA ASN E 219 30.20 37.73 75.44
C ASN E 219 29.86 38.78 76.50
N LYS E 220 28.68 38.70 77.11
CA LYS E 220 28.29 39.65 78.13
C LYS E 220 28.50 39.10 79.54
N GLY E 221 29.22 38.00 79.68
CA GLY E 221 29.48 37.42 80.98
C GLY E 221 28.27 36.87 81.70
N GLU E 222 27.17 36.62 80.98
CA GLU E 222 25.98 36.08 81.62
C GLU E 222 26.07 34.58 81.84
N THR E 223 26.85 33.90 81.00
CA THR E 223 27.06 32.46 81.11
C THR E 223 28.56 32.20 81.10
N ALA E 224 28.95 31.13 81.80
CA ALA E 224 30.36 30.78 81.93
C ALA E 224 30.90 29.90 80.80
N MET E 225 30.06 29.22 80.03
CA MET E 225 30.56 28.37 78.97
C MET E 225 29.69 28.45 77.73
N THR E 226 30.20 27.88 76.65
CA THR E 226 29.53 27.82 75.35
C THR E 226 30.29 26.82 74.50
N ILE E 227 29.68 26.44 73.38
CA ILE E 227 30.27 25.50 72.44
C ILE E 227 30.30 26.16 71.07
N ASN E 228 31.49 26.40 70.54
CA ASN E 228 31.59 27.04 69.24
C ASN E 228 32.89 26.68 68.54
N GLY E 229 32.95 27.05 67.27
CA GLY E 229 34.10 26.83 66.44
C GLY E 229 35.01 28.03 66.47
N PRO E 230 35.96 28.09 65.55
CA PRO E 230 36.90 29.22 65.54
C PRO E 230 36.28 30.54 65.13
N TRP E 231 35.29 30.55 64.23
CA TRP E 231 34.68 31.79 63.76
C TRP E 231 34.20 32.72 64.88
N ALA E 232 33.73 32.16 65.99
CA ALA E 232 33.25 33.01 67.09
C ALA E 232 34.39 33.68 67.86
N TRP E 233 35.58 33.09 67.82
CA TRP E 233 36.73 33.63 68.55
C TRP E 233 36.92 35.12 68.34
N SER E 234 36.73 35.62 67.11
CA SER E 234 36.90 37.04 66.84
C SER E 234 35.94 37.89 67.68
N ASN E 235 34.64 37.64 67.56
CA ASN E 235 33.66 38.40 68.33
C ASN E 235 33.89 38.24 69.83
N ILE E 236 34.42 37.09 70.25
CA ILE E 236 34.68 36.92 71.67
C ILE E 236 35.89 37.75 72.07
N ASP E 237 36.85 37.91 71.16
CA ASP E 237 38.02 38.73 71.46
C ASP E 237 37.60 40.17 71.63
N THR E 238 36.78 40.66 70.70
CA THR E 238 36.32 42.04 70.81
C THR E 238 35.42 42.24 72.02
N SER E 239 34.93 41.16 72.61
CA SER E 239 34.06 41.29 73.78
C SER E 239 34.83 41.61 75.06
N LYS E 240 36.17 41.58 75.03
CA LYS E 240 37.03 41.88 76.20
C LYS E 240 36.83 40.90 77.36
N VAL E 241 36.33 39.70 77.09
CA VAL E 241 36.09 38.69 78.10
C VAL E 241 37.26 37.71 78.08
N ASN E 242 37.95 37.57 79.22
CA ASN E 242 39.07 36.65 79.32
C ASN E 242 38.50 35.24 79.22
N TYR E 243 38.67 34.62 78.05
CA TYR E 243 38.15 33.29 77.78
C TYR E 243 39.26 32.30 77.50
N GLY E 244 38.87 31.04 77.41
CA GLY E 244 39.75 29.94 77.13
C GLY E 244 39.08 28.89 76.26
N VAL E 245 39.79 28.37 75.28
CA VAL E 245 39.28 27.35 74.37
C VAL E 245 39.89 26.02 74.76
N THR E 246 39.05 25.02 75.00
CA THR E 246 39.54 23.70 75.39
C THR E 246 38.65 22.63 74.78
N VAL E 247 38.98 21.37 75.10
CA VAL E 247 38.23 20.23 74.60
C VAL E 247 36.86 20.16 75.25
N LEU E 248 35.96 19.44 74.60
CA LEU E 248 34.62 19.26 75.07
C LEU E 248 34.60 18.23 76.21
N PRO E 249 33.68 18.38 77.16
CA PRO E 249 33.62 17.42 78.28
C PRO E 249 33.26 16.02 77.79
N THR E 250 33.43 15.05 78.68
CA THR E 250 33.17 13.66 78.37
C THR E 250 31.84 13.22 78.98
N PHE E 251 31.06 12.51 78.18
CA PHE E 251 29.76 12.00 78.60
C PHE E 251 29.89 10.51 78.90
N LYS E 252 29.59 10.12 80.14
CA LYS E 252 29.71 8.73 80.58
C LYS E 252 31.12 8.22 80.32
N GLY E 253 32.10 9.02 80.72
CA GLY E 253 33.49 8.68 80.54
C GLY E 253 33.94 8.51 79.11
N GLN E 254 33.14 8.98 78.15
CA GLN E 254 33.54 8.82 76.77
C GLN E 254 33.69 10.20 76.11
N PRO E 255 34.69 10.35 75.24
CA PRO E 255 34.91 11.65 74.60
C PRO E 255 33.78 12.10 73.70
N SER E 256 33.50 13.41 73.73
CA SER E 256 32.48 13.98 72.88
C SER E 256 32.98 13.91 71.44
N LYS E 257 32.14 13.43 70.54
CA LYS E 257 32.52 13.27 69.13
C LYS E 257 31.74 14.20 68.21
N PRO E 258 32.23 15.40 67.93
CA PRO E 258 31.54 16.31 67.02
C PRO E 258 32.05 16.11 65.59
N PHE E 259 31.13 16.22 64.63
CA PHE E 259 31.54 16.08 63.25
C PHE E 259 32.49 17.20 62.87
N VAL E 260 33.50 16.87 62.08
CA VAL E 260 34.45 17.89 61.65
C VAL E 260 34.04 18.36 60.26
N GLY E 261 33.88 19.67 60.11
CA GLY E 261 33.49 20.26 58.85
C GLY E 261 34.72 20.75 58.10
N VAL E 262 34.75 20.47 56.80
CA VAL E 262 35.87 20.90 55.99
C VAL E 262 35.38 22.01 55.09
N LEU E 263 35.54 23.25 55.55
CA LEU E 263 35.14 24.41 54.76
C LEU E 263 35.87 24.37 53.43
N SER E 264 35.12 24.22 52.35
CA SER E 264 35.72 24.14 51.03
C SER E 264 34.99 25.09 50.09
N ALA E 265 35.63 25.32 48.94
CA ALA E 265 35.11 26.20 47.92
C ALA E 265 34.86 25.40 46.65
N GLY E 266 33.60 25.37 46.23
CA GLY E 266 33.20 24.68 45.02
C GLY E 266 32.95 25.66 43.89
N ILE E 267 33.18 25.19 42.67
CA ILE E 267 33.01 26.00 41.47
C ILE E 267 31.71 25.59 40.79
N ASN E 268 30.86 26.58 40.53
CA ASN E 268 29.57 26.34 39.89
C ASN E 268 29.78 25.70 38.52
N ALA E 269 29.10 24.58 38.28
CA ALA E 269 29.23 23.89 37.00
C ALA E 269 28.75 24.72 35.82
N ALA E 270 27.91 25.72 36.06
CA ALA E 270 27.41 26.57 34.99
C ALA E 270 28.27 27.80 34.74
N SER E 271 28.90 28.33 35.79
CA SER E 271 29.73 29.52 35.69
C SER E 271 30.71 29.40 34.52
N PRO E 272 30.77 30.40 33.64
CA PRO E 272 31.71 30.34 32.51
C PRO E 272 33.10 30.81 32.88
N ASN E 273 33.31 31.20 34.14
CA ASN E 273 34.59 31.69 34.62
C ASN E 273 35.34 30.64 35.44
N LYS E 274 35.26 29.38 35.01
CA LYS E 274 35.94 28.30 35.73
C LYS E 274 37.43 28.55 35.83
N GLU E 275 38.05 29.04 34.74
CA GLU E 275 39.47 29.31 34.75
C GLU E 275 39.81 30.42 35.75
N LEU E 276 39.04 31.51 35.73
CA LEU E 276 39.29 32.61 36.65
C LEU E 276 39.12 32.16 38.10
N ALA E 277 38.09 31.34 38.35
CA ALA E 277 37.87 30.84 39.71
C ALA E 277 39.03 29.97 40.16
N LYS E 278 39.50 29.08 39.28
CA LYS E 278 40.62 28.22 39.62
C LYS E 278 41.85 29.04 39.93
N GLU E 279 42.09 30.10 39.15
CA GLU E 279 43.24 30.94 39.39
C GLU E 279 43.14 31.66 40.73
N PHE E 280 41.98 32.23 41.05
CA PHE E 280 41.83 32.93 42.31
C PHE E 280 41.99 32.00 43.51
N LEU E 281 41.47 30.76 43.38
CA LEU E 281 41.53 29.82 44.49
C LEU E 281 42.89 29.18 44.68
N GLU E 282 43.61 28.89 43.59
CA GLU E 282 44.90 28.23 43.75
C GLU E 282 46.06 29.19 43.87
N ASN E 283 46.01 30.34 43.20
CA ASN E 283 47.12 31.27 43.22
C ASN E 283 46.99 32.38 44.25
N TYR E 284 45.78 32.83 44.63
CA TYR E 284 45.73 33.91 45.61
C TYR E 284 45.08 33.55 46.93
N LEU E 285 44.06 32.70 46.93
CA LEU E 285 43.41 32.38 48.21
C LEU E 285 44.15 31.31 49.00
N LEU E 286 44.43 30.15 48.38
CA LEU E 286 45.12 29.06 49.08
C LEU E 286 46.63 29.27 49.16
N THR E 287 47.01 30.43 49.71
CA THR E 287 48.40 30.80 49.92
C THR E 287 48.49 31.39 51.32
N ASP E 288 49.72 31.50 51.84
CA ASP E 288 49.89 32.05 53.17
C ASP E 288 49.30 33.44 53.27
N GLU E 289 49.49 34.26 52.23
CA GLU E 289 48.97 35.62 52.23
C GLU E 289 47.44 35.65 52.24
N GLY E 290 46.81 34.92 51.31
CA GLY E 290 45.36 34.91 51.26
C GLY E 290 44.73 34.33 52.51
N LEU E 291 45.21 33.17 52.94
CA LEU E 291 44.65 32.53 54.14
C LEU E 291 44.84 33.43 55.36
N GLU E 292 45.97 34.13 55.43
CA GLU E 292 46.20 35.03 56.56
C GLU E 292 45.24 36.21 56.52
N ALA E 293 45.01 36.78 55.32
CA ALA E 293 44.10 37.89 55.19
C ALA E 293 42.68 37.48 55.52
N VAL E 294 42.33 36.21 55.30
CA VAL E 294 40.99 35.76 55.65
C VAL E 294 40.92 35.47 57.14
N ASN E 295 41.97 34.87 57.69
CA ASN E 295 42.04 34.53 59.11
C ASN E 295 41.98 35.77 59.99
N LYS E 296 42.51 36.90 59.52
CA LYS E 296 42.50 38.10 60.37
C LYS E 296 41.07 38.54 60.69
N ASP E 297 40.16 38.51 59.73
CA ASP E 297 38.78 38.94 59.96
C ASP E 297 38.08 38.03 60.97
N LYS E 298 37.88 36.77 60.58
CA LYS E 298 37.24 35.77 61.44
C LYS E 298 38.12 34.52 61.31
N PRO E 299 38.72 34.06 62.39
CA PRO E 299 39.58 32.87 62.28
C PRO E 299 38.83 31.69 61.70
N LEU E 300 39.57 30.89 60.93
CA LEU E 300 39.03 29.72 60.28
C LEU E 300 39.51 28.43 60.92
N GLY E 301 40.27 28.52 62.01
CA GLY E 301 40.78 27.33 62.65
C GLY E 301 41.98 26.77 61.91
N ALA E 302 42.11 25.45 61.96
CA ALA E 302 43.21 24.78 61.27
C ALA E 302 42.92 24.74 59.78
N VAL E 303 43.76 25.41 59.00
CA VAL E 303 43.59 25.46 57.56
C VAL E 303 44.12 24.17 56.94
N ALA E 304 43.78 23.93 55.67
CA ALA E 304 44.25 22.73 54.99
C ALA E 304 45.63 22.90 54.38
N LEU E 305 46.10 24.14 54.23
CA LEU E 305 47.41 24.39 53.65
C LEU E 305 48.49 24.07 54.69
N LYS E 306 49.39 23.15 54.34
CA LYS E 306 50.45 22.76 55.27
C LYS E 306 51.38 23.92 55.58
N SER E 307 51.67 24.76 54.59
CA SER E 307 52.57 25.89 54.80
C SER E 307 52.08 26.83 55.90
N TYR E 308 50.78 27.13 55.91
CA TYR E 308 50.25 28.04 56.93
C TYR E 308 49.92 27.31 58.23
N GLU E 309 49.26 26.17 58.13
CA GLU E 309 48.89 25.38 59.31
C GLU E 309 50.13 24.99 60.12
N GLU E 310 51.24 24.71 59.44
CA GLU E 310 52.46 24.29 60.12
C GLU E 310 52.87 25.27 61.22
N GLU E 311 52.64 26.56 61.00
CA GLU E 311 52.97 27.59 62.00
C GLU E 311 51.72 28.20 62.61
N LEU E 312 50.54 27.64 62.34
CA LEU E 312 49.29 28.11 62.91
C LEU E 312 48.84 27.28 64.10
N VAL E 313 49.24 26.00 64.14
CA VAL E 313 48.89 25.10 65.23
C VAL E 313 49.51 25.53 66.55
N LYS E 314 50.49 26.43 66.50
CA LYS E 314 51.16 26.92 67.70
C LYS E 314 50.19 27.67 68.62
N ASP E 315 49.05 28.10 68.08
CA ASP E 315 48.05 28.79 68.88
C ASP E 315 47.31 27.77 69.74
N PRO E 316 47.32 27.89 71.07
CA PRO E 316 46.62 26.90 71.91
C PRO E 316 45.17 26.68 71.50
N ARG E 317 44.48 27.72 71.02
CA ARG E 317 43.10 27.55 70.61
C ARG E 317 43.03 26.60 69.42
N ILE E 318 43.93 26.78 68.44
CA ILE E 318 43.96 25.91 67.28
C ILE E 318 44.29 24.49 67.71
N ALA E 319 45.18 24.36 68.71
CA ALA E 319 45.53 23.03 69.19
C ALA E 319 44.34 22.34 69.84
N ALA E 320 43.55 23.09 70.61
CA ALA E 320 42.38 22.51 71.25
C ALA E 320 41.34 22.11 70.20
N THR E 321 41.17 22.95 69.17
CA THR E 321 40.23 22.62 68.11
C THR E 321 40.68 21.36 67.37
N MET E 322 41.99 21.24 67.13
CA MET E 322 42.53 20.07 66.46
C MET E 322 42.34 18.82 67.31
N GLU E 323 42.49 18.95 68.63
CA GLU E 323 42.28 17.80 69.49
C GLU E 323 40.82 17.35 69.46
N ASN E 324 39.89 18.30 69.52
CA ASN E 324 38.47 17.95 69.43
C ASN E 324 38.17 17.30 68.11
N ALA E 325 38.81 17.76 67.03
CA ALA E 325 38.61 17.17 65.72
C ALA E 325 39.13 15.75 65.67
N GLN E 326 40.33 15.53 66.21
CA GLN E 326 40.92 14.19 66.23
C GLN E 326 40.02 13.23 66.99
N LYS E 327 39.56 13.66 68.17
CA LYS E 327 38.68 12.82 68.97
C LYS E 327 37.30 12.68 68.35
N GLY E 328 36.97 13.52 67.37
CA GLY E 328 35.68 13.47 66.70
C GLY E 328 35.69 12.51 65.53
N GLU E 329 35.00 12.87 64.45
CA GLU E 329 34.94 12.02 63.27
C GLU E 329 34.60 12.87 62.05
N ILE E 330 35.18 12.47 60.91
CA ILE E 330 34.97 13.20 59.67
C ILE E 330 33.52 13.14 59.21
N MET E 331 33.02 14.28 58.75
CA MET E 331 31.65 14.41 58.28
C MET E 331 31.53 13.82 56.87
N PRO E 332 30.58 12.92 56.62
CA PRO E 332 30.44 12.34 55.28
C PRO E 332 29.93 13.37 54.28
N ASN E 333 30.26 13.16 53.00
CA ASN E 333 29.84 14.06 51.94
C ASN E 333 28.79 13.45 51.03
N ILE E 334 28.12 12.39 51.46
CA ILE E 334 27.08 11.76 50.65
C ILE E 334 25.89 12.70 50.58
N PRO E 335 25.03 12.60 49.57
CA PRO E 335 23.87 13.51 49.49
C PRO E 335 22.88 13.35 50.64
N GLN E 336 22.55 12.11 51.00
CA GLN E 336 21.59 11.83 52.06
C GLN E 336 21.88 12.60 53.34
N MET E 337 23.13 13.01 53.56
CA MET E 337 23.49 13.79 54.74
C MET E 337 22.46 14.89 54.98
N SER E 338 22.07 15.59 53.91
CA SER E 338 21.07 16.64 54.02
C SER E 338 19.87 16.14 54.82
N ALA E 339 19.18 15.14 54.28
CA ALA E 339 18.03 14.55 54.96
C ALA E 339 18.38 14.22 56.40
N PHE E 340 19.51 13.55 56.61
CA PHE E 340 19.99 13.19 57.94
C PHE E 340 19.86 14.36 58.91
N TRP E 341 20.51 15.47 58.55
CA TRP E 341 20.47 16.66 59.40
C TRP E 341 19.05 17.15 59.58
N TYR E 342 18.32 17.32 58.48
CA TYR E 342 16.93 17.79 58.57
C TYR E 342 16.11 16.91 59.51
N ALA E 343 16.51 15.65 59.66
CA ALA E 343 15.84 14.72 60.57
C ALA E 343 16.23 14.99 62.02
N VAL E 344 17.54 14.93 62.30
CA VAL E 344 18.02 15.17 63.66
C VAL E 344 17.55 16.53 64.17
N ARG E 345 17.72 17.56 63.33
CA ARG E 345 17.28 18.91 63.67
C ARG E 345 15.87 18.92 64.25
N THR E 346 14.98 18.16 63.62
CA THR E 346 13.60 18.08 64.09
C THR E 346 13.53 17.31 65.39
N ALA E 347 14.13 16.11 65.41
CA ALA E 347 14.12 15.29 66.61
C ALA E 347 14.51 16.13 67.83
N VAL E 348 15.72 16.71 67.78
CA VAL E 348 16.23 17.54 68.86
C VAL E 348 15.22 18.60 69.28
N ILE E 349 14.63 19.30 68.30
CA ILE E 349 13.64 20.34 68.65
C ILE E 349 12.47 19.73 69.43
N ASN E 350 11.91 18.64 68.90
CA ASN E 350 10.79 17.98 69.56
C ASN E 350 11.15 17.48 70.95
N ALA E 351 12.43 17.18 71.18
CA ALA E 351 12.85 16.71 72.49
C ALA E 351 13.09 17.88 73.43
N ALA E 352 13.43 19.05 72.88
CA ALA E 352 13.67 20.22 73.71
C ALA E 352 12.35 20.84 74.15
N SER E 353 11.35 20.83 73.27
CA SER E 353 10.05 21.41 73.58
C SER E 353 9.11 20.43 74.27
N GLY E 354 9.52 19.17 74.45
CA GLY E 354 8.66 18.20 75.09
C GLY E 354 7.49 17.74 74.25
N ARG E 355 7.35 18.26 73.03
CA ARG E 355 6.26 17.88 72.15
C ARG E 355 6.30 16.38 71.83
N GLN E 356 7.48 15.78 71.90
CA GLN E 356 7.67 14.35 71.68
C GLN E 356 8.73 13.86 72.63
N THR E 357 8.63 12.59 73.01
CA THR E 357 9.64 12.04 73.90
C THR E 357 10.94 11.79 73.13
N VAL E 358 12.00 11.50 73.88
CA VAL E 358 13.29 11.25 73.24
C VAL E 358 13.21 10.02 72.36
N ASP E 359 12.56 8.96 72.85
CA ASP E 359 12.45 7.73 72.07
C ASP E 359 11.65 7.97 70.79
N GLU E 360 10.55 8.72 70.90
CA GLU E 360 9.72 8.99 69.71
C GLU E 360 10.51 9.80 68.68
N ALA E 361 11.15 10.87 69.12
CA ALA E 361 11.92 11.72 68.20
C ALA E 361 13.05 10.94 67.53
N LEU E 362 13.79 10.16 68.32
CA LEU E 362 14.89 9.39 67.74
C LEU E 362 14.38 8.29 66.81
N LYS E 363 13.24 7.68 67.13
CA LYS E 363 12.70 6.64 66.26
C LYS E 363 12.30 7.24 64.92
N ASP E 364 11.61 8.39 64.95
CA ASP E 364 11.21 9.05 63.70
C ASP E 364 12.44 9.48 62.89
N ALA E 365 13.45 10.02 63.58
CA ALA E 365 14.67 10.44 62.89
C ALA E 365 15.37 9.23 62.28
N GLN E 366 15.35 8.09 62.99
CA GLN E 366 15.97 6.88 62.48
C GLN E 366 15.29 6.39 61.22
N THR E 367 13.95 6.46 61.19
CA THR E 367 13.22 5.99 60.02
C THR E 367 13.27 6.96 58.84
N ASN E 368 13.43 8.26 59.07
CA ASN E 368 13.44 9.21 57.97
C ASN E 368 14.80 9.89 57.77
N SER E 369 15.89 9.20 58.10
CA SER E 369 17.22 9.76 57.90
C SER E 369 17.85 9.33 56.60
N SER E 370 17.42 8.20 56.03
CA SER E 370 17.92 7.71 54.76
C SER E 370 17.13 8.22 53.57
N SER E 371 15.95 8.80 53.80
CA SER E 371 15.09 9.34 52.76
C SER E 371 14.53 10.67 53.24
N ARG E 372 13.67 11.28 52.43
CA ARG E 372 13.07 12.55 52.80
C ARG E 372 11.68 12.63 52.18
N ARG E 373 10.66 12.78 53.03
CA ARG E 373 9.27 12.84 52.61
C ARG E 373 8.88 14.16 51.97
N ARG E 374 9.79 15.14 51.88
CA ARG E 374 9.47 16.45 51.30
C ARG E 374 10.64 16.91 50.43
N ILE E 375 10.52 16.61 49.14
CA ILE E 375 11.53 16.97 48.15
C ILE E 375 11.44 18.44 47.80
N GLU E 376 12.58 19.09 47.63
CA GLU E 376 12.59 20.51 47.29
C GLU E 376 12.17 20.72 45.83
N PRO E 377 11.61 21.91 45.52
CA PRO E 377 11.19 22.14 44.13
C PRO E 377 12.35 22.21 43.14
N TRP E 378 13.52 22.69 43.55
CA TRP E 378 14.65 22.76 42.62
C TRP E 378 15.07 21.36 42.18
N GLU E 379 15.19 20.44 43.14
CA GLU E 379 15.55 19.08 42.79
C GLU E 379 14.39 18.36 42.11
N PHE E 380 13.16 18.86 42.31
CA PHE E 380 12.04 18.27 41.58
C PHE E 380 12.07 18.73 40.13
N ASP E 381 12.62 19.93 39.89
CA ASP E 381 12.74 20.45 38.54
C ASP E 381 13.88 19.76 37.81
N VAL E 382 14.89 19.30 38.54
CA VAL E 382 15.98 18.58 37.89
C VAL E 382 15.47 17.22 37.41
N PHE E 383 14.30 16.80 37.90
CA PHE E 383 13.61 15.56 37.52
C PHE E 383 12.42 15.88 36.63
N TYR E 384 12.58 15.66 35.33
CA TYR E 384 11.48 15.88 34.40
C TYR E 384 11.90 15.33 33.03
N ASP E 385 10.96 15.35 32.09
CA ASP E 385 11.23 14.79 30.77
C ASP E 385 12.13 15.61 29.82
N PRO E 386 12.20 16.95 29.85
CA PRO E 386 13.09 17.60 28.89
C PRO E 386 14.53 17.30 29.19
N ARG E 387 14.86 17.17 30.48
CA ARG E 387 16.22 16.87 30.90
C ARG E 387 16.53 15.42 30.61
N GLU E 388 17.50 15.18 29.75
CA GLU E 388 17.88 13.83 29.39
C GLU E 388 18.92 13.26 30.37
N LEU E 389 19.38 14.08 31.32
CA LEU E 389 20.38 13.68 32.31
C LEU E 389 20.06 12.31 32.88
N ARG E 390 21.07 11.45 32.90
CA ARG E 390 20.96 10.06 33.35
C ARG E 390 21.19 9.85 34.85
N LYS E 391 21.92 10.74 35.52
CA LYS E 391 22.26 10.57 36.93
C LYS E 391 21.09 10.49 37.92
N GLU E 392 20.33 11.58 38.08
CA GLU E 392 19.25 11.57 39.07
C GLU E 392 18.18 10.56 38.72
N ALA E 393 17.71 9.85 39.75
CA ALA E 393 16.64 8.88 39.63
C ALA E 393 15.62 9.30 40.68
N CYS E 394 14.46 9.73 40.22
CA CYS E 394 13.36 10.23 41.04
C CYS E 394 13.09 9.37 42.27
N LEU E 395 12.63 8.14 42.05
CA LEU E 395 12.31 7.18 43.11
C LEU E 395 11.41 7.78 44.20
N LEU E 396 10.24 8.23 43.79
CA LEU E 396 9.26 8.75 44.73
C LEU E 396 8.27 7.62 44.97
N TYR E 397 8.18 7.14 46.19
CA TYR E 397 7.35 5.97 46.43
C TYR E 397 6.36 6.19 47.56
N GLU E 398 5.16 5.67 47.31
CA GLU E 398 4.02 5.79 48.20
C GLU E 398 3.49 4.37 48.38
N ILE E 399 3.58 3.85 49.61
CA ILE E 399 3.15 2.49 49.92
C ILE E 399 1.94 2.53 50.84
N LYS E 400 0.87 1.86 50.44
CA LYS E 400 -0.36 1.80 51.22
C LYS E 400 -0.56 0.39 51.79
N TRP E 401 -1.01 0.35 53.03
CA TRP E 401 -1.25 -0.89 53.77
C TRP E 401 -2.75 -1.01 53.99
N GLY E 402 -3.42 -1.82 53.15
CA GLY E 402 -4.85 -2.00 53.25
C GLY E 402 -5.35 -2.35 54.64
N ALA E 403 -4.50 -2.98 55.46
CA ALA E 403 -4.92 -3.33 56.81
C ALA E 403 -5.18 -2.10 57.66
N SER E 404 -4.41 -1.03 57.43
CA SER E 404 -4.57 0.23 58.15
C SER E 404 -5.02 1.36 57.24
N SER E 405 -5.02 1.15 55.93
CA SER E 405 -5.42 2.16 54.95
C SER E 405 -4.62 3.44 55.08
N LYS E 406 -3.35 3.32 55.47
CA LYS E 406 -2.45 4.46 55.62
C LYS E 406 -1.37 4.37 54.56
N ILE E 407 -0.97 5.52 54.04
CA ILE E 407 0.04 5.61 53.00
C ILE E 407 1.32 6.21 53.57
N TRP E 408 2.44 5.57 53.27
CA TRP E 408 3.77 6.04 53.66
C TRP E 408 4.37 6.66 52.41
N ARG E 409 4.74 7.94 52.50
CA ARG E 409 5.29 8.69 51.38
C ARG E 409 6.74 9.05 51.67
N SER E 410 7.61 8.84 50.67
CA SER E 410 9.02 9.25 50.82
C SER E 410 9.73 9.03 49.50
N SER E 411 11.04 9.32 49.50
CA SER E 411 11.85 9.21 48.29
C SER E 411 13.15 8.43 48.46
N GLY E 412 14.00 8.48 47.44
CA GLY E 412 15.28 7.81 47.45
C GLY E 412 16.08 8.22 46.23
N LYS E 413 17.38 7.94 46.27
CA LYS E 413 18.22 8.32 45.14
C LYS E 413 19.03 7.15 44.59
N ASN E 414 19.97 7.45 43.68
CA ASN E 414 20.76 6.41 43.01
C ASN E 414 21.74 5.68 43.93
N THR E 415 22.78 6.38 44.39
CA THR E 415 23.81 5.83 45.28
C THR E 415 24.44 4.53 44.75
N THR E 416 25.09 4.65 43.60
CA THR E 416 25.83 3.57 42.93
C THR E 416 24.99 2.33 42.64
N ASN E 417 23.67 2.38 42.83
CA ASN E 417 22.80 1.24 42.59
C ASN E 417 21.46 1.75 42.08
N HIS E 418 20.91 1.05 41.09
CA HIS E 418 19.62 1.45 40.58
C HIS E 418 18.58 1.49 41.70
N VAL E 419 17.84 2.60 41.75
CA VAL E 419 16.84 2.80 42.80
C VAL E 419 15.99 1.54 42.99
N ALA E 420 15.81 0.75 41.94
CA ALA E 420 15.01 -0.47 42.04
C ALA E 420 15.57 -1.40 43.12
N VAL E 421 16.84 -1.78 42.98
CA VAL E 421 17.46 -2.68 43.95
C VAL E 421 17.52 -2.01 45.31
N ASN E 422 17.65 -0.68 45.35
CA ASN E 422 17.70 -0.01 46.65
C ASN E 422 16.38 -0.20 47.41
N PHE E 423 15.25 0.05 46.74
CA PHE E 423 13.97 -0.13 47.39
C PHE E 423 13.73 -1.61 47.72
N ILE E 424 14.15 -2.51 46.84
CA ILE E 424 13.98 -3.94 47.10
C ILE E 424 14.67 -4.32 48.40
N LYS E 425 15.94 -3.92 48.54
CA LYS E 425 16.68 -4.24 49.75
C LYS E 425 16.05 -3.60 50.98
N LYS E 426 15.64 -2.33 50.87
CA LYS E 426 15.06 -1.66 52.03
C LYS E 426 13.79 -2.38 52.53
N PHE E 427 12.88 -2.72 51.61
CA PHE E 427 11.65 -3.38 52.05
C PHE E 427 11.92 -4.81 52.52
N THR E 428 12.86 -5.53 51.88
CA THR E 428 13.17 -6.88 52.33
C THR E 428 13.80 -6.87 53.71
N SER E 429 14.50 -5.79 54.06
CA SER E 429 15.13 -5.73 55.38
C SER E 429 14.14 -5.29 56.45
N GLU E 430 13.24 -4.36 56.12
CA GLU E 430 12.27 -3.85 57.09
C GLU E 430 10.91 -4.54 57.03
N ARG E 431 10.80 -5.69 56.35
CA ARG E 431 9.51 -6.37 56.25
C ARG E 431 8.91 -6.69 57.62
N ASP E 432 9.74 -7.10 58.58
CA ASP E 432 9.21 -7.43 59.91
C ASP E 432 8.68 -6.19 60.61
N PHE E 433 9.31 -5.04 60.37
CA PHE E 433 8.90 -3.79 61.01
C PHE E 433 7.53 -3.30 60.55
N HIS E 434 7.17 -3.54 59.29
CA HIS E 434 5.90 -3.06 58.78
C HIS E 434 4.77 -4.05 59.06
N PRO E 435 3.52 -3.62 58.89
CA PRO E 435 2.39 -4.52 59.07
C PRO E 435 2.43 -5.67 58.08
N SER E 436 1.52 -6.63 58.29
CA SER E 436 1.41 -7.82 57.46
C SER E 436 0.90 -7.51 56.05
N THR E 437 0.24 -8.51 55.45
CA THR E 437 -0.30 -8.52 54.09
C THR E 437 -1.05 -7.26 53.64
N SER E 438 -1.43 -7.24 52.36
CA SER E 438 -2.11 -6.14 51.67
C SER E 438 -1.19 -4.97 51.35
N CYS E 439 -0.11 -5.24 50.61
CA CYS E 439 0.84 -4.21 50.23
C CYS E 439 0.50 -3.63 48.86
N SER E 440 0.47 -2.30 48.76
CA SER E 440 0.20 -1.65 47.48
C SER E 440 1.22 -0.53 47.32
N ILE E 441 2.19 -0.75 46.44
CA ILE E 441 3.28 0.19 46.20
C ILE E 441 3.06 0.94 44.89
N THR E 442 3.26 2.26 44.94
CA THR E 442 3.12 3.15 43.81
C THR E 442 4.44 3.89 43.64
N TRP E 443 5.09 3.67 42.49
CA TRP E 443 6.36 4.29 42.16
C TRP E 443 6.16 5.41 41.16
N PHE E 444 6.90 6.50 41.37
CA PHE E 444 6.94 7.67 40.51
C PHE E 444 8.43 7.84 40.29
N LEU E 445 8.95 7.24 39.24
CA LEU E 445 10.38 7.32 38.97
C LEU E 445 10.66 8.05 37.66
N SER E 446 11.93 8.44 37.53
CA SER E 446 12.35 9.20 36.36
C SER E 446 12.60 8.30 35.17
N TRP E 447 13.55 7.39 35.27
CA TRP E 447 13.90 6.51 34.16
C TRP E 447 13.23 5.15 34.25
N SER E 448 12.78 4.66 33.11
CA SER E 448 12.14 3.37 33.06
C SER E 448 13.15 2.29 33.47
N PRO E 449 12.75 1.32 34.28
CA PRO E 449 13.68 0.28 34.73
C PRO E 449 14.41 -0.40 33.56
N CYS E 450 15.72 -0.55 33.71
CA CYS E 450 16.56 -1.19 32.70
C CYS E 450 16.40 -2.70 32.81
N TRP E 451 17.03 -3.42 31.89
CA TRP E 451 16.95 -4.88 31.84
C TRP E 451 17.20 -5.54 33.19
N GLU E 452 18.37 -5.28 33.78
CA GLU E 452 18.69 -5.89 35.07
C GLU E 452 17.70 -5.49 36.15
N CYS E 453 17.25 -4.23 36.16
CA CYS E 453 16.26 -3.82 37.15
C CYS E 453 14.94 -4.54 36.94
N SER E 454 14.57 -4.78 35.69
CA SER E 454 13.33 -5.48 35.42
C SER E 454 13.40 -6.89 35.99
N GLN E 455 14.53 -7.56 35.78
CA GLN E 455 14.67 -8.91 36.32
C GLN E 455 14.65 -8.88 37.84
N ALA E 456 15.34 -7.92 38.45
CA ALA E 456 15.35 -7.81 39.90
C ALA E 456 13.97 -7.52 40.46
N ILE E 457 13.23 -6.62 39.81
CA ILE E 457 11.88 -6.28 40.26
C ILE E 457 10.95 -7.48 40.14
N ARG E 458 11.07 -8.23 39.04
CA ARG E 458 10.21 -9.40 38.89
C ARG E 458 10.55 -10.46 39.94
N GLU E 459 11.83 -10.68 40.22
CA GLU E 459 12.17 -11.67 41.24
C GLU E 459 11.70 -11.22 42.61
N PHE E 460 11.76 -9.92 42.90
CA PHE E 460 11.26 -9.43 44.18
C PHE E 460 9.75 -9.59 44.29
N LEU E 461 9.04 -9.36 43.19
CA LEU E 461 7.60 -9.49 43.19
C LEU E 461 7.21 -10.96 43.32
N SER E 462 8.05 -11.87 42.82
CA SER E 462 7.75 -13.28 42.96
C SER E 462 8.12 -13.75 44.36
N ARG E 463 9.13 -13.11 44.97
CA ARG E 463 9.55 -13.44 46.32
C ARG E 463 8.47 -13.07 47.33
N HIS E 464 7.70 -12.03 47.03
CA HIS E 464 6.60 -11.61 47.90
C HIS E 464 5.30 -11.77 47.11
N PRO E 465 4.53 -12.84 47.36
CA PRO E 465 3.29 -13.02 46.57
C PRO E 465 2.29 -11.87 46.64
N GLY E 466 1.89 -11.46 47.84
CA GLY E 466 0.91 -10.39 47.95
C GLY E 466 1.44 -8.97 47.88
N VAL E 467 1.81 -8.49 46.70
CA VAL E 467 2.29 -7.13 46.50
C VAL E 467 1.75 -6.60 45.18
N THR E 468 1.03 -5.47 45.23
CA THR E 468 0.49 -4.84 44.03
C THR E 468 1.36 -3.63 43.73
N LEU E 469 2.10 -3.70 42.62
CA LEU E 469 3.02 -2.64 42.24
C LEU E 469 2.57 -1.91 40.97
N VAL E 470 2.53 -0.59 41.04
CA VAL E 470 2.18 0.25 39.90
C VAL E 470 3.37 1.20 39.69
N ILE E 471 3.78 1.37 38.43
CA ILE E 471 4.95 2.17 38.07
C ILE E 471 4.56 3.29 37.11
N TYR E 472 4.93 4.52 37.49
CA TYR E 472 4.71 5.71 36.70
C TYR E 472 6.11 6.25 36.41
N VAL E 473 6.53 6.21 35.15
CA VAL E 473 7.84 6.69 34.74
C VAL E 473 7.68 7.95 33.93
N ALA E 474 8.70 8.79 34.00
CA ALA E 474 8.67 10.05 33.27
C ALA E 474 9.49 10.00 31.98
N ARG E 475 10.50 9.13 31.90
CA ARG E 475 11.36 9.02 30.72
C ARG E 475 11.55 7.54 30.41
N LEU E 476 12.26 7.26 29.32
CA LEU E 476 12.56 5.90 28.89
C LEU E 476 14.07 5.79 28.68
N PHE E 477 14.70 4.88 29.42
CA PHE E 477 16.14 4.68 29.35
C PHE E 477 16.49 3.64 28.29
N ALA E 478 17.33 4.03 27.33
CA ALA E 478 17.79 3.16 26.24
C ALA E 478 16.63 2.38 25.63
N HIS E 479 15.63 3.13 25.15
CA HIS E 479 14.44 2.53 24.56
C HIS E 479 14.74 1.74 23.29
N MET E 480 16.00 1.74 22.84
CA MET E 480 16.39 1.02 21.64
C MET E 480 17.34 -0.13 21.96
N ASP E 481 17.09 -0.80 23.07
CA ASP E 481 17.89 -1.94 23.49
C ASP E 481 16.94 -3.12 23.63
N GLN E 482 17.22 -4.20 22.89
CA GLN E 482 16.37 -5.38 22.92
C GLN E 482 16.16 -5.89 24.35
N GLN E 483 17.18 -5.81 25.19
CA GLN E 483 17.05 -6.29 26.56
C GLN E 483 16.17 -5.38 27.41
N ASN E 484 16.36 -4.06 27.33
CA ASN E 484 15.50 -3.16 28.09
C ASN E 484 14.06 -3.27 27.61
N ARG E 485 13.89 -3.40 26.30
CA ARG E 485 12.58 -3.55 25.69
C ARG E 485 11.87 -4.80 26.24
N GLN E 486 12.54 -5.95 26.13
CA GLN E 486 11.97 -7.18 26.64
C GLN E 486 11.77 -7.12 28.14
N GLY E 487 12.60 -6.34 28.85
CA GLY E 487 12.45 -6.22 30.29
C GLY E 487 11.18 -5.48 30.65
N LEU E 488 10.88 -4.39 29.96
CA LEU E 488 9.63 -3.67 30.23
C LEU E 488 8.45 -4.56 29.89
N ARG E 489 8.52 -5.25 28.74
CA ARG E 489 7.42 -6.16 28.38
C ARG E 489 7.29 -7.25 29.43
N ASP E 490 8.41 -7.72 29.96
CA ASP E 490 8.41 -8.75 30.99
C ASP E 490 7.69 -8.26 32.24
N LEU E 491 8.08 -7.08 32.74
CA LEU E 491 7.42 -6.53 33.91
C LEU E 491 5.92 -6.38 33.70
N VAL E 492 5.51 -5.95 32.50
CA VAL E 492 4.08 -5.80 32.23
C VAL E 492 3.38 -7.15 32.22
N ASN E 493 3.99 -8.16 31.59
CA ASN E 493 3.38 -9.48 31.54
C ASN E 493 3.32 -10.13 32.92
N SER E 494 4.23 -9.77 33.81
CA SER E 494 4.25 -10.36 35.15
C SER E 494 3.24 -9.72 36.09
N GLY E 495 2.38 -8.82 35.60
CA GLY E 495 1.39 -8.18 36.44
C GLY E 495 1.79 -6.85 37.02
N VAL E 496 2.57 -6.05 36.29
CA VAL E 496 3.01 -4.74 36.75
C VAL E 496 2.55 -3.71 35.73
N THR E 497 1.79 -2.72 36.18
CA THR E 497 1.30 -1.67 35.30
C THR E 497 2.37 -0.60 35.17
N ILE E 498 2.69 -0.23 33.94
CA ILE E 498 3.69 0.79 33.64
C ILE E 498 3.05 1.86 32.77
N GLN E 499 3.11 3.10 33.22
CA GLN E 499 2.52 4.22 32.48
C GLN E 499 3.43 5.43 32.54
N ILE E 500 3.35 6.28 31.53
CA ILE E 500 4.17 7.48 31.48
C ILE E 500 3.46 8.58 32.26
N MET E 501 4.22 9.27 33.11
CA MET E 501 3.65 10.33 33.92
C MET E 501 3.08 11.45 33.06
N ARG E 502 1.92 11.95 33.46
CA ARG E 502 1.24 13.04 32.78
C ARG E 502 0.94 14.14 33.80
N ASP E 503 0.26 15.19 33.33
CA ASP E 503 -0.07 16.34 34.16
C ASP E 503 -0.64 15.93 35.53
N SER E 504 -1.58 14.98 35.54
CA SER E 504 -2.18 14.53 36.80
C SER E 504 -1.12 13.93 37.74
N GLU E 505 -0.26 13.06 37.20
CA GLU E 505 0.77 12.42 38.01
C GLU E 505 1.75 13.44 38.57
N TYR E 506 2.18 14.40 37.74
CA TYR E 506 3.11 15.40 38.23
C TYR E 506 2.46 16.29 39.28
N TYR E 507 1.19 16.64 39.09
CA TYR E 507 0.50 17.46 40.09
C TYR E 507 0.38 16.72 41.41
N HIS E 508 0.10 15.42 41.35
CA HIS E 508 0.02 14.63 42.57
C HIS E 508 1.37 14.56 43.27
N CYS E 509 2.43 14.36 42.49
CA CYS E 509 3.76 14.31 43.09
C CYS E 509 4.12 15.65 43.72
N TRP E 510 3.70 16.75 43.10
CA TRP E 510 3.97 18.06 43.64
C TRP E 510 3.23 18.28 44.95
N ARG E 511 1.94 17.94 44.99
CA ARG E 511 1.14 18.18 46.19
C ARG E 511 1.51 17.25 47.35
N ASN E 512 1.86 15.99 47.06
CA ASN E 512 2.14 15.06 48.16
C ASN E 512 3.62 14.92 48.52
N PHE E 513 4.55 15.08 47.59
CA PHE E 513 5.96 14.88 47.90
C PHE E 513 6.81 16.14 47.86
N VAL E 514 6.53 17.08 46.96
CA VAL E 514 7.37 18.27 46.88
C VAL E 514 7.09 19.20 48.07
N ASN E 515 8.17 19.77 48.62
CA ASN E 515 8.06 20.72 49.72
C ASN E 515 7.58 22.05 49.12
N TYR E 516 6.30 22.04 48.77
CA TYR E 516 5.65 23.17 48.12
C TYR E 516 5.90 24.47 48.90
N PRO E 517 6.09 25.60 48.22
CA PRO E 517 6.27 26.85 48.92
C PRO E 517 5.00 27.24 49.65
N PRO E 518 5.11 27.93 50.78
CA PRO E 518 3.89 28.30 51.52
C PRO E 518 2.91 29.13 50.72
N GLY E 519 3.38 30.12 49.98
CA GLY E 519 2.48 30.96 49.21
C GLY E 519 1.85 30.24 48.03
N ASP E 520 2.65 29.44 47.31
CA ASP E 520 2.16 28.73 46.13
C ASP E 520 1.81 27.28 46.44
N GLU E 521 0.55 27.07 46.83
CA GLU E 521 0.05 25.73 47.09
C GLU E 521 -0.76 25.33 45.85
N ALA E 522 -0.60 24.08 45.43
CA ALA E 522 -1.25 23.51 44.26
C ALA E 522 -0.78 24.15 42.96
N HIS E 523 0.20 25.06 43.02
CA HIS E 523 0.75 25.70 41.81
C HIS E 523 1.93 24.83 41.36
N TRP E 524 1.60 23.80 40.62
CA TRP E 524 2.63 22.91 40.14
C TRP E 524 3.26 23.48 38.88
N PRO E 525 4.54 23.23 38.66
CA PRO E 525 5.19 23.77 37.46
C PRO E 525 4.65 23.13 36.19
N GLN E 526 3.86 23.87 35.42
CA GLN E 526 3.31 23.34 34.18
C GLN E 526 4.40 23.25 33.13
N TYR E 527 4.69 22.03 32.69
CA TYR E 527 5.73 21.76 31.72
C TYR E 527 5.12 21.34 30.38
N PRO E 528 5.80 21.60 29.26
CA PRO E 528 5.27 21.21 27.95
C PRO E 528 5.07 19.70 27.87
N PRO E 529 4.00 19.26 27.22
CA PRO E 529 3.68 17.83 27.12
C PRO E 529 4.35 17.09 25.97
N ALA E 530 5.09 17.78 25.10
CA ALA E 530 5.74 17.15 23.96
C ALA E 530 6.43 15.84 24.32
N TRP E 531 7.44 15.89 25.20
CA TRP E 531 8.15 14.67 25.53
C TRP E 531 7.28 13.69 26.30
N MET E 532 6.30 14.15 27.07
CA MET E 532 5.44 13.21 27.77
C MET E 532 4.72 12.33 26.76
N MET E 533 4.08 12.95 25.78
CA MET E 533 3.36 12.20 24.75
C MET E 533 4.32 11.35 23.91
N LEU E 534 5.51 11.87 23.62
CA LEU E 534 6.47 11.09 22.82
C LEU E 534 6.89 9.82 23.56
N TYR E 535 7.29 9.96 24.82
CA TYR E 535 7.68 8.77 25.57
C TYR E 535 6.49 7.84 25.75
N ALA E 536 5.28 8.38 25.82
CA ALA E 536 4.11 7.52 25.96
C ALA E 536 3.90 6.70 24.68
N LEU E 537 4.07 7.34 23.52
CA LEU E 537 3.94 6.63 22.26
C LEU E 537 5.00 5.55 22.15
N GLU E 538 6.23 5.85 22.57
CA GLU E 538 7.27 4.83 22.52
C GLU E 538 6.97 3.70 23.49
N LEU E 539 6.43 4.02 24.67
CA LEU E 539 6.08 2.96 25.62
C LEU E 539 5.03 2.04 25.02
N HIS E 540 4.05 2.60 24.30
CA HIS E 540 3.05 1.74 23.66
C HIS E 540 3.70 0.89 22.58
N CYS E 541 4.67 1.44 21.85
CA CYS E 541 5.36 0.64 20.86
C CYS E 541 6.13 -0.49 21.55
N ILE E 542 6.56 -0.24 22.78
CA ILE E 542 7.32 -1.23 23.54
C ILE E 542 6.39 -2.37 23.98
N ILE E 543 5.29 -2.01 24.64
CA ILE E 543 4.36 -3.01 25.16
C ILE E 543 3.78 -3.85 24.03
N LEU E 544 3.49 -3.22 22.90
CA LEU E 544 2.91 -3.94 21.77
C LEU E 544 3.93 -4.75 20.98
N SER E 545 5.18 -4.84 21.44
CA SER E 545 6.23 -5.60 20.76
C SER E 545 6.49 -5.05 19.36
N LEU E 546 6.41 -3.74 19.21
CA LEU E 546 6.62 -3.06 17.95
C LEU E 546 8.06 -2.59 17.84
N PRO E 547 8.51 -2.26 16.64
CA PRO E 547 9.89 -1.76 16.48
C PRO E 547 10.02 -0.38 17.09
N PRO E 548 11.24 0.08 17.36
CA PRO E 548 11.40 1.42 17.95
C PRO E 548 10.80 2.48 17.04
N CYS E 549 10.12 3.44 17.65
CA CYS E 549 9.49 4.51 16.90
C CYS E 549 10.34 5.78 16.87
N LEU E 550 10.63 6.36 18.03
CA LEU E 550 11.45 7.57 18.05
C LEU E 550 12.89 7.17 18.41
N LYS E 551 13.83 8.01 17.97
CA LYS E 551 15.25 7.77 18.20
C LYS E 551 15.91 9.09 18.58
N ILE E 552 16.52 9.12 19.77
CA ILE E 552 17.19 10.30 20.29
C ILE E 552 18.69 10.15 20.08
N SER E 553 19.36 11.29 19.94
CA SER E 553 20.81 11.31 19.73
C SER E 553 21.32 12.55 20.47
N ARG E 554 21.93 12.32 21.63
CA ARG E 554 22.44 13.35 22.51
C ARG E 554 23.96 13.50 22.37
N ARG E 555 24.47 14.61 22.91
CA ARG E 555 25.89 14.90 22.87
C ARG E 555 26.47 15.40 24.19
N ALA E 556 25.66 15.93 25.10
CA ALA E 556 26.14 16.41 26.39
C ALA E 556 25.08 16.09 27.43
N GLN E 557 25.16 16.73 28.59
CA GLN E 557 24.19 16.49 29.65
C GLN E 557 22.76 16.58 29.13
N ASN E 558 22.41 17.69 28.49
CA ASN E 558 21.08 17.85 27.93
C ASN E 558 21.13 18.54 26.57
N HIS E 559 22.20 18.34 25.82
CA HIS E 559 22.33 18.92 24.49
C HIS E 559 21.70 17.92 23.52
N LEU E 560 20.53 18.28 22.99
CA LEU E 560 19.80 17.41 22.07
C LEU E 560 20.21 17.76 20.64
N THR E 561 21.04 16.92 20.03
CA THR E 561 21.49 17.16 18.67
C THR E 561 20.56 16.56 17.63
N ALA E 562 19.95 15.40 17.90
CA ALA E 562 19.06 14.80 16.92
C ALA E 562 17.88 14.11 17.59
N PHE E 563 16.73 14.21 16.94
CA PHE E 563 15.48 13.61 17.39
C PHE E 563 14.70 13.16 16.17
N ARG E 564 14.44 11.87 16.05
CA ARG E 564 13.73 11.38 14.87
C ARG E 564 12.51 10.56 15.27
N LEU E 565 11.45 10.72 14.50
CA LEU E 565 10.18 10.02 14.67
C LEU E 565 9.92 9.27 13.38
N HIS E 566 9.83 7.94 13.45
CA HIS E 566 9.61 7.10 12.29
C HIS E 566 8.32 6.31 12.51
N LEU E 567 7.22 6.77 11.94
CA LEU E 567 5.93 6.09 12.07
C LEU E 567 5.73 5.19 10.86
N GLN E 568 6.16 3.95 11.00
CA GLN E 568 6.02 2.98 9.95
C GLN E 568 4.55 2.56 9.81
N ASN E 569 4.26 1.86 8.70
CA ASN E 569 2.89 1.41 8.47
C ASN E 569 2.43 0.50 9.61
N CYS E 570 3.36 -0.29 10.16
CA CYS E 570 3.02 -1.17 11.27
C CYS E 570 2.45 -0.35 12.42
N HIS E 571 3.16 0.72 12.78
CA HIS E 571 2.74 1.62 13.84
C HIS E 571 1.34 2.17 13.59
N TYR E 572 1.13 2.76 12.40
CA TYR E 572 -0.20 3.30 12.10
C TYR E 572 -1.28 2.23 12.14
N GLN E 573 -0.94 0.99 11.82
CA GLN E 573 -1.96 -0.07 11.80
C GLN E 573 -2.31 -0.61 13.18
N THR E 574 -1.34 -0.74 14.09
CA THR E 574 -1.66 -1.32 15.39
C THR E 574 -1.70 -0.36 16.58
N ILE E 575 -0.88 0.70 16.60
CA ILE E 575 -0.90 1.62 17.76
C ILE E 575 -2.29 2.22 17.93
N PRO E 576 -2.78 2.39 19.15
CA PRO E 576 -4.10 3.02 19.33
C PRO E 576 -4.10 4.44 18.79
N PRO E 577 -5.20 4.86 18.17
CA PRO E 577 -5.23 6.22 17.59
C PRO E 577 -5.23 7.34 18.61
N HIS E 578 -5.64 7.10 19.85
CA HIS E 578 -5.68 8.19 20.82
C HIS E 578 -4.27 8.67 21.17
N ILE E 579 -3.31 7.75 21.28
CA ILE E 579 -1.92 8.12 21.59
C ILE E 579 -1.32 8.94 20.45
N LEU E 580 -1.42 8.41 19.24
CA LEU E 580 -0.91 9.10 18.08
C LEU E 580 -1.51 10.50 17.97
N LEU E 581 -2.83 10.60 18.11
CA LEU E 581 -3.48 11.91 18.02
C LEU E 581 -3.08 12.82 19.17
N ALA E 582 -2.78 12.25 20.35
CA ALA E 582 -2.37 13.07 21.49
C ALA E 582 -0.96 13.62 21.33
N THR E 583 -0.12 12.97 20.52
CA THR E 583 1.23 13.51 20.34
C THR E 583 1.18 14.88 19.66
N GLY E 584 0.15 15.15 18.87
CA GLY E 584 0.00 16.41 18.19
C GLY E 584 0.74 16.53 16.88
N LEU E 585 1.58 15.57 16.53
CA LEU E 585 2.35 15.61 15.30
C LEU E 585 1.67 14.95 14.11
N ILE E 586 0.59 14.17 14.32
CA ILE E 586 -0.09 13.51 13.22
C ILE E 586 -1.52 14.05 13.10
N HIS E 587 -2.17 13.68 11.98
CA HIS E 587 -3.52 14.10 11.62
C HIS E 587 -4.56 13.09 12.11
N PRO E 588 -5.71 13.57 12.57
CA PRO E 588 -6.74 12.65 13.05
C PRO E 588 -7.26 11.71 11.99
N SER E 589 -7.29 12.12 10.71
CA SER E 589 -7.78 11.23 9.66
C SER E 589 -6.96 9.96 9.60
N VAL E 590 -5.63 10.11 9.55
CA VAL E 590 -4.73 8.96 9.47
C VAL E 590 -4.80 8.16 10.75
N ALA E 591 -4.78 8.84 11.90
CA ALA E 591 -4.83 8.12 13.17
C ALA E 591 -6.09 7.27 13.30
N TRP E 592 -7.26 7.88 13.11
CA TRP E 592 -8.51 7.14 13.24
C TRP E 592 -8.62 6.02 12.20
N ARG E 593 -8.10 6.26 10.99
CA ARG E 593 -8.13 5.25 9.92
C ARG E 593 -6.76 5.11 9.23
N LYS F 2 -16.93 5.18 7.78
CA LYS F 2 -15.96 4.11 8.06
C LYS F 2 -15.16 3.69 6.83
N ILE F 3 -14.09 4.42 6.50
CA ILE F 3 -13.25 4.04 5.36
C ILE F 3 -12.36 2.88 5.84
N GLU F 4 -12.76 1.67 5.48
CA GLU F 4 -12.08 0.45 5.84
C GLU F 4 -11.25 -0.08 4.67
N GLU F 5 -10.24 -0.87 4.99
CA GLU F 5 -9.39 -1.46 3.97
C GLU F 5 -10.13 -2.65 3.36
N GLY F 6 -10.15 -2.72 2.04
CA GLY F 6 -10.84 -3.81 1.36
C GLY F 6 -12.35 -3.75 1.47
N LYS F 7 -12.91 -2.54 1.47
CA LYS F 7 -14.35 -2.37 1.55
C LYS F 7 -14.73 -1.05 0.87
N LEU F 8 -15.91 -1.05 0.24
CA LEU F 8 -16.42 0.11 -0.47
C LEU F 8 -17.69 0.66 0.17
N VAL F 9 -17.69 1.95 0.46
CA VAL F 9 -18.85 2.65 1.03
C VAL F 9 -19.24 3.72 0.03
N ILE F 10 -20.48 3.64 -0.46
CA ILE F 10 -20.98 4.57 -1.49
C ILE F 10 -22.14 5.38 -0.93
N TRP F 11 -22.22 6.64 -1.34
CA TRP F 11 -23.30 7.53 -0.94
C TRP F 11 -23.99 8.04 -2.20
N ILE F 12 -25.30 7.87 -2.25
CA ILE F 12 -26.13 8.30 -3.37
C ILE F 12 -27.44 8.84 -2.80
N ASN F 13 -28.03 9.82 -3.49
CA ASN F 13 -29.28 10.40 -2.99
C ASN F 13 -30.38 9.35 -2.89
N GLY F 14 -31.18 9.47 -1.84
CA GLY F 14 -32.25 8.51 -1.59
C GLY F 14 -33.33 8.45 -2.66
N ASP F 15 -33.47 9.48 -3.48
CA ASP F 15 -34.50 9.44 -4.50
C ASP F 15 -34.10 8.66 -5.74
N LYS F 16 -32.82 8.33 -5.90
CA LYS F 16 -32.35 7.59 -7.06
C LYS F 16 -32.34 6.08 -6.81
N GLY F 17 -31.90 5.32 -7.81
CA GLY F 17 -31.87 3.86 -7.70
C GLY F 17 -30.78 3.30 -6.82
N TYR F 18 -30.90 3.54 -5.51
CA TYR F 18 -29.87 3.02 -4.60
C TYR F 18 -29.94 1.50 -4.50
N ASN F 19 -31.12 0.90 -4.66
CA ASN F 19 -31.17 -0.56 -4.59
C ASN F 19 -30.54 -1.17 -5.83
N GLY F 20 -30.73 -0.55 -6.99
CA GLY F 20 -30.11 -1.06 -8.20
C GLY F 20 -28.60 -0.95 -8.09
N LEU F 21 -28.12 0.18 -7.57
CA LEU F 21 -26.68 0.36 -7.37
C LEU F 21 -26.17 -0.68 -6.39
N ALA F 22 -26.95 -0.98 -5.35
CA ALA F 22 -26.56 -1.98 -4.38
C ALA F 22 -26.48 -3.36 -5.01
N GLU F 23 -27.37 -3.63 -5.97
CA GLU F 23 -27.33 -4.92 -6.66
C GLU F 23 -26.08 -5.02 -7.52
N VAL F 24 -25.72 -3.91 -8.17
CA VAL F 24 -24.48 -3.90 -8.94
C VAL F 24 -23.30 -4.14 -8.02
N GLY F 25 -23.35 -3.54 -6.81
CA GLY F 25 -22.30 -3.74 -5.84
C GLY F 25 -22.25 -5.17 -5.33
N LYS F 26 -23.41 -5.84 -5.24
CA LYS F 26 -23.38 -7.23 -4.81
C LYS F 26 -22.77 -8.09 -5.90
N LYS F 27 -22.98 -7.72 -7.16
CA LYS F 27 -22.33 -8.44 -8.25
C LYS F 27 -20.82 -8.27 -8.14
N PHE F 28 -20.39 -7.04 -7.82
CA PHE F 28 -18.97 -6.77 -7.62
C PHE F 28 -18.43 -7.59 -6.47
N GLU F 29 -19.23 -7.74 -5.42
CA GLU F 29 -18.82 -8.53 -4.26
C GLU F 29 -18.70 -10.01 -4.62
N LYS F 30 -19.62 -10.52 -5.44
CA LYS F 30 -19.53 -11.91 -5.83
C LYS F 30 -18.30 -12.17 -6.70
N ASP F 31 -17.89 -11.17 -7.49
CA ASP F 31 -16.73 -11.38 -8.36
C ASP F 31 -15.38 -11.14 -7.66
N THR F 32 -15.27 -10.10 -6.84
CA THR F 32 -13.99 -9.77 -6.20
C THR F 32 -13.93 -10.01 -4.69
N GLY F 33 -15.05 -10.21 -4.02
CA GLY F 33 -15.04 -10.45 -2.58
C GLY F 33 -14.84 -9.21 -1.73
N ILE F 34 -15.49 -8.10 -2.09
CA ILE F 34 -15.40 -6.85 -1.36
C ILE F 34 -16.81 -6.35 -1.10
N LYS F 35 -17.21 -6.30 0.16
CA LYS F 35 -18.54 -5.86 0.52
C LYS F 35 -18.77 -4.41 0.10
N VAL F 36 -19.78 -4.20 -0.75
CA VAL F 36 -20.15 -2.87 -1.22
C VAL F 36 -21.42 -2.47 -0.49
N THR F 37 -21.31 -1.49 0.41
CA THR F 37 -22.43 -1.02 1.20
C THR F 37 -22.85 0.35 0.68
N VAL F 38 -24.11 0.46 0.24
CA VAL F 38 -24.66 1.69 -0.29
C VAL F 38 -25.50 2.36 0.79
N GLU F 39 -25.36 3.67 0.94
CA GLU F 39 -26.10 4.43 1.93
C GLU F 39 -26.67 5.69 1.29
N HIS F 40 -27.71 6.24 1.92
CA HIS F 40 -28.38 7.45 1.42
C HIS F 40 -28.75 8.35 2.59
N PRO F 41 -27.80 9.11 3.12
CA PRO F 41 -28.09 10.01 4.24
C PRO F 41 -28.79 11.28 3.78
N ASP F 42 -29.49 11.91 4.71
CA ASP F 42 -30.22 13.14 4.42
C ASP F 42 -29.23 14.28 4.15
N LYS F 43 -29.42 14.95 3.02
CA LYS F 43 -28.58 16.07 2.58
C LYS F 43 -27.09 15.68 2.62
N LEU F 44 -26.80 14.60 1.90
CA LEU F 44 -25.42 14.13 1.87
C LEU F 44 -24.51 15.16 1.21
N GLU F 45 -25.04 16.03 0.36
CA GLU F 45 -24.20 17.04 -0.28
C GLU F 45 -23.56 17.94 0.75
N GLU F 46 -24.15 18.03 1.95
CA GLU F 46 -23.62 18.85 3.03
C GLU F 46 -22.91 18.02 4.07
N LYS F 47 -23.31 16.75 4.24
CA LYS F 47 -22.59 15.93 5.22
C LYS F 47 -21.23 15.47 4.68
N PHE F 48 -21.16 15.14 3.39
CA PHE F 48 -19.94 14.66 2.75
C PHE F 48 -18.68 15.47 3.05
N PRO F 49 -18.65 16.80 2.93
CA PRO F 49 -17.39 17.48 3.25
C PRO F 49 -17.06 17.42 4.73
N GLN F 50 -18.08 17.52 5.59
CA GLN F 50 -17.87 17.47 7.03
C GLN F 50 -17.20 16.17 7.44
N VAL F 51 -17.63 15.05 6.86
CA VAL F 51 -17.06 13.75 7.20
C VAL F 51 -15.80 13.45 6.40
N ALA F 52 -15.70 13.96 5.17
CA ALA F 52 -14.52 13.72 4.35
C ALA F 52 -13.31 14.43 4.94
N ALA F 53 -13.51 15.59 5.56
CA ALA F 53 -12.41 16.30 6.19
C ALA F 53 -11.86 15.46 7.34
N THR F 54 -12.76 14.85 8.12
CA THR F 54 -12.33 13.99 9.21
C THR F 54 -11.76 12.69 8.64
N GLY F 55 -12.26 12.25 7.48
CA GLY F 55 -11.81 11.07 6.79
C GLY F 55 -12.85 9.96 6.70
N ASP F 56 -13.80 9.92 7.63
CA ASP F 56 -14.81 8.85 7.63
C ASP F 56 -16.02 9.21 6.79
N GLY F 57 -15.84 9.12 5.48
CA GLY F 57 -16.90 9.38 4.56
C GLY F 57 -17.05 8.16 3.67
N PRO F 58 -17.73 8.32 2.55
CA PRO F 58 -17.89 7.20 1.61
C PRO F 58 -16.70 7.10 0.68
N ASP F 59 -16.49 5.89 0.17
CA ASP F 59 -15.38 5.70 -0.77
C ASP F 59 -15.70 6.35 -2.11
N ILE F 60 -16.97 6.40 -2.47
CA ILE F 60 -17.45 7.01 -3.72
C ILE F 60 -18.71 7.79 -3.36
N ILE F 61 -18.91 8.92 -4.04
CA ILE F 61 -20.07 9.77 -3.80
C ILE F 61 -20.76 10.09 -5.13
N PHE F 62 -22.07 9.90 -5.16
CA PHE F 62 -22.89 10.18 -6.33
C PHE F 62 -23.68 11.46 -6.09
N TRP F 63 -23.60 12.38 -7.05
CA TRP F 63 -24.32 13.66 -6.94
C TRP F 63 -24.13 14.47 -8.22
N ALA F 64 -24.79 15.61 -8.33
CA ALA F 64 -24.60 16.42 -9.52
C ALA F 64 -23.18 16.96 -9.54
N HIS F 65 -22.76 17.44 -10.71
CA HIS F 65 -21.41 17.95 -10.88
C HIS F 65 -21.21 19.35 -10.30
N ASP F 66 -22.28 20.06 -9.96
CA ASP F 66 -22.13 21.42 -9.44
C ASP F 66 -21.31 21.46 -8.15
N ARG F 67 -21.62 20.60 -7.17
CA ARG F 67 -20.86 20.63 -5.93
C ARG F 67 -19.51 19.90 -6.01
N PHE F 68 -19.28 19.12 -7.08
CA PHE F 68 -18.00 18.45 -7.20
C PHE F 68 -16.86 19.44 -7.38
N GLY F 69 -17.12 20.57 -8.03
CA GLY F 69 -16.07 21.58 -8.15
C GLY F 69 -15.59 22.03 -6.80
N GLY F 70 -16.51 22.47 -5.94
CA GLY F 70 -16.14 22.89 -4.60
C GLY F 70 -15.44 21.77 -3.84
N TYR F 71 -15.94 20.54 -3.97
CA TYR F 71 -15.30 19.41 -3.29
C TYR F 71 -13.85 19.27 -3.72
N ALA F 72 -13.60 19.23 -5.02
CA ALA F 72 -12.23 19.10 -5.52
C ALA F 72 -11.37 20.28 -5.10
N GLN F 73 -11.96 21.48 -5.03
CA GLN F 73 -11.21 22.65 -4.61
C GLN F 73 -10.72 22.49 -3.18
N SER F 74 -11.55 21.90 -2.32
CA SER F 74 -11.16 21.68 -0.94
C SER F 74 -10.27 20.48 -0.77
N GLY F 75 -9.90 19.80 -1.86
CA GLY F 75 -9.05 18.63 -1.77
C GLY F 75 -9.72 17.38 -1.26
N LEU F 76 -11.01 17.23 -1.50
CA LEU F 76 -11.73 16.06 -1.04
C LEU F 76 -11.82 14.95 -2.06
N LEU F 77 -11.70 15.28 -3.34
CA LEU F 77 -11.77 14.30 -4.42
C LEU F 77 -10.38 14.01 -4.99
N ALA F 78 -10.21 12.78 -5.44
CA ALA F 78 -8.95 12.31 -6.02
C ALA F 78 -9.06 12.28 -7.54
N GLU F 79 -7.94 12.57 -8.20
CA GLU F 79 -7.92 12.57 -9.65
C GLU F 79 -8.19 11.18 -10.21
N ILE F 80 -9.00 11.12 -11.26
CA ILE F 80 -9.38 9.88 -11.93
C ILE F 80 -8.57 9.72 -13.22
N THR F 81 -8.29 8.47 -13.57
CA THR F 81 -7.56 8.13 -14.79
C THR F 81 -8.52 7.44 -15.75
N PRO F 82 -8.61 7.91 -16.98
CA PRO F 82 -9.57 7.35 -17.94
C PRO F 82 -9.13 6.19 -18.84
N ASP F 83 -7.83 5.99 -19.06
CA ASP F 83 -7.31 4.91 -19.90
C ASP F 83 -7.52 5.22 -21.39
N LYS F 84 -8.24 6.30 -21.68
CA LYS F 84 -8.56 6.82 -23.01
C LYS F 84 -9.54 5.95 -23.81
N ALA F 85 -9.55 4.64 -23.58
CA ALA F 85 -10.53 3.81 -24.26
C ALA F 85 -11.87 4.01 -23.57
N PHE F 86 -11.87 3.75 -22.27
CA PHE F 86 -13.05 3.98 -21.46
C PHE F 86 -13.50 5.43 -21.56
N GLN F 87 -12.54 6.34 -21.74
CA GLN F 87 -12.90 7.76 -21.89
C GLN F 87 -13.60 8.01 -23.21
N ASP F 88 -13.18 7.31 -24.27
CA ASP F 88 -13.85 7.48 -25.55
C ASP F 88 -15.22 6.80 -25.53
N LYS F 89 -15.46 5.94 -24.54
CA LYS F 89 -16.76 5.28 -24.45
C LYS F 89 -17.87 6.22 -24.02
N LEU F 90 -17.57 7.30 -23.31
CA LEU F 90 -18.56 8.25 -22.84
C LEU F 90 -18.61 9.50 -23.73
N TYR F 91 -19.74 10.18 -23.70
CA TYR F 91 -19.90 11.40 -24.50
C TYR F 91 -19.00 12.52 -23.97
N PRO F 92 -18.53 13.41 -24.86
CA PRO F 92 -17.66 14.51 -24.41
C PRO F 92 -18.37 15.55 -23.54
N PHE F 93 -19.67 15.74 -23.68
CA PHE F 93 -20.37 16.72 -22.84
C PHE F 93 -20.19 16.39 -21.36
N THR F 94 -20.44 15.13 -21.01
CA THR F 94 -20.32 14.69 -19.62
C THR F 94 -18.91 14.89 -19.07
N TRP F 95 -17.89 14.50 -19.86
CA TRP F 95 -16.52 14.69 -19.40
C TRP F 95 -16.23 16.17 -19.19
N ASP F 96 -16.70 17.03 -20.11
CA ASP F 96 -16.46 18.45 -19.95
C ASP F 96 -17.15 18.98 -18.71
N ALA F 97 -18.27 18.35 -18.32
CA ALA F 97 -18.99 18.79 -17.13
C ALA F 97 -18.27 18.38 -15.85
N VAL F 98 -17.50 17.28 -15.89
CA VAL F 98 -16.81 16.80 -14.69
C VAL F 98 -15.35 17.26 -14.62
N ARG F 99 -14.92 18.17 -15.50
CA ARG F 99 -13.54 18.64 -15.49
C ARG F 99 -13.39 19.92 -14.69
N TYR F 100 -12.48 19.90 -13.70
CA TYR F 100 -12.18 21.03 -12.83
C TYR F 100 -10.70 21.36 -12.92
N ASN F 101 -10.39 22.55 -13.43
CA ASN F 101 -9.02 23.02 -13.60
C ASN F 101 -8.24 22.09 -14.53
N GLY F 102 -8.85 21.74 -15.65
CA GLY F 102 -8.21 20.87 -16.60
C GLY F 102 -7.90 19.49 -16.05
N LYS F 103 -8.56 19.10 -14.96
CA LYS F 103 -8.32 17.80 -14.37
C LYS F 103 -9.65 17.13 -14.08
N LEU F 104 -9.78 15.86 -14.48
CA LEU F 104 -11.02 15.14 -14.26
C LEU F 104 -11.13 14.77 -12.78
N ILE F 105 -12.29 15.05 -12.18
CA ILE F 105 -12.52 14.78 -10.77
C ILE F 105 -13.58 13.73 -10.51
N ALA F 106 -14.39 13.37 -11.51
CA ALA F 106 -15.42 12.36 -11.25
C ALA F 106 -15.81 11.66 -12.55
N TYR F 107 -16.39 10.48 -12.39
CA TYR F 107 -16.86 9.66 -13.50
C TYR F 107 -18.27 10.07 -13.86
N PRO F 108 -18.54 10.47 -15.11
CA PRO F 108 -19.90 10.87 -15.50
C PRO F 108 -20.83 9.66 -15.58
N ILE F 109 -21.98 9.73 -14.89
CA ILE F 109 -22.91 8.61 -14.91
C ILE F 109 -24.05 8.88 -15.88
N ALA F 110 -24.76 10.01 -15.70
CA ALA F 110 -25.87 10.32 -16.59
C ALA F 110 -26.19 11.80 -16.54
N VAL F 111 -27.09 12.18 -17.43
CA VAL F 111 -27.61 13.53 -17.59
C VAL F 111 -29.07 13.50 -17.16
N GLU F 112 -29.47 14.54 -16.42
CA GLU F 112 -30.81 14.69 -15.89
C GLU F 112 -31.28 16.13 -16.08
N ALA F 113 -32.52 16.28 -16.55
CA ALA F 113 -33.12 17.58 -16.78
C ALA F 113 -34.61 17.48 -16.47
N LEU F 114 -35.18 18.56 -15.94
CA LEU F 114 -36.59 18.55 -15.60
C LEU F 114 -37.46 18.51 -16.85
N SER F 115 -38.58 17.80 -16.73
CA SER F 115 -39.55 17.65 -17.81
C SER F 115 -40.96 17.77 -17.23
N LEU F 116 -41.91 18.08 -18.10
CA LEU F 116 -43.30 18.25 -17.71
C LEU F 116 -44.02 16.91 -17.87
N ILE F 117 -44.45 16.35 -16.75
CA ILE F 117 -45.18 15.08 -16.74
C ILE F 117 -46.65 15.42 -16.50
N TYR F 118 -47.51 15.08 -17.45
CA TYR F 118 -48.92 15.39 -17.37
C TYR F 118 -49.78 14.12 -17.43
N ASN F 119 -50.88 14.15 -16.69
CA ASN F 119 -51.82 13.04 -16.64
C ASN F 119 -52.63 13.05 -17.93
N LYS F 120 -52.34 12.09 -18.83
CA LYS F 120 -53.02 12.02 -20.12
C LYS F 120 -54.52 11.83 -20.00
N ASP F 121 -55.02 11.30 -18.87
CA ASP F 121 -56.46 11.12 -18.74
C ASP F 121 -57.15 12.43 -18.35
N LEU F 122 -56.59 13.16 -17.39
CA LEU F 122 -57.17 14.42 -16.97
C LEU F 122 -56.81 15.57 -17.90
N LEU F 123 -55.85 15.37 -18.81
CA LEU F 123 -55.44 16.41 -19.74
C LEU F 123 -54.86 15.73 -20.98
N PRO F 124 -55.61 15.70 -22.09
CA PRO F 124 -55.08 15.03 -23.29
C PRO F 124 -53.95 15.79 -23.95
N ASN F 125 -54.08 17.11 -24.06
CA ASN F 125 -53.06 17.95 -24.68
C ASN F 125 -52.47 18.86 -23.61
N PRO F 126 -51.17 18.74 -23.31
CA PRO F 126 -50.58 19.59 -22.27
C PRO F 126 -50.51 21.04 -22.72
N PRO F 127 -50.48 21.98 -21.77
CA PRO F 127 -50.39 23.39 -22.14
C PRO F 127 -49.01 23.74 -22.67
N LYS F 128 -48.98 24.69 -23.60
CA LYS F 128 -47.75 25.14 -24.23
C LYS F 128 -47.21 26.41 -23.61
N THR F 129 -47.93 27.03 -22.68
CA THR F 129 -47.46 28.25 -22.06
C THR F 129 -47.90 28.30 -20.59
N TRP F 130 -47.13 29.04 -19.79
CA TRP F 130 -47.41 29.20 -18.37
C TRP F 130 -48.59 30.13 -18.10
N GLU F 131 -48.87 31.06 -19.02
CA GLU F 131 -49.96 32.01 -18.81
C GLU F 131 -51.34 31.36 -18.78
N GLU F 132 -51.53 30.22 -19.45
CA GLU F 132 -52.83 29.55 -19.46
C GLU F 132 -53.02 28.59 -18.29
N ILE F 133 -52.04 28.50 -17.41
CA ILE F 133 -52.11 27.62 -16.25
C ILE F 133 -53.20 28.07 -15.28
N PRO F 134 -53.34 29.37 -14.94
CA PRO F 134 -54.42 29.74 -14.01
C PRO F 134 -55.80 29.34 -14.51
N ALA F 135 -56.12 29.66 -15.77
CA ALA F 135 -57.41 29.29 -16.34
C ALA F 135 -57.62 27.79 -16.22
N LEU F 136 -56.63 27.01 -16.67
CA LEU F 136 -56.72 25.56 -16.57
C LEU F 136 -57.00 25.13 -15.13
N ASP F 137 -56.28 25.72 -14.17
CA ASP F 137 -56.47 25.40 -12.76
C ASP F 137 -57.91 25.64 -12.33
N LYS F 138 -58.47 26.80 -12.67
CA LYS F 138 -59.86 27.09 -12.31
C LYS F 138 -60.81 26.04 -12.88
N GLU F 139 -60.65 25.74 -14.18
CA GLU F 139 -61.51 24.76 -14.84
C GLU F 139 -61.40 23.40 -14.17
N LEU F 140 -60.22 23.04 -13.68
CA LEU F 140 -60.11 21.74 -13.01
C LEU F 140 -60.63 21.81 -11.58
N LYS F 141 -60.51 22.97 -10.92
CA LYS F 141 -61.03 23.09 -9.57
C LYS F 141 -62.53 22.91 -9.57
N ALA F 142 -63.20 23.33 -10.64
CA ALA F 142 -64.65 23.12 -10.72
C ALA F 142 -64.98 21.63 -10.69
N LYS F 143 -64.00 20.77 -11.01
CA LYS F 143 -64.11 19.32 -11.00
C LYS F 143 -63.61 18.72 -9.69
N GLY F 144 -62.85 19.48 -8.92
CA GLY F 144 -62.30 19.02 -7.65
C GLY F 144 -60.85 18.58 -7.65
N LYS F 145 -60.05 19.05 -8.61
CA LYS F 145 -58.63 18.71 -8.68
C LYS F 145 -57.85 19.98 -9.03
N SER F 146 -56.63 20.08 -8.51
CA SER F 146 -55.74 21.20 -8.80
C SER F 146 -54.64 20.70 -9.72
N ALA F 147 -54.20 21.55 -10.65
CA ALA F 147 -53.16 21.17 -11.59
C ALA F 147 -51.81 21.83 -11.31
N LEU F 148 -50.80 21.28 -11.97
CA LEU F 148 -49.40 21.72 -11.95
C LEU F 148 -48.88 22.00 -10.53
N MET F 149 -48.66 20.92 -9.79
CA MET F 149 -48.11 20.97 -8.45
C MET F 149 -46.73 20.34 -8.48
N PHE F 150 -45.71 21.12 -8.11
CA PHE F 150 -44.33 20.67 -8.10
C PHE F 150 -43.62 21.26 -6.89
N ASN F 151 -42.45 20.70 -6.59
CA ASN F 151 -41.64 21.11 -5.45
C ASN F 151 -41.21 22.58 -5.51
N LEU F 152 -41.74 23.39 -4.61
CA LEU F 152 -41.39 24.81 -4.53
C LEU F 152 -40.34 25.08 -3.47
N GLN F 153 -39.93 24.05 -2.72
CA GLN F 153 -38.94 24.22 -1.66
C GLN F 153 -37.52 24.27 -2.19
N GLU F 154 -37.23 23.59 -3.33
CA GLU F 154 -35.90 23.59 -3.89
C GLU F 154 -35.82 24.51 -5.10
N PRO F 155 -34.78 25.33 -5.21
CA PRO F 155 -34.68 26.25 -6.36
C PRO F 155 -34.43 25.56 -7.69
N TYR F 156 -34.03 24.28 -7.69
CA TYR F 156 -33.79 23.59 -8.96
C TYR F 156 -35.07 23.49 -9.79
N PHE F 157 -36.23 23.44 -9.12
CA PHE F 157 -37.51 23.33 -9.81
C PHE F 157 -38.08 24.69 -10.19
N THR F 158 -37.75 25.73 -9.44
CA THR F 158 -38.25 27.07 -9.72
C THR F 158 -37.33 27.87 -10.65
N TRP F 159 -36.11 27.40 -10.89
CA TRP F 159 -35.22 28.13 -11.78
C TRP F 159 -35.71 28.24 -13.22
N PRO F 160 -36.30 27.21 -13.85
CA PRO F 160 -36.75 27.36 -15.25
C PRO F 160 -37.54 28.62 -15.52
N LEU F 161 -38.46 29.03 -14.63
CA LEU F 161 -39.21 30.26 -14.85
C LEU F 161 -38.30 31.48 -14.75
N ILE F 162 -37.34 31.44 -13.83
CA ILE F 162 -36.42 32.55 -13.65
C ILE F 162 -35.54 32.73 -14.89
N ALA F 163 -35.04 31.63 -15.45
CA ALA F 163 -34.19 31.67 -16.64
C ALA F 163 -34.97 31.77 -17.95
N ALA F 164 -36.29 31.60 -17.90
CA ALA F 164 -37.09 31.67 -19.11
C ALA F 164 -36.93 32.98 -19.86
N ASP F 165 -36.84 34.10 -19.13
CA ASP F 165 -36.72 35.40 -19.78
C ASP F 165 -35.41 36.08 -19.47
N GLY F 166 -34.31 35.33 -19.46
CA GLY F 166 -33.03 35.97 -19.19
C GLY F 166 -32.44 35.74 -17.82
N GLY F 167 -32.57 34.54 -17.30
CA GLY F 167 -32.02 34.24 -15.99
C GLY F 167 -30.64 33.63 -16.09
N TYR F 168 -29.63 34.44 -15.80
CA TYR F 168 -28.24 34.02 -15.86
C TYR F 168 -27.74 33.77 -14.44
N ALA F 169 -27.14 32.60 -14.22
CA ALA F 169 -26.61 32.34 -12.88
C ALA F 169 -25.32 33.15 -12.74
N PHE F 170 -24.28 32.73 -13.45
CA PHE F 170 -22.98 33.40 -13.51
C PHE F 170 -22.63 33.50 -14.98
N LYS F 171 -22.46 34.73 -15.46
CA LYS F 171 -22.15 34.97 -16.87
C LYS F 171 -20.89 34.20 -17.27
N TYR F 172 -20.95 33.59 -18.45
CA TYR F 172 -19.84 32.80 -18.98
C TYR F 172 -19.38 33.36 -20.32
N GLU F 173 -18.07 33.63 -20.43
CA GLU F 173 -17.54 34.15 -21.67
C GLU F 173 -16.02 34.11 -21.60
N ASN F 174 -15.39 33.92 -22.76
CA ASN F 174 -13.94 33.84 -22.85
C ASN F 174 -13.45 32.60 -22.12
N GLY F 175 -14.28 31.56 -22.09
CA GLY F 175 -13.92 30.34 -21.42
C GLY F 175 -13.85 30.44 -19.92
N LYS F 176 -14.28 31.56 -19.34
CA LYS F 176 -14.23 31.73 -17.90
C LYS F 176 -15.54 32.29 -17.35
N TYR F 177 -15.99 31.71 -16.24
CA TYR F 177 -17.21 32.11 -15.57
C TYR F 177 -16.93 33.29 -14.65
N ASP F 178 -17.63 34.41 -14.86
CA ASP F 178 -17.48 35.57 -14.01
C ASP F 178 -18.28 35.31 -12.74
N ILE F 179 -17.73 35.72 -11.59
CA ILE F 179 -18.44 35.45 -10.34
C ILE F 179 -19.20 36.69 -9.90
N LYS F 180 -18.65 37.87 -10.19
CA LYS F 180 -19.31 39.12 -9.79
C LYS F 180 -20.56 39.37 -10.62
N ASP F 181 -20.51 39.09 -11.92
CA ASP F 181 -21.65 39.32 -12.82
C ASP F 181 -22.68 38.21 -12.65
N VAL F 182 -23.74 38.51 -11.90
CA VAL F 182 -24.82 37.57 -11.66
C VAL F 182 -26.06 38.11 -12.35
N GLY F 183 -26.95 37.21 -12.77
CA GLY F 183 -28.16 37.59 -13.46
C GLY F 183 -29.46 37.28 -12.73
N VAL F 184 -29.38 36.75 -11.50
CA VAL F 184 -30.57 36.40 -10.74
C VAL F 184 -31.45 37.61 -10.41
N ASP F 185 -30.98 38.80 -10.76
CA ASP F 185 -31.72 40.04 -10.52
C ASP F 185 -32.19 40.67 -11.83
N ASN F 186 -32.02 39.98 -12.95
CA ASN F 186 -32.41 40.51 -14.24
C ASN F 186 -33.91 40.74 -14.32
N ALA F 187 -34.32 41.57 -15.29
CA ALA F 187 -35.73 41.88 -15.48
C ALA F 187 -36.54 40.60 -15.70
N GLY F 188 -36.04 39.71 -16.55
CA GLY F 188 -36.75 38.48 -16.81
C GLY F 188 -36.83 37.57 -15.59
N ALA F 189 -35.75 37.53 -14.80
CA ALA F 189 -35.75 36.73 -13.59
C ALA F 189 -36.81 37.24 -12.63
N LYS F 190 -36.88 38.56 -12.46
CA LYS F 190 -37.88 39.16 -11.58
C LYS F 190 -39.27 38.88 -12.11
N ALA F 191 -39.46 38.94 -13.44
CA ALA F 191 -40.78 38.68 -14.02
C ALA F 191 -41.22 37.25 -13.76
N GLY F 192 -40.31 36.29 -13.96
CA GLY F 192 -40.67 34.90 -13.71
C GLY F 192 -41.01 34.65 -12.25
N LEU F 193 -40.19 35.20 -11.34
CA LEU F 193 -40.48 34.99 -9.92
C LEU F 193 -41.79 35.66 -9.52
N THR F 194 -42.10 36.83 -10.11
CA THR F 194 -43.36 37.48 -9.81
C THR F 194 -44.53 36.66 -10.31
N PHE F 195 -44.38 36.03 -11.48
CA PHE F 195 -45.47 35.19 -11.98
C PHE F 195 -45.69 34.00 -11.05
N LEU F 196 -44.60 33.40 -10.55
CA LEU F 196 -44.75 32.28 -9.63
C LEU F 196 -45.42 32.73 -8.34
N VAL F 197 -44.99 33.89 -7.81
CA VAL F 197 -45.59 34.42 -6.58
C VAL F 197 -47.05 34.74 -6.81
N ASP F 198 -47.41 35.17 -8.02
CA ASP F 198 -48.81 35.43 -8.32
C ASP F 198 -49.58 34.13 -8.35
N LEU F 199 -48.99 33.07 -8.91
CA LEU F 199 -49.65 31.78 -8.93
C LEU F 199 -49.94 31.31 -7.51
N ILE F 200 -49.01 31.61 -6.58
CA ILE F 200 -49.21 31.22 -5.18
C ILE F 200 -50.28 32.09 -4.52
N LYS F 201 -50.20 33.41 -4.72
CA LYS F 201 -51.17 34.32 -4.12
C LYS F 201 -52.57 34.10 -4.66
N ASN F 202 -52.70 33.76 -5.93
CA ASN F 202 -53.98 33.54 -6.60
C ASN F 202 -54.61 32.18 -6.25
N LYS F 203 -54.12 31.52 -5.20
CA LYS F 203 -54.62 30.24 -4.73
C LYS F 203 -54.45 29.11 -5.74
N HIS F 204 -53.61 29.28 -6.76
CA HIS F 204 -53.42 28.21 -7.73
C HIS F 204 -52.35 27.21 -7.30
N MET F 205 -51.50 27.57 -6.35
CA MET F 205 -50.44 26.70 -5.85
C MET F 205 -50.18 27.03 -4.39
N ASN F 206 -49.86 26.02 -3.62
CA ASN F 206 -49.56 26.18 -2.20
C ASN F 206 -48.06 26.31 -2.03
N ALA F 207 -47.64 27.33 -1.28
CA ALA F 207 -46.22 27.58 -1.06
C ALA F 207 -45.54 26.47 -0.25
N ASP F 208 -46.30 25.71 0.53
CA ASP F 208 -45.72 24.65 1.35
C ASP F 208 -45.48 23.37 0.57
N THR F 209 -45.93 23.28 -0.67
CA THR F 209 -45.75 22.08 -1.47
C THR F 209 -44.28 21.76 -1.69
N ASP F 210 -43.92 20.49 -1.47
CA ASP F 210 -42.57 19.99 -1.65
C ASP F 210 -42.60 18.81 -2.64
N TYR F 211 -41.45 18.15 -2.77
CA TYR F 211 -41.34 17.01 -3.68
C TYR F 211 -42.27 15.87 -3.29
N SER F 212 -42.30 15.53 -2.00
CA SER F 212 -43.14 14.41 -1.54
C SER F 212 -44.62 14.67 -1.81
N ILE F 213 -45.13 15.81 -1.36
CA ILE F 213 -46.54 16.14 -1.55
C ILE F 213 -46.90 16.20 -3.03
N ALA F 214 -46.06 16.86 -3.83
CA ALA F 214 -46.33 16.97 -5.26
C ALA F 214 -46.39 15.59 -5.93
N GLU F 215 -45.37 14.76 -5.69
CA GLU F 215 -45.33 13.43 -6.28
C GLU F 215 -46.53 12.59 -5.85
N ALA F 216 -46.86 12.60 -4.55
CA ALA F 216 -48.00 11.80 -4.09
C ALA F 216 -49.31 12.28 -4.70
N ALA F 217 -49.48 13.61 -4.82
CA ALA F 217 -50.70 14.13 -5.39
C ALA F 217 -50.79 13.78 -6.87
N PHE F 218 -49.67 13.79 -7.59
CA PHE F 218 -49.74 13.45 -9.01
C PHE F 218 -49.98 11.96 -9.19
N ASN F 219 -49.32 11.12 -8.38
CA ASN F 219 -49.48 9.68 -8.49
C ASN F 219 -50.90 9.24 -8.15
N LYS F 220 -51.64 10.05 -7.38
CA LYS F 220 -53.00 9.68 -7.02
C LYS F 220 -54.04 10.32 -7.93
N GLY F 221 -53.62 10.84 -9.08
CA GLY F 221 -54.54 11.47 -10.01
C GLY F 221 -55.18 12.73 -9.48
N GLU F 222 -54.66 13.29 -8.39
CA GLU F 222 -55.20 14.50 -7.81
C GLU F 222 -54.75 15.74 -8.55
N THR F 223 -53.63 15.64 -9.27
CA THR F 223 -53.07 16.75 -10.04
C THR F 223 -52.87 16.29 -11.47
N ALA F 224 -53.01 17.23 -12.41
CA ALA F 224 -52.87 16.92 -13.82
C ALA F 224 -51.46 17.10 -14.35
N MET F 225 -50.62 17.90 -13.69
CA MET F 225 -49.26 18.11 -14.16
C MET F 225 -48.26 18.12 -13.01
N THR F 226 -46.99 18.07 -13.37
CA THR F 226 -45.88 18.08 -12.42
C THR F 226 -44.61 18.29 -13.21
N ILE F 227 -43.57 18.75 -12.52
CA ILE F 227 -42.28 19.00 -13.12
C ILE F 227 -41.26 18.14 -12.37
N ASN F 228 -40.67 17.17 -13.07
CA ASN F 228 -39.69 16.29 -12.43
C ASN F 228 -38.77 15.67 -13.47
N GLY F 229 -37.74 15.01 -12.95
CA GLY F 229 -36.75 14.35 -13.78
C GLY F 229 -37.13 12.90 -14.02
N PRO F 230 -36.14 12.10 -14.45
CA PRO F 230 -36.44 10.68 -14.71
C PRO F 230 -36.68 9.84 -13.48
N TRP F 231 -35.97 10.10 -12.37
CA TRP F 231 -36.12 9.31 -11.15
C TRP F 231 -37.57 9.08 -10.71
N ALA F 232 -38.46 10.05 -10.95
CA ALA F 232 -39.86 9.91 -10.53
C ALA F 232 -40.64 8.93 -11.42
N TRP F 233 -40.19 8.77 -12.67
CA TRP F 233 -40.86 7.89 -13.64
C TRP F 233 -41.20 6.51 -13.07
N SER F 234 -40.31 5.93 -12.28
CA SER F 234 -40.58 4.61 -11.70
C SER F 234 -41.84 4.61 -10.84
N ASN F 235 -41.88 5.46 -9.81
CA ASN F 235 -43.05 5.54 -8.94
C ASN F 235 -44.29 5.91 -9.73
N ILE F 236 -44.12 6.69 -10.80
CA ILE F 236 -45.28 7.06 -11.60
C ILE F 236 -45.75 5.85 -12.39
N ASP F 237 -44.83 4.97 -12.79
CA ASP F 237 -45.23 3.77 -13.51
C ASP F 237 -46.01 2.85 -12.58
N THR F 238 -45.50 2.67 -11.36
CA THR F 238 -46.19 1.82 -10.40
C THR F 238 -47.54 2.40 -10.00
N SER F 239 -47.77 3.69 -10.28
CA SER F 239 -49.05 4.31 -9.93
C SER F 239 -50.15 3.99 -10.94
N LYS F 240 -49.81 3.37 -12.07
CA LYS F 240 -50.77 2.98 -13.12
C LYS F 240 -51.52 4.18 -13.68
N VAL F 241 -50.94 5.37 -13.59
CA VAL F 241 -51.55 6.58 -14.10
C VAL F 241 -51.03 6.84 -15.51
N ASN F 242 -51.94 6.97 -16.47
CA ASN F 242 -51.55 7.24 -17.85
C ASN F 242 -50.93 8.63 -17.88
N TYR F 243 -49.61 8.69 -17.98
CA TYR F 243 -48.89 9.96 -17.98
C TYR F 243 -48.10 10.14 -19.26
N GLY F 244 -47.64 11.36 -19.47
CA GLY F 244 -46.85 11.71 -20.63
C GLY F 244 -45.76 12.70 -20.27
N VAL F 245 -44.55 12.45 -20.75
CA VAL F 245 -43.40 13.31 -20.48
C VAL F 245 -43.17 14.18 -21.72
N THR F 246 -43.19 15.50 -21.54
CA THR F 246 -42.99 16.42 -22.64
C THR F 246 -42.16 17.60 -22.17
N VAL F 247 -41.98 18.57 -23.09
CA VAL F 247 -41.20 19.77 -22.80
C VAL F 247 -41.95 20.67 -21.83
N LEU F 248 -41.19 21.53 -21.16
CA LEU F 248 -41.77 22.47 -20.21
C LEU F 248 -42.43 23.63 -20.95
N PRO F 249 -43.48 24.21 -20.37
CA PRO F 249 -44.16 25.32 -21.03
C PRO F 249 -43.26 26.54 -21.18
N THR F 250 -43.69 27.45 -22.06
CA THR F 250 -42.96 28.68 -22.35
C THR F 250 -43.51 29.84 -21.54
N PHE F 251 -42.62 30.71 -21.10
CA PHE F 251 -42.96 31.89 -20.32
C PHE F 251 -42.73 33.13 -21.19
N LYS F 252 -43.81 33.87 -21.44
CA LYS F 252 -43.77 35.07 -22.27
C LYS F 252 -43.15 34.75 -23.63
N GLY F 253 -43.65 33.70 -24.26
CA GLY F 253 -43.18 33.28 -25.56
C GLY F 253 -41.73 32.83 -25.60
N GLN F 254 -41.12 32.61 -24.45
CA GLN F 254 -39.74 32.18 -24.49
C GLN F 254 -39.60 30.83 -23.83
N PRO F 255 -38.73 29.95 -24.34
CA PRO F 255 -38.59 28.61 -23.75
C PRO F 255 -37.98 28.65 -22.35
N SER F 256 -38.56 27.86 -21.46
CA SER F 256 -38.03 27.77 -20.10
C SER F 256 -36.68 27.06 -20.14
N LYS F 257 -35.69 27.61 -19.42
CA LYS F 257 -34.34 27.06 -19.41
C LYS F 257 -33.98 26.40 -18.08
N PRO F 258 -34.24 25.11 -17.91
CA PRO F 258 -33.86 24.45 -16.66
C PRO F 258 -32.40 24.01 -16.71
N PHE F 259 -31.73 24.08 -15.55
CA PHE F 259 -30.34 23.66 -15.52
C PHE F 259 -30.20 22.18 -15.82
N VAL F 260 -29.08 21.82 -16.43
CA VAL F 260 -28.77 20.45 -16.82
C VAL F 260 -27.82 19.87 -15.78
N GLY F 261 -28.29 18.89 -15.03
CA GLY F 261 -27.46 18.24 -14.03
C GLY F 261 -26.79 17.01 -14.64
N VAL F 262 -25.57 16.76 -14.22
CA VAL F 262 -24.78 15.62 -14.70
C VAL F 262 -24.46 14.79 -13.47
N LEU F 263 -25.28 13.78 -13.21
CA LEU F 263 -25.06 12.88 -12.08
C LEU F 263 -23.72 12.19 -12.28
N SER F 264 -22.78 12.40 -11.37
CA SER F 264 -21.46 11.81 -11.48
C SER F 264 -21.05 11.21 -10.15
N ALA F 265 -20.01 10.38 -10.22
CA ALA F 265 -19.46 9.69 -9.05
C ALA F 265 -18.01 10.12 -8.87
N GLY F 266 -17.71 10.62 -7.67
CA GLY F 266 -16.37 11.05 -7.32
C GLY F 266 -15.79 10.09 -6.30
N ILE F 267 -14.47 9.93 -6.33
CA ILE F 267 -13.77 9.05 -5.42
C ILE F 267 -13.17 9.88 -4.30
N ASN F 268 -13.43 9.48 -3.06
CA ASN F 268 -12.91 10.20 -1.91
C ASN F 268 -11.40 10.10 -1.90
N ALA F 269 -10.74 11.26 -1.80
CA ALA F 269 -9.28 11.31 -1.80
C ALA F 269 -8.67 10.67 -0.56
N ALA F 270 -9.44 10.53 0.52
CA ALA F 270 -8.93 9.94 1.75
C ALA F 270 -9.15 8.44 1.83
N SER F 271 -9.98 7.87 0.96
CA SER F 271 -10.24 6.44 0.99
C SER F 271 -9.01 5.66 0.53
N PRO F 272 -8.57 4.66 1.29
CA PRO F 272 -7.41 3.86 0.87
C PRO F 272 -7.75 2.83 -0.18
N ASN F 273 -8.99 2.80 -0.66
CA ASN F 273 -9.46 1.86 -1.67
C ASN F 273 -9.67 2.52 -3.03
N LYS F 274 -8.78 3.44 -3.39
CA LYS F 274 -8.88 4.13 -4.67
C LYS F 274 -8.92 3.15 -5.85
N GLU F 275 -8.09 2.10 -5.79
CA GLU F 275 -8.07 1.11 -6.85
C GLU F 275 -9.39 0.35 -6.93
N LEU F 276 -9.94 -0.04 -5.78
CA LEU F 276 -11.21 -0.75 -5.79
C LEU F 276 -12.32 0.14 -6.33
N ALA F 277 -12.29 1.42 -5.99
CA ALA F 277 -13.31 2.35 -6.49
C ALA F 277 -13.20 2.48 -8.00
N LYS F 278 -11.97 2.60 -8.52
CA LYS F 278 -11.79 2.68 -9.97
C LYS F 278 -12.29 1.41 -10.65
N GLU F 279 -11.96 0.25 -10.09
CA GLU F 279 -12.41 -1.01 -10.66
C GLU F 279 -13.92 -1.09 -10.71
N PHE F 280 -14.59 -0.78 -9.60
CA PHE F 280 -16.05 -0.86 -9.53
C PHE F 280 -16.73 0.10 -10.49
N LEU F 281 -16.26 1.35 -10.57
CA LEU F 281 -16.91 2.33 -11.42
C LEU F 281 -16.62 2.12 -12.90
N GLU F 282 -15.42 1.66 -13.25
CA GLU F 282 -15.08 1.53 -14.65
C GLU F 282 -15.42 0.17 -15.24
N ASN F 283 -15.40 -0.89 -14.45
CA ASN F 283 -15.67 -2.23 -14.97
C ASN F 283 -17.08 -2.72 -14.71
N TYR F 284 -17.74 -2.29 -13.63
CA TYR F 284 -19.07 -2.84 -13.40
C TYR F 284 -20.21 -1.83 -13.47
N LEU F 285 -20.03 -0.62 -12.96
CA LEU F 285 -21.12 0.36 -12.97
C LEU F 285 -21.34 0.96 -14.37
N LEU F 286 -20.29 1.54 -14.96
CA LEU F 286 -20.43 2.16 -16.28
C LEU F 286 -20.36 1.16 -17.41
N THR F 287 -21.22 0.14 -17.36
CA THR F 287 -21.31 -0.90 -18.38
C THR F 287 -22.79 -1.12 -18.64
N ASP F 288 -23.09 -1.81 -19.74
CA ASP F 288 -24.49 -2.04 -20.07
C ASP F 288 -25.22 -2.81 -18.97
N GLU F 289 -24.59 -3.84 -18.42
CA GLU F 289 -25.24 -4.64 -17.38
C GLU F 289 -25.50 -3.84 -16.10
N GLY F 290 -24.43 -3.31 -15.50
CA GLY F 290 -24.60 -2.56 -14.25
C GLY F 290 -25.44 -1.32 -14.41
N LEU F 291 -25.19 -0.54 -15.47
CA LEU F 291 -25.97 0.67 -15.65
C LEU F 291 -27.43 0.33 -15.93
N GLU F 292 -27.70 -0.78 -16.63
CA GLU F 292 -29.07 -1.19 -16.87
C GLU F 292 -29.73 -1.55 -15.55
N ALA F 293 -29.00 -2.25 -14.68
CA ALA F 293 -29.54 -2.63 -13.38
C ALA F 293 -29.87 -1.38 -12.57
N VAL F 294 -29.02 -0.36 -12.65
CA VAL F 294 -29.30 0.88 -11.92
C VAL F 294 -30.54 1.55 -12.49
N ASN F 295 -30.64 1.62 -13.82
CA ASN F 295 -31.79 2.21 -14.49
C ASN F 295 -33.07 1.46 -14.16
N LYS F 296 -32.96 0.15 -13.92
CA LYS F 296 -34.12 -0.69 -13.62
C LYS F 296 -34.86 -0.21 -12.38
N ASP F 297 -34.12 0.01 -11.28
CA ASP F 297 -34.73 0.46 -10.03
C ASP F 297 -35.38 1.82 -10.21
N LYS F 298 -34.57 2.84 -10.49
CA LYS F 298 -35.04 4.21 -10.70
C LYS F 298 -34.36 4.71 -11.96
N PRO F 299 -35.11 5.11 -12.99
CA PRO F 299 -34.48 5.61 -14.21
C PRO F 299 -33.60 6.82 -13.92
N LEU F 300 -32.54 6.94 -14.71
CA LEU F 300 -31.56 8.01 -14.56
C LEU F 300 -31.44 8.92 -15.78
N GLY F 301 -32.37 8.83 -16.73
CA GLY F 301 -32.29 9.73 -17.88
C GLY F 301 -31.22 9.41 -18.90
N ALA F 302 -30.81 10.44 -19.64
CA ALA F 302 -29.77 10.26 -20.66
C ALA F 302 -28.45 9.82 -20.05
N VAL F 303 -28.03 8.58 -20.28
CA VAL F 303 -26.79 8.13 -19.66
C VAL F 303 -25.58 8.64 -20.44
N ALA F 304 -24.42 8.55 -19.81
CA ALA F 304 -23.18 8.99 -20.42
C ALA F 304 -22.52 7.91 -21.27
N LEU F 305 -22.88 6.65 -21.07
CA LEU F 305 -22.31 5.55 -21.85
C LEU F 305 -22.97 5.51 -23.22
N LYS F 306 -22.16 5.61 -24.28
CA LYS F 306 -22.69 5.58 -25.63
C LYS F 306 -23.34 4.24 -25.94
N SER F 307 -22.76 3.15 -25.43
CA SER F 307 -23.30 1.81 -25.69
C SER F 307 -24.75 1.70 -25.23
N TYR F 308 -25.05 2.18 -24.03
CA TYR F 308 -26.42 2.09 -23.52
C TYR F 308 -27.30 3.19 -24.09
N GLU F 309 -26.80 4.43 -24.12
CA GLU F 309 -27.58 5.55 -24.66
C GLU F 309 -28.04 5.31 -26.09
N GLU F 310 -27.25 4.56 -26.88
CA GLU F 310 -27.62 4.28 -28.27
C GLU F 310 -29.01 3.70 -28.39
N GLU F 311 -29.39 2.78 -27.51
CA GLU F 311 -30.72 2.18 -27.56
C GLU F 311 -31.60 2.69 -26.43
N LEU F 312 -31.11 3.62 -25.60
CA LEU F 312 -31.92 4.18 -24.54
C LEU F 312 -32.63 5.45 -24.99
N VAL F 313 -32.04 6.16 -25.96
CA VAL F 313 -32.66 7.37 -26.46
C VAL F 313 -33.96 7.09 -27.21
N LYS F 314 -34.22 5.82 -27.54
CA LYS F 314 -35.44 5.46 -28.26
C LYS F 314 -36.70 5.73 -27.44
N ASP F 315 -36.58 5.79 -26.12
CA ASP F 315 -37.73 6.06 -25.27
C ASP F 315 -38.15 7.52 -25.40
N PRO F 316 -39.41 7.79 -25.77
CA PRO F 316 -39.85 9.19 -25.88
C PRO F 316 -39.61 9.99 -24.61
N ARG F 317 -39.64 9.34 -23.44
CA ARG F 317 -39.40 10.07 -22.21
C ARG F 317 -37.97 10.60 -22.18
N ILE F 318 -37.01 9.74 -22.55
CA ILE F 318 -35.61 10.14 -22.59
C ILE F 318 -35.42 11.24 -23.61
N ALA F 319 -36.13 11.13 -24.74
CA ALA F 319 -36.02 12.16 -25.77
C ALA F 319 -36.54 13.50 -25.27
N ALA F 320 -37.67 13.49 -24.55
CA ALA F 320 -38.22 14.73 -24.02
C ALA F 320 -37.29 15.35 -22.97
N THR F 321 -36.71 14.52 -22.09
CA THR F 321 -35.81 15.05 -21.08
C THR F 321 -34.57 15.66 -21.74
N MET F 322 -34.01 14.97 -22.74
CA MET F 322 -32.84 15.53 -23.40
C MET F 322 -33.18 16.80 -24.18
N GLU F 323 -34.41 16.87 -24.73
CA GLU F 323 -34.81 18.09 -25.44
C GLU F 323 -34.89 19.25 -24.47
N ASN F 324 -35.44 19.00 -23.27
CA ASN F 324 -35.49 20.05 -22.26
C ASN F 324 -34.08 20.47 -21.87
N ALA F 325 -33.16 19.50 -21.78
CA ALA F 325 -31.78 19.83 -21.44
C ALA F 325 -31.17 20.69 -22.53
N GLN F 326 -31.44 20.36 -23.80
CA GLN F 326 -30.93 21.16 -24.91
C GLN F 326 -31.44 22.59 -24.83
N LYS F 327 -32.74 22.74 -24.57
CA LYS F 327 -33.30 24.08 -24.46
C LYS F 327 -32.72 24.82 -23.25
N GLY F 328 -32.30 24.08 -22.23
CA GLY F 328 -31.70 24.65 -21.05
C GLY F 328 -30.21 24.89 -21.23
N GLU F 329 -29.52 24.98 -20.09
CA GLU F 329 -28.09 25.20 -20.06
C GLU F 329 -27.47 24.31 -19.00
N ILE F 330 -26.27 23.78 -19.29
CA ILE F 330 -25.61 22.90 -18.33
C ILE F 330 -25.24 23.70 -17.08
N MET F 331 -25.34 23.05 -15.93
CA MET F 331 -25.05 23.67 -14.65
C MET F 331 -23.54 23.78 -14.45
N PRO F 332 -23.03 24.95 -14.07
CA PRO F 332 -21.58 25.07 -13.86
C PRO F 332 -21.14 24.34 -12.61
N ASN F 333 -19.86 23.92 -12.61
CA ASN F 333 -19.30 23.18 -11.48
C ASN F 333 -18.32 24.00 -10.64
N ILE F 334 -18.37 25.32 -10.73
CA ILE F 334 -17.47 26.16 -9.93
C ILE F 334 -17.90 26.09 -8.47
N PRO F 335 -17.01 26.38 -7.52
CA PRO F 335 -17.42 26.28 -6.10
C PRO F 335 -18.46 27.29 -5.68
N GLN F 336 -18.39 28.53 -6.16
CA GLN F 336 -19.36 29.56 -5.79
C GLN F 336 -20.80 29.12 -6.00
N MET F 337 -21.02 28.17 -6.93
CA MET F 337 -22.36 27.65 -7.17
C MET F 337 -23.07 27.33 -5.86
N SER F 338 -22.34 26.74 -4.91
CA SER F 338 -22.92 26.42 -3.61
C SER F 338 -23.66 27.63 -3.05
N ALA F 339 -22.91 28.70 -2.75
CA ALA F 339 -23.52 29.92 -2.23
C ALA F 339 -24.68 30.36 -3.12
N PHE F 340 -24.47 30.28 -4.44
CA PHE F 340 -25.52 30.64 -5.40
C PHE F 340 -26.84 30.01 -5.01
N TRP F 341 -26.85 28.67 -4.91
CA TRP F 341 -28.08 27.97 -4.56
C TRP F 341 -28.58 28.43 -3.20
N TYR F 342 -27.71 28.47 -2.19
CA TYR F 342 -28.15 28.93 -0.87
C TYR F 342 -28.92 30.24 -0.96
N ALA F 343 -28.52 31.11 -1.88
CA ALA F 343 -29.19 32.39 -2.08
C ALA F 343 -30.53 32.21 -2.76
N VAL F 344 -30.54 31.58 -3.94
CA VAL F 344 -31.82 31.42 -4.64
C VAL F 344 -32.81 30.65 -3.76
N ARG F 345 -32.38 29.53 -3.18
CA ARG F 345 -33.23 28.74 -2.30
C ARG F 345 -33.88 29.62 -1.23
N THR F 346 -33.11 30.61 -0.74
CA THR F 346 -33.69 31.49 0.27
C THR F 346 -34.67 32.47 -0.38
N ALA F 347 -34.23 33.15 -1.44
CA ALA F 347 -35.08 34.10 -2.13
C ALA F 347 -36.43 33.46 -2.44
N VAL F 348 -36.42 32.33 -3.14
CA VAL F 348 -37.64 31.60 -3.48
C VAL F 348 -38.51 31.40 -2.26
N ILE F 349 -37.91 30.94 -1.15
CA ILE F 349 -38.71 30.74 0.07
C ILE F 349 -39.36 32.04 0.52
N ASN F 350 -38.56 33.11 0.64
CA ASN F 350 -39.09 34.41 1.04
C ASN F 350 -40.11 34.95 0.05
N ALA F 351 -40.05 34.53 -1.20
CA ALA F 351 -41.02 34.97 -2.21
C ALA F 351 -42.30 34.16 -2.09
N ALA F 352 -42.18 32.91 -1.65
CA ALA F 352 -43.35 32.06 -1.48
C ALA F 352 -44.13 32.53 -0.26
N SER F 353 -43.42 32.93 0.78
CA SER F 353 -44.06 33.42 1.99
C SER F 353 -44.19 34.94 1.91
N GLY F 354 -45.02 35.50 2.79
CA GLY F 354 -45.21 36.94 2.80
C GLY F 354 -44.16 37.71 3.58
N ARG F 355 -42.97 37.14 3.73
CA ARG F 355 -41.91 37.83 4.48
C ARG F 355 -41.23 38.92 3.65
N GLN F 356 -40.82 38.61 2.43
CA GLN F 356 -40.15 39.59 1.58
C GLN F 356 -40.80 39.62 0.21
N THR F 357 -40.68 40.77 -0.45
CA THR F 357 -41.22 40.92 -1.79
C THR F 357 -40.29 40.24 -2.80
N VAL F 358 -40.75 40.17 -4.05
CA VAL F 358 -39.96 39.55 -5.09
C VAL F 358 -38.67 40.33 -5.30
N ASP F 359 -38.78 41.66 -5.40
CA ASP F 359 -37.60 42.47 -5.63
C ASP F 359 -36.61 42.35 -4.48
N GLU F 360 -37.09 42.38 -3.23
CA GLU F 360 -36.19 42.28 -2.08
C GLU F 360 -35.44 40.95 -2.09
N ALA F 361 -36.17 39.84 -2.30
CA ALA F 361 -35.53 38.53 -2.32
C ALA F 361 -34.50 38.44 -3.45
N LEU F 362 -34.85 38.93 -4.63
CA LEU F 362 -33.88 38.85 -5.72
C LEU F 362 -32.69 39.77 -5.51
N LYS F 363 -32.88 40.93 -4.88
CA LYS F 363 -31.74 41.83 -4.64
C LYS F 363 -30.77 41.23 -3.64
N ASP F 364 -31.29 40.71 -2.53
CA ASP F 364 -30.37 40.12 -1.55
C ASP F 364 -29.71 38.87 -2.11
N ALA F 365 -30.44 38.09 -2.93
CA ALA F 365 -29.82 36.91 -3.53
C ALA F 365 -28.76 37.33 -4.54
N GLN F 366 -29.01 38.43 -5.26
CA GLN F 366 -28.04 38.95 -6.21
C GLN F 366 -26.75 39.36 -5.51
N THR F 367 -26.87 39.98 -4.34
CA THR F 367 -25.68 40.39 -3.60
C THR F 367 -25.03 39.25 -2.82
N ASN F 368 -25.76 38.18 -2.53
CA ASN F 368 -25.21 37.06 -1.77
C ASN F 368 -24.70 35.90 -2.62
N SER F 369 -25.10 35.82 -3.90
CA SER F 369 -24.62 34.73 -4.73
C SER F 369 -23.13 34.86 -5.00
N SER F 370 -22.64 36.09 -5.14
CA SER F 370 -21.23 36.38 -5.37
C SER F 370 -20.65 36.76 -4.02
N SER F 371 -20.42 35.75 -3.19
CA SER F 371 -19.91 35.96 -1.84
C SER F 371 -18.74 35.04 -1.52
N ARG F 372 -17.74 35.62 -0.86
CA ARG F 372 -16.54 34.91 -0.41
C ARG F 372 -16.12 35.52 0.92
N ARG F 373 -17.04 36.21 1.57
CA ARG F 373 -16.94 36.83 2.89
C ARG F 373 -17.13 35.81 4.00
N ARG F 374 -17.52 34.60 3.61
CA ARG F 374 -17.81 33.47 4.48
C ARG F 374 -16.89 32.30 4.15
N ILE F 375 -16.76 31.39 5.13
CA ILE F 375 -15.96 30.17 4.97
C ILE F 375 -16.49 29.17 5.98
N GLU F 376 -16.70 27.93 5.55
CA GLU F 376 -17.23 26.88 6.42
C GLU F 376 -16.18 26.35 7.40
N PRO F 377 -16.62 25.73 8.51
CA PRO F 377 -15.64 25.20 9.46
C PRO F 377 -14.92 23.97 8.94
N TRP F 378 -15.59 23.11 8.17
CA TRP F 378 -14.89 21.94 7.65
C TRP F 378 -13.75 22.36 6.74
N GLU F 379 -14.02 23.31 5.82
CA GLU F 379 -12.95 23.76 4.94
C GLU F 379 -11.92 24.57 5.73
N PHE F 380 -12.33 25.18 6.85
CA PHE F 380 -11.35 25.88 7.67
C PHE F 380 -10.37 24.89 8.26
N ASP F 381 -10.86 23.72 8.68
CA ASP F 381 -9.96 22.69 9.20
C ASP F 381 -9.15 22.06 8.08
N VAL F 382 -9.67 22.08 6.86
CA VAL F 382 -8.92 21.50 5.75
C VAL F 382 -7.79 22.40 5.31
N PHE F 383 -7.97 23.72 5.37
CA PHE F 383 -6.91 24.64 4.94
C PHE F 383 -6.09 25.21 6.09
N TYR F 384 -6.74 25.82 7.08
CA TYR F 384 -6.04 26.41 8.22
C TYR F 384 -5.98 25.39 9.34
N ASP F 385 -4.85 24.70 9.41
CA ASP F 385 -4.57 23.65 10.37
C ASP F 385 -3.07 23.36 10.36
N PRO F 386 -2.46 23.17 11.52
CA PRO F 386 -1.02 22.90 11.54
C PRO F 386 -0.63 21.59 10.86
N ARG F 387 -1.60 20.71 10.63
CA ARG F 387 -1.30 19.43 9.99
C ARG F 387 -1.27 19.61 8.47
N GLU F 388 -0.31 18.94 7.84
CA GLU F 388 -0.09 19.04 6.41
C GLU F 388 -1.23 18.45 5.57
N LEU F 389 -1.54 19.14 4.48
CA LEU F 389 -2.52 18.76 3.46
C LEU F 389 -1.93 19.24 2.14
N ARG F 390 -2.10 18.48 1.05
CA ARG F 390 -1.46 18.91 -0.19
C ARG F 390 -2.18 20.05 -0.90
N LYS F 391 -3.50 19.98 -1.08
CA LYS F 391 -4.15 21.10 -1.75
C LYS F 391 -4.18 22.30 -0.80
N GLU F 392 -3.23 23.21 -1.00
CA GLU F 392 -3.07 24.40 -0.17
C GLU F 392 -4.33 25.26 -0.14
N ALA F 393 -4.64 25.90 -1.28
CA ALA F 393 -5.82 26.73 -1.49
C ALA F 393 -6.33 27.50 -0.28
N CYS F 394 -5.58 28.47 0.23
CA CYS F 394 -6.08 29.20 1.38
C CYS F 394 -5.62 30.65 1.42
N LEU F 395 -6.55 31.58 1.61
CA LEU F 395 -6.18 32.99 1.75
C LEU F 395 -7.30 33.72 2.46
N LEU F 396 -6.98 34.36 3.56
CA LEU F 396 -7.92 35.18 4.33
C LEU F 396 -7.31 36.58 4.32
N TYR F 397 -7.86 37.49 3.53
CA TYR F 397 -7.29 38.83 3.45
C TYR F 397 -8.18 39.86 4.14
N GLU F 398 -7.51 40.75 4.88
CA GLU F 398 -8.16 41.82 5.65
C GLU F 398 -7.51 43.14 5.26
N ILE F 399 -8.26 43.99 4.56
CA ILE F 399 -7.79 45.28 4.09
C ILE F 399 -8.38 46.38 4.97
N LYS F 400 -7.54 47.30 5.44
CA LYS F 400 -8.00 48.39 6.29
C LYS F 400 -7.52 49.74 5.75
N TRP F 401 -8.44 50.68 5.61
CA TRP F 401 -8.11 52.03 5.15
C TRP F 401 -8.02 52.92 6.40
N GLY F 402 -6.81 53.46 6.63
CA GLY F 402 -6.54 54.26 7.81
C GLY F 402 -7.50 55.41 8.08
N ALA F 403 -8.16 55.93 7.04
CA ALA F 403 -9.06 57.07 7.26
C ALA F 403 -10.25 56.69 8.13
N SER F 404 -11.01 55.68 7.73
CA SER F 404 -12.17 55.25 8.51
C SER F 404 -11.88 54.05 9.41
N SER F 405 -10.72 53.42 9.25
CA SER F 405 -10.32 52.26 10.04
C SER F 405 -11.36 51.13 9.99
N LYS F 406 -12.03 50.99 8.84
CA LYS F 406 -13.03 49.94 8.67
C LYS F 406 -12.36 48.74 8.00
N ILE F 407 -12.57 47.55 8.55
CA ILE F 407 -11.94 46.35 8.04
C ILE F 407 -12.82 45.70 6.98
N TRP F 408 -12.22 45.38 5.84
CA TRP F 408 -12.86 44.71 4.72
C TRP F 408 -12.21 43.33 4.68
N ARG F 409 -12.99 42.32 5.02
CA ARG F 409 -12.51 40.96 5.08
C ARG F 409 -13.05 40.14 3.92
N SER F 410 -12.28 39.13 3.51
CA SER F 410 -12.70 38.23 2.44
C SER F 410 -11.69 37.10 2.33
N SER F 411 -11.96 36.16 1.43
CA SER F 411 -11.07 35.02 1.26
C SER F 411 -10.71 34.81 -0.20
N GLY F 412 -9.90 33.79 -0.42
CA GLY F 412 -9.44 33.41 -1.75
C GLY F 412 -8.95 31.98 -1.70
N LYS F 413 -9.13 31.28 -2.82
CA LYS F 413 -8.75 29.89 -2.95
C LYS F 413 -7.80 29.69 -4.12
N ASN F 414 -7.39 28.43 -4.32
CA ASN F 414 -6.48 28.04 -5.38
C ASN F 414 -7.25 27.88 -6.70
N THR F 415 -7.15 28.87 -7.58
CA THR F 415 -7.81 28.81 -8.89
C THR F 415 -6.71 28.75 -9.95
N THR F 416 -6.26 27.52 -10.24
CA THR F 416 -5.23 27.15 -11.21
C THR F 416 -3.99 28.05 -11.11
N ASN F 417 -3.93 28.86 -10.06
CA ASN F 417 -2.84 29.78 -9.79
C ASN F 417 -2.71 29.94 -8.28
N HIS F 418 -1.53 30.33 -7.84
CA HIS F 418 -1.37 30.54 -6.41
C HIS F 418 -2.26 31.71 -5.97
N VAL F 419 -2.90 31.52 -4.81
CA VAL F 419 -3.83 32.55 -4.35
C VAL F 419 -3.17 33.93 -4.28
N ALA F 420 -1.85 33.99 -4.06
CA ALA F 420 -1.18 35.28 -4.00
C ALA F 420 -1.34 36.05 -5.30
N VAL F 421 -1.06 35.39 -6.44
CA VAL F 421 -1.19 36.06 -7.73
C VAL F 421 -2.65 36.41 -7.97
N ASN F 422 -3.58 35.59 -7.46
CA ASN F 422 -4.99 35.92 -7.64
C ASN F 422 -5.35 37.22 -6.92
N PHE F 423 -4.89 37.36 -5.68
CA PHE F 423 -5.15 38.60 -4.93
C PHE F 423 -4.49 39.79 -5.61
N ILE F 424 -3.27 39.61 -6.13
CA ILE F 424 -2.57 40.69 -6.80
C ILE F 424 -3.36 41.14 -8.03
N LYS F 425 -3.81 40.19 -8.85
CA LYS F 425 -4.58 40.55 -10.03
C LYS F 425 -5.90 41.22 -9.66
N LYS F 426 -6.57 40.73 -8.62
CA LYS F 426 -7.83 41.35 -8.21
C LYS F 426 -7.62 42.81 -7.78
N PHE F 427 -6.57 43.06 -7.01
CA PHE F 427 -6.34 44.42 -6.54
C PHE F 427 -5.86 45.35 -7.66
N THR F 428 -4.98 44.86 -8.54
CA THR F 428 -4.50 45.69 -9.64
C THR F 428 -5.60 45.99 -10.67
N SER F 429 -6.40 44.97 -11.02
CA SER F 429 -7.45 45.16 -12.02
C SER F 429 -8.59 46.01 -11.46
N GLU F 430 -8.90 45.88 -10.18
CA GLU F 430 -9.98 46.67 -9.60
C GLU F 430 -9.40 47.95 -9.01
N ARG F 431 -9.73 49.09 -9.63
CA ARG F 431 -9.33 50.38 -9.12
C ARG F 431 -10.45 50.97 -8.27
N ASP F 432 -11.55 50.23 -8.16
CA ASP F 432 -12.72 50.59 -7.37
C ASP F 432 -12.41 50.42 -5.90
N PHE F 433 -11.51 51.26 -5.39
CA PHE F 433 -11.09 51.27 -3.99
C PHE F 433 -10.90 52.71 -3.56
N HIS F 434 -10.85 52.90 -2.25
CA HIS F 434 -10.65 54.23 -1.71
C HIS F 434 -9.26 54.72 -2.13
N PRO F 435 -9.06 56.05 -2.23
CA PRO F 435 -7.75 56.58 -2.66
C PRO F 435 -6.56 55.89 -2.01
N SER F 436 -5.49 55.69 -2.76
CA SER F 436 -4.29 55.04 -2.23
C SER F 436 -3.86 55.75 -0.97
N THR F 437 -4.00 55.08 0.16
CA THR F 437 -3.65 55.65 1.45
C THR F 437 -3.04 54.57 2.31
N SER F 438 -2.92 54.85 3.60
CA SER F 438 -2.37 53.90 4.55
C SER F 438 -3.34 52.74 4.66
N CYS F 439 -3.06 51.66 3.95
CA CYS F 439 -3.92 50.48 3.98
C CYS F 439 -3.11 49.36 4.62
N SER F 440 -3.75 48.67 5.55
CA SER F 440 -3.15 47.57 6.29
C SER F 440 -3.76 46.29 5.74
N ILE F 441 -2.94 45.55 5.00
CA ILE F 441 -3.36 44.29 4.42
C ILE F 441 -2.81 43.20 5.33
N THR F 442 -3.67 42.30 5.75
CA THR F 442 -3.28 41.20 6.62
C THR F 442 -3.71 39.90 5.96
N TRP F 443 -2.75 39.05 5.67
CA TRP F 443 -3.01 37.76 5.05
C TRP F 443 -2.93 36.65 6.09
N PHE F 444 -3.87 35.72 5.98
CA PHE F 444 -3.95 34.56 6.85
C PHE F 444 -4.02 33.39 5.87
N LEU F 445 -2.87 32.76 5.61
CA LEU F 445 -2.80 31.62 4.72
C LEU F 445 -2.07 30.51 5.46
N SER F 446 -2.26 29.28 5.00
CA SER F 446 -1.63 28.16 5.67
C SER F 446 -0.20 27.92 5.18
N TRP F 447 0.00 27.88 3.87
CA TRP F 447 1.31 27.59 3.30
C TRP F 447 2.06 28.87 2.96
N SER F 448 3.37 28.83 3.20
CA SER F 448 4.23 29.97 2.93
C SER F 448 4.35 30.20 1.42
N PRO F 449 4.37 31.47 0.99
CA PRO F 449 4.48 31.77 -0.44
C PRO F 449 5.72 31.16 -1.07
N CYS F 450 5.56 30.66 -2.30
CA CYS F 450 6.66 30.06 -3.03
C CYS F 450 7.58 31.17 -3.55
N TRP F 451 8.70 30.78 -4.15
CA TRP F 451 9.65 31.77 -4.66
C TRP F 451 9.01 32.66 -5.72
N GLU F 452 8.27 32.05 -6.65
CA GLU F 452 7.60 32.84 -7.68
C GLU F 452 6.55 33.76 -7.06
N CYS F 453 5.77 33.25 -6.11
CA CYS F 453 4.80 34.11 -5.46
C CYS F 453 5.48 35.23 -4.70
N SER F 454 6.65 34.94 -4.12
CA SER F 454 7.38 35.96 -3.41
C SER F 454 7.80 37.07 -4.35
N GLN F 455 8.28 36.69 -5.55
CA GLN F 455 8.68 37.72 -6.51
C GLN F 455 7.48 38.52 -6.98
N ALA F 456 6.34 37.84 -7.22
CA ALA F 456 5.15 38.56 -7.67
C ALA F 456 4.63 39.52 -6.60
N ILE F 457 4.57 39.06 -5.35
CA ILE F 457 4.10 39.92 -4.26
C ILE F 457 5.08 41.06 -4.03
N ARG F 458 6.38 40.82 -4.20
CA ARG F 458 7.34 41.90 -4.02
C ARG F 458 7.16 42.95 -5.10
N GLU F 459 6.95 42.51 -6.35
CA GLU F 459 6.73 43.47 -7.43
C GLU F 459 5.44 44.24 -7.22
N PHE F 460 4.39 43.57 -6.74
CA PHE F 460 3.13 44.25 -6.47
C PHE F 460 3.26 45.27 -5.34
N LEU F 461 3.99 44.90 -4.28
CA LEU F 461 4.17 45.79 -3.16
C LEU F 461 5.04 46.98 -3.54
N SER F 462 5.99 46.79 -4.46
CA SER F 462 6.80 47.91 -4.90
C SER F 462 6.01 48.76 -5.90
N ARG F 463 5.02 48.16 -6.55
CA ARG F 463 4.18 48.88 -7.49
C ARG F 463 3.31 49.89 -6.75
N HIS F 464 2.71 49.45 -5.64
CA HIS F 464 1.88 50.33 -4.82
C HIS F 464 2.65 50.66 -3.55
N PRO F 465 3.20 51.87 -3.42
CA PRO F 465 4.00 52.20 -2.23
C PRO F 465 3.27 52.11 -0.90
N GLY F 466 2.15 52.82 -0.75
CA GLY F 466 1.42 52.82 0.51
C GLY F 466 0.63 51.57 0.83
N VAL F 467 1.32 50.45 1.10
CA VAL F 467 0.65 49.20 1.44
C VAL F 467 1.44 48.52 2.57
N THR F 468 0.88 48.52 3.77
CA THR F 468 1.53 47.86 4.92
C THR F 468 0.97 46.44 4.93
N LEU F 469 1.78 45.49 4.47
CA LEU F 469 1.36 44.10 4.35
C LEU F 469 2.02 43.22 5.40
N VAL F 470 1.20 42.42 6.09
CA VAL F 470 1.64 41.46 7.10
C VAL F 470 1.10 40.09 6.71
N ILE F 471 1.92 39.05 6.89
CA ILE F 471 1.58 37.69 6.50
C ILE F 471 1.69 36.76 7.70
N TYR F 472 0.64 35.95 7.90
CA TYR F 472 0.57 34.94 8.95
C TYR F 472 0.38 33.61 8.25
N VAL F 473 1.38 32.73 8.34
CA VAL F 473 1.30 31.42 7.71
C VAL F 473 1.20 30.33 8.77
N ALA F 474 0.45 29.28 8.44
CA ALA F 474 0.25 28.15 9.34
C ALA F 474 1.17 26.98 9.05
N ARG F 475 1.66 26.86 7.82
CA ARG F 475 2.54 25.79 7.41
C ARG F 475 3.62 26.38 6.52
N LEU F 476 4.63 25.57 6.20
CA LEU F 476 5.74 26.01 5.35
C LEU F 476 5.78 25.14 4.11
N PHE F 477 5.78 25.78 2.94
CA PHE F 477 5.82 25.08 1.67
C PHE F 477 7.26 24.88 1.23
N ALA F 478 7.67 23.62 1.11
CA ALA F 478 9.02 23.23 0.70
C ALA F 478 10.08 24.08 1.40
N HIS F 479 10.07 23.98 2.74
CA HIS F 479 10.99 24.76 3.56
C HIS F 479 12.46 24.38 3.35
N MET F 480 12.74 23.39 2.50
CA MET F 480 14.10 22.96 2.20
C MET F 480 14.48 23.23 0.76
N ASP F 481 13.95 24.30 0.17
CA ASP F 481 14.24 24.70 -1.19
C ASP F 481 14.92 26.06 -1.15
N GLN F 482 16.13 26.13 -1.71
CA GLN F 482 16.90 27.37 -1.70
C GLN F 482 16.11 28.56 -2.23
N GLN F 483 15.34 28.35 -3.30
CA GLN F 483 14.57 29.45 -3.88
C GLN F 483 13.44 29.91 -2.96
N ASN F 484 12.65 28.99 -2.43
CA ASN F 484 11.58 29.39 -1.52
C ASN F 484 12.17 30.06 -0.29
N ARG F 485 13.32 29.55 0.16
CA ARG F 485 14.03 30.10 1.29
C ARG F 485 14.39 31.56 1.04
N GLN F 486 15.06 31.83 -0.09
CA GLN F 486 15.43 33.19 -0.44
C GLN F 486 14.21 34.05 -0.66
N GLY F 487 13.10 33.46 -1.10
CA GLY F 487 11.89 34.23 -1.30
C GLY F 487 11.32 34.74 0.01
N LEU F 488 11.29 33.87 1.03
CA LEU F 488 10.80 34.30 2.34
C LEU F 488 11.72 35.36 2.92
N ARG F 489 13.05 35.15 2.81
CA ARG F 489 13.98 36.16 3.31
C ARG F 489 13.80 37.47 2.55
N ASP F 490 13.51 37.38 1.26
CA ASP F 490 13.30 38.57 0.43
C ASP F 490 12.07 39.33 0.90
N LEU F 491 10.99 38.62 1.17
CA LEU F 491 9.77 39.27 1.64
C LEU F 491 10.03 39.97 2.97
N VAL F 492 10.75 39.32 3.88
CA VAL F 492 11.04 39.94 5.16
C VAL F 492 11.91 41.18 4.98
N ASN F 493 12.96 41.06 4.16
CA ASN F 493 13.87 42.17 3.92
C ASN F 493 13.21 43.33 3.17
N SER F 494 12.13 43.08 2.43
CA SER F 494 11.46 44.13 1.69
C SER F 494 10.39 44.85 2.49
N GLY F 495 10.22 44.53 3.77
CA GLY F 495 9.24 45.16 4.61
C GLY F 495 7.94 44.40 4.80
N VAL F 496 7.98 43.07 4.81
CA VAL F 496 6.79 42.25 4.97
C VAL F 496 7.02 41.37 6.19
N THR F 497 6.22 41.57 7.22
CA THR F 497 6.33 40.78 8.44
C THR F 497 5.71 39.42 8.18
N ILE F 498 6.43 38.36 8.56
CA ILE F 498 5.98 37.00 8.37
C ILE F 498 6.06 36.29 9.71
N GLN F 499 4.93 35.75 10.17
CA GLN F 499 4.89 35.04 11.45
C GLN F 499 4.03 33.80 11.31
N ILE F 500 4.35 32.80 12.13
CA ILE F 500 3.57 31.56 12.11
C ILE F 500 2.34 31.75 12.98
N MET F 501 1.20 31.30 12.46
CA MET F 501 -0.05 31.44 13.18
C MET F 501 -0.01 30.70 14.52
N ARG F 502 -0.66 31.30 15.52
CA ARG F 502 -0.72 30.71 16.85
C ARG F 502 -2.17 30.73 17.32
N ASP F 503 -2.39 30.38 18.59
CA ASP F 503 -3.74 30.34 19.14
C ASP F 503 -4.51 31.62 18.85
N SER F 504 -3.88 32.78 19.10
CA SER F 504 -4.53 34.07 18.88
C SER F 504 -4.99 34.22 17.43
N GLU F 505 -4.08 33.94 16.48
CA GLU F 505 -4.43 34.10 15.06
C GLU F 505 -5.54 33.16 14.64
N TYR F 506 -5.48 31.89 15.07
CA TYR F 506 -6.54 30.96 14.69
C TYR F 506 -7.89 31.37 15.26
N TYR F 507 -7.93 31.81 16.52
CA TYR F 507 -9.18 32.25 17.12
C TYR F 507 -9.70 33.51 16.43
N HIS F 508 -8.79 34.42 16.05
CA HIS F 508 -9.21 35.62 15.35
C HIS F 508 -9.84 35.28 14.01
N CYS F 509 -9.23 34.35 13.27
CA CYS F 509 -9.78 33.94 11.98
C CYS F 509 -11.11 33.24 12.16
N TRP F 510 -11.24 32.45 13.22
CA TRP F 510 -12.49 31.73 13.50
C TRP F 510 -13.62 32.71 13.75
N ARG F 511 -13.36 33.76 14.54
CA ARG F 511 -14.41 34.73 14.85
C ARG F 511 -14.75 35.62 13.66
N ASN F 512 -13.74 36.17 12.99
CA ASN F 512 -14.03 37.14 11.93
C ASN F 512 -14.42 36.56 10.58
N PHE F 513 -13.97 35.37 10.19
CA PHE F 513 -14.32 34.84 8.84
C PHE F 513 -15.09 33.53 8.81
N VAL F 514 -14.87 32.60 9.74
CA VAL F 514 -15.54 31.31 9.66
C VAL F 514 -17.05 31.45 9.84
N ASN F 515 -17.80 30.65 9.09
CA ASN F 515 -19.26 30.64 9.19
C ASN F 515 -19.70 29.64 10.26
N TYR F 516 -19.24 29.94 11.48
CA TYR F 516 -19.49 29.13 12.64
C TYR F 516 -20.95 29.23 13.12
N PRO F 517 -21.49 28.14 13.66
CA PRO F 517 -22.89 28.15 14.13
C PRO F 517 -23.10 29.12 15.27
N PRO F 518 -24.36 29.50 15.55
CA PRO F 518 -24.62 30.46 16.63
C PRO F 518 -24.20 30.02 18.03
N GLY F 519 -24.57 28.80 18.43
CA GLY F 519 -24.24 28.35 19.78
C GLY F 519 -22.76 28.27 20.04
N ASP F 520 -22.02 27.57 19.19
CA ASP F 520 -20.59 27.42 19.39
C ASP F 520 -19.82 28.68 18.99
N GLU F 521 -20.20 29.83 19.56
CA GLU F 521 -19.52 31.07 19.28
C GLU F 521 -18.25 31.13 20.13
N ALA F 522 -17.12 31.44 19.47
CA ALA F 522 -15.80 31.54 20.08
C ALA F 522 -15.22 30.16 20.43
N HIS F 523 -15.98 29.08 20.27
CA HIS F 523 -15.49 27.73 20.54
C HIS F 523 -14.62 27.28 19.37
N TRP F 524 -13.46 27.90 19.28
CA TRP F 524 -12.60 27.52 18.16
C TRP F 524 -11.88 26.22 18.48
N PRO F 525 -11.65 25.37 17.48
CA PRO F 525 -10.96 24.10 17.75
C PRO F 525 -9.49 24.33 18.04
N GLN F 526 -9.11 24.24 19.32
CA GLN F 526 -7.72 24.44 19.69
C GLN F 526 -6.87 23.30 19.15
N TYR F 527 -5.96 23.62 18.27
CA TYR F 527 -5.03 22.77 17.58
C TYR F 527 -3.79 22.53 18.43
N PRO F 528 -3.14 21.37 18.29
CA PRO F 528 -1.95 21.09 19.08
C PRO F 528 -0.83 22.07 18.74
N PRO F 529 -0.12 22.57 19.75
CA PRO F 529 0.95 23.56 19.48
C PRO F 529 2.20 22.96 18.86
N ALA F 530 2.30 21.64 18.77
CA ALA F 530 3.48 20.98 18.22
C ALA F 530 3.94 21.58 16.89
N TRP F 531 3.14 21.45 15.85
CA TRP F 531 3.55 21.96 14.54
C TRP F 531 3.61 23.47 14.52
N MET F 532 2.79 24.16 15.31
CA MET F 532 2.87 25.62 15.32
C MET F 532 4.26 26.06 15.77
N MET F 533 4.71 25.54 16.90
CA MET F 533 6.03 25.90 17.40
C MET F 533 7.14 25.39 16.50
N LEU F 534 6.96 24.19 15.91
CA LEU F 534 8.00 23.66 15.02
C LEU F 534 8.16 24.53 13.78
N TYR F 535 7.05 24.89 13.13
CA TYR F 535 7.17 25.76 11.97
C TYR F 535 7.68 27.14 12.35
N ALA F 536 7.38 27.61 13.56
CA ALA F 536 7.90 28.91 13.98
C ALA F 536 9.42 28.85 14.11
N LEU F 537 9.92 27.78 14.71
CA LEU F 537 11.37 27.61 14.84
C LEU F 537 12.03 27.52 13.48
N GLU F 538 11.44 26.74 12.57
CA GLU F 538 12.02 26.62 11.23
C GLU F 538 12.01 27.96 10.52
N LEU F 539 10.89 28.69 10.58
CA LEU F 539 10.81 29.99 9.93
C LEU F 539 11.86 30.94 10.47
N HIS F 540 12.11 30.88 11.79
CA HIS F 540 13.13 31.77 12.32
C HIS F 540 14.51 31.35 11.80
N CYS F 541 14.71 30.04 11.60
CA CYS F 541 15.96 29.57 11.02
C CYS F 541 16.07 30.05 9.58
N ILE F 542 14.91 30.25 8.94
CA ILE F 542 14.89 30.73 7.57
C ILE F 542 15.35 32.18 7.55
N ILE F 543 14.79 32.97 8.46
CA ILE F 543 15.12 34.40 8.52
C ILE F 543 16.59 34.61 8.81
N LEU F 544 17.17 33.73 9.64
CA LEU F 544 18.58 33.91 9.97
C LEU F 544 19.54 33.28 8.95
N SER F 545 19.05 32.89 7.77
CA SER F 545 19.90 32.29 6.72
C SER F 545 20.65 31.08 7.26
N LEU F 546 20.01 30.33 8.13
CA LEU F 546 20.53 29.14 8.78
C LEU F 546 20.14 27.89 8.01
N PRO F 547 20.80 26.77 8.27
CA PRO F 547 20.45 25.53 7.57
C PRO F 547 19.14 24.97 8.09
N PRO F 548 18.50 24.06 7.35
CA PRO F 548 17.23 23.51 7.82
C PRO F 548 17.43 22.66 9.06
N CYS F 549 16.49 22.78 10.00
CA CYS F 549 16.58 22.00 11.23
C CYS F 549 15.66 20.77 11.19
N LEU F 550 14.39 20.96 10.89
CA LEU F 550 13.46 19.85 10.82
C LEU F 550 13.33 19.38 9.38
N LYS F 551 13.00 18.11 9.23
CA LYS F 551 12.83 17.48 7.93
C LYS F 551 11.61 16.59 8.00
N ILE F 552 10.61 16.89 7.17
CA ILE F 552 9.37 16.14 7.12
C ILE F 552 9.41 15.20 5.93
N SER F 553 8.69 14.08 6.04
CA SER F 553 8.64 13.10 4.96
C SER F 553 7.23 12.51 4.99
N ARG F 554 6.40 12.94 4.03
CA ARG F 554 5.01 12.54 3.86
C ARG F 554 4.86 11.62 2.67
N ARG F 555 3.68 10.98 2.59
CA ARG F 555 3.40 10.07 1.48
C ARG F 555 2.00 10.19 0.91
N ALA F 556 1.07 10.87 1.56
CA ALA F 556 -0.30 11.05 1.07
C ALA F 556 -0.79 12.41 1.55
N GLN F 557 -2.11 12.61 1.56
CA GLN F 557 -2.64 13.88 2.02
C GLN F 557 -2.23 14.20 3.44
N ASN F 558 -2.33 13.22 4.34
CA ASN F 558 -1.99 13.44 5.73
C ASN F 558 -1.11 12.35 6.32
N HIS F 559 -0.57 11.46 5.49
CA HIS F 559 0.26 10.37 5.99
C HIS F 559 1.67 10.88 6.24
N LEU F 560 2.07 10.90 7.50
CA LEU F 560 3.38 11.38 7.93
C LEU F 560 4.23 10.15 8.23
N THR F 561 5.20 9.86 7.36
CA THR F 561 6.04 8.70 7.57
C THR F 561 7.26 9.02 8.44
N ALA F 562 7.89 10.17 8.24
CA ALA F 562 9.07 10.50 9.03
C ALA F 562 9.08 11.97 9.40
N PHE F 563 9.65 12.24 10.57
CA PHE F 563 9.79 13.60 11.08
C PHE F 563 11.07 13.68 11.88
N ARG F 564 11.98 14.59 11.52
CA ARG F 564 13.23 14.68 12.25
C ARG F 564 13.53 16.14 12.61
N LEU F 565 14.20 16.30 13.75
CA LEU F 565 14.61 17.60 14.27
C LEU F 565 16.10 17.52 14.52
N HIS F 566 16.88 18.22 13.70
CA HIS F 566 18.33 18.23 13.76
C HIS F 566 18.81 19.63 14.11
N LEU F 567 19.26 19.81 15.35
CA LEU F 567 19.76 21.11 15.80
C LEU F 567 21.27 21.04 15.88
N GLN F 568 21.94 21.66 14.91
CA GLN F 568 23.39 21.71 14.87
C GLN F 568 23.88 22.76 15.86
N ASN F 569 25.21 22.82 16.03
CA ASN F 569 25.77 23.81 16.95
C ASN F 569 25.39 25.21 16.52
N CYS F 570 25.24 25.42 15.20
CA CYS F 570 24.87 26.70 14.65
C CYS F 570 23.59 27.23 15.28
N HIS F 571 22.55 26.41 15.26
CA HIS F 571 21.25 26.79 15.81
C HIS F 571 21.36 27.18 17.27
N TYR F 572 21.89 26.28 18.11
CA TYR F 572 22.01 26.61 19.52
C TYR F 572 22.80 27.90 19.75
N GLN F 573 23.77 28.21 18.89
CA GLN F 573 24.54 29.43 19.09
C GLN F 573 23.83 30.69 18.63
N THR F 574 23.08 30.64 17.52
CA THR F 574 22.44 31.86 17.03
C THR F 574 20.93 31.96 17.15
N ILE F 575 20.19 30.85 17.04
CA ILE F 575 18.72 30.96 17.12
C ILE F 575 18.34 31.45 18.52
N PRO F 576 17.36 32.33 18.66
CA PRO F 576 16.98 32.82 19.98
C PRO F 576 16.54 31.69 20.88
N PRO F 577 16.76 31.83 22.19
CA PRO F 577 16.40 30.75 23.13
C PRO F 577 14.91 30.62 23.43
N HIS F 578 14.15 31.73 23.38
CA HIS F 578 12.73 31.61 23.71
C HIS F 578 12.01 30.72 22.70
N ILE F 579 12.42 30.74 21.44
CA ILE F 579 11.76 29.89 20.44
C ILE F 579 12.02 28.42 20.74
N LEU F 580 13.30 28.06 20.92
CA LEU F 580 13.63 26.69 21.25
C LEU F 580 12.90 26.23 22.50
N LEU F 581 12.89 27.08 23.53
CA LEU F 581 12.20 26.74 24.78
C LEU F 581 10.71 26.58 24.57
N ALA F 582 10.13 27.40 23.69
CA ALA F 582 8.70 27.33 23.42
C ALA F 582 8.32 26.07 22.66
N THR F 583 9.24 25.51 21.87
CA THR F 583 8.84 24.28 21.17
C THR F 583 8.61 23.13 22.13
N GLY F 584 9.17 23.19 23.34
CA GLY F 584 8.99 22.16 24.35
C GLY F 584 9.85 20.93 24.19
N LEU F 585 10.55 20.76 23.08
CA LEU F 585 11.37 19.57 22.88
C LEU F 585 12.78 19.69 23.49
N ILE F 586 13.29 20.89 23.71
CA ILE F 586 14.63 21.06 24.26
C ILE F 586 14.55 21.49 25.73
N HIS F 587 15.69 21.39 26.43
CA HIS F 587 15.77 21.75 27.84
C HIS F 587 16.14 23.23 28.01
N PRO F 588 15.45 23.93 28.93
CA PRO F 588 15.72 25.35 29.15
C PRO F 588 17.06 25.71 29.80
N SER F 589 17.31 25.13 30.98
CA SER F 589 18.53 25.47 31.72
C SER F 589 19.76 25.26 30.86
N VAL F 590 19.90 24.07 30.25
CA VAL F 590 21.07 23.83 29.41
C VAL F 590 21.05 24.73 28.19
N ALA F 591 19.87 25.05 27.65
CA ALA F 591 19.85 25.96 26.51
C ALA F 591 20.44 27.31 26.90
N TRP F 592 20.31 27.68 28.17
CA TRP F 592 20.90 28.93 28.65
C TRP F 592 22.37 28.78 29.04
N ARG F 593 22.76 27.63 29.62
CA ARG F 593 24.16 27.39 29.98
C ARG F 593 24.83 26.48 28.96
N LYS G 2 64.66 58.47 21.54
CA LYS G 2 63.35 59.06 21.29
C LYS G 2 63.15 59.38 19.81
N ILE G 3 62.05 58.94 19.23
CA ILE G 3 61.79 59.23 17.82
C ILE G 3 61.20 60.63 17.74
N GLU G 4 62.04 61.59 17.36
CA GLU G 4 61.66 62.99 17.25
C GLU G 4 61.46 63.34 15.77
N GLU G 5 60.65 64.37 15.54
CA GLU G 5 60.41 64.83 14.17
C GLU G 5 61.59 65.65 13.67
N GLY G 6 62.03 65.36 12.45
CA GLY G 6 63.16 66.06 11.88
C GLY G 6 64.48 65.76 12.56
N LYS G 7 64.68 64.51 12.97
CA LYS G 7 65.92 64.11 13.63
C LYS G 7 66.14 62.63 13.37
N LEU G 8 67.41 62.24 13.25
CA LEU G 8 67.79 60.85 12.99
C LEU G 8 68.59 60.27 14.15
N VAL G 9 68.14 59.11 14.62
CA VAL G 9 68.77 58.37 15.71
C VAL G 9 69.18 57.03 15.12
N ILE G 10 70.47 56.71 15.17
CA ILE G 10 70.99 55.48 14.59
C ILE G 10 71.53 54.58 15.68
N TRP G 11 71.34 53.26 15.51
CA TRP G 11 71.85 52.26 16.44
C TRP G 11 72.72 51.27 15.67
N ILE G 12 73.96 51.11 16.13
CA ILE G 12 74.91 50.20 15.51
C ILE G 12 75.71 49.53 16.61
N ASN G 13 76.15 48.31 16.35
CA ASN G 13 76.93 47.57 17.33
C ASN G 13 78.19 48.35 17.69
N GLY G 14 78.56 48.31 18.98
CA GLY G 14 79.72 49.05 19.45
C GLY G 14 81.05 48.63 18.85
N ASP G 15 81.12 47.45 18.24
CA ASP G 15 82.39 46.98 17.68
C ASP G 15 82.65 47.48 16.26
N LYS G 16 81.73 48.23 15.66
CA LYS G 16 81.93 48.73 14.30
C LYS G 16 82.28 50.22 14.33
N GLY G 17 82.47 50.79 13.15
CA GLY G 17 82.84 52.20 13.06
C GLY G 17 81.75 53.19 13.37
N TYR G 18 81.32 53.20 14.64
CA TYR G 18 80.27 54.12 15.03
C TYR G 18 80.75 55.56 14.97
N ASN G 19 82.04 55.81 15.21
CA ASN G 19 82.51 57.19 15.13
C ASN G 19 82.51 57.68 13.68
N GLY G 20 82.86 56.80 12.75
CA GLY G 20 82.82 57.17 11.34
C GLY G 20 81.40 57.46 10.92
N LEU G 21 80.46 56.63 11.37
CA LEU G 21 79.06 56.86 11.06
C LEU G 21 78.57 58.17 11.66
N ALA G 22 79.02 58.49 12.87
CA ALA G 22 78.62 59.75 13.50
C ALA G 22 79.17 60.94 12.73
N GLU G 23 80.38 60.80 12.19
CA GLU G 23 80.95 61.89 11.40
C GLU G 23 80.18 62.06 10.09
N VAL G 24 79.78 60.94 9.48
CA VAL G 24 78.98 61.03 8.25
C VAL G 24 77.66 61.73 8.57
N GLY G 25 77.08 61.41 9.71
CA GLY G 25 75.85 62.07 10.12
C GLY G 25 76.08 63.54 10.41
N LYS G 26 77.27 63.88 10.90
CA LYS G 26 77.60 65.27 11.14
C LYS G 26 77.62 66.03 9.83
N LYS G 27 78.16 65.40 8.79
CA LYS G 27 78.17 66.03 7.47
C LYS G 27 76.74 66.18 6.95
N PHE G 28 75.91 65.17 7.20
CA PHE G 28 74.50 65.27 6.79
C PHE G 28 73.84 66.43 7.52
N GLU G 29 74.22 66.64 8.78
CA GLU G 29 73.69 67.76 9.56
C GLU G 29 74.17 69.08 8.99
N LYS G 30 75.42 69.13 8.54
CA LYS G 30 75.93 70.35 7.95
C LYS G 30 75.22 70.68 6.64
N ASP G 31 74.81 69.67 5.89
CA ASP G 31 74.16 69.89 4.61
C ASP G 31 72.64 70.10 4.67
N THR G 32 71.93 69.36 5.54
CA THR G 32 70.48 69.47 5.63
C THR G 32 69.96 70.11 6.92
N GLY G 33 70.78 70.26 7.94
CA GLY G 33 70.30 70.84 9.19
C GLY G 33 69.48 69.87 10.00
N ILE G 34 69.89 68.61 10.06
CA ILE G 34 69.18 67.57 10.79
C ILE G 34 70.21 66.85 11.65
N LYS G 35 70.10 66.98 12.97
CA LYS G 35 71.06 66.33 13.86
C LYS G 35 70.96 64.81 13.72
N VAL G 36 72.06 64.18 13.37
CA VAL G 36 72.15 62.73 13.24
C VAL G 36 72.97 62.23 14.41
N THR G 37 72.30 61.55 15.35
CA THR G 37 72.93 61.02 16.55
C THR G 37 73.09 59.52 16.47
N VAL G 38 74.32 59.04 16.58
CA VAL G 38 74.64 57.61 16.53
C VAL G 38 74.86 57.11 17.95
N GLU G 39 74.30 55.95 18.26
CA GLU G 39 74.42 55.34 19.58
C GLU G 39 74.73 53.86 19.41
N HIS G 40 75.28 53.26 20.47
CA HIS G 40 75.66 51.85 20.48
C HIS G 40 75.33 51.26 21.84
N PRO G 41 74.06 50.94 22.09
CA PRO G 41 73.67 50.37 23.37
C PRO G 41 74.03 48.89 23.48
N ASP G 42 74.08 48.42 24.72
CA ASP G 42 74.42 47.03 24.97
C ASP G 42 73.31 46.12 24.46
N LYS G 43 73.69 45.15 23.63
CA LYS G 43 72.79 44.17 23.04
C LYS G 43 71.55 44.84 22.44
N LEU G 44 71.82 45.74 21.49
CA LEU G 44 70.72 46.44 20.85
C LEU G 44 69.90 45.48 19.99
N GLU G 45 70.52 44.40 19.52
CA GLU G 45 69.77 43.45 18.70
C GLU G 45 68.59 42.89 19.47
N GLU G 46 68.64 42.95 20.80
CA GLU G 46 67.58 42.47 21.66
C GLU G 46 66.74 43.61 22.21
N LYS G 47 67.33 44.79 22.36
CA LYS G 47 66.55 45.91 22.86
C LYS G 47 65.61 46.48 21.80
N PHE G 48 66.07 46.52 20.54
CA PHE G 48 65.29 47.09 19.44
C PHE G 48 63.83 46.65 19.36
N PRO G 49 63.48 45.36 19.36
CA PRO G 49 62.05 45.03 19.27
C PRO G 49 61.24 45.44 20.49
N GLN G 50 61.82 45.31 21.68
CA GLN G 50 61.11 45.67 22.92
C GLN G 50 60.67 47.13 22.90
N VAL G 51 61.53 48.03 22.45
CA VAL G 51 61.17 49.44 22.41
C VAL G 51 60.45 49.81 21.12
N ALA G 52 60.77 49.14 20.02
CA ALA G 52 60.10 49.42 18.75
C ALA G 52 58.63 49.07 18.80
N ALA G 53 58.27 48.04 19.58
CA ALA G 53 56.86 47.69 19.69
C ALA G 53 56.09 48.85 20.30
N THR G 54 56.69 49.50 21.30
CA THR G 54 56.03 50.65 21.91
C THR G 54 56.02 51.81 20.93
N GLY G 55 57.01 51.87 20.05
CA GLY G 55 57.12 52.93 19.06
C GLY G 55 58.36 53.78 19.22
N ASP G 56 58.91 53.85 20.43
CA ASP G 56 60.09 54.64 20.73
C ASP G 56 61.34 53.80 20.51
N GLY G 57 62.29 54.35 19.76
CA GLY G 57 63.52 53.66 19.47
C GLY G 57 64.35 54.43 18.48
N PRO G 58 65.26 53.75 17.79
CA PRO G 58 66.08 54.42 16.79
C PRO G 58 65.33 54.51 15.48
N ASP G 59 65.66 55.54 14.70
CA ASP G 59 65.02 55.68 13.40
C ASP G 59 65.55 54.64 12.43
N ILE G 60 66.80 54.23 12.61
CA ILE G 60 67.45 53.22 11.79
C ILE G 60 68.26 52.30 12.69
N ILE G 61 68.38 51.04 12.28
CA ILE G 61 69.11 50.03 13.03
C ILE G 61 70.10 49.31 12.13
N PHE G 62 71.34 49.19 12.60
CA PHE G 62 72.42 48.50 11.90
C PHE G 62 72.69 47.16 12.57
N TRP G 63 72.72 46.09 11.78
CA TRP G 63 72.99 44.77 12.33
C TRP G 63 73.05 43.77 11.19
N ALA G 64 73.37 42.51 11.47
CA ALA G 64 73.40 41.52 10.42
C ALA G 64 71.97 41.29 9.91
N HIS G 65 71.86 40.64 8.76
CA HIS G 65 70.55 40.40 8.16
C HIS G 65 69.77 39.28 8.85
N ASP G 66 70.43 38.48 9.69
CA ASP G 66 69.73 37.38 10.37
C ASP G 66 68.58 37.88 11.25
N ARG G 67 68.82 38.91 12.07
CA ARG G 67 67.77 39.41 12.96
C ARG G 67 66.74 40.29 12.25
N PHE G 68 67.04 40.72 11.02
CA PHE G 68 66.08 41.55 10.31
C PHE G 68 64.85 40.75 9.94
N GLY G 69 65.00 39.45 9.70
CA GLY G 69 63.84 38.64 9.37
C GLY G 69 62.78 38.71 10.46
N GLY G 70 63.19 38.39 11.69
CA GLY G 70 62.26 38.47 12.81
C GLY G 70 61.67 39.86 12.95
N TYR G 71 62.50 40.88 12.80
CA TYR G 71 61.99 42.25 12.90
C TYR G 71 60.86 42.47 11.90
N ALA G 72 61.10 42.12 10.63
CA ALA G 72 60.09 42.27 9.59
C ALA G 72 58.86 41.44 9.89
N GLN G 73 59.03 40.26 10.50
CA GLN G 73 57.88 39.43 10.84
C GLN G 73 56.97 40.13 11.82
N SER G 74 57.54 40.78 12.82
CA SER G 74 56.69 41.47 13.78
C SER G 74 56.20 42.82 13.28
N GLY G 75 56.52 43.17 12.04
CA GLY G 75 56.09 44.45 11.51
C GLY G 75 56.81 45.65 12.07
N LEU G 76 58.08 45.49 12.41
CA LEU G 76 58.89 46.57 12.97
C LEU G 76 59.71 47.31 11.92
N LEU G 77 59.96 46.71 10.77
CA LEU G 77 60.74 47.34 9.71
C LEU G 77 59.81 47.80 8.60
N ALA G 78 60.18 48.90 7.95
CA ALA G 78 59.41 49.46 6.85
C ALA G 78 60.06 49.05 5.53
N GLU G 79 59.22 48.78 4.53
CA GLU G 79 59.73 48.39 3.22
C GLU G 79 60.53 49.52 2.59
N ILE G 80 61.63 49.18 1.94
CA ILE G 80 62.49 50.14 1.26
C ILE G 80 62.18 50.14 -0.22
N THR G 81 62.18 51.33 -0.84
CA THR G 81 61.89 51.48 -2.26
C THR G 81 63.12 52.02 -2.97
N PRO G 82 64.00 51.16 -3.47
CA PRO G 82 65.19 51.64 -4.18
C PRO G 82 64.96 51.74 -5.68
N ASP G 83 65.10 52.93 -6.24
CA ASP G 83 64.93 53.11 -7.67
C ASP G 83 66.00 52.30 -8.41
N LYS G 84 65.56 51.45 -9.33
CA LYS G 84 66.41 50.56 -10.11
C LYS G 84 67.82 51.10 -10.37
N ALA G 85 67.95 52.42 -10.56
CA ALA G 85 69.27 52.98 -10.78
C ALA G 85 70.15 52.79 -9.55
N PHE G 86 69.57 53.01 -8.36
CA PHE G 86 70.30 52.80 -7.11
C PHE G 86 70.40 51.32 -6.77
N GLN G 87 69.39 50.55 -7.14
CA GLN G 87 69.42 49.13 -6.85
C GLN G 87 70.54 48.44 -7.62
N ASP G 88 70.83 48.91 -8.83
CA ASP G 88 71.90 48.30 -9.60
C ASP G 88 73.27 48.67 -9.06
N LYS G 89 73.36 49.65 -8.16
CA LYS G 89 74.66 50.04 -7.62
C LYS G 89 75.22 49.01 -6.64
N LEU G 90 74.37 48.22 -6.00
CA LEU G 90 74.82 47.22 -5.03
C LEU G 90 74.82 45.82 -5.64
N TYR G 91 75.64 44.95 -5.08
CA TYR G 91 75.71 43.59 -5.60
C TYR G 91 74.40 42.80 -5.35
N PRO G 92 74.09 41.87 -6.24
CA PRO G 92 72.87 41.09 -6.05
C PRO G 92 72.95 40.18 -4.83
N PHE G 93 74.16 39.75 -4.43
CA PHE G 93 74.27 38.89 -3.25
C PHE G 93 73.63 39.57 -2.07
N THR G 94 74.04 40.82 -1.84
CA THR G 94 73.56 41.62 -0.73
C THR G 94 72.07 41.86 -0.83
N TRP G 95 71.59 42.25 -2.03
CA TRP G 95 70.14 42.46 -2.12
C TRP G 95 69.35 41.19 -1.83
N ASP G 96 69.83 40.03 -2.31
CA ASP G 96 69.13 38.78 -2.04
C ASP G 96 69.18 38.46 -0.55
N ALA G 97 70.24 38.89 0.13
CA ALA G 97 70.36 38.61 1.56
C ALA G 97 69.41 39.46 2.39
N VAL G 98 69.05 40.66 1.92
CA VAL G 98 68.14 41.51 2.68
C VAL G 98 66.70 41.37 2.24
N ARG G 99 66.39 40.40 1.38
CA ARG G 99 65.02 40.19 0.90
C ARG G 99 64.30 39.17 1.79
N TYR G 100 63.16 39.58 2.34
CA TYR G 100 62.33 38.76 3.21
C TYR G 100 60.93 38.66 2.60
N ASN G 101 60.55 37.44 2.22
CA ASN G 101 59.26 37.17 1.60
C ASN G 101 59.11 37.97 0.31
N GLY G 102 60.16 37.94 -0.52
CA GLY G 102 60.13 38.66 -1.77
C GLY G 102 60.02 40.16 -1.63
N LYS G 103 60.34 40.71 -0.46
CA LYS G 103 60.26 42.15 -0.24
C LYS G 103 61.53 42.62 0.44
N LEU G 104 62.11 43.72 -0.06
CA LEU G 104 63.33 44.24 0.54
C LEU G 104 63.00 44.90 1.87
N ILE G 105 63.76 44.55 2.91
CA ILE G 105 63.54 45.08 4.24
C ILE G 105 64.69 45.93 4.77
N ALA G 106 65.87 45.89 4.16
CA ALA G 106 66.97 46.70 4.66
C ALA G 106 67.99 46.97 3.55
N TYR G 107 68.77 48.02 3.76
CA TYR G 107 69.81 48.42 2.82
C TYR G 107 71.10 47.67 3.13
N PRO G 108 71.65 46.91 2.19
CA PRO G 108 72.90 46.18 2.47
C PRO G 108 74.08 47.13 2.55
N ILE G 109 74.84 47.03 3.64
CA ILE G 109 76.00 47.88 3.84
C ILE G 109 77.28 47.17 3.45
N ALA G 110 77.52 45.98 4.01
CA ALA G 110 78.74 45.26 3.67
C ALA G 110 78.60 43.78 4.00
N VAL G 111 79.61 43.02 3.59
CA VAL G 111 79.71 41.59 3.83
C VAL G 111 80.85 41.36 4.81
N GLU G 112 80.62 40.47 5.77
CA GLU G 112 81.61 40.18 6.79
C GLU G 112 81.68 38.67 7.02
N ALA G 113 82.89 38.14 7.08
CA ALA G 113 83.14 36.73 7.29
C ALA G 113 84.39 36.57 8.16
N LEU G 114 84.40 35.54 8.99
CA LEU G 114 85.54 35.31 9.86
C LEU G 114 86.78 34.91 9.08
N SER G 115 87.93 35.39 9.58
CA SER G 115 89.22 35.10 8.98
C SER G 115 90.20 34.79 10.08
N LEU G 116 91.26 34.06 9.72
CA LEU G 116 92.30 33.68 10.66
C LEU G 116 93.40 34.73 10.63
N ILE G 117 93.59 35.42 11.75
CA ILE G 117 94.61 36.45 11.87
C ILE G 117 95.75 35.83 12.68
N TYR G 118 96.94 35.76 12.08
CA TYR G 118 98.11 35.17 12.73
C TYR G 118 99.25 36.16 12.82
N ASN G 119 100.01 36.07 13.91
CA ASN G 119 101.16 36.94 14.15
C ASN G 119 102.32 36.45 13.29
N LYS G 120 102.65 37.21 12.23
CA LYS G 120 103.73 36.84 11.33
C LYS G 120 105.09 36.74 12.03
N ASP G 121 105.27 37.44 13.15
CA ASP G 121 106.55 37.37 13.85
C ASP G 121 106.66 36.10 14.69
N LEU G 122 105.61 35.76 15.44
CA LEU G 122 105.62 34.56 16.26
C LEU G 122 105.32 33.30 15.45
N LEU G 123 104.83 33.46 14.22
CA LEU G 123 104.51 32.32 13.36
C LEU G 123 104.62 32.78 11.92
N PRO G 124 105.68 32.39 11.21
CA PRO G 124 105.82 32.83 9.81
C PRO G 124 104.83 32.16 8.87
N ASN G 125 104.58 30.86 9.03
CA ASN G 125 103.65 30.14 8.18
C ASN G 125 102.46 29.70 9.03
N PRO G 126 101.26 30.16 8.73
CA PRO G 126 100.09 29.78 9.53
C PRO G 126 99.75 28.32 9.32
N PRO G 127 99.08 27.70 10.30
CA PRO G 127 98.72 26.29 10.16
C PRO G 127 97.62 26.10 9.14
N LYS G 128 97.63 24.93 8.50
CA LYS G 128 96.65 24.59 7.48
C LYS G 128 95.57 23.65 8.01
N THR G 129 95.71 23.12 9.22
CA THR G 129 94.73 22.22 9.80
C THR G 129 94.59 22.45 11.30
N TRP G 130 93.40 22.12 11.82
CA TRP G 130 93.14 22.28 13.24
C TRP G 130 93.85 21.22 14.09
N GLU G 131 94.14 20.05 13.51
CA GLU G 131 94.79 19.00 14.28
C GLU G 131 96.20 19.35 14.71
N GLU G 132 96.90 20.23 13.98
CA GLU G 132 98.26 20.59 14.35
C GLU G 132 98.32 21.79 15.30
N ILE G 133 97.17 22.32 15.69
CA ILE G 133 97.11 23.46 16.61
C ILE G 133 97.66 23.04 17.97
N PRO G 134 97.30 21.87 18.51
CA PRO G 134 97.88 21.48 19.81
C PRO G 134 99.40 21.45 19.79
N ALA G 135 99.98 20.83 18.75
CA ALA G 135 101.44 20.78 18.64
C ALA G 135 102.04 22.18 18.67
N LEU G 136 101.52 23.08 17.83
CA LEU G 136 102.01 24.45 17.82
C LEU G 136 101.89 25.09 19.21
N ASP G 137 100.74 24.90 19.85
CA ASP G 137 100.53 25.44 21.19
C ASP G 137 101.60 24.94 22.16
N LYS G 138 101.86 23.64 22.15
CA LYS G 138 102.89 23.07 23.04
C LYS G 138 104.23 23.74 22.79
N GLU G 139 104.61 23.87 21.52
CA GLU G 139 105.89 24.51 21.21
C GLU G 139 105.93 25.95 21.73
N LEU G 140 104.79 26.64 21.70
CA LEU G 140 104.74 28.02 22.17
C LEU G 140 104.63 28.16 23.69
N LYS G 141 104.20 27.12 24.40
CA LYS G 141 104.07 27.23 25.85
C LYS G 141 105.43 27.32 26.53
N ALA G 142 106.41 26.54 26.06
CA ALA G 142 107.74 26.60 26.64
C ALA G 142 108.39 27.95 26.38
N LYS G 143 107.88 28.70 25.41
CA LYS G 143 108.36 30.01 25.05
C LYS G 143 107.62 31.12 25.78
N GLY G 144 106.44 30.82 26.32
CA GLY G 144 105.63 31.80 27.03
C GLY G 144 104.52 32.43 26.24
N LYS G 145 104.02 31.75 25.20
CA LYS G 145 102.97 32.28 24.34
C LYS G 145 101.92 31.21 24.09
N SER G 146 100.71 31.66 23.80
CA SER G 146 99.58 30.78 23.49
C SER G 146 99.41 30.77 21.97
N ALA G 147 98.82 29.69 21.46
CA ALA G 147 98.67 29.56 20.01
C ALA G 147 97.33 29.97 19.44
N LEU G 148 96.22 29.86 20.19
CA LEU G 148 94.93 30.22 19.58
C LEU G 148 93.93 30.69 20.63
N MET G 149 93.82 32.00 20.82
CA MET G 149 92.85 32.58 21.74
C MET G 149 91.81 33.36 20.95
N PHE G 150 90.55 32.93 21.02
CA PHE G 150 89.47 33.60 20.32
C PHE G 150 88.21 33.54 21.19
N ASN G 151 87.25 34.38 20.85
CA ASN G 151 86.00 34.48 21.59
C ASN G 151 85.20 33.18 21.56
N LEU G 152 85.10 32.52 22.71
CA LEU G 152 84.34 31.28 22.86
C LEU G 152 82.95 31.52 23.43
N GLN G 153 82.62 32.76 23.79
CA GLN G 153 81.31 33.05 24.35
C GLN G 153 80.23 33.16 23.29
N GLU G 154 80.61 33.59 22.08
CA GLU G 154 79.61 33.71 21.03
C GLU G 154 79.72 32.55 20.06
N PRO G 155 78.60 31.93 19.71
CA PRO G 155 78.64 30.78 18.78
C PRO G 155 79.07 31.15 17.37
N TYR G 156 79.11 32.42 17.00
CA TYR G 156 79.52 32.78 15.64
C TYR G 156 80.99 32.45 15.40
N PHE G 157 81.82 32.54 16.44
CA PHE G 157 83.23 32.24 16.27
C PHE G 157 83.52 30.76 16.34
N THR G 158 82.71 30.00 17.06
CA THR G 158 82.88 28.57 17.21
C THR G 158 82.14 27.75 16.16
N TRP G 159 81.24 28.37 15.40
CA TRP G 159 80.49 27.62 14.39
C TRP G 159 81.34 27.01 13.28
N PRO G 160 82.40 27.67 12.76
CA PRO G 160 83.19 27.03 11.68
C PRO G 160 83.56 25.58 11.95
N LEU G 161 83.94 25.23 13.19
CA LEU G 161 84.28 23.84 13.47
C LEU G 161 83.04 22.95 13.41
N ILE G 162 81.90 23.48 13.87
CA ILE G 162 80.66 22.71 13.86
C ILE G 162 80.22 22.41 12.44
N ALA G 163 80.31 23.40 11.56
CA ALA G 163 79.91 23.24 10.16
C ALA G 163 80.99 22.60 9.30
N ALA G 164 82.21 22.44 9.84
CA ALA G 164 83.30 21.87 9.06
C ALA G 164 82.97 20.48 8.52
N ASP G 165 82.33 19.63 9.32
CA ASP G 165 82.05 18.29 8.82
C ASP G 165 80.56 17.98 8.71
N GLY G 166 79.77 18.90 8.16
CA GLY G 166 78.35 18.63 8.03
C GLY G 166 77.48 19.27 9.09
N GLY G 167 77.79 20.51 9.45
CA GLY G 167 77.00 21.20 10.44
C GLY G 167 75.93 22.07 9.82
N TYR G 168 74.70 21.59 9.81
CA TYR G 168 73.58 22.33 9.24
C TYR G 168 72.95 23.25 10.28
N ALA G 169 72.21 24.24 9.76
CA ALA G 169 71.45 25.19 10.57
C ALA G 169 69.99 25.09 10.23
N PHE G 170 69.65 25.16 8.94
CA PHE G 170 68.29 25.03 8.44
C PHE G 170 68.44 24.62 6.99
N LYS G 171 68.18 23.35 6.68
CA LYS G 171 68.35 22.85 5.32
C LYS G 171 67.54 23.66 4.31
N TYR G 172 68.20 24.04 3.23
CA TYR G 172 67.65 24.81 2.14
C TYR G 172 67.62 23.87 0.94
N GLU G 173 66.44 23.31 0.65
CA GLU G 173 66.31 22.35 -0.44
C GLU G 173 65.47 22.85 -1.60
N ASN G 174 64.22 23.24 -1.35
CA ASN G 174 63.30 23.71 -2.37
C ASN G 174 63.25 25.24 -2.43
N GLY G 175 64.36 25.91 -2.16
CA GLY G 175 64.32 27.35 -2.16
C GLY G 175 63.60 27.91 -0.95
N LYS G 176 63.29 27.04 0.01
CA LYS G 176 62.60 27.37 1.25
C LYS G 176 63.36 26.71 2.38
N TYR G 177 63.60 27.45 3.46
CA TYR G 177 64.34 26.92 4.58
C TYR G 177 63.41 26.07 5.46
N ASP G 178 63.81 24.82 5.68
CA ASP G 178 63.06 23.90 6.52
C ASP G 178 63.48 24.14 7.97
N ILE G 179 62.50 24.12 8.88
CA ILE G 179 62.80 24.38 10.28
C ILE G 179 62.93 23.09 11.08
N LYS G 180 62.19 22.05 10.72
CA LYS G 180 62.28 20.81 11.48
C LYS G 180 63.66 20.17 11.29
N ASP G 181 64.17 20.20 10.06
CA ASP G 181 65.50 19.68 9.77
C ASP G 181 66.49 20.77 10.19
N VAL G 182 67.22 20.54 11.27
CA VAL G 182 68.15 21.57 11.73
C VAL G 182 69.56 21.24 11.30
N GLY G 183 70.09 20.12 11.76
CA GLY G 183 71.44 19.71 11.43
C GLY G 183 72.39 19.71 12.60
N VAL G 184 72.12 20.50 13.64
CA VAL G 184 73.01 20.44 14.78
C VAL G 184 72.88 19.04 15.38
N ASP G 185 73.92 18.59 16.07
CA ASP G 185 74.02 17.28 16.69
C ASP G 185 74.41 16.21 15.66
N ASN G 186 74.70 16.59 14.40
CA ASN G 186 75.13 15.59 13.43
C ASN G 186 76.47 15.02 13.85
N ALA G 187 76.83 13.89 13.23
CA ALA G 187 78.12 13.26 13.55
C ALA G 187 79.27 14.26 13.39
N GLY G 188 79.27 15.00 12.29
CA GLY G 188 80.33 15.98 12.08
C GLY G 188 80.26 17.14 13.06
N ALA G 189 79.04 17.60 13.38
CA ALA G 189 78.91 18.69 14.35
C ALA G 189 79.43 18.25 15.71
N LYS G 190 79.06 17.04 16.14
CA LYS G 190 79.52 16.52 17.41
C LYS G 190 81.03 16.35 17.39
N ALA G 191 81.59 15.89 16.28
CA ALA G 191 83.04 15.72 16.19
C ALA G 191 83.76 17.06 16.34
N GLY G 192 83.27 18.09 15.63
CA GLY G 192 83.91 19.40 15.72
C GLY G 192 83.80 19.99 17.11
N LEU G 193 82.61 19.92 17.71
CA LEU G 193 82.44 20.47 19.06
C LEU G 193 83.28 19.68 20.04
N THR G 194 83.41 18.36 19.83
CA THR G 194 84.24 17.53 20.70
C THR G 194 85.70 17.94 20.57
N PHE G 195 86.14 18.28 19.35
CA PHE G 195 87.52 18.72 19.17
C PHE G 195 87.75 20.03 19.92
N LEU G 196 86.79 20.95 19.85
CA LEU G 196 86.94 22.21 20.58
C LEU G 196 86.96 21.97 22.10
N VAL G 197 86.05 21.11 22.59
CA VAL G 197 86.01 20.80 24.02
C VAL G 197 87.30 20.13 24.43
N ASP G 198 87.89 19.32 23.55
CA ASP G 198 89.17 18.68 23.86
C ASP G 198 90.27 19.72 23.93
N LEU G 199 90.23 20.70 23.01
CA LEU G 199 91.23 21.76 23.06
C LEU G 199 91.15 22.51 24.38
N ILE G 200 89.94 22.66 24.91
CA ILE G 200 89.78 23.34 26.20
C ILE G 200 90.25 22.46 27.35
N LYS G 201 89.84 21.19 27.35
CA LYS G 201 90.24 20.25 28.40
C LYS G 201 91.74 19.97 28.40
N ASN G 202 92.36 19.92 27.23
CA ASN G 202 93.78 19.62 27.08
C ASN G 202 94.67 20.82 27.44
N LYS G 203 94.10 21.82 28.12
CA LYS G 203 94.81 23.02 28.58
C LYS G 203 95.33 23.88 27.44
N HIS G 204 94.84 23.68 26.21
CA HIS G 204 95.29 24.49 25.09
C HIS G 204 94.49 25.78 24.93
N MET G 205 93.32 25.88 25.54
CA MET G 205 92.50 27.07 25.41
C MET G 205 91.66 27.25 26.66
N ASN G 206 91.41 28.51 27.05
CA ASN G 206 90.61 28.80 28.23
C ASN G 206 89.15 29.01 27.81
N ALA G 207 88.24 28.33 28.49
CA ALA G 207 86.82 28.40 28.17
C ALA G 207 86.20 29.77 28.48
N ASP G 208 86.77 30.52 29.42
CA ASP G 208 86.21 31.81 29.78
C ASP G 208 86.64 32.94 28.84
N THR G 209 87.54 32.67 27.90
CA THR G 209 88.01 33.69 26.97
C THR G 209 86.87 34.24 26.11
N ASP G 210 86.81 35.56 26.01
CA ASP G 210 85.80 36.27 25.22
C ASP G 210 86.51 37.14 24.17
N TYR G 211 85.72 37.97 23.49
CA TYR G 211 86.26 38.83 22.44
C TYR G 211 87.30 39.80 22.99
N SER G 212 86.99 40.44 24.13
CA SER G 212 87.93 41.40 24.72
C SER G 212 89.26 40.75 25.07
N ILE G 213 89.22 39.65 25.83
CA ILE G 213 90.45 38.97 26.25
C ILE G 213 91.24 38.50 25.04
N ALA G 214 90.56 37.90 24.06
CA ALA G 214 91.25 37.39 22.87
C ALA G 214 91.94 38.52 22.11
N GLU G 215 91.20 39.61 21.82
CA GLU G 215 91.76 40.72 21.07
C GLU G 215 92.94 41.36 21.83
N ALA G 216 92.79 41.58 23.14
CA ALA G 216 93.88 42.20 23.89
C ALA G 216 95.11 41.31 23.91
N ALA G 217 94.92 39.99 24.04
CA ALA G 217 96.05 39.09 24.06
C ALA G 217 96.75 39.05 22.71
N PHE G 218 95.98 39.13 21.62
CA PHE G 218 96.62 39.09 20.31
C PHE G 218 97.34 40.40 20.03
N ASN G 219 96.72 41.53 20.39
CA ASN G 219 97.35 42.83 20.16
C ASN G 219 98.61 43.01 20.97
N LYS G 220 98.77 42.28 22.08
CA LYS G 220 99.97 42.39 22.89
C LYS G 220 100.99 41.30 22.58
N GLY G 221 100.82 40.59 21.46
CA GLY G 221 101.75 39.55 21.09
C GLY G 221 101.75 38.35 22.02
N GLU G 222 100.73 38.21 22.87
CA GLU G 222 100.65 37.09 23.79
C GLU G 222 100.15 35.82 23.14
N THR G 223 99.43 35.91 22.03
CA THR G 223 98.93 34.74 21.31
C THR G 223 99.33 34.86 19.84
N ALA G 224 99.50 33.70 19.20
CA ALA G 224 99.91 33.69 17.80
C ALA G 224 98.77 33.70 16.81
N MET G 225 97.57 33.28 17.20
CA MET G 225 96.46 33.28 16.25
C MET G 225 95.18 33.76 16.92
N THR G 226 94.19 34.03 16.07
CA THR G 226 92.87 34.49 16.50
C THR G 226 91.94 34.40 15.30
N ILE G 227 90.64 34.37 15.58
CA ILE G 227 89.61 34.30 14.55
C ILE G 227 88.71 35.51 14.69
N ASN G 228 88.70 36.39 13.69
CA ASN G 228 87.88 37.58 13.74
C ASN G 228 87.59 38.10 12.35
N GLY G 229 86.69 39.07 12.29
CA GLY G 229 86.32 39.68 11.05
C GLY G 229 87.19 40.89 10.76
N PRO G 230 86.75 41.71 9.82
CA PRO G 230 87.53 42.90 9.46
C PRO G 230 87.54 44.00 10.52
N TRP G 231 86.44 44.20 11.25
CA TRP G 231 86.36 45.27 12.26
C TRP G 231 87.55 45.30 13.20
N ALA G 232 88.16 44.16 13.52
CA ALA G 232 89.30 44.14 14.42
C ALA G 232 90.57 44.68 13.79
N TRP G 233 90.66 44.63 12.45
CA TRP G 233 91.85 45.09 11.73
C TRP G 233 92.35 46.45 12.18
N SER G 234 91.44 47.39 12.46
CA SER G 234 91.86 48.71 12.90
C SER G 234 92.65 48.66 14.20
N ASN G 235 92.05 48.09 15.25
CA ASN G 235 92.74 47.98 16.53
C ASN G 235 94.04 47.19 16.41
N ILE G 236 94.07 46.20 15.50
CA ILE G 236 95.30 45.43 15.35
C ILE G 236 96.35 46.26 14.63
N ASP G 237 95.92 47.16 13.74
CA ASP G 237 96.88 48.02 13.06
C ASP G 237 97.50 48.98 14.04
N THR G 238 96.68 49.58 14.91
CA THR G 238 97.22 50.49 15.91
C THR G 238 98.13 49.78 16.89
N SER G 239 98.06 48.45 16.96
CA SER G 239 98.93 47.70 17.87
C SER G 239 100.34 47.52 17.31
N LYS G 240 100.55 47.87 16.03
CA LYS G 240 101.85 47.76 15.38
C LYS G 240 102.37 46.32 15.37
N VAL G 241 101.47 45.35 15.44
CA VAL G 241 101.83 43.94 15.44
C VAL G 241 101.77 43.42 14.00
N ASN G 242 102.89 42.87 13.53
CA ASN G 242 102.93 42.32 12.17
C ASN G 242 102.01 41.11 12.11
N TYR G 243 100.84 41.27 11.52
CA TYR G 243 99.85 40.21 11.44
C TYR G 243 99.51 39.91 9.99
N GLY G 244 98.83 38.79 9.79
CA GLY G 244 98.41 38.35 8.48
C GLY G 244 97.02 37.73 8.52
N VAL G 245 96.19 38.12 7.56
CA VAL G 245 94.82 37.65 7.45
C VAL G 245 94.79 36.57 6.37
N THR G 246 94.36 35.37 6.74
CA THR G 246 94.30 34.26 5.79
C THR G 246 93.07 33.40 6.07
N VAL G 247 92.96 32.31 5.30
CA VAL G 247 91.83 31.40 5.44
C VAL G 247 91.93 30.63 6.74
N LEU G 248 90.79 30.11 7.17
CA LEU G 248 90.72 29.34 8.40
C LEU G 248 91.26 27.94 8.18
N PRO G 249 91.82 27.31 9.21
CA PRO G 249 92.36 25.96 9.06
C PRO G 249 91.26 24.95 8.77
N THR G 250 91.67 23.79 8.27
CA THR G 250 90.76 22.72 7.91
C THR G 250 90.62 21.72 9.04
N PHE G 251 89.40 21.22 9.21
CA PHE G 251 89.06 20.23 10.23
C PHE G 251 88.74 18.92 9.52
N LYS G 252 89.54 17.89 9.82
CA LYS G 252 89.39 16.56 9.21
C LYS G 252 89.36 16.66 7.69
N GLY G 253 90.36 17.35 7.15
CA GLY G 253 90.50 17.54 5.73
C GLY G 253 89.40 18.35 5.06
N GLN G 254 88.53 18.99 5.84
CA GLN G 254 87.49 19.77 5.19
C GLN G 254 87.59 21.24 5.60
N PRO G 255 87.31 22.16 4.69
CA PRO G 255 87.41 23.60 5.02
C PRO G 255 86.33 24.04 6.00
N SER G 256 86.72 24.91 6.92
CA SER G 256 85.78 25.45 7.90
C SER G 256 84.77 26.34 7.19
N LYS G 257 83.50 26.18 7.56
CA LYS G 257 82.41 26.93 6.96
C LYS G 257 81.81 27.94 7.93
N PRO G 258 82.32 29.17 7.97
CA PRO G 258 81.74 30.17 8.86
C PRO G 258 80.55 30.85 8.19
N PHE G 259 79.59 31.28 9.01
CA PHE G 259 78.43 31.96 8.45
C PHE G 259 78.83 33.32 7.87
N VAL G 260 78.26 33.65 6.73
CA VAL G 260 78.55 34.90 6.04
C VAL G 260 77.48 35.91 6.42
N GLY G 261 77.87 36.93 7.17
CA GLY G 261 76.93 37.96 7.60
C GLY G 261 76.92 39.14 6.64
N VAL G 262 75.76 39.72 6.48
CA VAL G 262 75.58 40.88 5.61
C VAL G 262 75.07 42.02 6.48
N LEU G 263 76.00 42.83 6.96
CA LEU G 263 75.65 43.99 7.78
C LEU G 263 74.73 44.88 6.98
N SER G 264 73.53 45.11 7.47
CA SER G 264 72.56 45.92 6.77
C SER G 264 71.93 46.90 7.73
N ALA G 265 71.25 47.88 7.16
CA ALA G 265 70.56 48.92 7.91
C ALA G 265 69.08 48.88 7.59
N GLY G 266 68.26 48.77 8.61
CA GLY G 266 66.81 48.73 8.46
C GLY G 266 66.20 50.01 9.00
N ILE G 267 65.08 50.41 8.42
CA ILE G 267 64.37 51.62 8.82
C ILE G 267 63.20 51.23 9.70
N ASN G 268 63.08 51.88 10.86
CA ASN G 268 62.00 51.60 11.80
C ASN G 268 60.66 51.92 11.17
N ALA G 269 59.75 50.95 11.18
CA ALA G 269 58.42 51.17 10.62
C ALA G 269 57.62 52.19 11.41
N ALA G 270 57.99 52.43 12.67
CA ALA G 270 57.29 53.40 13.51
C ALA G 270 57.93 54.79 13.46
N SER G 271 59.13 54.92 12.95
CA SER G 271 59.79 56.23 12.89
C SER G 271 59.11 57.09 11.84
N PRO G 272 58.67 58.31 12.18
CA PRO G 272 58.03 59.17 11.19
C PRO G 272 58.99 59.82 10.22
N ASN G 273 60.27 59.51 10.31
CA ASN G 273 61.31 60.08 9.45
C ASN G 273 61.82 59.08 8.41
N LYS G 274 60.92 58.26 7.83
CA LYS G 274 61.35 57.31 6.81
C LYS G 274 62.08 58.03 5.68
N GLU G 275 61.60 59.23 5.33
CA GLU G 275 62.21 59.98 4.25
C GLU G 275 63.63 60.40 4.60
N LEU G 276 63.84 60.89 5.82
CA LEU G 276 65.18 61.30 6.21
C LEU G 276 66.11 60.11 6.28
N ALA G 277 65.63 58.96 6.77
CA ALA G 277 66.47 57.79 6.83
C ALA G 277 66.86 57.32 5.43
N LYS G 278 65.90 57.33 4.50
CA LYS G 278 66.20 56.95 3.14
C LYS G 278 67.20 57.91 2.52
N GLU G 279 67.04 59.21 2.76
CA GLU G 279 67.97 60.22 2.23
C GLU G 279 69.38 59.98 2.76
N PHE G 280 69.51 59.82 4.07
CA PHE G 280 70.82 59.62 4.69
C PHE G 280 71.51 58.36 4.18
N LEU G 281 70.76 57.27 4.07
CA LEU G 281 71.35 56.01 3.64
C LEU G 281 71.64 55.92 2.15
N GLU G 282 70.81 56.53 1.31
CA GLU G 282 71.01 56.41 -0.12
C GLU G 282 71.87 57.52 -0.71
N ASN G 283 71.89 58.71 -0.11
CA ASN G 283 72.66 59.81 -0.63
C ASN G 283 73.98 60.04 0.08
N TYR G 284 74.09 59.73 1.39
CA TYR G 284 75.36 59.99 2.05
C TYR G 284 76.09 58.76 2.53
N LEU G 285 75.38 57.79 3.10
CA LEU G 285 76.06 56.60 3.62
C LEU G 285 76.49 55.65 2.51
N LEU G 286 75.56 55.25 1.65
CA LEU G 286 75.89 54.31 0.58
C LEU G 286 76.54 55.01 -0.60
N THR G 287 77.60 55.77 -0.31
CA THR G 287 78.37 56.48 -1.31
C THR G 287 79.84 56.30 -0.95
N ASP G 288 80.71 56.61 -1.92
CA ASP G 288 82.14 56.45 -1.67
C ASP G 288 82.60 57.29 -0.49
N GLU G 289 82.11 58.54 -0.38
CA GLU G 289 82.53 59.43 0.70
C GLU G 289 82.18 58.86 2.08
N GLY G 290 80.89 58.69 2.34
CA GLY G 290 80.45 58.21 3.64
C GLY G 290 80.91 56.80 3.96
N LEU G 291 80.83 55.89 2.99
CA LEU G 291 81.25 54.52 3.25
C LEU G 291 82.76 54.46 3.51
N GLU G 292 83.54 55.31 2.81
CA GLU G 292 84.97 55.36 3.06
C GLU G 292 85.24 55.89 4.46
N ALA G 293 84.48 56.90 4.88
CA ALA G 293 84.66 57.45 6.23
C ALA G 293 84.37 56.41 7.29
N VAL G 294 83.34 55.58 7.08
CA VAL G 294 83.04 54.54 8.08
C VAL G 294 84.17 53.50 8.09
N ASN G 295 84.61 53.09 6.89
CA ASN G 295 85.68 52.12 6.76
C ASN G 295 86.96 52.65 7.40
N LYS G 296 87.15 53.98 7.39
CA LYS G 296 88.34 54.58 7.97
C LYS G 296 88.44 54.24 9.45
N ASP G 297 87.33 54.45 10.18
CA ASP G 297 87.24 54.19 11.61
C ASP G 297 87.45 52.71 11.89
N LYS G 298 86.51 51.89 11.41
CA LYS G 298 86.61 50.45 11.60
C LYS G 298 86.31 49.79 10.26
N PRO G 299 87.23 49.00 9.70
CA PRO G 299 86.93 48.37 8.43
C PRO G 299 85.70 47.48 8.56
N LEU G 300 84.94 47.37 7.47
CA LEU G 300 83.72 46.58 7.44
C LEU G 300 83.78 45.45 6.42
N GLY G 301 84.95 45.16 5.88
CA GLY G 301 85.12 44.08 4.95
C GLY G 301 84.60 44.41 3.56
N ALA G 302 84.26 43.36 2.82
CA ALA G 302 83.73 43.47 1.47
C ALA G 302 82.39 44.20 1.47
N VAL G 303 82.38 45.42 0.95
CA VAL G 303 81.15 46.21 0.93
C VAL G 303 80.25 45.79 -0.23
N ALA G 304 79.00 46.22 -0.17
CA ALA G 304 78.02 45.92 -1.20
C ALA G 304 78.09 46.89 -2.36
N LEU G 305 78.68 48.07 -2.17
CA LEU G 305 78.77 49.06 -3.22
C LEU G 305 79.83 48.64 -4.23
N LYS G 306 79.42 48.49 -5.49
CA LYS G 306 80.35 48.09 -6.54
C LYS G 306 81.44 49.13 -6.75
N SER G 307 81.09 50.41 -6.65
CA SER G 307 82.05 51.49 -6.85
C SER G 307 83.23 51.39 -5.91
N TYR G 308 82.97 51.15 -4.62
CA TYR G 308 84.02 51.07 -3.62
C TYR G 308 84.69 49.69 -3.62
N GLU G 309 83.89 48.62 -3.67
CA GLU G 309 84.43 47.26 -3.67
C GLU G 309 85.37 47.03 -4.85
N GLU G 310 85.12 47.70 -5.98
CA GLU G 310 85.94 47.55 -7.17
C GLU G 310 87.42 47.74 -6.85
N GLU G 311 87.74 48.77 -6.06
CA GLU G 311 89.12 49.03 -5.69
C GLU G 311 89.42 48.66 -4.26
N LEU G 312 88.45 48.08 -3.54
CA LEU G 312 88.68 47.65 -2.18
C LEU G 312 89.10 46.19 -2.14
N VAL G 313 88.68 45.41 -3.15
CA VAL G 313 89.03 43.99 -3.21
C VAL G 313 90.51 43.78 -3.45
N LYS G 314 91.24 44.82 -3.83
CA LYS G 314 92.67 44.71 -4.07
C LYS G 314 93.44 44.39 -2.79
N ASP G 315 92.87 44.68 -1.64
CA ASP G 315 93.51 44.40 -0.35
C ASP G 315 93.54 42.91 -0.08
N PRO G 316 94.71 42.31 0.14
CA PRO G 316 94.75 40.86 0.41
C PRO G 316 93.88 40.46 1.59
N ARG G 317 93.68 41.35 2.57
CA ARG G 317 92.84 41.03 3.71
C ARG G 317 91.40 40.84 3.25
N ILE G 318 90.92 41.76 2.40
CA ILE G 318 89.57 41.66 1.86
C ILE G 318 89.44 40.41 1.03
N ALA G 319 90.50 40.07 0.27
CA ALA G 319 90.45 38.87 -0.55
C ALA G 319 90.35 37.61 0.31
N ALA G 320 91.10 37.57 1.41
CA ALA G 320 91.04 36.43 2.31
C ALA G 320 89.66 36.31 2.96
N THR G 321 89.09 37.45 3.38
CA THR G 321 87.77 37.43 3.98
C THR G 321 86.74 36.94 2.98
N MET G 322 86.87 37.37 1.72
CA MET G 322 85.94 36.94 0.68
C MET G 322 86.09 35.45 0.41
N GLU G 323 87.32 34.93 0.48
CA GLU G 323 87.53 33.50 0.27
C GLU G 323 86.89 32.69 1.39
N ASN G 324 87.06 33.13 2.64
CA ASN G 324 86.43 32.42 3.75
C ASN G 324 84.92 32.45 3.60
N ALA G 325 84.38 33.60 3.19
CA ALA G 325 82.94 33.68 2.96
C ALA G 325 82.52 32.72 1.86
N GLN G 326 83.34 32.63 0.80
CA GLN G 326 83.03 31.71 -0.29
C GLN G 326 82.93 30.29 0.23
N LYS G 327 83.88 29.89 1.07
CA LYS G 327 83.83 28.54 1.61
C LYS G 327 82.62 28.34 2.51
N GLY G 328 82.12 29.41 3.12
CA GLY G 328 80.96 29.34 3.99
C GLY G 328 79.65 29.42 3.24
N GLU G 329 78.60 29.78 3.98
CA GLU G 329 77.26 29.92 3.43
C GLU G 329 76.64 31.20 3.97
N ILE G 330 75.86 31.89 3.13
CA ILE G 330 75.22 33.12 3.56
C ILE G 330 74.23 32.79 4.68
N MET G 331 74.11 33.70 5.65
CA MET G 331 73.20 33.46 6.77
C MET G 331 71.75 33.63 6.34
N PRO G 332 70.87 32.69 6.67
CA PRO G 332 69.47 32.86 6.32
C PRO G 332 68.89 33.95 7.20
N ASN G 333 67.86 34.63 6.68
CA ASN G 333 67.21 35.71 7.42
C ASN G 333 65.88 35.29 8.01
N ILE G 334 65.65 33.98 8.17
CA ILE G 334 64.40 33.48 8.74
C ILE G 334 64.37 33.88 10.20
N PRO G 335 63.18 33.99 10.82
CA PRO G 335 63.14 34.39 12.23
C PRO G 335 63.74 33.38 13.20
N GLN G 336 63.50 32.08 12.96
CA GLN G 336 64.03 31.04 13.84
C GLN G 336 65.53 31.18 14.10
N MET G 337 66.28 31.79 13.16
CA MET G 337 67.72 31.99 13.35
C MET G 337 68.04 32.52 14.75
N SER G 338 67.24 33.49 15.22
CA SER G 338 67.45 34.02 16.55
C SER G 338 67.57 32.90 17.58
N ALA G 339 66.47 32.14 17.75
CA ALA G 339 66.50 31.02 18.68
C ALA G 339 67.68 30.11 18.40
N PHE G 340 67.97 29.87 17.12
CA PHE G 340 69.11 29.05 16.72
C PHE G 340 70.34 29.44 17.51
N TRP G 341 70.72 30.71 17.37
CA TRP G 341 71.90 31.18 18.08
C TRP G 341 71.74 31.02 19.59
N TYR G 342 70.59 31.43 20.14
CA TYR G 342 70.38 31.27 21.58
C TYR G 342 70.71 29.84 22.05
N ALA G 343 70.40 28.88 21.19
CA ALA G 343 70.65 27.48 21.50
C ALA G 343 72.13 27.16 21.39
N VAL G 344 72.74 27.44 20.24
CA VAL G 344 74.15 27.12 20.09
C VAL G 344 74.98 27.86 21.15
N ARG G 345 74.70 29.15 21.34
CA ARG G 345 75.39 29.95 22.37
C ARG G 345 75.36 29.22 23.71
N THR G 346 74.24 28.56 23.99
CA THR G 346 74.16 27.83 25.24
C THR G 346 74.96 26.54 25.15
N ALA G 347 74.71 25.75 24.11
CA ALA G 347 75.42 24.48 23.94
C ALA G 347 76.92 24.69 24.10
N VAL G 348 77.50 25.57 23.28
CA VAL G 348 78.92 25.87 23.33
C VAL G 348 79.37 26.20 24.76
N ILE G 349 78.62 27.07 25.46
CA ILE G 349 79.01 27.38 26.84
C ILE G 349 79.03 26.13 27.72
N ASN G 350 77.93 25.37 27.70
CA ASN G 350 77.86 24.13 28.48
C ASN G 350 78.90 23.11 28.05
N ALA G 351 79.38 23.18 26.81
CA ALA G 351 80.41 22.25 26.35
C ALA G 351 81.78 22.72 26.81
N ALA G 352 81.95 24.04 26.95
CA ALA G 352 83.22 24.59 27.39
C ALA G 352 83.41 24.29 28.86
N SER G 353 82.34 24.40 29.64
CA SER G 353 82.37 24.11 31.06
C SER G 353 81.98 22.65 31.28
N GLY G 354 82.21 22.16 32.49
CA GLY G 354 81.84 20.79 32.78
C GLY G 354 80.37 20.63 33.10
N ARG G 355 79.58 21.65 32.75
CA ARG G 355 78.15 21.61 33.01
C ARG G 355 77.47 20.47 32.26
N GLN G 356 77.71 20.36 30.96
CA GLN G 356 77.11 19.31 30.15
C GLN G 356 78.14 18.74 29.18
N THR G 357 77.91 17.50 28.78
CA THR G 357 78.79 16.85 27.83
C THR G 357 78.49 17.39 26.42
N VAL G 358 79.31 16.99 25.45
CA VAL G 358 79.11 17.42 24.08
C VAL G 358 77.79 16.90 23.54
N ASP G 359 77.53 15.60 23.75
CA ASP G 359 76.29 15.02 23.26
C ASP G 359 75.09 15.67 23.92
N GLU G 360 75.13 15.89 25.23
CA GLU G 360 74.00 16.51 25.93
C GLU G 360 73.74 17.92 25.41
N ALA G 361 74.80 18.72 25.28
CA ALA G 361 74.64 20.08 24.80
C ALA G 361 74.05 20.11 23.39
N LEU G 362 74.54 19.24 22.50
CA LEU G 362 73.99 19.24 21.14
C LEU G 362 72.57 18.69 21.10
N LYS G 363 72.27 17.68 21.92
CA LYS G 363 70.90 17.15 21.95
C LYS G 363 69.94 18.21 22.45
N ASP G 364 70.40 19.09 23.35
CA ASP G 364 69.53 20.14 23.85
C ASP G 364 69.43 21.29 22.85
N ALA G 365 70.51 21.61 22.16
CA ALA G 365 70.46 22.67 21.16
C ALA G 365 69.58 22.26 20.00
N GLN G 366 69.60 20.97 19.66
CA GLN G 366 68.76 20.44 18.58
C GLN G 366 67.29 20.71 18.86
N THR G 367 66.89 20.64 20.12
CA THR G 367 65.51 20.85 20.53
C THR G 367 65.12 22.34 20.56
N ASN G 368 65.29 22.98 19.42
CA ASN G 368 64.87 24.38 19.27
C ASN G 368 64.15 24.61 17.95
N SER G 369 64.08 23.62 17.07
CA SER G 369 63.39 23.77 15.80
C SER G 369 61.93 24.11 16.02
N SER G 370 61.25 23.29 16.83
CA SER G 370 59.86 23.48 17.19
C SER G 370 59.72 24.35 18.43
N SER G 371 60.72 25.18 18.71
CA SER G 371 60.69 26.04 19.89
C SER G 371 59.83 27.25 19.59
N ARG G 372 58.62 27.00 19.09
CA ARG G 372 57.66 28.05 18.79
C ARG G 372 56.55 28.04 19.83
N ARG G 373 56.74 27.27 20.90
CA ARG G 373 55.84 27.08 22.03
C ARG G 373 55.79 28.28 22.97
N ARG G 374 56.56 29.33 22.70
CA ARG G 374 56.57 30.54 23.52
C ARG G 374 56.62 31.78 22.65
N ILE G 375 56.21 32.89 23.25
CA ILE G 375 56.16 34.20 22.59
C ILE G 375 56.49 35.28 23.62
N GLU G 376 57.30 36.24 23.20
CA GLU G 376 57.71 37.34 24.07
C GLU G 376 56.56 38.31 24.31
N PRO G 377 56.65 39.12 25.38
CA PRO G 377 55.55 40.07 25.64
C PRO G 377 55.46 41.19 24.64
N TRP G 378 56.58 41.70 24.12
CA TRP G 378 56.50 42.78 23.14
C TRP G 378 55.75 42.31 21.90
N GLU G 379 56.10 41.12 21.39
CA GLU G 379 55.39 40.60 20.24
C GLU G 379 53.97 40.20 20.60
N PHE G 380 53.72 39.88 21.87
CA PHE G 380 52.35 39.57 22.25
C PHE G 380 51.51 40.84 22.16
N ASP G 381 52.08 41.97 22.56
CA ASP G 381 51.37 43.24 22.45
C ASP G 381 51.25 43.69 21.00
N VAL G 382 52.18 43.28 20.15
CA VAL G 382 52.11 43.65 18.75
C VAL G 382 51.05 42.83 18.00
N PHE G 383 50.94 41.54 18.34
CA PHE G 383 50.00 40.66 17.65
C PHE G 383 48.60 40.61 18.27
N TYR G 384 48.49 40.23 19.54
CA TYR G 384 47.19 40.10 20.21
C TYR G 384 46.88 41.39 20.97
N ASP G 385 46.38 42.39 20.24
CA ASP G 385 46.02 43.66 20.81
C ASP G 385 44.77 44.11 20.05
N PRO G 386 43.72 44.56 20.73
CA PRO G 386 42.51 45.00 20.02
C PRO G 386 42.73 46.16 19.05
N ARG G 387 43.97 46.64 18.93
CA ARG G 387 44.27 47.74 18.03
C ARG G 387 44.87 47.21 16.73
N GLU G 388 44.57 47.91 15.65
CA GLU G 388 44.92 47.50 14.29
C GLU G 388 46.41 47.62 13.92
N LEU G 389 46.88 46.59 13.21
CA LEU G 389 48.23 46.47 12.64
C LEU G 389 48.04 45.37 11.60
N ARG G 390 48.27 45.66 10.31
CA ARG G 390 47.97 44.67 9.28
C ARG G 390 49.01 43.58 9.05
N LYS G 391 50.28 43.78 9.39
CA LYS G 391 51.27 42.76 9.11
C LYS G 391 51.38 41.72 10.21
N GLU G 392 50.28 41.48 10.92
CA GLU G 392 50.25 40.51 11.99
C GLU G 392 49.78 39.16 11.47
N ALA G 393 50.53 38.13 11.82
CA ALA G 393 50.25 36.75 11.44
C ALA G 393 50.76 35.92 12.63
N CYS G 394 49.83 35.65 13.55
CA CYS G 394 50.13 34.93 14.77
C CYS G 394 48.99 33.97 15.06
N LEU G 395 49.34 32.79 15.54
CA LEU G 395 48.35 31.78 15.86
C LEU G 395 48.82 31.02 17.07
N LEU G 396 48.00 30.96 18.10
CA LEU G 396 48.33 30.21 19.30
C LEU G 396 47.40 29.02 19.24
N TYR G 397 47.94 27.87 18.87
CA TYR G 397 47.14 26.68 18.72
C TYR G 397 47.45 25.70 19.84
N GLU G 398 46.37 25.17 20.41
CA GLU G 398 46.41 24.23 21.53
C GLU G 398 45.55 23.04 21.13
N ILE G 399 46.20 21.89 20.92
CA ILE G 399 45.54 20.66 20.49
C ILE G 399 45.43 19.71 21.67
N LYS G 400 44.21 19.42 22.10
CA LYS G 400 43.96 18.50 23.20
C LYS G 400 43.64 17.14 22.60
N TRP G 401 44.44 16.14 22.92
CA TRP G 401 44.24 14.80 22.40
C TRP G 401 43.41 14.01 23.42
N GLY G 402 42.19 13.65 23.04
CA GLY G 402 41.31 12.91 23.95
C GLY G 402 41.90 11.59 24.42
N ALA G 403 42.76 10.99 23.61
CA ALA G 403 43.36 9.70 23.98
C ALA G 403 44.29 9.87 25.18
N SER G 404 45.22 10.81 25.10
CA SER G 404 46.18 11.05 26.17
C SER G 404 45.75 12.16 27.13
N SER G 405 44.67 12.88 26.82
CA SER G 405 44.15 13.97 27.65
C SER G 405 45.22 15.03 27.90
N LYS G 406 46.20 15.11 26.99
CA LYS G 406 47.27 16.10 27.06
C LYS G 406 47.04 17.19 26.03
N ILE G 407 47.50 18.39 26.37
CA ILE G 407 47.38 19.57 25.51
C ILE G 407 48.75 19.89 24.93
N TRP G 408 48.80 20.10 23.62
CA TRP G 408 50.02 20.46 22.92
C TRP G 408 49.84 21.93 22.52
N ARG G 409 50.64 22.81 23.08
CA ARG G 409 50.55 24.23 22.81
C ARG G 409 51.74 24.68 21.95
N SER G 410 51.48 25.67 21.10
CA SER G 410 52.53 26.25 20.26
C SER G 410 51.96 27.40 19.45
N SER G 411 52.79 28.02 18.59
CA SER G 411 52.30 29.14 17.80
C SER G 411 52.56 29.00 16.30
N GLY G 412 52.24 30.04 15.55
CA GLY G 412 52.38 30.07 14.11
C GLY G 412 52.58 31.49 13.63
N LYS G 413 53.33 31.61 12.54
CA LYS G 413 53.74 32.86 11.91
C LYS G 413 53.24 32.94 10.46
N ASN G 414 53.68 33.99 9.74
CA ASN G 414 53.22 34.24 8.38
C ASN G 414 53.84 33.32 7.33
N THR G 415 55.12 33.47 7.06
CA THR G 415 55.86 32.66 6.07
C THR G 415 55.15 32.64 4.71
N THR G 416 55.03 33.84 4.11
CA THR G 416 54.43 34.05 2.79
C THR G 416 53.06 33.40 2.59
N ASN G 417 52.43 32.94 3.66
CA ASN G 417 51.14 32.29 3.55
C ASN G 417 50.32 32.62 4.75
N HIS G 418 49.01 32.50 4.61
CA HIS G 418 48.16 32.76 5.75
C HIS G 418 48.44 31.71 6.83
N VAL G 419 48.47 32.16 8.08
CA VAL G 419 48.80 31.23 9.15
C VAL G 419 47.93 29.99 9.13
N ALA G 420 46.68 30.12 8.70
CA ALA G 420 45.78 28.96 8.67
C ALA G 420 46.32 27.87 7.76
N VAL G 421 46.68 28.23 6.52
CA VAL G 421 47.19 27.22 5.59
C VAL G 421 48.49 26.65 6.10
N ASN G 422 49.30 27.47 6.79
CA ASN G 422 50.53 26.93 7.32
C ASN G 422 50.27 25.86 8.37
N PHE G 423 49.33 26.12 9.29
CA PHE G 423 49.00 25.11 10.29
C PHE G 423 48.42 23.86 9.64
N ILE G 424 47.60 24.03 8.61
CA ILE G 424 47.01 22.87 7.94
C ILE G 424 48.11 22.00 7.35
N LYS G 425 49.07 22.64 6.66
CA LYS G 425 50.18 21.88 6.08
C LYS G 425 51.01 21.19 7.15
N LYS G 426 51.27 21.88 8.27
CA LYS G 426 52.06 21.27 9.33
C LYS G 426 51.38 20.04 9.91
N PHE G 427 50.07 20.14 10.17
CA PHE G 427 49.36 19.00 10.75
C PHE G 427 49.26 17.85 9.75
N THR G 428 48.99 18.15 8.48
CA THR G 428 48.90 17.09 7.48
C THR G 428 50.24 16.39 7.27
N SER G 429 51.34 17.16 7.27
CA SER G 429 52.64 16.56 7.08
C SER G 429 53.08 15.75 8.30
N GLU G 430 52.70 16.17 9.50
CA GLU G 430 53.09 15.43 10.70
C GLU G 430 52.10 14.33 11.08
N ARG G 431 51.04 14.14 10.30
CA ARG G 431 50.03 13.10 10.51
C ARG G 431 50.60 11.76 10.96
N ASP G 432 51.75 11.36 10.43
CA ASP G 432 52.34 10.07 10.79
C ASP G 432 52.80 10.04 12.25
N PHE G 433 53.39 11.14 12.74
CA PHE G 433 53.87 11.17 14.12
C PHE G 433 52.75 11.03 15.14
N HIS G 434 51.69 11.82 15.03
CA HIS G 434 50.60 11.76 16.00
C HIS G 434 49.59 10.69 15.62
N PRO G 435 49.44 9.62 16.41
CA PRO G 435 48.45 8.59 16.08
C PRO G 435 47.08 8.82 16.70
N SER G 436 46.96 9.77 17.63
CA SER G 436 45.68 10.06 18.26
C SER G 436 44.67 10.48 17.20
N THR G 437 43.47 9.91 17.26
CA THR G 437 42.45 10.15 16.25
C THR G 437 41.43 11.25 16.59
N SER G 438 41.10 11.48 17.86
CA SER G 438 40.09 12.47 18.26
C SER G 438 40.79 13.65 18.95
N CYS G 439 40.95 14.76 18.21
CA CYS G 439 41.62 15.95 18.72
C CYS G 439 40.72 17.18 18.71
N SER G 440 40.85 17.99 19.77
CA SER G 440 40.13 19.25 19.94
C SER G 440 41.14 20.37 19.75
N ILE G 441 41.06 21.10 18.64
CA ILE G 441 41.99 22.16 18.31
C ILE G 441 41.39 23.51 18.69
N THR G 442 42.18 24.34 19.37
CA THR G 442 41.77 25.66 19.79
C THR G 442 42.76 26.69 19.25
N TRP G 443 42.26 27.60 18.42
CA TRP G 443 43.07 28.64 17.81
C TRP G 443 42.85 29.99 18.50
N PHE G 444 43.95 30.74 18.67
CA PHE G 444 43.94 32.09 19.23
C PHE G 444 44.72 32.93 18.23
N LEU G 445 44.03 33.64 17.36
CA LEU G 445 44.69 34.45 16.34
C LEU G 445 44.17 35.88 16.41
N SER G 446 44.94 36.80 15.83
CA SER G 446 44.56 38.21 15.89
C SER G 446 43.54 38.58 14.81
N TRP G 447 43.80 38.22 13.56
CA TRP G 447 42.89 38.57 12.48
C TRP G 447 41.97 37.41 12.14
N SER G 448 40.70 37.73 11.85
CA SER G 448 39.74 36.71 11.50
C SER G 448 40.12 36.09 10.15
N PRO G 449 39.93 34.77 9.99
CA PRO G 449 40.30 34.13 8.72
C PRO G 449 39.59 34.76 7.53
N CYS G 450 40.34 34.93 6.46
CA CYS G 450 39.85 35.51 5.22
C CYS G 450 39.04 34.48 4.45
N TRP G 451 38.50 34.89 3.30
CA TRP G 451 37.70 34.00 2.46
C TRP G 451 38.49 32.76 2.06
N GLU G 452 39.69 32.96 1.53
CA GLU G 452 40.53 31.84 1.12
C GLU G 452 40.84 30.93 2.30
N CYS G 453 41.17 31.50 3.46
CA CYS G 453 41.44 30.67 4.63
C CYS G 453 40.19 29.93 5.09
N SER G 454 39.02 30.55 4.98
CA SER G 454 37.80 29.86 5.39
C SER G 454 37.60 28.63 4.52
N GLN G 455 37.83 28.77 3.21
CA GLN G 455 37.67 27.61 2.33
C GLN G 455 38.73 26.55 2.62
N ALA G 456 39.98 26.98 2.87
CA ALA G 456 41.04 26.02 3.18
C ALA G 456 40.76 25.29 4.48
N ILE G 457 40.31 26.02 5.50
CA ILE G 457 39.99 25.43 6.80
C ILE G 457 38.84 24.46 6.67
N ARG G 458 37.84 24.79 5.85
CA ARG G 458 36.72 23.88 5.68
C ARG G 458 37.16 22.62 4.97
N GLU G 459 38.01 22.75 3.94
CA GLU G 459 38.47 21.56 3.25
C GLU G 459 39.31 20.68 4.18
N PHE G 460 40.12 21.29 5.05
CA PHE G 460 40.90 20.51 6.00
C PHE G 460 40.01 19.81 7.03
N LEU G 461 38.95 20.50 7.47
CA LEU G 461 38.05 19.92 8.45
C LEU G 461 37.24 18.78 7.84
N SER G 462 36.90 18.88 6.56
CA SER G 462 36.18 17.78 5.94
C SER G 462 37.13 16.65 5.56
N ARG G 463 38.40 17.00 5.34
CA ARG G 463 39.42 16.00 5.00
C ARG G 463 39.65 15.08 6.18
N HIS G 464 39.74 15.66 7.38
CA HIS G 464 39.95 14.90 8.61
C HIS G 464 38.67 14.98 9.42
N PRO G 465 37.86 13.91 9.46
CA PRO G 465 36.59 13.97 10.21
C PRO G 465 36.70 14.31 11.68
N GLY G 466 37.46 13.55 12.45
CA GLY G 466 37.56 13.81 13.89
C GLY G 466 38.39 15.00 14.33
N VAL G 467 37.97 16.21 14.02
CA VAL G 467 38.68 17.42 14.43
C VAL G 467 37.66 18.48 14.85
N THR G 468 37.56 18.75 16.14
CA THR G 468 36.64 19.76 16.66
C THR G 468 37.43 21.06 16.77
N LEU G 469 37.16 22.00 15.88
CA LEU G 469 37.89 23.26 15.82
C LEU G 469 37.09 24.43 16.38
N VAL G 470 37.73 25.20 17.26
CA VAL G 470 37.19 26.42 17.85
C VAL G 470 38.18 27.54 17.56
N ILE G 471 37.67 28.70 17.18
CA ILE G 471 38.50 29.84 16.81
C ILE G 471 38.13 31.05 17.65
N TYR G 472 39.16 31.68 18.22
CA TYR G 472 39.05 32.89 19.03
C TYR G 472 39.87 33.97 18.31
N VAL G 473 39.19 34.98 17.79
CA VAL G 473 39.88 36.05 17.07
C VAL G 473 39.87 37.33 17.89
N ALA G 474 40.96 38.09 17.76
CA ALA G 474 41.12 39.35 18.46
C ALA G 474 40.73 40.54 17.61
N ARG G 475 40.80 40.42 16.29
CA ARG G 475 40.43 41.48 15.38
C ARG G 475 39.70 40.84 14.19
N LEU G 476 39.10 41.67 13.35
CA LEU G 476 38.36 41.20 12.18
C LEU G 476 39.02 41.75 10.92
N PHE G 477 39.39 40.85 10.02
CA PHE G 477 40.05 41.21 8.78
C PHE G 477 39.02 41.44 7.68
N ALA G 478 39.01 42.65 7.13
CA ALA G 478 38.10 43.05 6.07
C ALA G 478 36.67 42.61 6.38
N HIS G 479 36.19 43.07 7.53
CA HIS G 479 34.85 42.71 7.95
C HIS G 479 33.76 43.29 7.05
N MET G 480 34.11 44.06 6.02
CA MET G 480 33.11 44.62 5.11
C MET G 480 33.24 44.08 3.70
N ASP G 481 33.67 42.84 3.56
CA ASP G 481 33.80 42.19 2.28
C ASP G 481 32.83 41.03 2.26
N GLN G 482 31.91 41.03 1.29
CA GLN G 482 30.92 39.97 1.20
C GLN G 482 31.56 38.59 1.22
N GLN G 483 32.75 38.46 0.60
CA GLN G 483 33.43 37.17 0.58
C GLN G 483 33.91 36.77 1.97
N ASN G 484 34.58 37.67 2.70
CA ASN G 484 35.02 37.31 4.04
C ASN G 484 33.84 37.06 4.95
N ARG G 485 32.78 37.84 4.80
CA ARG G 485 31.56 37.69 5.59
C ARG G 485 31.01 36.27 5.41
N GLN G 486 30.77 35.88 4.16
CA GLN G 486 30.26 34.54 3.89
C GLN G 486 31.26 33.47 4.30
N GLY G 487 32.56 33.77 4.30
CA GLY G 487 33.54 32.78 4.72
C GLY G 487 33.40 32.49 6.21
N LEU G 488 33.23 33.55 7.01
CA LEU G 488 33.04 33.35 8.44
C LEU G 488 31.73 32.59 8.68
N ARG G 489 30.67 32.96 7.95
CA ARG G 489 29.41 32.26 8.09
C ARG G 489 29.55 30.79 7.69
N ASP G 490 30.37 30.52 6.68
CA ASP G 490 30.61 29.16 6.24
C ASP G 490 31.30 28.37 7.35
N LEU G 491 32.33 28.96 7.96
CA LEU G 491 33.02 28.26 9.03
C LEU G 491 32.08 27.94 10.18
N VAL G 492 31.24 28.91 10.57
CA VAL G 492 30.30 28.65 11.67
C VAL G 492 29.29 27.58 11.28
N ASN G 493 28.72 27.68 10.09
CA ASN G 493 27.74 26.70 9.63
C ASN G 493 28.35 25.32 9.44
N SER G 494 29.66 25.23 9.29
CA SER G 494 30.34 23.95 9.11
C SER G 494 30.75 23.32 10.43
N GLY G 495 30.42 23.91 11.56
CA GLY G 495 30.75 23.38 12.86
C GLY G 495 31.97 23.98 13.53
N VAL G 496 32.24 25.26 13.31
CA VAL G 496 33.40 25.94 13.89
C VAL G 496 32.89 27.11 14.70
N THR G 497 33.09 27.05 16.02
CA THR G 497 32.67 28.13 16.89
C THR G 497 33.67 29.26 16.74
N ILE G 498 33.18 30.48 16.56
CA ILE G 498 34.04 31.65 16.40
C ILE G 498 33.59 32.71 17.39
N GLN G 499 34.51 33.15 18.23
CA GLN G 499 34.18 34.18 19.22
C GLN G 499 35.32 35.19 19.30
N ILE G 500 34.97 36.40 19.70
CA ILE G 500 35.98 37.45 19.84
C ILE G 500 36.64 37.28 21.20
N MET G 501 37.97 37.37 21.22
CA MET G 501 38.71 37.22 22.46
C MET G 501 38.33 38.29 23.47
N ARG G 502 38.17 37.88 24.72
CA ARG G 502 37.84 38.76 25.82
C ARG G 502 38.93 38.64 26.86
N ASP G 503 38.72 39.35 27.98
CA ASP G 503 39.69 39.34 29.06
C ASP G 503 40.16 37.92 29.40
N SER G 504 39.20 36.99 29.54
CA SER G 504 39.54 35.61 29.87
C SER G 504 40.50 34.99 28.86
N GLU G 505 40.17 35.09 27.57
CA GLU G 505 41.03 34.49 26.56
C GLU G 505 42.42 35.13 26.55
N TYR G 506 42.50 36.46 26.65
CA TYR G 506 43.80 37.11 26.65
C TYR G 506 44.64 36.67 27.84
N TYR G 507 44.03 36.58 29.02
CA TYR G 507 44.77 36.12 30.19
C TYR G 507 45.21 34.68 30.03
N HIS G 508 44.38 33.86 29.38
CA HIS G 508 44.73 32.46 29.14
C HIS G 508 45.96 32.38 28.24
N CYS G 509 45.98 33.18 27.18
CA CYS G 509 47.12 33.17 26.28
C CYS G 509 48.36 33.72 26.97
N TRP G 510 48.19 34.75 27.80
CA TRP G 510 49.33 35.33 28.52
C TRP G 510 49.95 34.32 29.46
N ARG G 511 49.12 33.54 30.14
CA ARG G 511 49.64 32.57 31.09
C ARG G 511 50.15 31.29 30.44
N ASN G 512 49.57 30.86 29.32
CA ASN G 512 49.98 29.60 28.71
C ASN G 512 50.96 29.74 27.54
N PHE G 513 51.00 30.86 26.83
CA PHE G 513 51.88 31.01 25.68
C PHE G 513 52.94 32.09 25.81
N VAL G 514 52.64 33.21 26.48
CA VAL G 514 53.60 34.30 26.59
C VAL G 514 54.77 33.90 27.49
N ASN G 515 55.97 34.35 27.11
CA ASN G 515 57.19 34.12 27.88
C ASN G 515 57.29 35.25 28.91
N TYR G 516 56.34 35.22 29.84
CA TYR G 516 56.23 36.23 30.86
C TYR G 516 57.40 36.18 31.84
N PRO G 517 57.78 37.34 32.39
CA PRO G 517 58.89 37.38 33.35
C PRO G 517 58.51 36.61 34.61
N PRO G 518 59.49 36.28 35.46
CA PRO G 518 59.15 35.50 36.67
C PRO G 518 58.11 36.15 37.58
N GLY G 519 58.29 37.42 37.92
CA GLY G 519 57.34 38.08 38.81
C GLY G 519 55.96 38.26 38.23
N ASP G 520 55.87 38.54 36.92
CA ASP G 520 54.58 38.80 36.26
C ASP G 520 53.94 37.49 35.79
N GLU G 521 53.53 36.69 36.77
CA GLU G 521 52.86 35.42 36.45
C GLU G 521 51.46 35.69 35.88
N ALA G 522 50.60 36.31 36.67
CA ALA G 522 49.24 36.63 36.29
C ALA G 522 49.07 38.08 35.85
N HIS G 523 50.16 38.87 35.88
CA HIS G 523 50.11 40.28 35.49
C HIS G 523 50.04 40.40 33.97
N TRP G 524 48.86 40.06 33.43
CA TRP G 524 48.68 40.16 31.99
C TRP G 524 48.37 41.62 31.66
N PRO G 525 48.80 42.10 30.48
CA PRO G 525 48.54 43.50 30.14
C PRO G 525 47.07 43.74 29.90
N GLN G 526 46.41 44.39 30.86
CA GLN G 526 44.99 44.67 30.78
C GLN G 526 44.73 45.68 29.66
N TYR G 527 44.04 45.23 28.63
CA TYR G 527 43.62 45.87 27.39
C TYR G 527 42.24 46.51 27.54
N PRO G 528 42.02 47.63 26.87
CA PRO G 528 40.70 48.28 26.93
C PRO G 528 39.65 47.41 26.28
N PRO G 529 38.46 47.31 26.89
CA PRO G 529 37.39 46.46 26.32
C PRO G 529 36.66 47.04 25.13
N ALA G 530 36.87 48.33 24.82
CA ALA G 530 36.17 48.98 23.72
C ALA G 530 36.18 48.21 22.41
N TRP G 531 37.37 48.03 21.82
CA TRP G 531 37.44 47.32 20.54
C TRP G 531 37.07 45.85 20.66
N MET G 532 37.30 45.23 21.83
CA MET G 532 36.91 43.84 21.98
C MET G 532 35.40 43.71 21.81
N MET G 533 34.64 44.55 22.50
CA MET G 533 33.19 44.51 22.39
C MET G 533 32.73 44.94 21.00
N LEU G 534 33.41 45.91 20.38
CA LEU G 534 33.02 46.35 19.04
C LEU G 534 33.18 45.23 18.02
N TYR G 535 34.35 44.55 18.04
CA TYR G 535 34.54 43.44 17.12
C TYR G 535 33.57 42.31 17.45
N ALA G 536 33.18 42.16 18.72
CA ALA G 536 32.21 41.12 19.06
C ALA G 536 30.85 41.43 18.42
N LEU G 537 30.44 42.71 18.50
CA LEU G 537 29.18 43.12 17.90
C LEU G 537 29.21 42.88 16.39
N GLU G 538 30.32 43.24 15.75
CA GLU G 538 30.43 43.02 14.32
C GLU G 538 30.40 41.53 13.99
N LEU G 539 31.06 40.70 14.79
CA LEU G 539 31.06 39.27 14.51
C LEU G 539 29.64 38.71 14.57
N HIS G 540 28.85 39.17 15.54
CA HIS G 540 27.47 38.68 15.57
C HIS G 540 26.69 39.21 14.36
N CYS G 541 27.00 40.42 13.90
CA CYS G 541 26.33 40.89 12.70
C CYS G 541 26.74 40.04 11.51
N ILE G 542 27.94 39.47 11.58
CA ILE G 542 28.44 38.62 10.50
C ILE G 542 27.68 37.30 10.49
N ILE G 543 27.56 36.67 11.65
CA ILE G 543 26.85 35.38 11.73
C ILE G 543 25.36 35.53 11.43
N LEU G 544 24.76 36.67 11.78
CA LEU G 544 23.33 36.86 11.54
C LEU G 544 23.00 37.32 10.12
N SER G 545 23.96 37.27 9.19
CA SER G 545 23.75 37.70 7.79
C SER G 545 23.21 39.12 7.71
N LEU G 546 23.63 39.95 8.63
CA LEU G 546 23.24 41.34 8.74
C LEU G 546 24.24 42.26 8.05
N PRO G 547 23.86 43.50 7.79
CA PRO G 547 24.80 44.44 7.17
C PRO G 547 25.82 44.90 8.20
N PRO G 548 26.92 45.48 7.76
CA PRO G 548 27.96 45.91 8.71
C PRO G 548 27.50 47.06 9.59
N CYS G 549 27.91 47.03 10.86
CA CYS G 549 27.58 48.08 11.82
C CYS G 549 28.69 49.09 11.96
N LEU G 550 29.90 48.66 12.26
CA LEU G 550 31.01 49.59 12.39
C LEU G 550 31.77 49.61 11.07
N LYS G 551 32.38 50.76 10.80
CA LYS G 551 33.16 50.99 9.59
C LYS G 551 34.41 51.73 10.02
N ILE G 552 35.55 51.11 9.83
CA ILE G 552 36.84 51.67 10.21
C ILE G 552 37.53 52.25 9.00
N SER G 553 38.36 53.26 9.24
CA SER G 553 39.12 53.91 8.18
C SER G 553 40.46 54.31 8.79
N ARG G 554 41.48 53.55 8.45
CA ARG G 554 42.86 53.74 8.90
C ARG G 554 43.69 54.25 7.73
N ARG G 555 44.87 54.77 8.05
CA ARG G 555 45.76 55.26 7.01
C ARG G 555 47.21 54.89 7.22
N ALA G 556 47.57 54.31 8.36
CA ALA G 556 48.95 53.96 8.63
C ALA G 556 48.98 52.66 9.43
N GLN G 557 50.13 52.36 10.02
CA GLN G 557 50.27 51.14 10.82
C GLN G 557 49.33 51.14 12.00
N ASN G 558 49.24 52.28 12.71
CA ASN G 558 48.39 52.40 13.89
C ASN G 558 47.56 53.69 13.88
N HIS G 559 47.53 54.42 12.76
CA HIS G 559 46.78 55.67 12.70
C HIS G 559 45.32 55.37 12.39
N LEU G 560 44.44 55.68 13.35
CA LEU G 560 43.01 55.46 13.24
C LEU G 560 42.36 56.81 12.93
N THR G 561 41.93 57.00 11.69
CA THR G 561 41.32 58.27 11.30
C THR G 561 39.82 58.31 11.50
N ALA G 562 39.09 57.26 11.14
CA ALA G 562 37.64 57.28 11.27
C ALA G 562 37.10 55.97 11.79
N PHE G 563 36.02 56.09 12.56
CA PHE G 563 35.33 54.94 13.14
C PHE G 563 33.86 55.30 13.25
N ARG G 564 33.00 54.63 12.49
CA ARG G 564 31.57 54.91 12.55
C ARG G 564 30.78 53.66 12.89
N LEU G 565 29.92 53.76 13.89
CA LEU G 565 29.05 52.71 14.35
C LEU G 565 27.63 53.10 13.92
N HIS G 566 27.09 52.39 12.94
CA HIS G 566 25.78 52.67 12.35
C HIS G 566 24.85 51.50 12.67
N LEU G 567 23.92 51.73 13.59
CA LEU G 567 22.96 50.70 14.02
C LEU G 567 21.59 51.00 13.42
N GLN G 568 21.22 50.23 12.40
CA GLN G 568 19.90 50.41 11.82
C GLN G 568 18.84 49.76 12.70
N ASN G 569 17.58 50.02 12.32
CA ASN G 569 16.49 49.41 13.07
C ASN G 569 16.60 47.90 12.99
N CYS G 570 17.12 47.40 11.86
CA CYS G 570 17.31 45.98 11.67
C CYS G 570 18.14 45.40 12.80
N HIS G 571 19.31 46.00 13.02
CA HIS G 571 20.23 45.54 14.07
C HIS G 571 19.54 45.56 15.43
N TYR G 572 18.97 46.71 15.82
CA TYR G 572 18.30 46.72 17.13
C TYR G 572 17.23 45.64 17.25
N GLN G 573 16.58 45.28 16.15
CA GLN G 573 15.52 44.27 16.16
C GLN G 573 16.04 42.84 16.24
N THR G 574 17.14 42.51 15.57
CA THR G 574 17.63 41.13 15.56
C THR G 574 18.89 40.84 16.38
N ILE G 575 19.82 41.79 16.53
CA ILE G 575 21.02 41.53 17.31
C ILE G 575 20.64 41.25 18.77
N PRO G 576 21.27 40.28 19.44
CA PRO G 576 20.91 40.02 20.83
C PRO G 576 21.13 41.26 21.67
N PRO G 577 20.32 41.46 22.71
CA PRO G 577 20.47 42.68 23.52
C PRO G 577 21.65 42.69 24.46
N HIS G 578 22.12 41.53 24.94
CA HIS G 578 23.25 41.53 25.87
C HIS G 578 24.51 42.07 25.21
N ILE G 579 24.72 41.77 23.92
CA ILE G 579 25.91 42.26 23.23
C ILE G 579 25.86 43.78 23.07
N LEU G 580 24.74 44.29 22.55
CA LEU G 580 24.58 45.73 22.38
C LEU G 580 24.76 46.44 23.72
N LEU G 581 24.14 45.92 24.78
CA LEU G 581 24.29 46.54 26.08
C LEU G 581 25.73 46.44 26.59
N ALA G 582 26.42 45.35 26.28
CA ALA G 582 27.79 45.17 26.74
C ALA G 582 28.74 46.14 26.06
N THR G 583 28.42 46.59 24.83
CA THR G 583 29.34 47.53 24.20
C THR G 583 29.40 48.84 24.98
N GLY G 584 28.38 49.14 25.78
CA GLY G 584 28.31 50.33 26.58
C GLY G 584 27.91 51.60 25.88
N LEU G 585 27.84 51.58 24.54
CA LEU G 585 27.47 52.78 23.81
C LEU G 585 25.97 53.00 23.68
N ILE G 586 25.14 51.97 23.79
CA ILE G 586 23.70 52.12 23.65
C ILE G 586 23.03 52.02 25.03
N HIS G 587 21.76 52.43 25.07
CA HIS G 587 20.90 52.43 26.26
C HIS G 587 20.11 51.13 26.37
N PRO G 588 19.96 50.59 27.59
CA PRO G 588 19.23 49.33 27.72
C PRO G 588 17.75 49.45 27.40
N SER G 589 17.15 50.63 27.50
CA SER G 589 15.72 50.75 27.21
C SER G 589 15.44 50.33 25.78
N VAL G 590 16.21 50.87 24.83
CA VAL G 590 15.99 50.54 23.43
C VAL G 590 16.51 49.14 23.15
N ALA G 591 17.58 48.71 23.83
CA ALA G 591 18.07 47.36 23.57
C ALA G 591 17.03 46.31 23.94
N TRP G 592 16.40 46.45 25.11
CA TRP G 592 15.37 45.51 25.55
C TRP G 592 14.05 45.71 24.83
N ARG G 593 13.40 46.86 25.03
CA ARG G 593 12.11 47.10 24.40
C ARG G 593 11.90 48.58 24.06
N LYS H 2 6.48 44.70 31.65
CA LYS H 2 7.14 44.60 30.36
C LYS H 2 6.30 45.20 29.23
N ILE H 3 6.95 45.90 28.30
CA ILE H 3 6.29 46.56 27.17
C ILE H 3 6.52 45.73 25.91
N GLU H 4 5.52 44.95 25.50
CA GLU H 4 5.68 44.10 24.33
C GLU H 4 5.13 44.77 23.08
N GLU H 5 5.67 44.37 21.93
CA GLU H 5 5.27 44.90 20.64
C GLU H 5 3.94 44.29 20.20
N GLY H 6 3.02 45.13 19.76
CA GLY H 6 1.72 44.65 19.34
C GLY H 6 0.87 44.13 20.48
N LYS H 7 1.00 44.72 21.66
CA LYS H 7 0.25 44.32 22.84
C LYS H 7 0.14 45.52 23.77
N LEU H 8 -0.99 45.60 24.47
CA LEU H 8 -1.24 46.68 25.41
C LEU H 8 -1.31 46.15 26.83
N VAL H 9 -0.51 46.73 27.71
CA VAL H 9 -0.47 46.36 29.13
C VAL H 9 -0.86 47.61 29.90
N ILE H 10 -1.93 47.52 30.69
CA ILE H 10 -2.44 48.65 31.44
C ILE H 10 -2.32 48.35 32.94
N TRP H 11 -1.99 49.38 33.71
CA TRP H 11 -1.89 49.30 35.16
C TRP H 11 -2.84 50.32 35.75
N ILE H 12 -3.70 49.87 36.67
CA ILE H 12 -4.68 50.73 37.31
C ILE H 12 -4.71 50.40 38.79
N ASN H 13 -4.98 51.42 39.60
CA ASN H 13 -5.04 51.24 41.04
C ASN H 13 -6.12 50.26 41.44
N GLY H 14 -5.83 49.47 42.49
CA GLY H 14 -6.78 48.51 42.99
C GLY H 14 -8.03 49.20 43.49
N ASP H 15 -9.04 48.44 43.89
CA ASP H 15 -10.31 48.97 44.36
C ASP H 15 -11.04 49.75 43.28
N LYS H 16 -10.75 49.46 42.01
CA LYS H 16 -11.36 50.11 40.86
C LYS H 16 -11.79 49.03 39.88
N GLY H 17 -12.31 49.46 38.72
CA GLY H 17 -12.77 48.50 37.73
C GLY H 17 -11.69 47.74 36.97
N TYR H 18 -10.99 46.84 37.67
CA TYR H 18 -9.95 46.06 37.02
C TYR H 18 -10.54 45.03 36.06
N ASN H 19 -11.67 44.44 36.41
CA ASN H 19 -12.29 43.48 35.53
C ASN H 19 -13.10 44.17 34.44
N GLY H 20 -13.78 45.27 34.77
CA GLY H 20 -14.55 45.96 33.75
C GLY H 20 -13.64 46.53 32.68
N LEU H 21 -12.54 47.16 33.10
CA LEU H 21 -11.60 47.69 32.12
C LEU H 21 -10.97 46.55 31.33
N ALA H 22 -10.72 45.40 31.98
CA ALA H 22 -10.18 44.27 31.25
C ALA H 22 -11.19 43.76 30.21
N GLU H 23 -12.49 43.85 30.51
CA GLU H 23 -13.52 43.44 29.56
C GLU H 23 -13.54 44.39 28.37
N VAL H 24 -13.39 45.69 28.62
CA VAL H 24 -13.34 46.64 27.52
C VAL H 24 -12.12 46.34 26.64
N GLY H 25 -11.00 46.02 27.28
CA GLY H 25 -9.81 45.67 26.53
C GLY H 25 -10.00 44.37 25.76
N LYS H 26 -10.80 43.46 26.32
CA LYS H 26 -11.11 42.21 25.64
C LYS H 26 -11.91 42.49 24.38
N LYS H 27 -12.84 43.45 24.47
CA LYS H 27 -13.63 43.83 23.29
C LYS H 27 -12.71 44.46 22.25
N PHE H 28 -11.76 45.28 22.70
CA PHE H 28 -10.78 45.87 21.78
C PHE H 28 -9.96 44.77 21.10
N GLU H 29 -9.63 43.73 21.86
CA GLU H 29 -8.89 42.59 21.32
C GLU H 29 -9.74 41.85 20.30
N LYS H 30 -11.04 41.73 20.57
CA LYS H 30 -11.93 41.05 19.64
C LYS H 30 -12.04 41.83 18.34
N ASP H 31 -11.94 43.16 18.40
CA ASP H 31 -12.05 43.99 17.20
C ASP H 31 -10.75 44.16 16.41
N THR H 32 -9.61 44.35 17.09
CA THR H 32 -8.34 44.58 16.40
C THR H 32 -7.33 43.44 16.49
N GLY H 33 -7.53 42.46 17.37
CA GLY H 33 -6.60 41.36 17.51
C GLY H 33 -5.35 41.73 18.28
N ILE H 34 -5.51 42.50 19.36
CA ILE H 34 -4.39 42.95 20.18
C ILE H 34 -4.76 42.66 21.63
N LYS H 35 -4.06 41.73 22.26
CA LYS H 35 -4.32 41.37 23.65
C LYS H 35 -4.09 42.54 24.59
N VAL H 36 -5.14 42.94 25.31
CA VAL H 36 -5.08 44.02 26.28
C VAL H 36 -5.14 43.38 27.66
N THR H 37 -4.02 43.41 28.39
CA THR H 37 -3.93 42.83 29.72
C THR H 37 -3.88 43.92 30.77
N VAL H 38 -4.86 43.91 31.69
CA VAL H 38 -4.95 44.89 32.76
C VAL H 38 -4.43 44.26 34.05
N GLU H 39 -3.63 45.03 34.80
CA GLU H 39 -3.05 44.58 36.06
C GLU H 39 -3.21 45.67 37.10
N HIS H 40 -3.11 45.27 38.37
CA HIS H 40 -3.26 46.19 39.50
C HIS H 40 -2.25 45.87 40.59
N PRO H 41 -0.99 46.29 40.41
CA PRO H 41 0.04 46.02 41.43
C PRO H 41 -0.07 46.98 42.60
N ASP H 42 0.48 46.54 43.74
CA ASP H 42 0.46 47.34 44.94
C ASP H 42 1.37 48.56 44.80
N LYS H 43 0.83 49.73 45.15
CA LYS H 43 1.55 51.01 45.09
C LYS H 43 2.19 51.25 43.71
N LEU H 44 1.32 51.29 42.70
CA LEU H 44 1.83 51.53 41.36
C LEU H 44 2.32 52.95 41.18
N GLU H 45 1.81 53.90 41.97
CA GLU H 45 2.27 55.28 41.83
C GLU H 45 3.77 55.39 42.08
N GLU H 46 4.34 54.43 42.79
CA GLU H 46 5.77 54.38 43.07
C GLU H 46 6.48 53.34 42.21
N LYS H 47 5.78 52.28 41.79
CA LYS H 47 6.43 51.28 40.95
C LYS H 47 6.60 51.77 39.51
N PHE H 48 5.62 52.49 38.98
CA PHE H 48 5.67 53.00 37.61
C PHE H 48 6.98 53.67 37.23
N PRO H 49 7.51 54.64 37.97
CA PRO H 49 8.78 55.25 37.54
C PRO H 49 9.94 54.28 37.64
N GLN H 50 9.95 53.43 38.66
CA GLN H 50 11.04 52.47 38.84
C GLN H 50 11.19 51.55 37.61
N VAL H 51 10.08 51.07 37.06
CA VAL H 51 10.17 50.18 35.90
C VAL H 51 10.26 50.98 34.59
N ALA H 52 9.65 52.17 34.54
CA ALA H 52 9.71 52.95 33.33
C ALA H 52 11.13 53.41 33.07
N ALA H 53 11.91 53.66 34.12
CA ALA H 53 13.29 54.07 33.93
C ALA H 53 14.06 52.95 33.24
N THR H 54 13.78 51.69 33.60
CA THR H 54 14.47 50.57 32.98
C THR H 54 14.06 50.43 31.52
N GLY H 55 12.84 50.85 31.19
CA GLY H 55 12.34 50.78 29.82
C GLY H 55 11.12 49.91 29.66
N ASP H 56 10.94 48.94 30.54
CA ASP H 56 9.79 48.06 30.49
C ASP H 56 8.68 48.65 31.36
N GLY H 57 7.58 47.92 31.54
CA GLY H 57 6.49 48.40 32.35
C GLY H 57 5.17 48.37 31.62
N PRO H 58 4.21 49.17 32.08
CA PRO H 58 2.90 49.21 31.44
C PRO H 58 2.85 50.18 30.27
N ASP H 59 2.00 49.85 29.30
CA ASP H 59 1.83 50.72 28.14
C ASP H 59 1.01 51.96 28.48
N ILE H 60 0.05 51.81 29.39
CA ILE H 60 -0.82 52.91 29.82
C ILE H 60 -0.96 52.78 31.33
N ILE H 61 -1.07 53.92 32.01
CA ILE H 61 -1.22 53.96 33.45
C ILE H 61 -2.36 54.89 33.83
N PHE H 62 -3.24 54.42 34.71
CA PHE H 62 -4.36 55.22 35.19
C PHE H 62 -4.07 55.65 36.62
N TRP H 63 -4.19 56.95 36.88
CA TRP H 63 -3.96 57.55 38.19
C TRP H 63 -4.30 59.03 38.00
N ALA H 64 -4.28 59.79 39.09
CA ALA H 64 -4.57 61.21 38.94
C ALA H 64 -3.44 61.92 38.20
N HIS H 65 -3.72 63.18 37.86
CA HIS H 65 -2.77 64.02 37.14
C HIS H 65 -1.63 64.51 38.03
N ASP H 66 -1.79 64.41 39.35
CA ASP H 66 -0.76 64.88 40.28
C ASP H 66 0.54 64.12 40.08
N ARG H 67 0.49 62.78 40.04
CA ARG H 67 1.74 62.06 39.83
C ARG H 67 2.16 62.13 38.38
N PHE H 68 1.22 62.48 37.49
CA PHE H 68 1.56 62.60 36.08
C PHE H 68 2.50 63.77 35.85
N GLY H 69 2.35 64.83 36.65
CA GLY H 69 3.27 65.94 36.50
C GLY H 69 4.70 65.51 36.75
N GLY H 70 4.96 64.88 37.90
CA GLY H 70 6.29 64.39 38.20
C GLY H 70 6.80 63.42 37.15
N TYR H 71 5.93 62.50 36.71
CA TYR H 71 6.32 61.54 35.69
C TYR H 71 6.77 62.24 34.42
N ALA H 72 5.95 63.15 33.90
CA ALA H 72 6.31 63.88 32.69
C ALA H 72 7.57 64.71 32.91
N GLN H 73 7.78 65.21 34.13
CA GLN H 73 8.98 65.98 34.42
C GLN H 73 10.22 65.11 34.23
N SER H 74 10.12 63.85 34.64
CA SER H 74 11.25 62.93 34.48
C SER H 74 11.34 62.36 33.07
N GLY H 75 10.47 62.78 32.16
CA GLY H 75 10.49 62.29 30.79
C GLY H 75 9.95 60.89 30.65
N LEU H 76 8.98 60.51 31.49
CA LEU H 76 8.37 59.19 31.46
C LEU H 76 7.08 59.14 30.67
N LEU H 77 6.41 60.27 30.48
CA LEU H 77 5.15 60.34 29.75
C LEU H 77 5.36 60.94 28.36
N ALA H 78 4.55 60.47 27.42
CA ALA H 78 4.61 60.92 26.03
C ALA H 78 3.48 61.92 25.76
N GLU H 79 3.77 62.88 24.89
CA GLU H 79 2.78 63.90 24.54
C GLU H 79 1.57 63.28 23.86
N ILE H 80 0.39 63.79 24.19
CA ILE H 80 -0.88 63.33 23.65
C ILE H 80 -1.29 64.26 22.51
N THR H 81 -1.86 63.68 21.45
CA THR H 81 -2.34 64.45 20.29
C THR H 81 -3.86 64.27 20.20
N PRO H 82 -4.62 65.07 20.95
CA PRO H 82 -6.09 64.96 20.89
C PRO H 82 -6.73 65.87 19.85
N ASP H 83 -7.08 65.30 18.70
CA ASP H 83 -7.75 66.02 17.62
C ASP H 83 -8.82 66.96 18.16
N LYS H 84 -8.72 68.24 17.78
CA LYS H 84 -9.61 69.33 18.19
C LYS H 84 -11.05 68.90 18.51
N ALA H 85 -11.65 67.98 17.72
CA ALA H 85 -13.02 67.55 18.01
C ALA H 85 -13.05 66.78 19.32
N PHE H 86 -12.09 65.88 19.49
CA PHE H 86 -11.98 65.08 20.70
C PHE H 86 -11.69 66.01 21.88
N GLN H 87 -10.94 67.08 21.61
CA GLN H 87 -10.64 68.03 22.68
C GLN H 87 -11.91 68.75 23.12
N ASP H 88 -12.80 69.04 22.16
CA ASP H 88 -14.07 69.70 22.43
C ASP H 88 -15.10 68.75 23.05
N LYS H 89 -14.87 67.44 22.97
CA LYS H 89 -15.82 66.49 23.54
C LYS H 89 -15.74 66.42 25.06
N LEU H 90 -14.58 66.73 25.65
CA LEU H 90 -14.41 66.67 27.09
C LEU H 90 -14.49 68.06 27.72
N TYR H 91 -14.80 68.09 29.01
CA TYR H 91 -14.89 69.35 29.73
C TYR H 91 -13.52 70.02 29.81
N PRO H 92 -13.48 71.36 29.82
CA PRO H 92 -12.19 72.05 29.88
C PRO H 92 -11.46 71.88 31.20
N PHE H 93 -12.18 71.67 32.31
CA PHE H 93 -11.52 71.49 33.61
C PHE H 93 -10.55 70.31 33.57
N THR H 94 -11.02 69.16 33.07
CA THR H 94 -10.18 67.97 33.00
C THR H 94 -8.94 68.19 32.14
N TRP H 95 -9.13 68.80 30.96
CA TRP H 95 -7.99 69.05 30.09
C TRP H 95 -7.00 69.99 30.79
N ASP H 96 -7.50 71.01 31.48
CA ASP H 96 -6.60 71.91 32.18
C ASP H 96 -5.85 71.18 33.28
N ALA H 97 -6.48 70.15 33.87
CA ALA H 97 -5.85 69.40 34.94
C ALA H 97 -4.74 68.48 34.41
N VAL H 98 -4.86 68.01 33.17
CA VAL H 98 -3.85 67.10 32.62
C VAL H 98 -2.77 67.82 31.82
N ARG H 99 -2.76 69.15 31.86
CA ARG H 99 -1.76 69.93 31.13
C ARG H 99 -0.57 70.27 32.01
N TYR H 100 0.63 69.90 31.54
CA TYR H 100 1.89 70.16 32.24
C TYR H 100 2.79 70.95 31.31
N ASN H 101 3.11 72.18 31.71
CA ASN H 101 3.96 73.09 30.93
C ASN H 101 3.32 73.37 29.57
N GLY H 102 2.03 73.67 29.59
CA GLY H 102 1.33 73.96 28.37
C GLY H 102 1.28 72.80 27.39
N LYS H 103 1.51 71.58 27.87
CA LYS H 103 1.49 70.41 26.99
C LYS H 103 0.67 69.31 27.63
N LEU H 104 -0.23 68.71 26.84
CA LEU H 104 -1.07 67.65 27.35
C LEU H 104 -0.25 66.37 27.49
N ILE H 105 -0.34 65.73 28.66
CA ILE H 105 0.41 64.51 28.94
C ILE H 105 -0.46 63.28 29.15
N ALA H 106 -1.76 63.42 29.37
CA ALA H 106 -2.60 62.25 29.60
C ALA H 106 -4.04 62.56 29.26
N TYR H 107 -4.80 61.48 29.01
CA TYR H 107 -6.22 61.60 28.70
C TYR H 107 -7.03 61.62 29.99
N PRO H 108 -7.82 62.65 30.24
CA PRO H 108 -8.63 62.69 31.48
C PRO H 108 -9.80 61.71 31.38
N ILE H 109 -9.95 60.87 32.38
CA ILE H 109 -11.02 59.87 32.41
C ILE H 109 -12.21 60.33 33.23
N ALA H 110 -12.01 60.72 34.49
CA ALA H 110 -13.14 61.15 35.30
C ALA H 110 -12.67 62.01 36.45
N VAL H 111 -13.64 62.57 37.17
CA VAL H 111 -13.41 63.43 38.33
C VAL H 111 -13.88 62.69 39.57
N GLU H 112 -13.09 62.75 40.64
CA GLU H 112 -13.44 62.07 41.87
C GLU H 112 -13.12 62.93 43.10
N LEU H 122 -29.24 53.57 60.56
CA LEU H 122 -28.69 53.87 61.88
C LEU H 122 -28.68 55.37 62.16
N LEU H 123 -28.92 56.17 61.12
CA LEU H 123 -28.93 57.61 61.24
C LEU H 123 -29.83 58.21 60.16
N PRO H 124 -31.02 58.70 60.52
CA PRO H 124 -31.91 59.26 59.48
C PRO H 124 -31.40 60.57 58.89
N ASN H 125 -30.91 61.49 59.71
CA ASN H 125 -30.41 62.77 59.24
C ASN H 125 -28.91 62.86 59.51
N PRO H 126 -28.07 62.99 58.48
CA PRO H 126 -26.63 63.06 58.70
C PRO H 126 -26.24 64.36 59.40
N PRO H 127 -25.12 64.38 60.10
CA PRO H 127 -24.70 65.61 60.78
C PRO H 127 -24.23 66.68 59.80
N LYS H 128 -24.44 67.93 60.19
CA LYS H 128 -24.04 69.06 59.37
C LYS H 128 -22.66 69.61 59.73
N THR H 129 -22.23 69.44 60.97
CA THR H 129 -20.93 69.92 61.40
C THR H 129 -20.11 68.79 62.02
N TRP H 130 -18.80 69.05 62.16
CA TRP H 130 -17.87 68.08 62.72
C TRP H 130 -17.89 68.07 64.25
N GLU H 131 -18.17 69.20 64.88
CA GLU H 131 -18.17 69.27 66.34
C GLU H 131 -19.22 68.38 67.00
N GLU H 132 -20.31 68.07 66.31
CA GLU H 132 -21.37 67.23 66.89
C GLU H 132 -21.13 65.73 66.69
N ILE H 133 -20.01 65.37 66.08
CA ILE H 133 -19.67 63.97 65.85
C ILE H 133 -19.41 63.26 67.17
N PRO H 134 -18.67 63.84 68.14
CA PRO H 134 -18.47 63.11 69.41
C PRO H 134 -19.78 62.79 70.12
N ALA H 135 -20.65 63.79 70.31
CA ALA H 135 -21.93 63.57 70.98
C ALA H 135 -22.70 62.43 70.30
N LEU H 136 -22.88 62.55 68.98
CA LEU H 136 -23.57 61.49 68.24
C LEU H 136 -22.91 60.14 68.50
N ASP H 137 -21.58 60.10 68.44
CA ASP H 137 -20.82 58.87 68.70
C ASP H 137 -21.19 58.27 70.05
N LYS H 138 -21.21 59.09 71.10
CA LYS H 138 -21.57 58.59 72.43
C LYS H 138 -22.95 57.95 72.41
N GLU H 139 -23.91 58.63 71.78
CA GLU H 139 -25.26 58.08 71.71
C GLU H 139 -25.26 56.74 71.01
N LEU H 140 -24.39 56.58 70.00
CA LEU H 140 -24.34 55.29 69.32
C LEU H 140 -23.49 54.28 70.08
N LYS H 141 -22.63 54.76 70.99
CA LYS H 141 -21.79 53.85 71.74
C LYS H 141 -22.62 53.08 72.74
N ALA H 142 -23.63 53.74 73.33
CA ALA H 142 -24.49 53.02 74.25
C ALA H 142 -25.31 51.95 73.54
N LYS H 143 -25.43 52.05 72.22
CA LYS H 143 -26.16 51.08 71.39
C LYS H 143 -25.25 50.00 70.82
N GLY H 144 -23.94 50.22 70.81
CA GLY H 144 -23.00 49.26 70.28
C GLY H 144 -22.56 49.56 68.85
N ASN H 151 -10.54 56.03 56.79
CA ASN H 151 -9.10 55.78 56.63
C ASN H 151 -8.28 56.94 57.17
N LEU H 152 -7.57 56.70 58.28
CA LEU H 152 -6.71 57.71 58.87
C LEU H 152 -5.24 57.52 58.50
N GLN H 153 -4.90 56.46 57.77
CA GLN H 153 -3.52 56.20 57.40
C GLN H 153 -3.08 57.08 56.23
N GLU H 154 -4.01 57.46 55.37
CA GLU H 154 -3.65 58.30 54.25
C GLU H 154 -4.13 59.72 54.51
N PRO H 155 -3.27 60.73 54.31
CA PRO H 155 -3.69 62.12 54.57
C PRO H 155 -4.75 62.65 53.63
N TYR H 156 -5.24 61.85 52.70
CA TYR H 156 -6.22 62.31 51.72
C TYR H 156 -7.59 62.44 52.32
N PHE H 157 -7.92 61.58 53.27
CA PHE H 157 -9.21 61.63 53.95
C PHE H 157 -9.18 62.65 55.07
N THR H 158 -8.00 62.93 55.62
CA THR H 158 -7.82 63.87 56.72
C THR H 158 -7.55 65.30 56.26
N TRP H 159 -7.18 65.51 54.99
CA TRP H 159 -6.91 66.87 54.52
C TRP H 159 -8.14 67.78 54.51
N PRO H 160 -9.34 67.32 54.13
CA PRO H 160 -10.50 68.23 54.12
C PRO H 160 -10.64 69.07 55.38
N LEU H 161 -10.39 68.52 56.56
CA LEU H 161 -10.48 69.32 57.78
C LEU H 161 -9.37 70.36 57.83
N ILE H 162 -8.17 70.02 57.35
CA ILE H 162 -7.06 70.96 57.36
C ILE H 162 -7.35 72.15 56.44
N ALA H 163 -7.92 71.87 55.26
CA ALA H 163 -8.24 72.92 54.30
C ALA H 163 -9.55 73.63 54.59
N ALA H 164 -10.37 73.10 55.50
CA ALA H 164 -11.64 73.75 55.81
C ALA H 164 -11.40 75.17 56.30
N ASP H 165 -10.36 75.35 57.13
CA ASP H 165 -10.03 76.65 57.69
C ASP H 165 -8.64 77.12 57.27
N GLY H 166 -7.63 76.25 57.35
CA GLY H 166 -6.30 76.70 56.97
C GLY H 166 -5.46 75.71 56.18
N GLY H 175 -0.76 83.43 39.33
CA GLY H 175 -1.26 82.34 38.50
C GLY H 175 -0.19 81.36 38.10
N LYS H 176 1.02 81.55 38.61
CA LYS H 176 2.17 80.70 38.31
C LYS H 176 2.53 79.87 39.53
N TYR H 177 3.14 78.72 39.28
CA TYR H 177 3.50 77.78 40.33
C TYR H 177 4.48 78.39 41.34
N ASP H 178 4.15 78.23 42.63
CA ASP H 178 4.98 78.68 43.73
C ASP H 178 5.24 77.46 44.62
N ILE H 179 6.50 77.24 45.00
CA ILE H 179 6.87 76.10 45.81
C ILE H 179 7.30 76.46 47.24
N LYS H 180 7.91 77.63 47.45
CA LYS H 180 8.38 77.97 48.80
C LYS H 180 7.23 78.28 49.75
N ASP H 181 6.22 79.02 49.29
CA ASP H 181 5.11 79.40 50.17
C ASP H 181 4.10 78.27 50.33
N VAL H 182 4.19 77.55 51.45
CA VAL H 182 3.27 76.48 51.78
C VAL H 182 2.50 76.95 53.02
N GLY H 183 1.40 76.25 53.33
CA GLY H 183 0.62 76.68 54.48
C GLY H 183 0.03 75.61 55.38
N VAL H 184 0.71 74.47 55.50
CA VAL H 184 0.24 73.37 56.34
C VAL H 184 0.28 73.75 57.83
N ASP H 185 0.71 74.97 58.13
CA ASP H 185 0.82 75.45 59.51
C ASP H 185 -0.14 76.60 59.85
N ASN H 186 -1.08 76.93 58.97
CA ASN H 186 -1.98 78.03 59.27
C ASN H 186 -2.83 77.72 60.49
N ALA H 187 -3.46 78.78 61.03
CA ALA H 187 -4.33 78.64 62.19
C ALA H 187 -5.38 77.57 61.95
N GLY H 188 -5.98 77.57 60.76
CA GLY H 188 -6.98 76.58 60.46
C GLY H 188 -6.41 75.18 60.38
N ALA H 189 -5.19 75.05 59.83
CA ALA H 189 -4.56 73.74 59.76
C ALA H 189 -4.31 73.20 61.15
N LYS H 190 -3.80 74.04 62.05
CA LYS H 190 -3.56 73.61 63.43
C LYS H 190 -4.87 73.24 64.12
N ALA H 191 -5.92 74.01 63.87
CA ALA H 191 -7.22 73.74 64.48
C ALA H 191 -7.77 72.40 64.01
N GLY H 192 -7.70 72.14 62.70
CA GLY H 192 -8.20 70.87 62.19
C GLY H 192 -7.42 69.69 62.74
N LEU H 193 -6.09 69.81 62.81
CA LEU H 193 -5.29 68.73 63.34
C LEU H 193 -5.58 68.53 64.83
N THR H 194 -5.82 69.63 65.56
CA THR H 194 -6.14 69.50 66.97
C THR H 194 -7.47 68.79 67.17
N PHE H 195 -8.46 69.11 66.33
CA PHE H 195 -9.77 68.47 66.43
C PHE H 195 -9.68 66.98 66.11
N LEU H 196 -8.95 66.61 65.06
CA LEU H 196 -8.82 65.20 64.71
C LEU H 196 -8.05 64.43 65.77
N VAL H 197 -6.94 64.99 66.27
CA VAL H 197 -6.16 64.33 67.31
C VAL H 197 -6.99 64.17 68.58
N ASP H 198 -7.87 65.13 68.88
CA ASP H 198 -8.72 65.00 70.05
C ASP H 198 -9.74 63.89 69.86
N LEU H 199 -10.29 63.78 68.65
CA LEU H 199 -11.25 62.72 68.34
C LEU H 199 -10.62 61.35 68.53
N ALA H 207 -6.79 55.14 65.72
CA ALA H 207 -5.74 55.75 64.93
C ALA H 207 -5.23 54.80 63.86
N ASP H 208 -5.34 53.49 64.12
CA ASP H 208 -4.86 52.46 63.20
C ASP H 208 -5.87 52.13 62.11
N THR H 209 -7.09 52.66 62.17
CA THR H 209 -8.11 52.36 61.17
C THR H 209 -7.66 52.78 59.78
N ASP H 210 -7.83 51.89 58.82
CA ASP H 210 -7.47 52.14 57.43
C ASP H 210 -8.70 52.01 56.54
N TYR H 211 -8.47 52.03 55.22
CA TYR H 211 -9.56 51.93 54.25
C TYR H 211 -10.28 50.58 54.37
N SER H 212 -9.53 49.49 54.50
CA SER H 212 -10.14 48.17 54.59
C SER H 212 -11.07 48.07 55.81
N ILE H 213 -10.54 48.40 56.99
CA ILE H 213 -11.33 48.31 58.21
C ILE H 213 -12.53 49.23 58.15
N ALA H 214 -12.33 50.48 57.69
CA ALA H 214 -13.43 51.44 57.61
C ALA H 214 -14.54 50.94 56.68
N GLU H 215 -14.18 50.55 55.46
CA GLU H 215 -15.19 50.07 54.51
C GLU H 215 -15.91 48.83 55.02
N ALA H 216 -15.16 47.86 55.56
CA ALA H 216 -15.81 46.64 56.06
C ALA H 216 -16.75 46.94 57.23
N ALA H 217 -16.34 47.84 58.12
CA ALA H 217 -17.19 48.18 59.25
C ALA H 217 -18.45 48.91 58.79
N PHE H 218 -18.32 49.76 57.77
CA PHE H 218 -19.51 50.46 57.30
C PHE H 218 -20.44 49.51 56.57
N ASN H 219 -19.89 48.61 55.75
CA ASN H 219 -20.72 47.65 55.03
C ASN H 219 -21.41 46.68 55.96
N LYS H 220 -20.88 46.46 57.17
CA LYS H 220 -21.49 45.54 58.12
C LYS H 220 -22.37 46.23 59.14
N GLY H 221 -22.73 47.49 58.91
CA GLY H 221 -23.57 48.22 59.84
C GLY H 221 -22.95 48.50 61.18
N GLU H 222 -21.63 48.34 61.31
CA GLU H 222 -20.96 48.60 62.59
C GLU H 222 -20.74 50.08 62.84
N THR H 223 -20.69 50.91 61.79
CA THR H 223 -20.50 52.35 61.90
C THR H 223 -21.58 53.05 61.11
N ALA H 224 -21.95 54.25 61.55
CA ALA H 224 -23.01 55.01 60.90
C ALA H 224 -22.54 55.89 59.76
N MET H 225 -21.26 56.27 59.73
CA MET H 225 -20.78 57.15 58.67
C MET H 225 -19.42 56.70 58.14
N ASN H 228 -15.70 58.59 51.65
CA ASN H 228 -15.09 57.89 50.53
C ASN H 228 -15.55 58.42 49.19
N GLY H 229 -14.92 57.95 48.13
CA GLY H 229 -15.26 58.36 46.79
C GLY H 229 -16.30 57.45 46.16
N PRO H 230 -16.44 57.54 44.83
CA PRO H 230 -17.46 56.71 44.15
C PRO H 230 -17.11 55.23 44.09
N TRP H 231 -15.82 54.88 43.95
CA TRP H 231 -15.40 53.48 43.84
C TRP H 231 -15.99 52.58 44.92
N ALA H 232 -16.20 53.10 46.13
CA ALA H 232 -16.75 52.27 47.21
C ALA H 232 -18.24 51.99 47.04
N TRP H 233 -18.95 52.87 46.32
CA TRP H 233 -20.39 52.73 46.12
C TRP H 233 -20.81 51.33 45.69
N SER H 234 -20.04 50.69 44.81
CA SER H 234 -20.38 49.34 44.35
C SER H 234 -20.41 48.35 45.52
N ASN H 235 -19.29 48.23 46.24
CA ASN H 235 -19.23 47.31 47.37
C ASN H 235 -20.28 47.66 48.42
N ILE H 236 -20.62 48.94 48.56
CA ILE H 236 -21.63 49.32 49.53
C ILE H 236 -23.00 48.90 49.01
N ASP H 237 -23.19 48.91 47.69
CA ASP H 237 -24.47 48.48 47.13
C ASP H 237 -24.64 46.98 47.35
N THR H 238 -23.57 46.22 47.11
CA THR H 238 -23.65 44.77 47.32
C THR H 238 -23.83 44.44 48.79
N SER H 239 -23.56 45.40 49.69
CA SER H 239 -23.75 45.16 51.12
C SER H 239 -25.21 45.27 51.54
N LYS H 240 -26.09 45.73 50.65
CA LYS H 240 -27.53 45.87 50.92
C LYS H 240 -27.81 46.81 52.10
N VAL H 241 -26.89 47.73 52.37
CA VAL H 241 -27.03 48.68 53.47
C VAL H 241 -27.64 49.97 52.92
N ASN H 242 -28.75 50.40 53.52
CA ASN H 242 -29.41 51.64 53.10
C ASN H 242 -28.51 52.80 53.47
N TYR H 243 -27.84 53.38 52.47
CA TYR H 243 -26.91 54.48 52.68
C TYR H 243 -27.33 55.71 51.89
N GLY H 244 -26.71 56.84 52.23
CA GLY H 244 -26.98 58.09 51.57
C GLY H 244 -25.70 58.87 51.35
N VAL H 245 -25.50 59.40 50.15
CA VAL H 245 -24.31 60.16 49.80
C VAL H 245 -24.66 61.65 49.87
N THR H 246 -23.93 62.39 50.69
CA THR H 246 -24.17 63.82 50.85
C THR H 246 -22.83 64.53 51.03
N VAL H 247 -22.92 65.85 51.25
CA VAL H 247 -21.73 66.66 51.43
C VAL H 247 -21.07 66.37 52.78
N LEU H 248 -19.79 66.71 52.88
CA LEU H 248 -19.05 66.50 54.10
C LEU H 248 -19.42 67.57 55.12
N PRO H 249 -19.34 67.25 56.42
CA PRO H 249 -19.69 68.24 57.44
C PRO H 249 -18.77 69.44 57.44
N THR H 250 -19.21 70.50 58.10
CA THR H 250 -18.48 71.76 58.20
C THR H 250 -17.66 71.82 59.48
N PHE H 251 -16.47 72.42 59.37
CA PHE H 251 -15.55 72.59 60.48
C PHE H 251 -15.50 74.08 60.84
N LYS H 252 -15.90 74.39 62.07
CA LYS H 252 -15.96 75.77 62.57
C LYS H 252 -16.77 76.65 61.64
N GLY H 253 -17.96 76.18 61.30
CA GLY H 253 -18.86 76.91 60.41
C GLY H 253 -18.33 77.12 59.01
N GLN H 254 -17.26 76.40 58.64
CA GLN H 254 -16.73 76.56 57.30
C GLN H 254 -16.77 75.24 56.54
N PRO H 255 -17.05 75.27 55.24
CA PRO H 255 -17.13 74.01 54.48
C PRO H 255 -15.78 73.32 54.34
N SER H 256 -15.79 72.01 54.50
CA SER H 256 -14.58 71.21 54.34
C SER H 256 -14.17 71.21 52.87
N LYS H 257 -12.87 71.37 52.62
CA LYS H 257 -12.35 71.41 51.25
C LYS H 257 -11.58 70.15 50.88
N PRO H 258 -12.23 69.13 50.33
CA PRO H 258 -11.51 67.94 49.93
C PRO H 258 -10.90 68.14 48.55
N PHE H 259 -9.78 67.47 48.31
CA PHE H 259 -9.13 67.62 47.01
C PHE H 259 -10.00 67.03 45.90
N VAL H 260 -9.74 67.48 44.69
CA VAL H 260 -10.46 67.02 43.50
C VAL H 260 -9.45 66.28 42.63
N GLY H 261 -9.60 64.96 42.55
CA GLY H 261 -8.71 64.15 41.74
C GLY H 261 -9.29 63.94 40.36
N VAL H 262 -8.42 63.92 39.37
CA VAL H 262 -8.82 63.74 37.97
C VAL H 262 -8.15 62.46 37.49
N LEU H 263 -8.85 61.34 37.61
CA LEU H 263 -8.33 60.06 37.15
C LEU H 263 -8.08 60.15 35.65
N SER H 264 -6.83 59.97 35.23
CA SER H 264 -6.45 60.06 33.84
C SER H 264 -5.56 58.87 33.48
N ILE H 267 0.13 57.45 28.60
CA ILE H 267 0.82 56.48 27.75
C ILE H 267 2.32 56.53 28.06
N ASN H 268 2.91 55.36 28.33
CA ASN H 268 4.34 55.31 28.64
C ASN H 268 5.13 55.80 27.44
N ALA H 269 6.03 56.76 27.69
CA ALA H 269 6.84 57.35 26.64
C ALA H 269 7.81 56.37 25.99
N ALA H 270 8.13 55.26 26.66
CA ALA H 270 9.04 54.27 26.09
C ALA H 270 8.32 53.16 25.33
N SER H 271 7.01 53.06 25.47
CA SER H 271 6.25 52.01 24.78
C SER H 271 6.16 52.28 23.29
N PRO H 272 6.54 51.32 22.44
CA PRO H 272 6.44 51.52 20.99
C PRO H 272 5.03 51.35 20.46
N ASN H 273 4.05 51.14 21.34
CA ASN H 273 2.66 50.94 20.97
C ASN H 273 1.84 52.19 21.28
N LYS H 274 2.43 53.36 21.05
CA LYS H 274 1.73 54.61 21.32
C LYS H 274 0.47 54.74 20.46
N GLU H 275 0.54 54.26 19.20
CA GLU H 275 -0.62 54.32 18.33
C GLU H 275 -1.74 53.41 18.83
N LEU H 276 -1.39 52.20 19.27
CA LEU H 276 -2.40 51.28 19.78
C LEU H 276 -3.00 51.81 21.08
N ALA H 277 -2.16 52.41 21.93
CA ALA H 277 -2.66 52.98 23.17
C ALA H 277 -3.62 54.13 22.87
N LYS H 278 -3.26 54.98 21.90
CA LYS H 278 -4.12 56.08 21.50
C LYS H 278 -5.45 55.55 20.98
N GLU H 279 -5.39 54.51 20.15
CA GLU H 279 -6.62 53.93 19.61
C GLU H 279 -7.51 53.38 20.72
N PHE H 280 -6.94 52.59 21.63
CA PHE H 280 -7.74 52.01 22.71
C PHE H 280 -8.33 53.06 23.64
N LEU H 281 -7.54 54.06 24.03
CA LEU H 281 -8.03 55.07 24.96
C LEU H 281 -8.97 56.08 24.32
N GLU H 282 -8.78 56.40 23.04
CA GLU H 282 -9.55 57.41 22.34
C GLU H 282 -10.78 56.88 21.60
N ASN H 283 -10.80 55.64 21.14
CA ASN H 283 -11.93 55.13 20.38
C ASN H 283 -12.90 54.24 21.16
N TYR H 284 -12.44 53.51 22.17
CA TYR H 284 -13.35 52.62 22.90
C TYR H 284 -13.58 53.00 24.35
N LEU H 285 -12.56 53.45 25.09
CA LEU H 285 -12.76 53.77 26.50
C LEU H 285 -13.56 55.06 26.68
N LEU H 286 -13.12 56.14 26.04
CA LEU H 286 -13.81 57.42 26.20
C LEU H 286 -15.06 57.52 25.33
N THR H 287 -15.94 56.53 25.45
CA THR H 287 -17.20 56.49 24.71
C THR H 287 -18.27 55.99 25.67
N ASP H 288 -19.53 56.16 25.26
CA ASP H 288 -20.63 55.73 26.12
C ASP H 288 -20.57 54.23 26.38
N GLU H 289 -20.16 53.43 25.38
CA GLU H 289 -20.11 51.98 25.54
C GLU H 289 -18.98 51.56 26.49
N GLY H 290 -17.75 51.97 26.19
CA GLY H 290 -16.63 51.59 27.04
C GLY H 290 -16.77 52.14 28.45
N LEU H 291 -17.19 53.39 28.57
CA LEU H 291 -17.37 53.98 29.89
C LEU H 291 -18.52 53.29 30.63
N GLU H 292 -19.55 52.85 29.90
CA GLU H 292 -20.66 52.14 30.54
C GLU H 292 -20.17 50.83 31.12
N ALA H 293 -19.38 50.08 30.35
CA ALA H 293 -18.86 48.81 30.82
C ALA H 293 -17.91 49.00 32.01
N VAL H 294 -17.07 50.03 31.97
CA VAL H 294 -16.15 50.26 33.07
C VAL H 294 -16.89 50.71 34.33
N ASN H 295 -17.82 51.66 34.17
CA ASN H 295 -18.61 52.16 35.28
C ASN H 295 -19.46 51.06 35.91
N LYS H 296 -19.87 50.08 35.11
CA LYS H 296 -20.69 48.99 35.64
C LYS H 296 -19.97 48.25 36.76
N ASP H 297 -18.70 47.91 36.55
CA ASP H 297 -17.93 47.20 37.57
C ASP H 297 -17.80 48.02 38.85
N LYS H 298 -17.09 49.14 38.78
CA LYS H 298 -16.90 50.03 39.92
C LYS H 298 -17.11 51.48 39.47
N PRO H 299 -18.06 52.20 40.06
CA PRO H 299 -18.29 53.58 39.65
C PRO H 299 -17.06 54.45 39.82
N LEU H 300 -16.94 55.43 38.91
CA LEU H 300 -15.80 56.35 38.90
C LEU H 300 -16.22 57.80 39.06
N GLY H 301 -17.48 58.06 39.44
CA GLY H 301 -17.96 59.40 39.66
C GLY H 301 -18.20 60.20 38.39
N ALA H 302 -18.13 61.52 38.54
CA ALA H 302 -18.33 62.44 37.42
C ALA H 302 -17.24 62.24 36.38
N VAL H 303 -17.61 61.72 35.22
CA VAL H 303 -16.65 61.46 34.15
C VAL H 303 -16.35 62.72 33.36
N ALA H 304 -15.29 62.68 32.56
CA ALA H 304 -14.88 63.82 31.76
C ALA H 304 -15.62 63.90 30.43
N LEU H 305 -16.20 62.79 29.98
CA LEU H 305 -16.92 62.78 28.70
C LEU H 305 -18.26 63.48 28.89
N LYS H 306 -18.49 64.53 28.11
CA LYS H 306 -19.75 65.26 28.21
C LYS H 306 -20.93 64.39 27.81
N SER H 307 -20.73 63.51 26.83
CA SER H 307 -21.81 62.63 26.37
C SER H 307 -22.38 61.80 27.50
N TYR H 308 -21.52 61.18 28.30
CA TYR H 308 -22.00 60.34 29.40
C TYR H 308 -22.34 61.17 30.64
N GLU H 309 -21.47 62.10 31.02
CA GLU H 309 -21.71 62.92 32.21
C GLU H 309 -23.02 63.72 32.12
N GLU H 310 -23.41 64.14 30.91
CA GLU H 310 -24.64 64.91 30.73
C GLU H 310 -25.83 64.21 31.36
N GLU H 311 -25.92 62.89 31.20
CA GLU H 311 -27.01 62.12 31.77
C GLU H 311 -26.58 61.29 32.97
N LEU H 312 -25.32 61.40 33.38
CA LEU H 312 -24.83 60.68 34.55
C LEU H 312 -24.95 61.52 35.81
N VAL H 313 -24.93 62.85 35.67
CA VAL H 313 -25.05 63.73 36.83
C VAL H 313 -26.42 63.62 37.49
N LYS H 314 -27.37 62.98 36.82
CA LYS H 314 -28.72 62.81 37.35
C LYS H 314 -28.74 61.96 38.62
N ASP H 315 -27.71 61.15 38.85
CA ASP H 315 -27.65 60.32 40.04
C ASP H 315 -27.37 61.20 41.26
N PRO H 316 -28.20 61.17 42.29
CA PRO H 316 -27.94 62.01 43.48
C PRO H 316 -26.56 61.79 44.07
N ARG H 317 -26.01 60.58 43.94
CA ARG H 317 -24.67 60.33 44.46
C ARG H 317 -23.64 61.15 43.68
N ILE H 318 -23.77 61.15 42.35
CA ILE H 318 -22.85 61.92 41.51
C ILE H 318 -23.01 63.41 41.82
N ALA H 319 -24.26 63.84 42.05
CA ALA H 319 -24.49 65.25 42.38
C ALA H 319 -23.82 65.63 43.69
N ALA H 320 -23.90 64.75 44.70
CA ALA H 320 -23.27 65.04 45.98
C ALA H 320 -21.76 65.09 45.84
N THR H 321 -21.19 64.15 45.07
CA THR H 321 -19.75 64.15 44.86
C THR H 321 -19.32 65.41 44.12
N MET H 322 -20.12 65.84 43.14
CA MET H 322 -19.81 67.05 42.39
C MET H 322 -19.88 68.28 43.30
N GLU H 323 -20.84 68.29 44.23
CA GLU H 323 -20.94 69.43 45.15
C GLU H 323 -19.73 69.46 46.07
N ASN H 324 -19.30 68.29 46.56
CA ASN H 324 -18.12 68.25 47.41
C ASN H 324 -16.90 68.74 46.63
N ALA H 325 -16.79 68.36 45.35
CA ALA H 325 -15.69 68.83 44.53
C ALA H 325 -15.77 70.35 44.37
N GLN H 326 -16.98 70.87 44.20
CA GLN H 326 -17.17 72.32 44.07
C GLN H 326 -16.66 73.02 45.31
N LYS H 327 -17.02 72.52 46.49
CA LYS H 327 -16.55 73.13 47.73
C LYS H 327 -15.05 72.95 47.90
N GLY H 328 -14.48 71.92 47.31
CA GLY H 328 -13.07 71.65 47.41
C GLY H 328 -12.25 72.44 46.40
N GLU H 329 -11.03 71.95 46.15
CA GLU H 329 -10.13 72.59 45.22
C GLU H 329 -9.44 71.54 44.36
N ILE H 330 -9.18 71.91 43.11
CA ILE H 330 -8.54 70.98 42.18
C ILE H 330 -7.13 70.64 42.67
N MET H 331 -6.72 69.40 42.43
CA MET H 331 -5.43 68.90 42.84
C MET H 331 -4.33 69.38 41.89
N PRO H 332 -3.24 69.94 42.40
CA PRO H 332 -2.14 70.37 41.52
C PRO H 332 -1.36 69.19 40.98
N ASN H 333 -0.77 69.38 39.79
CA ASN H 333 0.00 68.32 39.14
C ASN H 333 1.51 68.55 39.15
N ILE H 334 2.02 69.42 40.01
CA ILE H 334 3.47 69.65 40.04
C ILE H 334 4.20 68.46 40.65
N PRO H 335 5.50 68.29 40.36
CA PRO H 335 6.24 67.15 40.95
C PRO H 335 6.38 67.26 42.46
N GLN H 336 6.63 68.47 42.98
CA GLN H 336 6.80 68.68 44.42
C GLN H 336 5.64 68.08 45.22
N MET H 337 4.45 67.98 44.61
CA MET H 337 3.30 67.39 45.28
C MET H 337 3.70 66.10 45.98
N SER H 338 4.51 65.27 45.33
CA SER H 338 4.96 64.03 45.94
C SER H 338 5.48 64.28 47.34
N ALA H 339 6.56 65.07 47.45
CA ALA H 339 7.13 65.38 48.75
C ALA H 339 6.04 65.91 49.70
N PHE H 340 5.20 66.81 49.18
CA PHE H 340 4.09 67.34 49.98
C PHE H 340 3.37 66.23 50.71
N TRP H 341 2.85 65.26 49.94
CA TRP H 341 2.13 64.14 50.52
C TRP H 341 3.00 63.35 51.48
N TYR H 342 4.22 63.00 51.07
CA TYR H 342 5.10 62.26 51.98
C TYR H 342 5.20 62.95 53.35
N ALA H 343 5.14 64.28 53.34
CA ALA H 343 5.21 65.05 54.58
C ALA H 343 3.89 64.95 55.33
N VAL H 344 2.79 65.31 54.69
CA VAL H 344 1.50 65.27 55.38
C VAL H 344 1.23 63.85 55.89
N ARG H 345 1.36 62.86 55.01
CA ARG H 345 1.17 61.47 55.37
C ARG H 345 1.97 61.10 56.62
N THR H 346 3.15 61.70 56.78
CA THR H 346 3.94 61.40 57.98
C THR H 346 3.33 62.11 59.18
N ALA H 347 3.12 63.42 59.05
CA ALA H 347 2.56 64.25 60.10
C ALA H 347 1.30 63.62 60.70
N VAL H 348 0.31 63.35 59.85
CA VAL H 348 -0.95 62.73 60.31
C VAL H 348 -0.69 61.49 61.15
N ILE H 349 0.19 60.61 60.68
CA ILE H 349 0.51 59.40 61.44
C ILE H 349 1.08 59.75 62.82
N ASN H 350 2.09 60.61 62.84
CA ASN H 350 2.68 61.02 64.11
C ASN H 350 1.68 61.76 65.00
N ALA H 351 0.65 62.35 64.41
CA ALA H 351 -0.37 63.03 65.20
C ALA H 351 -1.38 62.03 65.74
N ALA H 352 -1.59 60.94 64.99
CA ALA H 352 -2.53 59.90 65.43
C ALA H 352 -1.93 59.13 66.58
N SER H 353 -0.62 58.88 66.53
CA SER H 353 0.06 58.18 67.60
C SER H 353 0.64 59.20 68.57
N GLY H 354 1.02 58.72 69.75
CA GLY H 354 1.60 59.60 70.75
C GLY H 354 3.09 59.85 70.57
N ARG H 355 3.59 59.68 69.34
CA ARG H 355 5.02 59.87 69.10
C ARG H 355 5.40 61.35 69.18
N GLN H 356 4.71 62.23 68.47
CA GLN H 356 5.04 63.64 68.50
C GLN H 356 3.78 64.48 68.59
N THR H 357 3.96 65.70 69.12
CA THR H 357 2.85 66.62 69.27
C THR H 357 2.44 67.23 67.93
N VAL H 358 1.32 67.96 67.99
CA VAL H 358 0.74 68.60 66.81
C VAL H 358 1.66 69.67 66.24
N ASP H 359 2.09 70.62 67.08
CA ASP H 359 2.91 71.72 66.60
C ASP H 359 4.24 71.24 66.03
N GLU H 360 4.93 70.35 66.74
CA GLU H 360 6.22 69.86 66.25
C GLU H 360 6.07 69.13 64.92
N ALA H 361 5.08 68.23 64.83
CA ALA H 361 4.86 67.51 63.58
C ALA H 361 4.53 68.48 62.44
N LEU H 362 3.71 69.49 62.71
CA LEU H 362 3.36 70.45 61.67
C LEU H 362 4.56 71.28 61.23
N LYS H 363 5.43 71.67 62.16
CA LYS H 363 6.60 72.45 61.75
C LYS H 363 7.52 71.62 60.88
N ASP H 364 7.72 70.34 61.23
CA ASP H 364 8.58 69.49 60.41
C ASP H 364 7.98 69.26 59.04
N ALA H 365 6.65 69.10 58.96
CA ALA H 365 6.03 68.93 57.64
C ALA H 365 6.15 70.21 56.82
N GLN H 366 6.04 71.36 57.49
CA GLN H 366 6.18 72.66 56.84
C GLN H 366 7.57 72.82 56.22
N THR H 367 8.61 72.38 56.94
CA THR H 367 9.96 72.50 56.40
C THR H 367 10.31 71.39 55.40
N ASN H 368 9.58 70.27 55.41
CA ASN H 368 9.87 69.17 54.50
C ASN H 368 9.00 69.13 53.25
N SER H 369 7.95 69.95 53.17
CA SER H 369 7.11 69.91 51.96
C SER H 369 7.76 70.60 50.77
N SER H 370 8.65 71.57 51.01
CA SER H 370 9.31 72.30 49.93
C SER H 370 10.74 71.85 49.66
N SER H 371 11.35 71.11 50.58
CA SER H 371 12.74 70.66 50.41
C SER H 371 12.89 69.78 49.17
N ARG H 372 13.97 70.00 48.43
CA ARG H 372 14.32 69.24 47.23
C ARG H 372 15.76 68.76 47.33
N ARG H 373 16.18 68.42 48.55
CA ARG H 373 17.51 67.94 48.87
C ARG H 373 17.67 66.46 48.59
N ARG H 374 16.77 65.86 47.81
CA ARG H 374 16.82 64.43 47.57
C ARG H 374 16.33 64.10 46.17
N ILE H 375 16.90 63.02 45.62
CA ILE H 375 16.53 62.50 44.31
C ILE H 375 16.45 60.99 44.42
N GLU H 376 15.41 60.41 43.82
CA GLU H 376 15.22 58.97 43.87
C GLU H 376 16.22 58.26 42.97
N PRO H 377 16.46 56.96 43.19
CA PRO H 377 17.41 56.25 42.33
C PRO H 377 16.93 56.09 40.90
N TRP H 378 15.63 55.92 40.67
CA TRP H 378 15.15 55.80 39.30
C TRP H 378 15.40 57.09 38.52
N GLU H 379 15.08 58.24 39.14
CA GLU H 379 15.34 59.49 38.45
C GLU H 379 16.83 59.74 38.35
N PHE H 380 17.63 59.17 39.27
CA PHE H 380 19.07 59.30 39.14
C PHE H 380 19.54 58.52 37.92
N ASP H 381 18.88 57.39 37.64
CA ASP H 381 19.20 56.60 36.45
C ASP H 381 18.80 57.37 35.21
N VAL H 382 17.85 58.30 35.36
CA VAL H 382 17.45 59.14 34.23
C VAL H 382 18.54 60.20 33.99
N PHE H 383 19.44 60.38 34.96
CA PHE H 383 20.60 61.28 34.91
C PHE H 383 21.83 60.41 34.69
N TYR H 384 22.06 60.06 33.42
CA TYR H 384 23.17 59.19 33.09
C TYR H 384 23.57 59.41 31.64
N ASP H 385 24.85 59.10 31.32
CA ASP H 385 25.40 59.40 29.99
C ASP H 385 24.91 58.67 28.73
N PRO H 386 24.41 57.42 28.74
CA PRO H 386 23.95 56.87 27.46
C PRO H 386 22.59 57.42 27.15
N ARG H 387 21.87 57.83 28.19
CA ARG H 387 20.55 58.41 28.08
C ARG H 387 20.62 59.63 27.20
N GLU H 388 19.60 59.83 26.37
CA GLU H 388 19.61 60.96 25.47
C GLU H 388 18.24 61.63 25.48
N LEU H 389 17.64 61.69 26.67
CA LEU H 389 16.32 62.30 26.83
C LEU H 389 16.35 63.74 26.31
N ARG H 390 15.29 64.13 25.62
CA ARG H 390 15.18 65.48 25.07
C ARG H 390 14.96 66.47 26.20
N LYS H 391 15.97 67.29 26.48
CA LYS H 391 15.87 68.37 27.46
C LYS H 391 15.56 67.87 28.88
N GLU H 392 16.21 66.77 29.28
CA GLU H 392 16.02 66.34 30.66
C GLU H 392 16.87 67.28 31.51
N ALA H 393 16.21 68.02 32.39
CA ALA H 393 16.90 69.02 33.20
C ALA H 393 16.88 68.65 34.66
N CYS H 394 18.07 68.41 35.20
CA CYS H 394 18.31 68.06 36.58
C CYS H 394 19.64 68.71 36.95
N LEU H 395 19.68 69.32 38.13
CA LEU H 395 20.87 70.02 38.59
C LEU H 395 21.04 69.79 40.07
N LEU H 396 22.22 69.32 40.46
CA LEU H 396 22.56 69.04 41.85
C LEU H 396 23.60 70.07 42.24
N TYR H 397 23.20 71.07 43.04
CA TYR H 397 24.09 72.13 43.44
C TYR H 397 24.50 71.99 44.90
N GLU H 398 25.80 72.21 45.13
CA GLU H 398 26.45 72.12 46.43
C GLU H 398 27.18 73.44 46.64
N ILE H 399 26.69 74.25 47.59
CA ILE H 399 27.26 75.57 47.86
C ILE H 399 28.07 75.53 49.16
N LYS H 400 29.33 75.94 49.07
CA LYS H 400 30.24 76.02 50.22
C LYS H 400 30.36 77.47 50.64
N TRP H 401 30.22 77.72 51.94
CA TRP H 401 30.32 79.07 52.50
C TRP H 401 31.63 79.16 53.26
N GLY H 402 32.63 79.80 52.65
CA GLY H 402 33.93 79.93 53.29
C GLY H 402 33.88 80.56 54.66
N ALA H 403 32.89 81.42 54.90
CA ALA H 403 32.77 82.08 56.20
C ALA H 403 32.38 81.08 57.29
N SER H 404 31.31 80.32 57.06
CA SER H 404 30.82 79.34 58.02
C SER H 404 31.29 77.91 57.75
N SER H 405 31.98 77.66 56.63
CA SER H 405 32.47 76.33 56.28
C SER H 405 31.33 75.32 56.23
N LYS H 406 30.15 75.78 55.84
CA LYS H 406 28.96 74.96 55.74
C LYS H 406 28.63 74.69 54.28
N ILE H 407 28.02 73.53 54.04
CA ILE H 407 27.64 73.10 52.70
C ILE H 407 26.12 72.99 52.62
N TRP H 408 25.54 73.60 51.58
CA TRP H 408 24.11 73.57 51.31
C TRP H 408 23.92 72.75 50.04
N ARG H 409 23.26 71.61 50.16
CA ARG H 409 23.02 70.73 49.03
C ARG H 409 21.55 70.84 48.62
N SER H 410 21.30 70.71 47.32
CA SER H 410 19.93 70.74 46.81
C SER H 410 19.90 70.46 45.31
N SER H 411 18.70 70.42 44.73
CA SER H 411 18.56 70.15 43.31
C SER H 411 17.62 71.17 42.66
N GLY H 412 17.45 70.98 41.36
CA GLY H 412 16.59 71.82 40.55
C GLY H 412 16.20 71.03 39.33
N LYS H 413 14.96 71.24 38.86
CA LYS H 413 14.46 70.48 37.72
C LYS H 413 13.97 71.41 36.61
N ASN H 414 13.43 70.79 35.57
CA ASN H 414 12.92 71.53 34.42
C ASN H 414 11.54 72.13 34.68
N THR H 415 11.34 73.33 34.17
CA THR H 415 10.08 74.07 34.28
C THR H 415 9.92 74.85 32.98
N THR H 416 9.15 75.93 33.03
CA THR H 416 8.99 76.72 31.81
C THR H 416 10.28 77.47 31.42
N ASN H 417 11.39 77.18 32.11
CA ASN H 417 12.67 77.82 31.85
C ASN H 417 13.78 76.82 32.12
N HIS H 418 14.94 77.09 31.52
CA HIS H 418 16.11 76.23 31.70
C HIS H 418 16.64 76.32 33.14
N VAL H 419 17.11 75.17 33.65
CA VAL H 419 17.59 75.09 35.03
C VAL H 419 18.62 76.16 35.36
N ALA H 420 19.42 76.59 34.39
CA ALA H 420 20.43 77.61 34.69
C ALA H 420 19.77 78.88 35.19
N VAL H 421 18.81 79.41 34.43
CA VAL H 421 18.13 80.64 34.83
C VAL H 421 17.35 80.40 36.11
N ASN H 422 16.85 79.18 36.31
CA ASN H 422 16.11 78.90 37.55
C ASN H 422 17.02 79.01 38.76
N PHE H 423 18.23 78.44 38.68
CA PHE H 423 19.17 78.54 39.78
C PHE H 423 19.58 79.99 40.00
N ILE H 424 19.79 80.74 38.91
CA ILE H 424 20.18 82.14 39.05
C ILE H 424 19.09 82.92 39.78
N LYS H 425 17.83 82.71 39.39
CA LYS H 425 16.72 83.40 40.05
C LYS H 425 16.64 83.01 41.53
N LYS H 426 16.82 81.72 41.83
CA LYS H 426 16.78 81.29 43.22
C LYS H 426 17.88 81.97 44.02
N PHE H 427 19.07 82.11 43.42
CA PHE H 427 20.17 82.77 44.12
C PHE H 427 19.85 84.24 44.35
N THR H 428 19.20 84.88 43.37
CA THR H 428 18.85 86.29 43.52
C THR H 428 17.86 86.47 44.67
N SER H 429 16.88 85.56 44.77
CA SER H 429 15.93 85.64 45.87
C SER H 429 16.59 85.28 47.21
N GLU H 430 17.66 84.48 47.14
CA GLU H 430 18.42 84.05 48.31
C GLU H 430 19.20 85.19 48.97
N ARG H 431 19.20 86.39 48.38
CA ARG H 431 19.94 87.49 48.97
C ARG H 431 19.44 87.89 50.35
N ASP H 432 18.26 87.43 50.77
CA ASP H 432 17.77 87.75 52.10
C ASP H 432 18.46 86.88 53.14
N PHE H 433 18.67 85.60 52.83
CA PHE H 433 19.37 84.66 53.69
C PHE H 433 20.81 84.45 53.23
N HIS H 434 21.34 85.40 52.47
CA HIS H 434 22.67 85.47 51.89
C HIS H 434 23.71 85.83 52.94
N PRO H 435 24.51 84.87 53.42
CA PRO H 435 25.51 85.22 54.45
C PRO H 435 26.61 86.12 53.94
N SER H 436 27.08 85.92 52.72
CA SER H 436 28.14 86.74 52.13
C SER H 436 28.20 86.46 50.64
N THR H 437 28.83 87.37 49.91
CA THR H 437 28.96 87.20 48.46
C THR H 437 29.90 86.06 48.11
N SER H 438 30.94 85.85 48.91
CA SER H 438 31.97 84.82 48.69
C SER H 438 31.41 83.42 48.92
N CYS H 439 31.02 82.75 47.83
CA CYS H 439 30.48 81.39 47.88
C CYS H 439 31.07 80.54 46.76
N SER H 440 31.31 79.26 47.08
CA SER H 440 31.86 78.30 46.11
C SER H 440 30.74 77.35 45.70
N ILE H 441 30.27 77.50 44.46
CA ILE H 441 29.17 76.69 43.92
C ILE H 441 29.73 75.56 43.08
N THR H 442 29.18 74.36 43.30
CA THR H 442 29.56 73.15 42.56
C THR H 442 28.30 72.58 41.94
N TRP H 443 28.26 72.54 40.61
CA TRP H 443 27.11 72.02 39.87
C TRP H 443 27.36 70.63 39.32
N PHE H 444 26.32 69.80 39.36
CA PHE H 444 26.33 68.44 38.82
C PHE H 444 25.10 68.38 37.91
N LEU H 445 25.30 68.57 36.60
CA LEU H 445 24.19 68.56 35.65
C LEU H 445 24.47 67.56 34.54
N SER H 446 23.40 67.15 33.84
CA SER H 446 23.53 66.16 32.79
C SER H 446 23.96 66.75 31.45
N TRP H 447 23.26 67.77 30.97
CA TRP H 447 23.58 68.36 29.68
C TRP H 447 24.44 69.60 29.85
N SER H 448 25.36 69.79 28.91
CA SER H 448 26.23 70.95 28.96
C SER H 448 25.40 72.21 28.70
N PRO H 449 25.70 73.30 29.40
CA PRO H 449 24.92 74.54 29.21
C PRO H 449 24.94 75.00 27.75
N CYS H 450 23.77 75.41 27.27
CA CYS H 450 23.63 75.88 25.90
C CYS H 450 24.17 77.30 25.78
N TRP H 451 24.11 77.84 24.57
CA TRP H 451 24.60 79.20 24.30
C TRP H 451 23.95 80.23 25.21
N GLU H 452 22.62 80.30 25.18
CA GLU H 452 21.89 81.25 26.00
C GLU H 452 22.18 81.07 27.49
N CYS H 453 22.20 79.82 27.96
CA CYS H 453 22.50 79.57 29.36
C CYS H 453 23.93 79.98 29.71
N SER H 454 24.86 79.79 28.77
CA SER H 454 26.24 80.20 29.01
C SER H 454 26.33 81.70 29.20
N GLN H 455 25.63 82.44 28.34
CA GLN H 455 25.65 83.91 28.47
C GLN H 455 24.99 84.34 29.77
N ALA H 456 23.89 83.69 30.14
CA ALA H 456 23.21 84.04 31.39
C ALA H 456 24.11 83.75 32.60
N ILE H 457 24.79 82.60 32.58
CA ILE H 457 25.68 82.23 33.68
C ILE H 457 26.83 83.20 33.76
N ARG H 458 27.35 83.65 32.61
CA ARG H 458 28.45 84.61 32.65
C ARG H 458 27.98 85.94 33.21
N GLU H 459 26.79 86.39 32.82
CA GLU H 459 26.28 87.66 33.35
C GLU H 459 26.04 87.57 34.84
N PHE H 460 25.52 86.44 35.31
CA PHE H 460 25.30 86.24 36.74
C PHE H 460 26.61 86.20 37.52
N LEU H 461 27.62 85.51 36.97
CA LEU H 461 28.90 85.41 37.66
C LEU H 461 29.64 86.74 37.65
N SER H 462 29.44 87.56 36.61
CA SER H 462 30.10 88.85 36.59
C SER H 462 29.36 89.84 37.49
N ARG H 463 28.05 89.64 37.67
CA ARG H 463 27.31 90.55 38.54
C ARG H 463 27.70 90.31 39.98
N HIS H 464 27.92 89.05 40.35
CA HIS H 464 28.35 88.70 41.71
C HIS H 464 29.82 88.33 41.65
N PRO H 465 30.73 89.21 42.07
CA PRO H 465 32.17 88.90 41.96
C PRO H 465 32.65 87.66 42.69
N GLY H 466 32.45 87.59 43.99
CA GLY H 466 32.93 86.45 44.76
C GLY H 466 32.17 85.14 44.61
N VAL H 467 32.20 84.50 43.45
CA VAL H 467 31.50 83.23 43.27
C VAL H 467 32.41 82.28 42.50
N THR H 468 32.92 81.25 43.18
CA THR H 468 33.78 80.26 42.54
C THR H 468 32.89 79.14 42.05
N LEU H 469 32.66 79.09 40.74
CA LEU H 469 31.77 78.10 40.15
C LEU H 469 32.53 77.00 39.42
N VAL H 470 32.20 75.75 39.73
CA VAL H 470 32.76 74.58 39.08
C VAL H 470 31.58 73.77 38.55
N ILE H 471 31.71 73.25 37.33
CA ILE H 471 30.63 72.53 36.68
C ILE H 471 31.10 71.14 36.26
N TYR H 472 30.29 70.14 36.60
CA TYR H 472 30.53 68.74 36.24
C TYR H 472 29.32 68.32 35.41
N VAL H 473 29.56 68.07 34.13
CA VAL H 473 28.50 67.67 33.22
C VAL H 473 28.67 66.21 32.85
N ALA H 474 27.54 65.55 32.64
CA ALA H 474 27.52 64.14 32.28
C ALA H 474 27.39 63.92 30.78
N ARG H 475 26.81 64.87 30.06
CA ARG H 475 26.63 64.78 28.62
C ARG H 475 26.85 66.15 28.01
N LEU H 476 26.90 66.18 26.68
CA LEU H 476 27.10 67.41 25.91
C LEU H 476 25.89 67.62 25.01
N PHE H 477 25.27 68.78 25.15
CA PHE H 477 24.09 69.13 24.37
C PHE H 477 24.49 69.89 23.11
N ALA H 478 24.12 69.35 21.95
CA ALA H 478 24.42 69.95 20.64
C ALA H 478 25.88 70.38 20.54
N HIS H 479 26.77 69.41 20.70
CA HIS H 479 28.20 69.67 20.64
C HIS H 479 28.67 70.11 19.26
N MET H 480 27.79 70.20 18.26
CA MET H 480 28.18 70.60 16.91
C MET H 480 27.57 71.94 16.52
N ASP H 481 27.38 72.82 17.50
CA ASP H 481 26.83 74.15 17.26
C ASP H 481 27.90 75.17 17.63
N GLN H 482 28.28 76.00 16.65
CA GLN H 482 29.31 77.01 16.89
C GLN H 482 28.99 77.88 18.10
N GLN H 483 27.71 78.21 18.29
CA GLN H 483 27.31 79.06 19.41
C GLN H 483 27.51 78.35 20.74
N ASN H 484 27.02 77.10 20.87
CA ASN H 484 27.20 76.38 22.12
C ASN H 484 28.69 76.14 22.39
N ARG H 485 29.44 75.86 21.33
CA ARG H 485 30.88 75.66 21.43
C ARG H 485 31.55 76.88 22.03
N GLN H 486 31.29 78.05 21.44
CA GLN H 486 31.85 79.30 21.94
C GLN H 486 31.33 79.61 23.33
N GLY H 487 30.11 79.17 23.66
CA GLY H 487 29.60 79.41 24.99
C GLY H 487 30.36 78.64 26.04
N LEU H 488 30.68 77.38 25.76
CA LEU H 488 31.47 76.60 26.71
C LEU H 488 32.86 77.21 26.85
N ARG H 489 33.46 77.60 25.72
CA ARG H 489 34.79 78.22 25.78
C ARG H 489 34.73 79.53 26.56
N ASP H 490 33.63 80.28 26.39
CA ASP H 490 33.45 81.54 27.10
C ASP H 490 33.37 81.30 28.59
N LEU H 491 32.59 80.31 29.01
CA LEU H 491 32.48 80.00 30.42
C LEU H 491 33.83 79.62 31.01
N VAL H 492 34.61 78.80 30.30
CA VAL H 492 35.91 78.41 30.81
C VAL H 492 36.84 79.62 30.90
N ASN H 493 36.88 80.44 29.85
CA ASN H 493 37.74 81.62 29.82
C ASN H 493 37.36 82.66 30.86
N SER H 494 36.12 82.65 31.34
CA SER H 494 35.67 83.60 32.34
C SER H 494 35.92 83.12 33.76
N GLY H 495 36.56 81.97 33.92
CA GLY H 495 36.86 81.41 35.21
C GLY H 495 35.93 80.33 35.71
N VAL H 496 35.38 79.50 34.83
CA VAL H 496 34.48 78.43 35.22
C VAL H 496 35.04 77.13 34.70
N THR H 497 35.43 76.25 35.61
CA THR H 497 35.98 74.95 35.23
C THR H 497 34.83 74.04 34.83
N ILE H 498 34.97 73.36 33.70
CA ILE H 498 33.96 72.45 33.18
C ILE H 498 34.64 71.11 32.92
N GLN H 499 34.14 70.06 33.57
CA GLN H 499 34.72 68.73 33.39
C GLN H 499 33.61 67.71 33.26
N ILE H 500 33.91 66.62 32.55
CA ILE H 500 32.95 65.55 32.35
C ILE H 500 32.95 64.66 33.57
N MET H 501 31.76 64.31 34.04
CA MET H 501 31.63 63.45 35.21
C MET H 501 32.23 62.07 34.98
N ARG H 502 32.92 61.57 36.00
CA ARG H 502 33.53 60.25 35.99
C ARG H 502 33.02 59.49 37.22
N ASP H 503 33.50 58.25 37.36
CA ASP H 503 33.09 57.38 38.46
C ASP H 503 33.07 58.10 39.79
N SER H 504 34.14 58.85 40.09
CA SER H 504 34.22 59.57 41.36
C SER H 504 33.04 60.54 41.53
N GLU H 505 32.78 61.34 40.51
CA GLU H 505 31.69 62.31 40.59
C GLU H 505 30.34 61.62 40.74
N TYR H 506 30.12 60.53 39.99
CA TYR H 506 28.85 59.81 40.11
C TYR H 506 28.69 59.23 41.50
N TYR H 507 29.75 58.66 42.07
CA TYR H 507 29.66 58.12 43.42
C TYR H 507 29.39 59.22 44.43
N HIS H 508 30.00 60.40 44.21
CA HIS H 508 29.77 61.52 45.09
C HIS H 508 28.31 61.95 45.07
N CYS H 509 27.73 62.02 43.87
CA CYS H 509 26.32 62.40 43.77
C CYS H 509 25.43 61.33 44.37
N TRP H 510 25.78 60.06 44.17
CA TRP H 510 24.98 58.97 44.72
C TRP H 510 24.97 59.00 46.24
N ARG H 511 26.11 59.31 46.85
CA ARG H 511 26.21 59.33 48.30
C ARG H 511 25.75 60.64 48.94
N ASN H 512 25.73 61.75 48.20
CA ASN H 512 25.33 63.02 48.80
C ASN H 512 23.94 63.50 48.42
N PHE H 513 23.40 63.13 47.26
CA PHE H 513 22.08 63.60 46.84
C PHE H 513 21.06 62.50 46.63
N VAL H 514 21.46 61.33 46.14
CA VAL H 514 20.52 60.26 45.85
C VAL H 514 19.89 59.68 47.11
N ASN H 515 18.62 59.29 46.98
CA ASN H 515 17.86 58.67 48.07
C ASN H 515 18.20 57.17 48.06
N TYR H 516 19.44 56.89 48.40
CA TYR H 516 19.90 55.51 48.40
C TYR H 516 19.19 54.72 49.50
N PRO H 517 18.84 53.46 49.25
CA PRO H 517 18.18 52.65 50.28
C PRO H 517 19.14 52.37 51.42
N PRO H 518 18.65 51.91 52.57
CA PRO H 518 19.58 51.66 53.68
C PRO H 518 20.69 50.68 53.35
N GLY H 519 20.36 49.53 52.75
CA GLY H 519 21.39 48.56 52.43
C GLY H 519 22.37 49.03 51.37
N ASP H 520 21.88 49.79 50.38
CA ASP H 520 22.74 50.26 49.29
C ASP H 520 23.25 51.67 49.58
N GLU H 521 24.10 51.77 50.60
CA GLU H 521 24.66 53.09 50.94
C GLU H 521 25.72 53.49 49.93
N ALA H 522 26.78 52.70 49.83
CA ALA H 522 27.87 52.95 48.90
C ALA H 522 27.72 52.16 47.61
N HIS H 523 26.67 51.35 47.49
CA HIS H 523 26.43 50.54 46.29
C HIS H 523 25.91 51.44 45.16
N TRP H 524 26.81 52.26 44.62
CA TRP H 524 26.39 53.12 43.53
C TRP H 524 26.39 52.29 42.25
N PRO H 525 25.47 52.58 41.32
CA PRO H 525 25.42 51.77 40.10
C PRO H 525 26.64 52.00 39.20
N GLN H 526 27.52 51.02 39.10
CA GLN H 526 28.70 51.16 38.24
C GLN H 526 28.26 51.33 36.78
N TYR H 527 28.58 52.49 36.20
CA TYR H 527 28.22 52.78 34.81
C TYR H 527 29.41 52.62 33.87
N PRO H 528 29.15 52.11 32.65
CA PRO H 528 30.23 51.89 31.67
C PRO H 528 30.91 53.19 31.31
N PRO H 529 32.24 53.18 31.19
CA PRO H 529 33.00 54.41 30.90
C PRO H 529 32.98 54.91 29.46
N ALA H 530 32.44 54.15 28.51
CA ALA H 530 32.44 54.55 27.10
C ALA H 530 32.03 56.00 26.84
N TRP H 531 30.77 56.35 27.11
CA TRP H 531 30.34 57.71 26.83
C TRP H 531 31.03 58.73 27.73
N MET H 532 31.41 58.36 28.95
CA MET H 532 32.11 59.33 29.80
C MET H 532 33.40 59.77 29.14
N MET H 533 34.22 58.80 28.71
CA MET H 533 35.48 59.14 28.06
C MET H 533 35.25 59.83 26.72
N LEU H 534 34.21 59.42 25.97
CA LEU H 534 33.95 60.05 24.68
C LEU H 534 33.57 61.52 24.87
N TYR H 535 32.65 61.80 25.80
CA TYR H 535 32.30 63.19 26.04
C TYR H 535 33.48 63.97 26.59
N ALA H 536 34.38 63.30 27.31
CA ALA H 536 35.56 64.00 27.81
C ALA H 536 36.46 64.41 26.64
N LEU H 537 36.64 63.51 25.67
CA LEU H 537 37.45 63.82 24.50
C LEU H 537 36.83 64.97 23.71
N GLU H 538 35.50 64.93 23.54
CA GLU H 538 34.83 66.01 22.82
C GLU H 538 34.97 67.32 23.56
N LEU H 539 34.83 67.29 24.90
CA LEU H 539 34.96 68.52 25.69
C LEU H 539 36.35 69.10 25.54
N HIS H 540 37.38 68.26 25.51
CA HIS H 540 38.71 68.80 25.30
C HIS H 540 38.87 69.36 23.89
N CYS H 541 38.20 68.74 22.90
CA CYS H 541 38.26 69.32 21.56
C CYS H 541 37.54 70.65 21.53
N ILE H 542 36.56 70.81 22.41
CA ILE H 542 35.80 72.05 22.50
C ILE H 542 36.65 73.15 23.11
N ILE H 543 37.27 72.85 24.26
CA ILE H 543 38.08 73.85 24.94
C ILE H 543 39.31 74.23 24.13
N LEU H 544 39.88 73.30 23.37
CA LEU H 544 41.07 73.62 22.58
C LEU H 544 40.73 74.27 21.24
N SER H 545 39.49 74.72 21.05
CA SER H 545 39.05 75.38 19.81
C SER H 545 39.30 74.49 18.60
N LEU H 546 39.16 73.20 18.79
CA LEU H 546 39.37 72.21 17.74
C LEU H 546 38.07 71.89 17.02
N PRO H 547 38.14 71.27 15.84
CA PRO H 547 36.92 70.92 15.13
C PRO H 547 36.23 69.75 15.81
N PRO H 548 34.96 69.50 15.52
CA PRO H 548 34.28 68.37 16.17
C PRO H 548 34.86 67.04 15.74
N CYS H 549 35.03 66.15 16.71
CA CYS H 549 35.57 64.81 16.46
C CYS H 549 34.48 63.75 16.41
N LEU H 550 33.66 63.68 17.44
CA LEU H 550 32.57 62.72 17.48
C LEU H 550 31.30 63.37 16.97
N LYS H 551 30.44 62.54 16.38
CA LYS H 551 29.17 62.97 15.80
C LYS H 551 28.12 61.94 16.15
N ILE H 552 27.08 62.37 16.86
CA ILE H 552 25.98 61.49 17.27
C ILE H 552 24.82 61.74 16.32
N SER H 553 23.99 60.71 16.14
CA SER H 553 22.84 60.78 15.26
C SER H 553 21.75 59.93 15.90
N ARG H 554 20.74 60.61 16.45
CA ARG H 554 19.61 60.02 17.15
C ARG H 554 18.36 60.02 16.28
N ARG H 555 17.37 59.26 16.73
CA ARG H 555 16.08 59.17 16.06
C ARG H 555 14.90 59.22 17.02
N ALA H 556 15.11 59.02 18.32
CA ALA H 556 14.04 59.05 19.31
C ALA H 556 14.65 59.56 20.63
N GLN H 557 13.94 59.32 21.73
CA GLN H 557 14.47 59.74 23.02
C GLN H 557 15.76 58.99 23.36
N ASN H 558 15.82 57.69 23.07
CA ASN H 558 17.03 56.92 23.34
C ASN H 558 17.47 56.06 22.16
N HIS H 559 16.89 56.26 20.99
CA HIS H 559 17.26 55.45 19.83
C HIS H 559 18.53 56.04 19.22
N LEU H 560 19.63 55.29 19.29
CA LEU H 560 20.92 55.71 18.78
C LEU H 560 21.17 55.01 17.45
N THR H 561 21.06 55.77 16.36
CA THR H 561 21.25 55.22 15.03
C THR H 561 22.69 55.30 14.54
N ALA H 562 23.38 56.41 14.78
CA ALA H 562 24.76 56.53 14.30
C ALA H 562 25.67 57.24 15.30
N PHE H 563 26.93 56.82 15.28
CA PHE H 563 27.98 57.36 16.13
C PHE H 563 29.28 57.32 15.35
N ARG H 564 29.87 58.48 15.05
CA ARG H 564 31.12 58.50 14.30
C ARG H 564 32.20 59.25 15.06
N LEU H 565 33.41 58.71 15.01
CA LEU H 565 34.60 59.24 15.65
C LEU H 565 35.57 59.61 14.54
N HIS H 566 35.77 60.91 14.34
CA HIS H 566 36.64 61.42 13.28
C HIS H 566 37.81 62.17 13.93
N LEU H 567 38.98 61.53 13.94
CA LEU H 567 40.20 62.11 14.51
C LEU H 567 41.17 62.50 13.41
N GLN H 568 41.25 63.80 13.15
CA GLN H 568 42.19 64.29 12.16
C GLN H 568 43.60 64.36 12.74
N ASN H 569 44.55 64.66 11.85
CA ASN H 569 45.92 64.80 12.32
C ASN H 569 45.99 65.91 13.35
N CYS H 570 45.13 66.92 13.19
CA CYS H 570 45.08 68.03 14.13
C CYS H 570 44.85 67.51 15.54
N HIS H 571 43.83 66.68 15.69
CA HIS H 571 43.50 66.10 17.00
C HIS H 571 44.70 65.36 17.56
N TYR H 572 45.23 64.39 16.81
CA TYR H 572 46.39 63.65 17.30
C TYR H 572 47.56 64.56 17.69
N GLN H 573 47.73 65.69 17.00
CA GLN H 573 48.86 66.57 17.28
C GLN H 573 48.66 67.46 18.51
N THR H 574 47.45 67.97 18.76
CA THR H 574 47.29 68.88 19.89
C THR H 574 46.50 68.37 21.08
N ILE H 575 45.49 67.53 20.91
CA ILE H 575 44.75 67.09 22.09
C ILE H 575 45.67 66.27 23.00
N PRO H 576 45.55 66.35 24.32
CA PRO H 576 46.44 65.58 25.18
C PRO H 576 46.35 64.10 24.89
N PRO H 577 47.46 63.36 25.04
CA PRO H 577 47.47 61.93 24.72
C PRO H 577 46.82 61.03 25.77
N HIS H 578 46.85 61.42 27.05
CA HIS H 578 46.27 60.56 28.07
C HIS H 578 44.78 60.37 27.85
N ILE H 579 44.07 61.40 27.37
CA ILE H 579 42.64 61.27 27.12
C ILE H 579 42.38 60.30 25.98
N LEU H 580 43.09 60.48 24.87
CA LEU H 580 42.93 59.56 23.74
C LEU H 580 43.21 58.13 24.16
N LEU H 581 44.29 57.92 24.92
CA LEU H 581 44.60 56.57 25.37
C LEU H 581 43.56 56.05 26.35
N ALA H 582 42.97 56.92 27.18
CA ALA H 582 41.97 56.48 28.14
C ALA H 582 40.67 56.08 27.46
N THR H 583 40.37 56.65 26.29
CA THR H 583 39.13 56.23 25.64
C THR H 583 39.19 54.77 25.20
N GLY H 584 40.39 54.22 25.02
CA GLY H 584 40.55 52.84 24.64
C GLY H 584 40.36 52.55 23.16
N LEU H 585 39.90 53.51 22.38
CA LEU H 585 39.67 53.26 20.96
C LEU H 585 40.93 53.40 20.10
N ILE H 586 41.93 54.17 20.53
CA ILE H 586 43.14 54.38 19.76
C ILE H 586 44.30 53.58 20.36
N HIS H 587 45.39 53.49 19.59
CA HIS H 587 46.61 52.78 19.97
C HIS H 587 47.55 53.70 20.75
N PRO H 588 48.20 53.19 21.80
CA PRO H 588 49.09 54.05 22.60
C PRO H 588 50.29 54.57 21.83
N SER H 589 50.85 53.80 20.91
CA SER H 589 52.03 54.26 20.17
C SER H 589 51.73 55.57 19.46
N VAL H 590 50.72 55.54 18.58
CA VAL H 590 50.36 56.72 17.80
C VAL H 590 49.87 57.84 18.71
N ALA H 591 49.29 57.50 19.87
CA ALA H 591 48.81 58.58 20.73
C ALA H 591 49.93 59.31 21.45
N TRP H 592 50.91 58.57 21.98
CA TRP H 592 52.02 59.21 22.70
C TRP H 592 53.03 59.87 21.76
N ARG H 593 53.24 59.32 20.57
CA ARG H 593 54.23 59.90 19.67
C ARG H 593 53.78 59.93 18.21
C1 GLC I . -28.61 -66.48 -6.32
C2 GLC I . -29.35 -66.14 -5.03
C3 GLC I . -28.60 -65.16 -4.21
C4 GLC I . -27.22 -65.65 -3.87
C5 GLC I . -26.47 -66.12 -5.12
C6 GLC I . -26.09 -67.57 -5.01
O1 GLC I . -29.33 -66.00 -7.37
O2 GLC I . -30.63 -65.59 -5.37
O3 GLC I . -29.35 -64.89 -3.00
O4 GLC I . -26.44 -64.56 -3.31
O5 GLC I . -27.24 -65.89 -6.35
O6 GLC I . -24.85 -67.79 -5.64
C1 GLC I . -26.36 -64.56 -1.95
C2 GLC I . -26.98 -63.26 -1.47
C3 GLC I . -26.40 -62.20 -2.33
C4 GLC I . -24.98 -62.01 -1.93
C5 GLC I . -24.18 -63.33 -2.01
C6 GLC I . -22.97 -63.17 -1.16
O2 GLC I . -28.41 -63.26 -1.60
O3 GLC I . -27.17 -60.98 -2.17
O4 GLC I . -24.38 -61.03 -2.77
O5 GLC I . -24.91 -64.55 -1.57
O6 GLC I . -23.03 -61.95 -0.46
C1 GLC J . 31.75 2.94 -18.20
C2 GLC J . 30.49 3.38 -18.94
C3 GLC J . 29.74 2.27 -19.59
C4 GLC J . 30.61 1.33 -20.36
C5 GLC J . 31.76 0.83 -19.46
C6 GLC J . 32.68 -0.12 -20.18
O1 GLC J . 31.41 2.36 -17.00
O2 GLC J . 29.63 4.02 -17.98
O3 GLC J . 28.74 2.82 -20.49
O4 GLC J . 29.77 0.23 -20.77
O5 GLC J . 32.57 1.96 -18.99
O6 GLC J . 33.46 -0.81 -19.23
C1 GLC J . 29.80 0.05 -22.12
C2 GLC J . 28.41 0.28 -22.69
C3 GLC J . 27.44 -0.84 -22.47
C4 GLC J . 28.04 -2.20 -22.61
C5 GLC J . 29.32 -2.27 -21.78
C6 GLC J . 29.85 -3.65 -21.75
O2 GLC J . 27.87 1.47 -22.09
O3 GLC J . 26.36 -0.74 -23.44
O4 GLC J . 27.11 -3.19 -22.19
O5 GLC J . 30.30 -1.33 -22.35
O6 GLC J . 28.81 -4.58 -21.56
C1 GLC K . 2.11 0.20 -10.14
C2 GLC K . 2.92 1.48 -10.38
C3 GLC K . 3.87 1.40 -11.52
C4 GLC K . 4.65 0.11 -11.64
C5 GLC K . 4.31 -0.97 -10.61
C6 GLC K . 5.16 -0.82 -9.35
O1 GLC K . 1.04 0.15 -10.98
O2 GLC K . 2.02 2.58 -10.58
O3 GLC K . 4.82 2.49 -11.38
O4 GLC K . 4.52 -0.52 -12.94
O5 GLC K . 2.87 -1.09 -10.28
O6 GLC K . 4.48 -1.34 -8.25
C1 GLC K . 3.88 0.20 -13.90
C2 GLC K . 2.53 -0.46 -14.18
C3 GLC K . 2.35 -0.99 -15.57
C4 GLC K . 3.55 -1.67 -16.17
C5 GLC K . 4.88 -1.18 -15.60
C6 GLC K . 5.93 -1.29 -16.64
O2 GLC K . 2.33 -1.53 -13.23
O3 GLC K . 1.92 0.10 -16.44
O4 GLC K . 3.46 -3.07 -15.95
O5 GLC K . 4.75 0.20 -15.11
O6 GLC K . 6.18 -2.65 -16.82
C1 GLC L . -79.74 -28.10 -33.23
C2 GLC L . -79.09 -26.73 -33.23
C3 GLC L . -78.03 -26.52 -32.19
C4 GLC L . -78.20 -27.24 -30.89
C5 GLC L . -78.89 -28.60 -31.03
C6 GLC L . -79.24 -29.15 -29.68
O1 GLC L . -78.86 -29.01 -33.76
O2 GLC L . -78.51 -26.50 -34.53
O3 GLC L . -77.95 -25.10 -31.92
O4 GLC L . -76.89 -27.47 -30.35
O5 GLC L . -80.11 -28.52 -31.85
O6 GLC L . -79.70 -30.47 -29.80
C1 GLC L . -76.45 -26.50 -29.51
C2 GLC L . -75.05 -26.07 -29.95
C3 GLC L . -74.12 -27.22 -29.89
C4 GLC L . -74.00 -27.71 -28.48
C5 GLC L . -75.38 -28.11 -27.96
C6 GLC L . -75.28 -28.46 -26.51
O2 GLC L . -75.11 -25.56 -31.29
O3 GLC L . -72.82 -26.82 -30.41
O4 GLC L . -73.12 -28.86 -28.39
O5 GLC L . -76.39 -27.05 -28.12
O6 GLC L . -76.58 -28.48 -25.96
C1 GLC M . -53.01 -22.70 -40.95
C2 GLC M . -54.27 -22.54 -41.78
C3 GLC M . -54.09 -21.64 -42.95
C4 GLC M . -52.94 -22.02 -43.85
C5 GLC M . -51.81 -22.74 -43.13
C6 GLC M . -50.47 -22.41 -43.75
O1 GLC M . -52.95 -23.96 -40.41
O2 GLC M . -54.75 -23.82 -42.21
O3 GLC M . -53.91 -20.29 -42.46
O4 GLC M . -53.41 -22.91 -44.86
O5 GLC M . -51.75 -22.40 -41.69
O6 GLC M . -49.45 -22.99 -42.98
C1 GLC M . -54.21 -22.25 -45.74
C2 GLC M . -55.06 -23.29 -46.48
C3 GLC M . -54.25 -24.16 -47.37
C4 GLC M . -53.31 -23.40 -48.23
C5 GLC M . -52.47 -22.41 -47.42
C6 GLC M . -51.59 -21.64 -48.34
O2 GLC M . -55.72 -24.12 -45.51
O3 GLC M . -55.15 -24.90 -48.24
O4 GLC M . -52.45 -24.33 -48.91
O5 GLC M . -53.32 -21.49 -46.66
O6 GLC M . -50.56 -22.49 -48.80
C1 GLC N . 7.57 -61.64 -40.46
C2 GLC N . 7.25 -61.38 -41.95
C3 GLC N . 5.86 -61.68 -42.44
C4 GLC N . 5.20 -62.77 -41.65
C5 GLC N . 5.23 -62.32 -40.18
C6 GLC N . 4.27 -63.08 -39.30
O1 GLC N . 7.64 -60.45 -39.81
O2 GLC N . 7.51 -60.00 -42.20
O3 GLC N . 5.96 -62.06 -43.85
O4 GLC N . 3.88 -63.17 -42.06
O5 GLC N . 6.60 -62.52 -39.71
O6 GLC N . 4.95 -64.09 -38.60
C1 GLC N . 3.12 -62.26 -42.72
C2 GLC N . 1.70 -62.27 -42.14
C3 GLC N . 0.65 -62.25 -43.19
C4 GLC N . 0.75 -63.38 -44.15
C5 GLC N . 2.20 -63.73 -44.48
C6 GLC N . 2.34 -64.08 -45.91
O2 GLC N . 1.51 -63.42 -41.31
O3 GLC N . 0.83 -61.01 -43.94
O4 GLC N . 0.10 -64.53 -43.60
O5 GLC N . 3.13 -62.61 -44.17
O6 GLC N . 1.21 -63.62 -46.63
C1 GLC O . -8.65 -38.28 -50.12
C2 GLC O . -8.94 -38.37 -51.62
C3 GLC O . -9.85 -39.46 -52.05
C4 GLC O . -9.77 -40.73 -51.24
C5 GLC O . -9.59 -40.46 -49.75
C6 GLC O . -9.43 -41.74 -48.99
O1 GLC O . -9.73 -37.72 -49.50
O2 GLC O . -9.53 -37.12 -52.03
O3 GLC O . -9.53 -39.78 -53.43
O4 GLC O . -10.98 -41.49 -51.40
O5 GLC O . -8.41 -39.63 -49.52
O6 GLC O . -8.15 -42.28 -49.25
C1 GLC O . -10.92 -42.39 -52.43
C2 GLC O . -12.09 -43.37 -52.27
C3 GLC O . -11.81 -44.63 -51.53
C4 GLC O . -10.51 -45.24 -51.92
C5 GLC O . -9.41 -44.21 -51.67
C6 GLC O . -8.05 -44.78 -51.94
O2 GLC O . -13.14 -42.67 -51.59
O3 GLC O . -12.88 -45.59 -51.78
O4 GLC O . -10.29 -46.40 -51.12
O5 GLC O . -9.57 -43.02 -52.53
O6 GLC O . -7.11 -43.72 -51.90
C1 GLC P . 28.69 26.49 60.73
C2 GLC P . 29.37 25.17 60.44
C3 GLC P . 28.48 24.19 59.76
C4 GLC P . 27.13 24.02 60.42
C5 GLC P . 26.50 25.37 60.81
C6 GLC P . 25.31 25.14 61.71
O1 GLC P . 28.39 27.11 59.56
O2 GLC P . 30.51 25.42 59.61
O3 GLC P . 29.16 22.90 59.71
O4 GLC P . 26.25 23.36 59.51
O5 GLC P . 27.43 26.28 61.50
O6 GLC P . 24.61 26.35 61.88
C1 GLC P . 26.17 22.01 59.72
C2 GLC P . 26.47 21.29 58.42
C3 GLC P . 25.55 21.81 57.37
C4 GLC P . 24.13 21.49 57.71
C5 GLC P . 23.75 21.92 59.14
C6 GLC P . 22.50 21.19 59.53
O2 GLC P . 27.84 21.51 58.03
O3 GLC P . 25.89 21.24 56.08
O4 GLC P . 23.28 22.18 56.79
O5 GLC P . 24.78 21.67 60.17
O6 GLC P . 22.14 21.59 60.83
C1 GLC Q . -31.28 15.88 -8.15
C2 GLC Q . -30.69 17.05 -8.92
C3 GLC Q . -31.45 18.29 -8.63
C4 GLC Q . -31.26 18.69 -7.20
C5 GLC Q . -31.63 17.54 -6.26
C6 GLC Q . -32.74 17.99 -5.36
O1 GLC Q . -30.29 15.02 -7.76
O2 GLC Q . -29.31 17.27 -8.57
O3 GLC Q . -32.87 18.00 -8.81
O4 GLC Q . -29.89 19.05 -7.03
O5 GLC Q . -32.07 16.30 -6.95
O6 GLC Q . -33.94 18.06 -6.09
C1 GLC Q . -29.81 20.35 -6.61
C2 GLC Q . -28.42 20.88 -6.93
C3 GLC Q . -27.62 21.21 -5.72
C4 GLC Q . -28.34 22.13 -4.77
C5 GLC Q . -29.77 21.67 -4.49
C6 GLC Q . -30.76 22.74 -4.87
O2 GLC Q . -27.73 19.87 -7.69
O3 GLC Q . -26.39 21.86 -6.14
O4 GLC Q . -27.63 22.18 -3.52
O5 GLC Q . -30.11 20.40 -5.15
O6 GLC Q . -30.52 23.30 -6.16
C1 GLC R . -3.40 16.00 -3.22
C2 GLC R . -4.47 15.61 -4.21
C3 GLC R . -4.89 14.18 -4.12
C4 GLC R . -3.77 13.19 -3.94
C5 GLC R . -2.66 13.66 -2.99
C6 GLC R . -1.46 12.79 -3.17
O1 GLC R . -3.93 16.04 -1.96
O2 GLC R . -5.60 16.44 -3.93
O3 GLC R . -5.59 13.85 -5.35
O4 GLC R . -4.31 12.01 -3.31
O5 GLC R . -2.26 15.05 -3.25
O6 GLC R . -1.67 11.56 -2.52
C1 GLC R . -4.58 11.01 -4.19
C2 GLC R . -4.95 9.79 -3.34
C3 GLC R . -3.73 9.13 -2.80
C4 GLC R . -2.77 8.69 -3.85
C5 GLC R . -2.89 9.40 -5.21
C6 GLC R . -3.69 8.57 -6.18
O2 GLC R . -5.77 10.23 -2.25
O3 GLC R . -4.15 7.95 -2.03
O4 GLC R . -1.44 8.93 -3.35
O5 GLC R . -3.43 10.78 -5.11
O6 GLC R . -3.22 8.73 -7.50
C1 GLC S . 78.37 40.41 12.91
C2 GLC S . 77.91 38.98 12.73
C3 GLC S . 78.47 38.12 13.79
C4 GLC S . 77.99 38.56 15.14
C5 GLC S . 78.38 40.02 15.35
C6 GLC S . 79.26 40.19 16.56
O1 GLC S . 77.31 41.25 12.91
O2 GLC S . 76.49 38.93 12.77
O3 GLC S . 79.90 38.32 13.78
O4 GLC S . 76.55 38.45 15.18
O5 GLC S . 79.12 40.58 14.20
O6 GLC S . 79.85 41.47 16.47
C1 GLC S . 76.08 37.21 15.49
C2 GLC S . 74.67 37.12 14.90
C3 GLC S . 73.63 37.42 15.91
C4 GLC S . 73.61 36.38 17.00
C5 GLC S . 75.02 36.13 17.55
C6 GLC S . 75.41 34.71 17.31
O2 GLC S . 74.58 38.10 13.86
O3 GLC S . 72.33 37.48 15.24
O4 GLC S . 72.76 36.75 18.09
O5 GLC S . 76.07 37.02 16.98
O6 GLC S . 76.81 34.57 17.48
C1 GLC T . 52.99 54.14 5.56
C2 GLC T . 51.90 53.07 5.57
C3 GLC T . 52.42 51.70 5.36
C4 GLC T . 53.58 51.32 6.23
C5 GLC T . 54.20 52.49 7.00
C6 GLC T . 55.58 52.17 7.48
O1 GLC T . 52.52 55.25 6.22
O2 GLC T . 51.21 53.11 6.83
O3 GLC T . 52.77 51.53 3.95
O4 GLC T . 53.12 50.35 7.18
O5 GLC T . 54.28 53.72 6.19
O6 GLC T . 55.82 50.79 7.40
C1 GLC T . 52.76 49.18 6.59
C2 GLC T . 51.58 48.56 7.35
C3 GLC T . 51.95 48.25 8.75
C4 GLC T . 53.19 47.41 8.83
C5 GLC T . 54.32 48.08 8.04
C6 GLC T . 55.59 47.30 8.13
O2 GLC T . 50.45 49.45 7.34
O3 GLC T . 50.85 47.55 9.41
O4 GLC T . 53.60 47.28 10.20
O5 GLC T . 53.93 48.26 6.63
O6 GLC T . 55.46 46.24 9.05
C1 GLC U . -2.26 62.09 46.91
C2 GLC U . -1.78 61.75 45.53
C3 GLC U . -2.48 60.59 44.86
C4 GLC U . -3.72 60.00 45.49
C5 GLC U . -4.29 60.99 46.46
C6 GLC U . -5.56 60.49 47.11
O1 GLC U . -3.02 63.22 46.87
O2 GLC U . -2.04 62.98 44.84
O3 GLC U . -1.47 59.54 44.77
O4 GLC U . -4.82 59.97 44.62
O5 GLC U . -3.19 61.02 47.37
O6 GLC U . -6.43 61.56 47.31
C1 GLC U . -5.11 58.79 44.04
C2 GLC U . -5.85 59.37 42.86
C3 GLC U . -7.23 59.80 43.17
C4 GLC U . -8.01 58.73 43.83
C5 GLC U . -7.33 58.33 45.14
C6 GLC U . -8.10 57.25 45.81
O2 GLC U . -5.14 60.58 42.70
O3 GLC U . -7.87 60.26 41.95
O4 GLC U . -9.31 59.24 44.15
O5 GLC U . -5.93 57.90 44.92
O6 GLC U . -7.24 56.19 46.16
C1 GLC V . 12.12 62.91 25.34
C2 GLC V . 11.25 64.11 25.70
C3 GLC V . 9.91 64.00 25.04
C4 GLC V . 9.74 62.66 24.42
C5 GLC V . 10.07 61.61 25.49
C6 GLC V . 9.73 60.22 25.04
O1 GLC V . 13.37 63.02 25.85
O2 GLC V . 11.08 64.15 27.13
O3 GLC V . 9.81 65.04 24.03
O4 GLC V . 8.42 62.43 23.92
O5 GLC V . 11.50 61.63 25.83
O6 GLC V . 10.20 59.36 26.05
C1 GLC V . 8.39 62.47 22.54
C2 GLC V . 7.11 61.75 22.09
C3 GLC V . 7.28 60.28 21.92
C4 GLC V . 8.45 59.93 21.05
C5 GLC V . 9.75 60.54 21.58
C6 GLC V . 10.83 60.34 20.58
O2 GLC V . 6.10 61.97 23.08
O3 GLC V . 6.07 59.77 21.29
O4 GLC V . 8.60 58.51 21.03
O5 GLC V . 9.65 61.99 21.90
O6 GLC V . 11.92 61.18 20.90
ZN ZN W . -18.95 -34.86 11.45
AS CAC X . -17.49 -35.44 8.46
O1 CAC X . -16.26 -36.35 7.96
O2 CAC X . -17.65 -35.60 10.20
C1 CAC X . -17.14 -33.57 8.03
C2 CAC X . -19.12 -36.06 7.57
ZN ZN Y . -3.08 -4.31 -30.38
AS CAC Z . -1.60 -6.95 -28.11
O1 CAC Z . -2.46 -8.29 -27.94
O2 CAC Z . -2.23 -6.05 -29.49
C1 CAC Z . -1.80 -5.87 -26.48
C2 CAC Z . 0.28 -7.41 -28.45
ZN ZN AA . -44.25 -15.45 -30.21
AS CAC BA . -44.77 -18.70 -31.17
O1 CAC BA . -46.07 -18.75 -30.24
O2 CAC BA . -43.80 -17.29 -30.74
C1 CAC BA . -43.73 -20.33 -30.88
C2 CAC BA . -45.28 -18.58 -33.07
ZN ZN CA . -19.93 -51.24 -63.38
AS CAC DA . -20.34 -50.96 -59.64
O1 CAC DA . -19.92 -49.42 -59.69
O2 CAC DA . -20.23 -51.66 -61.27
C1 CAC DA . -19.17 -51.96 -58.42
C2 CAC DA . -22.19 -51.14 -59.03
ZN ZN EA . 19.37 -0.68 36.58
AS CAC FA . 17.57 2.59 36.29
O1 CAC FA . 18.88 3.40 36.72
O2 CAC FA . 17.99 0.89 36.12
C1 CAC FA . 16.20 2.76 37.68
C2 CAC FA . 16.91 3.21 34.55
ZN ZN GA . 2.91 30.12 -5.67
AS CAC HA . 1.49 28.68 -2.51
O1 CAC HA . 2.28 28.97 -1.15
O2 CAC HA . 2.21 29.63 -3.83
C1 CAC HA . 1.62 26.78 -2.97
C2 CAC HA . -0.39 29.23 -2.29
ZN ZN IA . 44.10 33.83 4.46
AS CAC JA . 44.64 36.04 7.45
O1 CAC JA . 43.95 35.68 8.86
O2 CAC JA . 44.05 34.91 6.21
C1 CAC JA . 44.14 37.87 6.94
C2 CAC JA . 46.59 35.90 7.62
ZN ZN KA . 19.78 76.14 28.18
AS CAC LA . 20.62 72.82 29.28
O1 CAC LA . 21.97 72.96 30.14
O2 CAC LA . 19.92 74.42 28.99
C1 CAC LA . 21.02 71.95 27.57
C2 CAC LA . 19.33 71.75 30.31
#